data_9QDI
#
_entry.id   9QDI
#
_cell.length_a   99.294
_cell.length_b   99.435
_cell.length_c   103.386
_cell.angle_alpha   74.16
_cell.angle_beta   88.13
_cell.angle_gamma   82.44
#
_symmetry.space_group_name_H-M   'P 1'
#
loop_
_entity.id
_entity.type
_entity.pdbx_description
1 polymer Lipoprotein
2 polymer 'Synthetic peptide SER-THR-PRO-PRO'
3 non-polymer 'POTASSIUM ION'
4 non-polymer 'ZINC ION'
5 non-polymer 1,2-ETHANEDIOL
6 non-polymer N-PROPANOL
7 non-polymer DI(HYDROXYETHYL)ETHER
8 non-polymer 1,4-BUTANEDIOL
9 non-polymer HEXANE-1,6-DIOL
10 water water
#
loop_
_entity_poly.entity_id
_entity_poly.type
_entity_poly.pdbx_seq_one_letter_code
_entity_poly.pdbx_strand_id
1 'polypeptide(L)'
;GAQNFSDYFTNKTLRIDYLFTGNADKQSICLDELSELPVWAGRRHHLSELPLEGNGQIVMRDVASGKVIYTTSFSSLFQE
WLETDEAKEVTKGFENTYLLPYPIKPAEVEITLRNNKREVSANLKHVVKPDDILIHKKGLTHITPHKYLLKSGNEEQCID
VAILAEGYTTSEMETFYKDAAIACEALFSHEPFQSMKNRFNIVAVASPSADSGVSAPKQGAWKHTAFGSHFDTFYSDRYL
TTSRVKAINDALAGIPYEHIIILANTEQYGGGGIYNAFTLTTAHHPNFRPVVVHEFGHSFGGLADEYFYDEDVMNGLYPL
NIEPWEQNITTRINFASKWEDMLTKTTPVPTPVADKAKYPIGVYEGGGYSAKGIYRPAFDCRMRTNEYPTFCPVCQRAIQ
RIIEFYTGK
;
A,B,C,D,E,F,G,H
2 'polypeptide(L)' STPP I,J,K,L
#
loop_
_chem_comp.id
_chem_comp.type
_chem_comp.name
_chem_comp.formula
BU1 non-polymer 1,4-BUTANEDIOL 'C4 H10 O2'
EDO non-polymer 1,2-ETHANEDIOL 'C2 H6 O2'
HEZ non-polymer HEXANE-1,6-DIOL 'C6 H14 O2'
K non-polymer 'POTASSIUM ION' 'K 1'
PEG non-polymer DI(HYDROXYETHYL)ETHER 'C4 H10 O3'
POL non-polymer N-PROPANOL 'C3 H8 O'
ZN non-polymer 'ZINC ION' 'Zn 2'
#
# COMPACT_ATOMS: atom_id res chain seq x y z
N ASN A 4 -16.81 7.99 -22.72
CA ASN A 4 -16.70 6.68 -22.10
C ASN A 4 -15.39 6.02 -22.53
N PHE A 5 -15.21 5.79 -23.84
CA PHE A 5 -14.05 5.01 -24.32
C PHE A 5 -12.73 5.48 -23.71
N SER A 6 -12.52 6.81 -23.64
CA SER A 6 -11.26 7.35 -23.12
C SER A 6 -11.17 7.31 -21.60
N ASP A 7 -12.23 6.93 -20.91
CA ASP A 7 -12.10 6.67 -19.48
C ASP A 7 -11.15 5.51 -19.22
N TYR A 8 -11.05 4.57 -20.15
CA TYR A 8 -10.31 3.34 -19.87
C TYR A 8 -9.24 3.00 -20.88
N PHE A 9 -9.26 3.59 -22.07
CA PHE A 9 -8.44 3.10 -23.17
C PHE A 9 -7.70 4.25 -23.85
N THR A 10 -6.52 3.94 -24.36
CA THR A 10 -5.81 4.78 -25.31
C THR A 10 -6.16 4.33 -26.74
N ASN A 11 -5.75 5.11 -27.72
CA ASN A 11 -6.04 4.78 -29.11
C ASN A 11 -4.97 3.85 -29.68
N LYS A 12 -4.82 2.69 -29.03
CA LYS A 12 -3.91 1.66 -29.49
C LYS A 12 -4.62 0.34 -29.34
N THR A 13 -3.96 -0.73 -29.80
CA THR A 13 -4.51 -2.08 -29.73
C THR A 13 -3.65 -2.93 -28.82
N LEU A 14 -4.29 -3.64 -27.92
CA LEU A 14 -3.66 -4.74 -27.20
C LEU A 14 -4.00 -6.01 -27.96
N ARG A 15 -3.03 -6.56 -28.67
CA ARG A 15 -3.23 -7.81 -29.38
C ARG A 15 -2.80 -8.96 -28.49
N ILE A 16 -3.66 -9.96 -28.32
CA ILE A 16 -3.33 -11.12 -27.48
C ILE A 16 -3.36 -12.39 -28.31
N ASP A 17 -2.27 -13.14 -28.28
CA ASP A 17 -2.14 -14.40 -29.00
C ASP A 17 -2.28 -15.52 -27.98
N TYR A 18 -3.25 -16.41 -28.18
CA TYR A 18 -3.51 -17.56 -27.31
C TYR A 18 -3.25 -18.83 -28.08
N LEU A 19 -2.96 -19.89 -27.33
CA LEU A 19 -2.97 -21.25 -27.85
C LEU A 19 -4.15 -22.00 -27.24
N PHE A 20 -5.00 -22.59 -28.09
CA PHE A 20 -6.03 -23.53 -27.63
C PHE A 20 -5.49 -24.93 -27.84
N THR A 21 -5.55 -25.77 -26.80
CA THR A 21 -4.92 -27.07 -26.89
C THR A 21 -5.83 -28.12 -26.25
N GLY A 22 -5.65 -29.34 -26.67
CA GLY A 22 -6.29 -30.43 -25.98
C GLY A 22 -6.76 -31.49 -26.96
N ASN A 23 -7.77 -32.23 -26.51
CA ASN A 23 -8.36 -33.31 -27.29
C ASN A 23 -9.85 -33.33 -26.96
N ALA A 24 -10.56 -34.36 -27.46
CA ALA A 24 -12.02 -34.35 -27.35
C ALA A 24 -12.51 -34.41 -25.91
N ASP A 25 -11.67 -34.86 -24.98
CA ASP A 25 -12.11 -35.01 -23.62
C ASP A 25 -11.70 -33.86 -22.71
N LYS A 26 -10.60 -33.16 -22.99
CA LYS A 26 -10.17 -32.05 -22.14
C LYS A 26 -9.51 -30.97 -22.98
N GLN A 27 -9.89 -29.71 -22.75
CA GLN A 27 -9.31 -28.58 -23.50
C GLN A 27 -8.76 -27.51 -22.56
N SER A 28 -7.80 -26.75 -23.05
CA SER A 28 -7.07 -25.79 -22.25
C SER A 28 -6.72 -24.56 -23.10
N ILE A 29 -6.57 -23.43 -22.44
CA ILE A 29 -6.16 -22.19 -23.11
C ILE A 29 -4.91 -21.70 -22.46
N CYS A 30 -3.90 -21.32 -23.25
CA CYS A 30 -2.79 -20.61 -22.62
C CYS A 30 -2.41 -19.38 -23.44
N LEU A 31 -1.67 -18.50 -22.77
CA LEU A 31 -1.19 -17.28 -23.39
C LEU A 31 0.10 -17.52 -24.18
N ASP A 32 0.15 -16.99 -25.40
CA ASP A 32 1.37 -17.05 -26.19
C ASP A 32 2.13 -15.74 -26.05
N GLU A 33 1.51 -14.62 -26.44
CA GLU A 33 2.25 -13.37 -26.49
C GLU A 33 1.28 -12.20 -26.40
N LEU A 34 1.74 -11.11 -25.77
CA LEU A 34 1.06 -9.82 -25.73
C LEU A 34 1.76 -8.86 -26.69
N SER A 35 1.00 -8.13 -27.48
CA SER A 35 1.55 -7.16 -28.43
C SER A 35 0.78 -5.86 -28.36
N GLU A 36 1.41 -4.82 -28.88
CA GLU A 36 0.78 -3.51 -29.01
C GLU A 36 0.79 -3.06 -30.46
N LEU A 37 -0.38 -2.64 -30.97
CA LEU A 37 -0.49 -2.10 -32.34
C LEU A 37 -0.81 -0.62 -32.28
N PRO A 38 -0.47 0.14 -33.34
CA PRO A 38 -0.42 1.61 -33.20
C PRO A 38 -1.77 2.32 -33.04
N VAL A 39 -2.87 1.79 -33.56
CA VAL A 39 -4.16 2.44 -33.36
C VAL A 39 -5.19 1.39 -32.98
N TRP A 40 -6.29 1.85 -32.39
CA TRP A 40 -7.45 1.00 -32.15
C TRP A 40 -8.43 1.19 -33.29
N ALA A 41 -8.62 0.14 -34.08
CA ALA A 41 -9.55 0.22 -35.21
C ALA A 41 -10.93 -0.29 -34.88
N GLY A 42 -11.16 -0.83 -33.67
CA GLY A 42 -12.43 -1.44 -33.32
C GLY A 42 -13.47 -0.41 -32.94
N ARG A 43 -14.51 -0.88 -32.21
CA ARG A 43 -15.63 -0.02 -31.91
C ARG A 43 -15.35 0.82 -30.66
N ARG A 44 -16.12 1.90 -30.53
CA ARG A 44 -16.02 2.80 -29.38
C ARG A 44 -17.31 2.92 -28.60
N HIS A 45 -18.32 2.16 -28.94
CA HIS A 45 -19.60 2.14 -28.26
C HIS A 45 -19.99 0.69 -28.03
N HIS A 46 -21.01 0.51 -27.19
CA HIS A 46 -21.50 -0.83 -26.84
C HIS A 46 -20.35 -1.71 -26.33
N LEU A 47 -19.46 -1.11 -25.54
CA LEU A 47 -18.21 -1.78 -25.22
C LEU A 47 -18.41 -2.99 -24.33
N SER A 48 -19.48 -3.03 -23.53
CA SER A 48 -19.70 -4.13 -22.61
C SER A 48 -20.77 -5.11 -23.08
N GLU A 49 -21.22 -5.00 -24.33
CA GLU A 49 -22.25 -5.85 -24.90
C GLU A 49 -21.68 -6.63 -26.07
N LEU A 50 -22.33 -7.73 -26.40
CA LEU A 50 -21.93 -8.53 -27.58
C LEU A 50 -23.02 -8.52 -28.63
N PRO A 51 -22.65 -8.55 -29.95
CA PRO A 51 -23.66 -8.71 -30.98
C PRO A 51 -24.21 -10.14 -31.13
N LEU A 52 -23.36 -11.13 -30.86
CA LEU A 52 -23.69 -12.55 -30.95
C LEU A 52 -22.95 -13.28 -29.83
N GLU A 53 -23.43 -14.47 -29.48
CA GLU A 53 -22.79 -15.17 -28.36
C GLU A 53 -21.45 -15.76 -28.78
N GLY A 54 -21.37 -16.27 -30.02
CA GLY A 54 -20.25 -17.04 -30.46
C GLY A 54 -20.12 -18.35 -29.70
N ASN A 55 -19.08 -19.11 -30.03
CA ASN A 55 -18.66 -20.29 -29.28
C ASN A 55 -17.56 -19.98 -28.26
N GLY A 56 -17.13 -18.74 -28.17
CA GLY A 56 -16.19 -18.33 -27.14
C GLY A 56 -16.31 -16.84 -26.98
N GLN A 57 -15.86 -16.35 -25.82
CA GLN A 57 -16.00 -14.94 -25.51
C GLN A 57 -14.74 -14.50 -24.77
N ILE A 58 -14.38 -13.23 -24.98
CA ILE A 58 -13.36 -12.54 -24.20
C ILE A 58 -14.03 -11.37 -23.50
N VAL A 59 -13.72 -11.19 -22.22
CA VAL A 59 -14.26 -10.13 -21.39
C VAL A 59 -13.08 -9.46 -20.72
N MET A 60 -13.00 -8.17 -20.84
CA MET A 60 -11.95 -7.41 -20.19
C MET A 60 -12.58 -6.55 -19.10
N ARG A 61 -11.99 -6.60 -17.92
CA ARG A 61 -12.48 -5.89 -16.75
C ARG A 61 -11.39 -4.99 -16.20
N ASP A 62 -11.77 -3.79 -15.81
CA ASP A 62 -10.85 -2.93 -15.08
C ASP A 62 -10.54 -3.55 -13.71
N VAL A 63 -9.25 -3.67 -13.36
CA VAL A 63 -8.88 -4.37 -12.12
C VAL A 63 -9.40 -3.61 -10.90
N ALA A 64 -9.29 -2.28 -10.92
CA ALA A 64 -9.67 -1.45 -9.78
C ALA A 64 -11.15 -1.61 -9.44
N SER A 65 -12.02 -1.34 -10.42
CA SER A 65 -13.46 -1.29 -10.18
C SER A 65 -14.18 -2.61 -10.47
N GLY A 66 -13.60 -3.50 -11.24
CA GLY A 66 -14.26 -4.71 -11.67
C GLY A 66 -15.26 -4.51 -12.79
N LYS A 67 -15.39 -3.30 -13.33
CA LYS A 67 -16.30 -3.06 -14.46
C LYS A 67 -15.85 -3.82 -15.70
N VAL A 68 -16.80 -4.36 -16.45
CA VAL A 68 -16.54 -4.82 -17.83
C VAL A 68 -16.28 -3.60 -18.69
N ILE A 69 -15.11 -3.54 -19.31
CA ILE A 69 -14.77 -2.42 -20.16
C ILE A 69 -14.66 -2.77 -21.64
N TYR A 70 -14.57 -4.05 -22.00
CA TYR A 70 -14.61 -4.45 -23.40
C TYR A 70 -15.01 -5.91 -23.47
N THR A 71 -15.74 -6.26 -24.53
CA THR A 71 -16.01 -7.68 -24.72
C THR A 71 -16.14 -7.98 -26.19
N THR A 72 -15.84 -9.21 -26.59
CA THR A 72 -16.06 -9.65 -27.97
C THR A 72 -16.23 -11.16 -27.98
N SER A 73 -16.70 -11.71 -29.12
CA SER A 73 -16.97 -13.15 -29.19
C SER A 73 -16.58 -13.69 -30.57
N PHE A 74 -16.50 -15.01 -30.68
CA PHE A 74 -15.86 -15.61 -31.86
C PHE A 74 -16.18 -17.09 -31.87
N SER A 75 -15.78 -17.75 -32.96
CA SER A 75 -15.57 -19.19 -33.04
C SER A 75 -14.15 -19.47 -33.46
N SER A 76 -13.79 -20.75 -33.59
CA SER A 76 -12.39 -21.06 -33.88
C SER A 76 -12.30 -22.37 -34.65
N LEU A 77 -11.18 -22.52 -35.38
CA LEU A 77 -10.88 -23.78 -36.05
C LEU A 77 -10.69 -24.89 -35.02
N PHE A 78 -10.05 -24.57 -33.90
CA PHE A 78 -9.87 -25.55 -32.84
C PHE A 78 -11.17 -26.25 -32.49
N GLN A 79 -12.24 -25.48 -32.35
CA GLN A 79 -13.52 -26.07 -31.94
C GLN A 79 -14.07 -26.98 -33.02
N GLU A 80 -13.71 -26.76 -34.31
CA GLU A 80 -14.01 -27.73 -35.35
C GLU A 80 -13.14 -28.97 -35.23
N TRP A 81 -11.83 -28.79 -35.11
CA TRP A 81 -10.95 -29.94 -34.96
C TRP A 81 -11.42 -30.85 -33.83
N LEU A 82 -12.04 -30.28 -32.79
CA LEU A 82 -12.52 -31.07 -31.65
C LEU A 82 -13.56 -32.10 -32.05
N GLU A 83 -14.21 -31.93 -33.18
CA GLU A 83 -15.18 -32.90 -33.66
C GLU A 83 -14.55 -34.01 -34.50
N THR A 84 -13.28 -33.91 -34.86
CA THR A 84 -12.71 -34.86 -35.77
C THR A 84 -12.17 -36.08 -35.02
N ASP A 85 -11.91 -37.13 -35.78
CA ASP A 85 -11.49 -38.38 -35.15
C ASP A 85 -10.07 -38.28 -34.62
N GLU A 86 -9.23 -37.44 -35.21
CA GLU A 86 -7.90 -37.23 -34.65
CA GLU A 86 -7.89 -37.25 -34.65
C GLU A 86 -7.96 -36.71 -33.22
N ALA A 87 -9.06 -36.05 -32.85
CA ALA A 87 -9.21 -35.48 -31.51
C ALA A 87 -9.55 -36.53 -30.45
N LYS A 88 -9.95 -37.73 -30.85
CA LYS A 88 -10.11 -38.85 -29.93
C LYS A 88 -8.79 -39.58 -29.68
N GLU A 89 -7.67 -39.09 -30.19
CA GLU A 89 -6.40 -39.81 -30.06
C GLU A 89 -5.27 -38.95 -29.50
N VAL A 90 -4.98 -37.83 -30.15
CA VAL A 90 -3.83 -37.02 -29.77
C VAL A 90 -4.32 -35.64 -29.34
N THR A 91 -3.50 -34.98 -28.51
CA THR A 91 -3.72 -33.60 -28.13
C THR A 91 -2.98 -32.70 -29.11
N LYS A 92 -3.72 -31.75 -29.70
CA LYS A 92 -3.22 -30.78 -30.69
C LYS A 92 -3.40 -29.34 -30.19
N GLY A 93 -2.63 -28.42 -30.77
CA GLY A 93 -2.67 -27.01 -30.38
C GLY A 93 -2.90 -26.12 -31.59
N PHE A 94 -3.54 -24.96 -31.33
CA PHE A 94 -3.93 -24.00 -32.37
C PHE A 94 -3.69 -22.57 -31.92
N GLU A 95 -3.11 -21.76 -32.80
CA GLU A 95 -2.94 -20.31 -32.55
C GLU A 95 -4.25 -19.57 -32.79
N ASN A 96 -4.52 -18.57 -31.96
CA ASN A 96 -5.72 -17.74 -32.07
C ASN A 96 -5.37 -16.34 -31.57
N THR A 97 -5.85 -15.31 -32.24
CA THR A 97 -5.48 -13.92 -31.95
C THR A 97 -6.71 -13.06 -31.81
N TYR A 98 -6.73 -12.19 -30.77
CA TYR A 98 -7.83 -11.26 -30.50
C TYR A 98 -7.29 -9.84 -30.32
N LEU A 99 -8.04 -8.87 -30.83
CA LEU A 99 -7.64 -7.46 -30.69
C LEU A 99 -8.52 -6.83 -29.61
N LEU A 100 -7.89 -6.24 -28.61
CA LEU A 100 -8.55 -5.49 -27.53
C LEU A 100 -8.08 -4.05 -27.57
N PRO A 101 -8.91 -3.11 -27.15
CA PRO A 101 -8.41 -1.74 -26.99
C PRO A 101 -7.40 -1.70 -25.85
N TYR A 102 -6.41 -0.82 -25.98
CA TYR A 102 -5.27 -0.85 -25.05
C TYR A 102 -5.60 -0.07 -23.77
N PRO A 103 -5.51 -0.68 -22.60
CA PRO A 103 -6.04 -0.03 -21.40
C PRO A 103 -5.04 0.95 -20.81
N ILE A 104 -5.55 1.97 -20.13
CA ILE A 104 -4.69 2.91 -19.38
C ILE A 104 -4.18 2.27 -18.08
N LYS A 105 -5.05 1.54 -17.40
CA LYS A 105 -4.69 0.93 -16.12
C LYS A 105 -4.78 -0.60 -16.22
N PRO A 106 -4.23 -1.33 -15.24
CA PRO A 106 -4.28 -2.79 -15.30
C PRO A 106 -5.70 -3.32 -15.51
N ALA A 107 -5.80 -4.36 -16.33
CA ALA A 107 -7.09 -4.90 -16.77
C ALA A 107 -7.01 -6.41 -16.70
N GLU A 108 -8.08 -7.04 -16.24
CA GLU A 108 -8.14 -8.48 -16.16
C GLU A 108 -8.85 -8.98 -17.42
N VAL A 109 -8.28 -9.94 -18.09
CA VAL A 109 -8.82 -10.47 -19.34
C VAL A 109 -9.24 -11.90 -19.07
N GLU A 110 -10.47 -12.22 -19.39
CA GLU A 110 -10.93 -13.59 -19.25
C GLU A 110 -11.46 -14.10 -20.58
N ILE A 111 -10.88 -15.20 -21.07
CA ILE A 111 -11.31 -15.82 -22.32
C ILE A 111 -11.90 -17.19 -22.00
N THR A 112 -13.05 -17.50 -22.59
CA THR A 112 -13.82 -18.70 -22.33
C THR A 112 -14.23 -19.37 -23.65
N LEU A 113 -14.07 -20.68 -23.75
CA LEU A 113 -14.64 -21.47 -24.83
C LEU A 113 -15.84 -22.26 -24.31
N ARG A 114 -16.87 -22.37 -25.11
CA ARG A 114 -18.03 -23.21 -24.80
C ARG A 114 -18.17 -24.34 -25.83
N ASN A 115 -18.67 -25.50 -25.40
CA ASN A 115 -18.91 -26.62 -26.30
C ASN A 115 -20.35 -26.48 -26.84
N ASN A 116 -20.85 -27.49 -27.58
CA ASN A 116 -22.16 -27.27 -28.20
C ASN A 116 -23.32 -27.44 -27.21
N LYS A 117 -23.06 -27.99 -26.02
CA LYS A 117 -24.02 -27.92 -24.92
C LYS A 117 -23.92 -26.61 -24.15
N ARG A 118 -23.05 -25.70 -24.59
CA ARG A 118 -22.86 -24.41 -23.95
C ARG A 118 -22.23 -24.50 -22.57
N GLU A 119 -21.63 -25.64 -22.25
CA GLU A 119 -20.79 -25.77 -21.08
C GLU A 119 -19.43 -25.10 -21.35
N VAL A 120 -18.87 -24.51 -20.30
CA VAL A 120 -17.51 -23.99 -20.40
C VAL A 120 -16.60 -25.18 -20.61
N SER A 121 -15.87 -25.17 -21.70
CA SER A 121 -14.89 -26.23 -21.94
C SER A 121 -13.46 -25.77 -21.65
N ALA A 122 -13.21 -24.47 -21.60
CA ALA A 122 -11.88 -23.99 -21.24
C ALA A 122 -12.00 -22.52 -20.88
N ASN A 123 -11.09 -22.08 -20.01
CA ASN A 123 -11.21 -20.75 -19.47
C ASN A 123 -9.82 -20.32 -19.02
N LEU A 124 -9.50 -19.05 -19.24
CA LEU A 124 -8.24 -18.49 -18.77
C LEU A 124 -8.50 -17.06 -18.34
N LYS A 125 -8.18 -16.74 -17.09
CA LYS A 125 -8.27 -15.37 -16.61
C LYS A 125 -6.89 -14.85 -16.26
N HIS A 126 -6.51 -13.68 -16.76
CA HIS A 126 -5.16 -13.19 -16.48
C HIS A 126 -5.13 -11.67 -16.48
N VAL A 127 -4.19 -11.09 -15.72
CA VAL A 127 -4.10 -9.65 -15.62
C VAL A 127 -3.06 -9.15 -16.61
N VAL A 128 -3.39 -8.08 -17.33
CA VAL A 128 -2.46 -7.41 -18.22
C VAL A 128 -2.12 -6.06 -17.61
N LYS A 129 -0.82 -5.84 -17.41
CA LYS A 129 -0.31 -4.56 -16.92
C LYS A 129 0.11 -3.73 -18.11
N PRO A 130 -0.53 -2.58 -18.35
CA PRO A 130 -0.23 -1.83 -19.60
C PRO A 130 1.22 -1.36 -19.73
N ASP A 131 2.01 -1.30 -18.67
CA ASP A 131 3.41 -0.90 -18.83
C ASP A 131 4.40 -2.06 -18.72
N ASP A 132 3.90 -3.30 -18.67
CA ASP A 132 4.73 -4.51 -18.75
C ASP A 132 5.72 -4.38 -19.92
N ILE A 133 7.03 -4.46 -19.65
CA ILE A 133 8.01 -4.23 -20.70
C ILE A 133 8.05 -5.33 -21.73
N LEU A 134 7.45 -6.49 -21.47
CA LEU A 134 7.48 -7.59 -22.42
C LEU A 134 6.32 -7.58 -23.41
N ILE A 135 5.48 -6.52 -23.40
CA ILE A 135 4.48 -6.37 -24.45
C ILE A 135 5.18 -5.91 -25.75
N HIS A 136 5.18 -6.79 -26.76
CA HIS A 136 5.86 -6.58 -28.05
C HIS A 136 5.18 -5.44 -28.82
N LYS A 137 5.90 -4.34 -29.06
CA LYS A 137 5.39 -3.25 -29.90
C LYS A 137 5.58 -3.59 -31.38
N LYS A 138 4.49 -3.61 -32.13
CA LYS A 138 4.49 -4.07 -33.52
C LYS A 138 3.89 -3.00 -34.42
N GLY A 139 4.09 -3.19 -35.74
CA GLY A 139 3.45 -2.32 -36.68
C GLY A 139 4.03 -0.94 -36.82
N LEU A 140 5.28 -0.72 -36.40
CA LEU A 140 5.91 0.60 -36.51
C LEU A 140 6.70 0.75 -37.82
N THR A 141 7.35 -0.31 -38.26
CA THR A 141 8.22 -0.29 -39.44
C THR A 141 7.91 -1.49 -40.32
N HIS A 142 8.29 -1.39 -41.60
CA HIS A 142 8.15 -2.50 -42.57
C HIS A 142 6.69 -2.98 -42.71
N ILE A 143 5.77 -2.05 -42.79
CA ILE A 143 4.35 -2.37 -42.99
C ILE A 143 4.15 -2.96 -44.38
N THR A 144 3.49 -4.11 -44.45
CA THR A 144 3.24 -4.81 -45.69
C THR A 144 2.66 -3.86 -46.74
N PRO A 145 3.15 -3.88 -47.99
CA PRO A 145 2.55 -3.04 -49.04
C PRO A 145 1.07 -3.33 -49.13
N HIS A 146 0.28 -2.28 -49.34
CA HIS A 146 -1.17 -2.42 -49.34
C HIS A 146 -1.75 -1.28 -50.17
N LYS A 147 -3.03 -1.42 -50.54
CA LYS A 147 -3.79 -0.39 -51.25
C LYS A 147 -5.24 -0.39 -50.77
N TYR A 148 -5.80 0.78 -50.50
CA TYR A 148 -7.22 0.86 -50.20
C TYR A 148 -8.02 0.68 -51.48
N LEU A 149 -8.97 -0.24 -51.44
CA LEU A 149 -9.95 -0.40 -52.51
C LEU A 149 -11.19 0.45 -52.28
N LEU A 150 -11.52 0.68 -51.02
CA LEU A 150 -12.67 1.48 -50.63
C LEU A 150 -12.25 2.20 -49.36
N LYS A 151 -12.31 3.52 -49.36
CA LYS A 151 -11.95 4.32 -48.19
C LYS A 151 -13.14 5.23 -47.89
N SER A 152 -14.08 4.77 -47.06
CA SER A 152 -15.26 5.56 -46.73
C SER A 152 -15.02 6.55 -45.58
N GLY A 153 -13.97 6.37 -44.79
CA GLY A 153 -13.78 7.23 -43.63
C GLY A 153 -12.57 6.78 -42.83
N ASN A 154 -12.42 7.34 -41.65
CA ASN A 154 -11.28 6.88 -40.86
C ASN A 154 -11.63 5.56 -40.14
N GLU A 155 -10.60 4.89 -39.62
CA GLU A 155 -10.78 3.59 -39.03
C GLU A 155 -11.55 3.64 -37.72
N GLU A 156 -11.74 4.80 -37.11
CA GLU A 156 -12.52 4.89 -35.89
C GLU A 156 -14.01 4.91 -36.15
N GLN A 157 -14.44 5.30 -37.34
CA GLN A 157 -15.88 5.38 -37.61
C GLN A 157 -16.40 4.32 -38.57
N CYS A 158 -15.53 3.70 -39.38
CA CYS A 158 -15.91 2.70 -40.37
C CYS A 158 -15.43 1.30 -39.96
N ILE A 159 -16.08 0.28 -40.52
CA ILE A 159 -15.67 -1.11 -40.35
C ILE A 159 -14.50 -1.41 -41.28
N ASP A 160 -13.35 -1.80 -40.71
CA ASP A 160 -12.14 -2.04 -41.51
C ASP A 160 -11.99 -3.52 -41.89
N VAL A 161 -12.04 -3.82 -43.18
CA VAL A 161 -11.88 -5.18 -43.68
C VAL A 161 -10.54 -5.24 -44.43
N ALA A 162 -9.70 -6.18 -44.07
CA ALA A 162 -8.44 -6.39 -44.75
C ALA A 162 -8.54 -7.64 -45.59
N ILE A 163 -8.04 -7.57 -46.82
CA ILE A 163 -7.96 -8.73 -47.73
C ILE A 163 -6.47 -9.04 -47.91
N LEU A 164 -6.05 -10.25 -47.53
CA LEU A 164 -4.66 -10.69 -47.54
C LEU A 164 -4.41 -11.63 -48.72
N ALA A 165 -3.15 -11.66 -49.16
CA ALA A 165 -2.72 -12.50 -50.27
C ALA A 165 -2.05 -13.78 -49.74
N GLU A 166 -2.51 -14.94 -50.21
CA GLU A 166 -1.86 -16.23 -49.92
C GLU A 166 -1.48 -16.91 -51.22
N GLY A 167 -0.21 -17.27 -51.36
CA GLY A 167 0.29 -17.97 -52.52
C GLY A 167 0.52 -17.12 -53.73
N TYR A 168 0.66 -15.80 -53.56
CA TYR A 168 1.08 -14.88 -54.61
C TYR A 168 2.49 -14.41 -54.32
N THR A 169 3.38 -14.50 -55.32
CA THR A 169 4.69 -13.88 -55.15
C THR A 169 4.55 -12.37 -55.34
N THR A 170 5.60 -11.65 -54.93
CA THR A 170 5.65 -10.21 -55.15
C THR A 170 5.40 -9.90 -56.63
N SER A 171 5.93 -10.73 -57.52
CA SER A 171 5.89 -10.42 -58.95
C SER A 171 4.59 -10.88 -59.61
N GLU A 172 3.55 -11.21 -58.81
CA GLU A 172 2.24 -11.43 -59.38
C GLU A 172 1.16 -10.77 -58.53
N MET A 173 1.51 -9.74 -57.76
CA MET A 173 0.49 -9.00 -57.00
C MET A 173 -0.53 -8.30 -57.89
N GLU A 174 -0.21 -8.06 -59.17
CA GLU A 174 -1.24 -7.50 -60.04
C GLU A 174 -2.47 -8.40 -60.05
N THR A 175 -2.25 -9.70 -60.12
CA THR A 175 -3.37 -10.63 -60.09
C THR A 175 -4.12 -10.56 -58.77
N PHE A 176 -3.38 -10.49 -57.65
CA PHE A 176 -4.05 -10.41 -56.35
C PHE A 176 -4.89 -9.15 -56.23
N TYR A 177 -4.34 -7.99 -56.57
CA TYR A 177 -5.18 -6.81 -56.48
C TYR A 177 -6.43 -6.92 -57.36
N LYS A 178 -6.34 -7.56 -58.52
CA LYS A 178 -7.55 -7.80 -59.33
C LYS A 178 -8.55 -8.70 -58.60
N ASP A 179 -8.07 -9.84 -58.07
CA ASP A 179 -8.92 -10.74 -57.29
C ASP A 179 -9.55 -10.06 -56.07
N ALA A 180 -8.80 -9.19 -55.38
CA ALA A 180 -9.36 -8.44 -54.24
C ALA A 180 -10.51 -7.54 -54.66
N ALA A 181 -10.35 -6.86 -55.80
CA ALA A 181 -11.40 -6.01 -56.34
C ALA A 181 -12.65 -6.81 -56.71
N ILE A 182 -12.45 -7.98 -57.31
CA ILE A 182 -13.58 -8.86 -57.64
C ILE A 182 -14.33 -9.27 -56.37
N ALA A 183 -13.59 -9.68 -55.33
CA ALA A 183 -14.22 -10.05 -54.08
C ALA A 183 -14.98 -8.88 -53.49
N CYS A 184 -14.39 -7.69 -53.53
CA CYS A 184 -15.02 -6.50 -52.97
C CYS A 184 -16.29 -6.16 -53.76
N GLU A 185 -16.22 -6.26 -55.09
CA GLU A 185 -17.41 -6.03 -55.91
C GLU A 185 -18.50 -7.05 -55.61
N ALA A 186 -18.14 -8.33 -55.51
CA ALA A 186 -19.12 -9.36 -55.15
C ALA A 186 -19.80 -9.04 -53.82
N LEU A 187 -19.02 -8.61 -52.82
CA LEU A 187 -19.58 -8.33 -51.51
C LEU A 187 -20.59 -7.18 -51.58
N PHE A 188 -20.22 -6.08 -52.19
CA PHE A 188 -21.14 -4.94 -52.20
C PHE A 188 -22.18 -5.00 -53.34
N SER A 189 -22.34 -6.13 -54.02
CA SER A 189 -23.51 -6.36 -54.85
C SER A 189 -24.63 -7.07 -54.10
N HIS A 190 -24.38 -7.51 -52.86
CA HIS A 190 -25.39 -8.14 -51.99
C HIS A 190 -25.97 -7.11 -51.02
N GLU A 191 -27.30 -7.11 -50.85
CA GLU A 191 -27.82 -6.40 -49.70
C GLU A 191 -27.56 -7.22 -48.43
N PRO A 192 -27.36 -6.57 -47.29
CA PRO A 192 -27.43 -5.12 -47.07
C PRO A 192 -26.10 -4.42 -47.21
N PHE A 193 -25.03 -5.16 -47.54
CA PHE A 193 -23.73 -4.50 -47.73
C PHE A 193 -23.84 -3.39 -48.78
N GLN A 194 -24.55 -3.65 -49.88
CA GLN A 194 -24.68 -2.67 -50.96
C GLN A 194 -25.12 -1.30 -50.45
N SER A 195 -26.21 -1.23 -49.67
CA SER A 195 -26.65 0.08 -49.21
C SER A 195 -25.90 0.57 -47.98
N MET A 196 -25.08 -0.27 -47.35
CA MET A 196 -24.26 0.11 -46.20
C MET A 196 -22.79 0.33 -46.61
N LYS A 197 -22.56 0.53 -47.89
CA LYS A 197 -21.20 0.53 -48.44
C LYS A 197 -20.34 1.61 -47.82
N ASN A 198 -20.92 2.77 -47.49
CA ASN A 198 -20.13 3.85 -46.89
C ASN A 198 -19.86 3.64 -45.40
N ARG A 199 -20.26 2.51 -44.82
CA ARG A 199 -19.78 2.17 -43.49
C ARG A 199 -18.45 1.40 -43.54
N PHE A 200 -17.91 1.08 -44.70
CA PHE A 200 -16.79 0.15 -44.77
C PHE A 200 -15.52 0.77 -45.35
N ASN A 201 -14.36 0.41 -44.79
CA ASN A 201 -13.05 0.50 -45.44
C ASN A 201 -12.59 -0.88 -45.85
N ILE A 202 -12.07 -1.00 -47.08
CA ILE A 202 -11.55 -2.26 -47.62
C ILE A 202 -10.12 -2.02 -48.03
N VAL A 203 -9.18 -2.72 -47.41
CA VAL A 203 -7.78 -2.58 -47.77
C VAL A 203 -7.25 -3.93 -48.26
N ALA A 204 -6.53 -3.90 -49.37
CA ALA A 204 -5.92 -5.09 -49.96
C ALA A 204 -4.46 -5.10 -49.55
N VAL A 205 -4.01 -6.20 -48.98
CA VAL A 205 -2.69 -6.24 -48.36
C VAL A 205 -1.87 -7.32 -49.07
N ALA A 206 -0.78 -6.89 -49.72
CA ALA A 206 -0.01 -7.77 -50.59
C ALA A 206 1.10 -8.46 -49.80
N SER A 207 0.67 -9.33 -48.89
CA SER A 207 1.57 -10.19 -48.15
C SER A 207 2.22 -11.17 -49.12
N PRO A 208 3.56 -11.21 -49.25
CA PRO A 208 4.19 -12.02 -50.31
C PRO A 208 4.45 -13.45 -49.90
N SER A 209 4.38 -14.34 -50.88
CA SER A 209 4.79 -15.73 -50.69
C SER A 209 6.07 -16.00 -51.51
N ALA A 210 6.89 -16.93 -51.03
CA ALA A 210 8.07 -17.32 -51.81
C ALA A 210 7.67 -18.13 -53.03
N ASP A 211 6.63 -18.96 -52.94
CA ASP A 211 6.13 -19.81 -54.02
C ASP A 211 4.75 -19.35 -54.45
N SER A 212 4.39 -19.67 -55.71
CA SER A 212 3.03 -19.48 -56.21
C SER A 212 2.19 -20.72 -55.93
N GLY A 213 0.94 -20.51 -55.48
CA GLY A 213 0.04 -21.61 -55.17
C GLY A 213 -0.07 -21.91 -53.69
N VAL A 214 -0.71 -23.04 -53.36
CA VAL A 214 -0.81 -23.49 -51.97
C VAL A 214 -0.41 -24.97 -51.91
N SER A 215 -0.18 -25.44 -50.69
CA SER A 215 0.33 -26.79 -50.49
C SER A 215 -0.77 -27.82 -50.71
N ALA A 216 -0.40 -28.96 -51.31
CA ALA A 216 -1.33 -30.08 -51.51
C ALA A 216 -0.70 -31.35 -50.94
N PRO A 217 -0.96 -31.64 -49.67
CA PRO A 217 -0.24 -32.75 -49.02
C PRO A 217 -0.43 -34.10 -49.69
N LYS A 218 -1.64 -34.40 -50.15
CA LYS A 218 -1.91 -35.68 -50.77
C LYS A 218 -0.99 -35.93 -51.97
N GLN A 219 -0.71 -34.88 -52.75
CA GLN A 219 0.21 -34.97 -53.88
C GLN A 219 1.68 -34.77 -53.48
N GLY A 220 1.97 -34.70 -52.19
CA GLY A 220 3.32 -34.40 -51.72
C GLY A 220 3.90 -33.09 -52.25
N ALA A 221 3.04 -32.13 -52.63
CA ALA A 221 3.44 -30.84 -53.21
C ALA A 221 3.35 -29.75 -52.16
N TRP A 222 4.42 -29.61 -51.37
CA TRP A 222 4.43 -28.61 -50.32
C TRP A 222 5.08 -27.34 -50.83
N LYS A 223 4.48 -26.21 -50.50
CA LYS A 223 4.94 -24.92 -50.99
C LYS A 223 5.31 -24.01 -49.83
N HIS A 224 6.24 -23.07 -50.08
CA HIS A 224 6.55 -21.98 -49.12
C HIS A 224 5.64 -20.79 -49.38
N THR A 225 4.60 -20.61 -48.57
CA THR A 225 3.73 -19.46 -48.78
C THR A 225 3.62 -18.63 -47.51
N ALA A 226 3.00 -17.45 -47.65
CA ALA A 226 2.96 -16.52 -46.53
C ALA A 226 2.31 -17.12 -45.30
N PHE A 227 1.25 -17.92 -45.48
CA PHE A 227 0.51 -18.41 -44.31
C PHE A 227 0.44 -19.93 -44.26
N GLY A 228 1.20 -20.61 -45.11
CA GLY A 228 1.28 -22.06 -45.03
C GLY A 228 -0.05 -22.77 -45.20
N SER A 229 -0.96 -22.20 -45.98
CA SER A 229 -2.25 -22.88 -46.16
C SER A 229 -2.04 -24.21 -46.88
N HIS A 230 -2.92 -25.17 -46.59
CA HIS A 230 -2.80 -26.47 -47.24
C HIS A 230 -4.15 -27.15 -47.34
N PHE A 231 -4.31 -27.92 -48.41
CA PHE A 231 -5.45 -28.85 -48.51
C PHE A 231 -5.27 -30.05 -47.57
N ASP A 232 -6.27 -30.94 -47.56
CA ASP A 232 -6.24 -32.15 -46.72
C ASP A 232 -6.29 -31.83 -45.22
N THR A 233 -6.89 -30.69 -44.83
CA THR A 233 -7.07 -30.37 -43.42
C THR A 233 -7.93 -31.42 -42.75
N PHE A 234 -7.47 -31.95 -41.60
CA PHE A 234 -8.21 -33.02 -40.89
C PHE A 234 -8.39 -34.25 -41.79
N TYR A 235 -7.44 -34.46 -42.70
CA TYR A 235 -7.52 -35.53 -43.70
C TYR A 235 -8.80 -35.48 -44.52
N SER A 236 -9.31 -34.29 -44.74
CA SER A 236 -10.40 -34.06 -45.69
C SER A 236 -9.80 -33.45 -46.95
N ASP A 237 -9.75 -34.22 -48.03
CA ASP A 237 -9.02 -33.82 -49.24
C ASP A 237 -9.31 -32.37 -49.62
N ARG A 238 -10.59 -31.99 -49.68
CA ARG A 238 -11.03 -30.70 -50.22
C ARG A 238 -10.90 -29.53 -49.24
N TYR A 239 -10.47 -29.74 -48.00
CA TYR A 239 -10.58 -28.69 -46.97
C TYR A 239 -9.25 -27.92 -46.88
N LEU A 240 -9.28 -26.65 -47.34
CA LEU A 240 -8.14 -25.73 -47.30
C LEU A 240 -8.17 -24.90 -46.03
N THR A 241 -7.10 -24.93 -45.24
CA THR A 241 -7.03 -24.02 -44.09
C THR A 241 -5.62 -23.50 -43.93
N THR A 242 -5.48 -22.51 -43.06
CA THR A 242 -4.20 -22.18 -42.47
C THR A 242 -4.37 -22.15 -40.96
N SER A 243 -3.33 -22.58 -40.25
CA SER A 243 -3.27 -22.46 -38.81
C SER A 243 -2.24 -21.44 -38.37
N ARG A 244 -1.64 -20.70 -39.31
CA ARG A 244 -0.58 -19.75 -38.97
C ARG A 244 -1.16 -18.38 -38.68
N VAL A 245 -1.91 -18.33 -37.58
CA VAL A 245 -2.67 -17.14 -37.23
C VAL A 245 -1.76 -16.00 -36.79
N LYS A 246 -0.64 -16.30 -36.13
CA LYS A 246 0.30 -15.24 -35.79
C LYS A 246 0.88 -14.60 -37.04
N ALA A 247 1.20 -15.42 -38.07
CA ALA A 247 1.74 -14.87 -39.31
C ALA A 247 0.70 -14.03 -40.03
N ILE A 248 -0.55 -14.45 -40.01
CA ILE A 248 -1.62 -13.65 -40.61
C ILE A 248 -1.67 -12.27 -39.95
N ASN A 249 -1.69 -12.23 -38.62
CA ASN A 249 -1.80 -10.95 -37.93
C ASN A 249 -0.50 -10.13 -38.03
N ASP A 250 0.66 -10.79 -38.01
CA ASP A 250 1.88 -10.01 -38.23
C ASP A 250 1.87 -9.30 -39.59
N ALA A 251 1.37 -9.96 -40.63
CA ALA A 251 1.30 -9.30 -41.95
C ALA A 251 0.48 -8.03 -41.91
N LEU A 252 -0.50 -7.94 -41.00
CA LEU A 252 -1.40 -6.80 -40.96
C LEU A 252 -0.97 -5.73 -39.96
N ALA A 253 0.04 -6.00 -39.10
CA ALA A 253 0.38 -5.06 -38.05
C ALA A 253 0.73 -3.71 -38.64
N GLY A 254 0.12 -2.66 -38.10
CA GLY A 254 0.37 -1.34 -38.62
C GLY A 254 -0.63 -0.87 -39.64
N ILE A 255 -1.48 -1.77 -40.11
CA ILE A 255 -2.63 -1.45 -40.97
C ILE A 255 -3.89 -1.61 -40.14
N PRO A 256 -4.78 -0.63 -40.10
CA PRO A 256 -6.01 -0.81 -39.28
C PRO A 256 -6.88 -1.93 -39.82
N TYR A 257 -7.29 -2.84 -38.93
CA TYR A 257 -8.15 -3.93 -39.40
C TYR A 257 -9.00 -4.46 -38.26
N GLU A 258 -10.21 -4.86 -38.60
CA GLU A 258 -11.13 -5.56 -37.72
C GLU A 258 -11.54 -6.93 -38.23
N HIS A 259 -11.62 -7.13 -39.55
CA HIS A 259 -12.05 -8.37 -40.13
C HIS A 259 -11.08 -8.72 -41.25
N ILE A 260 -10.87 -10.02 -41.47
CA ILE A 260 -9.84 -10.52 -42.38
C ILE A 260 -10.47 -11.45 -43.41
N ILE A 261 -10.16 -11.22 -44.68
CA ILE A 261 -10.46 -12.12 -45.78
C ILE A 261 -9.12 -12.49 -46.43
N ILE A 262 -8.83 -13.78 -46.56
CA ILE A 262 -7.59 -14.26 -47.20
C ILE A 262 -7.93 -14.85 -48.57
N LEU A 263 -7.23 -14.41 -49.60
CA LEU A 263 -7.45 -14.92 -50.95
C LEU A 263 -6.29 -15.82 -51.35
N ALA A 264 -6.59 -17.06 -51.74
CA ALA A 264 -5.55 -18.01 -52.13
C ALA A 264 -5.44 -18.11 -53.66
N ASN A 265 -4.21 -18.01 -54.15
CA ASN A 265 -3.88 -18.01 -55.58
C ASN A 265 -3.93 -19.45 -56.13
N THR A 266 -5.14 -19.95 -56.37
CA THR A 266 -5.35 -21.29 -56.89
C THR A 266 -6.75 -21.41 -57.45
N GLU A 267 -6.90 -22.31 -58.42
CA GLU A 267 -8.22 -22.59 -59.02
C GLU A 267 -8.95 -23.74 -58.36
N GLN A 268 -8.32 -24.48 -57.44
CA GLN A 268 -9.04 -25.57 -56.79
C GLN A 268 -10.08 -25.04 -55.82
N TYR A 269 -11.19 -25.77 -55.68
CA TYR A 269 -12.22 -25.45 -54.70
C TYR A 269 -11.66 -25.65 -53.29
N GLY A 270 -11.93 -24.69 -52.42
CA GLY A 270 -11.54 -24.89 -51.03
C GLY A 270 -11.61 -23.62 -50.22
N GLY A 271 -11.76 -23.76 -48.89
CA GLY A 271 -11.80 -22.63 -47.99
C GLY A 271 -12.94 -22.78 -46.97
N GLY A 272 -13.17 -21.66 -46.29
CA GLY A 272 -14.24 -21.58 -45.27
C GLY A 272 -14.10 -20.28 -44.50
N GLY A 273 -15.13 -19.98 -43.73
CA GLY A 273 -15.09 -18.82 -42.85
C GLY A 273 -15.54 -19.19 -41.46
N ILE A 274 -14.99 -18.50 -40.48
CA ILE A 274 -15.29 -18.78 -39.07
C ILE A 274 -15.47 -17.45 -38.36
N TYR A 275 -16.54 -17.33 -37.58
CA TYR A 275 -16.97 -16.06 -36.99
C TYR A 275 -15.85 -15.42 -36.19
N ASN A 276 -15.51 -14.19 -36.59
CA ASN A 276 -14.50 -13.32 -35.96
C ASN A 276 -13.15 -14.00 -35.86
N ALA A 277 -12.89 -14.95 -36.76
CA ALA A 277 -11.56 -15.47 -36.98
C ALA A 277 -11.13 -14.94 -38.31
N PHE A 278 -11.44 -15.57 -39.45
CA PHE A 278 -11.23 -15.00 -40.77
C PHE A 278 -11.96 -15.85 -41.79
N THR A 279 -12.05 -15.32 -43.00
CA THR A 279 -12.41 -16.08 -44.18
C THR A 279 -11.16 -16.45 -44.98
N LEU A 280 -11.10 -17.68 -45.51
CA LEU A 280 -10.08 -18.06 -46.50
C LEU A 280 -10.79 -18.70 -47.69
N THR A 281 -10.46 -18.25 -48.91
CA THR A 281 -11.08 -18.89 -50.06
C THR A 281 -10.17 -18.77 -51.27
N THR A 282 -10.40 -19.65 -52.24
CA THR A 282 -9.57 -19.71 -53.45
C THR A 282 -10.12 -18.72 -54.47
N ALA A 283 -9.23 -17.91 -55.04
CA ALA A 283 -9.68 -16.77 -55.85
C ALA A 283 -9.95 -17.08 -57.32
N HIS A 284 -9.46 -18.21 -57.83
CA HIS A 284 -9.61 -18.52 -59.26
C HIS A 284 -10.59 -19.66 -59.51
N HIS A 285 -11.37 -20.06 -58.51
CA HIS A 285 -12.42 -21.05 -58.75
C HIS A 285 -13.64 -20.38 -59.38
N PRO A 286 -14.34 -21.06 -60.30
CA PRO A 286 -15.49 -20.45 -60.99
C PRO A 286 -16.51 -19.84 -60.04
N ASN A 287 -16.72 -20.41 -58.85
CA ASN A 287 -17.72 -19.90 -57.93
C ASN A 287 -17.15 -18.91 -56.91
N PHE A 288 -15.99 -18.31 -57.21
CA PHE A 288 -15.36 -17.38 -56.28
C PHE A 288 -16.33 -16.32 -55.75
N ARG A 289 -17.12 -15.71 -56.64
CA ARG A 289 -17.95 -14.58 -56.23
C ARG A 289 -18.99 -14.97 -55.18
N PRO A 290 -19.88 -15.95 -55.44
CA PRO A 290 -20.84 -16.31 -54.38
C PRO A 290 -20.15 -16.94 -53.17
N VAL A 291 -19.05 -17.68 -53.36
CA VAL A 291 -18.45 -18.40 -52.24
C VAL A 291 -17.81 -17.44 -51.25
N VAL A 292 -17.10 -16.41 -51.73
CA VAL A 292 -16.46 -15.48 -50.79
C VAL A 292 -17.50 -14.76 -49.95
N VAL A 293 -18.66 -14.43 -50.55
CA VAL A 293 -19.71 -13.77 -49.79
C VAL A 293 -20.33 -14.71 -48.76
N HIS A 294 -20.53 -15.97 -49.12
CA HIS A 294 -21.01 -16.96 -48.19
C HIS A 294 -20.06 -17.09 -47.00
N GLU A 295 -18.76 -17.14 -47.27
CA GLU A 295 -17.77 -17.26 -46.19
C GLU A 295 -17.77 -16.02 -45.29
N PHE A 296 -17.89 -14.82 -45.87
CA PHE A 296 -17.99 -13.61 -45.07
C PHE A 296 -19.27 -13.59 -44.24
N GLY A 297 -20.34 -14.21 -44.75
CA GLY A 297 -21.53 -14.43 -43.93
C GLY A 297 -21.21 -15.15 -42.63
N HIS A 298 -20.35 -16.18 -42.70
CA HIS A 298 -19.87 -16.82 -41.48
C HIS A 298 -18.96 -15.90 -40.70
N SER A 299 -17.89 -15.40 -41.36
CA SER A 299 -16.79 -14.82 -40.58
C SER A 299 -17.14 -13.41 -40.07
N PHE A 300 -17.89 -12.64 -40.82
CA PHE A 300 -18.38 -11.33 -40.38
C PHE A 300 -19.78 -11.42 -39.80
N GLY A 301 -20.70 -12.09 -40.49
CA GLY A 301 -22.09 -12.11 -40.06
C GLY A 301 -22.38 -13.07 -38.93
N GLY A 302 -21.48 -14.02 -38.65
CA GLY A 302 -21.80 -15.06 -37.70
C GLY A 302 -22.96 -15.98 -38.12
N LEU A 303 -23.30 -16.03 -39.41
CA LEU A 303 -24.44 -16.85 -39.81
C LEU A 303 -24.07 -18.33 -39.85
N ALA A 304 -25.08 -19.17 -39.69
CA ALA A 304 -24.98 -20.63 -39.83
C ALA A 304 -25.19 -21.05 -41.26
N ASP A 305 -24.74 -22.27 -41.57
CA ASP A 305 -25.10 -22.91 -42.83
C ASP A 305 -26.57 -23.31 -42.82
N GLU A 306 -27.28 -23.04 -43.91
CA GLU A 306 -28.69 -23.41 -43.99
C GLU A 306 -28.94 -24.69 -44.79
N TYR A 307 -27.90 -25.30 -45.35
CA TYR A 307 -28.09 -26.58 -46.04
C TYR A 307 -28.11 -27.73 -45.03
N PHE A 308 -28.50 -28.89 -45.51
CA PHE A 308 -28.79 -30.01 -44.62
C PHE A 308 -28.67 -31.29 -45.40
N TYR A 309 -28.46 -32.38 -44.66
CA TYR A 309 -28.24 -33.72 -45.18
C TYR A 309 -29.40 -34.62 -44.78
N ASP A 310 -29.22 -35.92 -44.94
CA ASP A 310 -30.24 -36.91 -44.64
C ASP A 310 -29.81 -37.82 -43.49
N ASN A 315 -27.30 -35.04 -36.79
CA ASN A 315 -25.86 -34.86 -37.00
C ASN A 315 -25.15 -34.76 -35.64
N GLY A 316 -25.47 -33.72 -34.89
CA GLY A 316 -24.96 -33.59 -33.54
C GLY A 316 -24.38 -32.24 -33.18
N LEU A 317 -24.10 -31.41 -34.19
CA LEU A 317 -23.47 -30.12 -33.89
C LEU A 317 -24.39 -29.17 -33.16
N TYR A 318 -25.69 -29.22 -33.49
CA TYR A 318 -26.69 -28.40 -32.82
C TYR A 318 -27.64 -29.30 -32.04
N PRO A 319 -27.44 -29.47 -30.73
CA PRO A 319 -28.40 -30.26 -29.95
C PRO A 319 -29.82 -29.70 -30.09
N LEU A 320 -30.79 -30.61 -30.28
CA LEU A 320 -32.17 -30.21 -30.52
C LEU A 320 -32.82 -29.56 -29.32
N ASN A 321 -32.23 -29.64 -28.13
CA ASN A 321 -32.81 -29.06 -26.93
C ASN A 321 -32.24 -27.68 -26.58
N ILE A 322 -31.35 -27.15 -27.41
CA ILE A 322 -30.72 -25.85 -27.21
C ILE A 322 -31.10 -24.94 -28.37
N GLU A 323 -31.40 -23.68 -28.10
CA GLU A 323 -31.57 -22.73 -29.21
C GLU A 323 -30.21 -22.27 -29.72
N PRO A 324 -29.90 -22.47 -31.00
CA PRO A 324 -28.58 -22.03 -31.51
C PRO A 324 -28.37 -20.54 -31.31
N TRP A 325 -27.10 -20.14 -31.11
CA TRP A 325 -26.88 -18.70 -31.00
C TRP A 325 -26.91 -18.04 -32.38
N GLU A 326 -26.76 -18.82 -33.44
CA GLU A 326 -26.78 -18.24 -34.79
C GLU A 326 -28.20 -17.80 -35.12
N GLN A 327 -28.31 -16.70 -35.85
CA GLN A 327 -29.56 -15.99 -36.03
C GLN A 327 -30.43 -16.54 -37.17
N ASN A 328 -29.90 -17.38 -38.05
CA ASN A 328 -30.64 -17.80 -39.23
C ASN A 328 -31.03 -19.30 -39.19
N ILE A 329 -30.94 -19.92 -38.01
CA ILE A 329 -31.45 -21.27 -37.83
C ILE A 329 -32.09 -21.30 -36.46
N THR A 330 -33.05 -22.22 -36.30
CA THR A 330 -33.71 -22.35 -35.00
C THR A 330 -34.02 -23.83 -34.78
N THR A 331 -34.03 -24.23 -33.52
CA THR A 331 -34.61 -25.50 -33.12
C THR A 331 -36.00 -25.33 -32.52
N ARG A 332 -36.55 -24.11 -32.59
CA ARG A 332 -37.84 -23.78 -31.97
C ARG A 332 -37.82 -23.98 -30.46
N ILE A 333 -36.67 -23.78 -29.83
CA ILE A 333 -36.60 -23.81 -28.37
C ILE A 333 -36.84 -22.42 -27.78
N ASN A 334 -36.38 -21.37 -28.46
CA ASN A 334 -36.64 -19.99 -28.09
C ASN A 334 -36.80 -19.18 -29.39
N PHE A 335 -37.79 -19.56 -30.18
CA PHE A 335 -37.99 -18.94 -31.49
C PHE A 335 -38.32 -17.45 -31.36
N ALA A 336 -38.89 -17.03 -30.22
CA ALA A 336 -39.20 -15.60 -30.05
C ALA A 336 -37.95 -14.71 -30.18
N SER A 337 -36.79 -15.21 -29.77
CA SER A 337 -35.55 -14.44 -29.91
C SER A 337 -34.98 -14.46 -31.33
N LYS A 338 -35.58 -15.23 -32.25
CA LYS A 338 -35.08 -15.28 -33.61
C LYS A 338 -35.97 -14.43 -34.54
N TRP A 339 -36.61 -15.02 -35.53
CA TRP A 339 -37.32 -14.24 -36.55
C TRP A 339 -38.83 -14.46 -36.51
N GLU A 340 -39.35 -14.94 -35.39
CA GLU A 340 -40.81 -15.02 -35.18
C GLU A 340 -41.50 -13.69 -35.51
N ASP A 341 -40.92 -12.58 -35.07
CA ASP A 341 -41.47 -11.26 -35.34
C ASP A 341 -41.42 -10.85 -36.80
N MET A 342 -40.79 -11.63 -37.68
CA MET A 342 -40.83 -11.30 -39.10
C MET A 342 -41.85 -12.13 -39.85
N LEU A 343 -42.47 -13.11 -39.20
CA LEU A 343 -43.51 -13.90 -39.82
C LEU A 343 -44.82 -13.11 -39.82
N THR A 344 -45.76 -13.55 -40.65
CA THR A 344 -47.12 -13.02 -40.55
C THR A 344 -47.91 -13.82 -39.51
N LYS A 345 -48.98 -13.19 -38.98
CA LYS A 345 -49.76 -13.81 -37.92
C LYS A 345 -50.34 -15.16 -38.29
N THR A 346 -50.26 -15.58 -39.55
CA THR A 346 -50.84 -16.84 -40.00
C THR A 346 -49.86 -17.78 -40.69
N THR A 347 -48.59 -17.43 -40.78
CA THR A 347 -47.64 -18.34 -41.41
C THR A 347 -47.66 -19.65 -40.65
N PRO A 348 -47.82 -20.79 -41.33
CA PRO A 348 -47.76 -22.07 -40.63
C PRO A 348 -46.35 -22.35 -40.14
N VAL A 349 -46.25 -22.92 -38.94
CA VAL A 349 -44.98 -23.34 -38.36
C VAL A 349 -45.07 -24.81 -38.02
N PRO A 350 -44.38 -25.71 -38.73
CA PRO A 350 -43.45 -25.51 -39.87
C PRO A 350 -44.15 -25.18 -41.17
N THR A 351 -43.38 -24.70 -42.13
CA THR A 351 -43.88 -24.23 -43.41
C THR A 351 -43.71 -25.30 -44.46
N PRO A 352 -44.78 -25.89 -45.01
CA PRO A 352 -44.61 -26.86 -46.11
C PRO A 352 -43.96 -26.20 -47.32
N VAL A 353 -43.08 -26.96 -47.99
CA VAL A 353 -42.48 -26.52 -49.24
C VAL A 353 -43.52 -26.34 -50.34
N ALA A 354 -44.67 -27.03 -50.24
CA ALA A 354 -45.73 -26.86 -51.22
C ALA A 354 -46.22 -25.42 -51.26
N ASP A 355 -46.41 -24.81 -50.09
CA ASP A 355 -46.92 -23.45 -49.98
C ASP A 355 -45.82 -22.40 -49.90
N LYS A 356 -44.65 -22.66 -50.47
CA LYS A 356 -43.53 -21.74 -50.27
C LYS A 356 -43.77 -20.41 -50.97
N ALA A 357 -44.31 -20.42 -52.21
CA ALA A 357 -44.62 -19.17 -52.90
C ALA A 357 -45.38 -18.20 -51.99
N LYS A 358 -46.21 -18.76 -51.09
CA LYS A 358 -47.03 -17.96 -50.19
C LYS A 358 -46.20 -17.33 -49.06
N TYR A 359 -45.00 -17.83 -48.78
CA TYR A 359 -44.29 -17.49 -47.55
C TYR A 359 -42.82 -17.23 -47.84
N PRO A 360 -42.49 -16.03 -48.29
CA PRO A 360 -41.07 -15.69 -48.49
C PRO A 360 -40.24 -15.93 -47.24
N ILE A 361 -40.76 -15.57 -46.07
CA ILE A 361 -40.20 -15.94 -44.77
C ILE A 361 -41.10 -16.98 -44.14
N GLY A 362 -40.51 -18.04 -43.65
CA GLY A 362 -41.28 -19.05 -42.94
C GLY A 362 -40.40 -19.76 -41.96
N VAL A 363 -40.74 -20.99 -41.67
CA VAL A 363 -39.99 -21.84 -40.75
C VAL A 363 -39.85 -23.18 -41.48
N TYR A 364 -38.83 -23.30 -42.30
CA TYR A 364 -38.67 -24.40 -43.23
C TYR A 364 -37.77 -25.45 -42.61
N GLU A 365 -38.26 -26.70 -42.56
CA GLU A 365 -37.48 -27.74 -41.90
C GLU A 365 -36.26 -28.07 -42.73
N GLY A 366 -35.12 -28.24 -42.05
CA GLY A 366 -33.85 -28.45 -42.73
C GLY A 366 -32.93 -27.25 -42.56
N GLY A 367 -31.78 -27.47 -41.91
CA GLY A 367 -30.78 -26.42 -41.74
C GLY A 367 -29.73 -26.88 -40.73
N GLY A 368 -28.65 -26.09 -40.65
CA GLY A 368 -27.57 -26.47 -39.77
C GLY A 368 -27.21 -27.97 -39.87
N TYR A 369 -27.21 -28.50 -41.11
CA TYR A 369 -26.79 -29.82 -41.51
C TYR A 369 -27.82 -30.94 -41.22
N SER A 370 -28.93 -30.67 -40.51
CA SER A 370 -29.91 -31.71 -40.19
C SER A 370 -31.16 -31.50 -41.02
N ALA A 371 -31.67 -32.59 -41.59
CA ALA A 371 -32.93 -32.51 -42.32
C ALA A 371 -34.10 -32.29 -41.38
N LYS A 372 -33.98 -32.78 -40.14
CA LYS A 372 -35.11 -32.79 -39.21
C LYS A 372 -34.71 -32.13 -37.89
N GLY A 373 -35.62 -31.30 -37.35
CA GLY A 373 -35.43 -30.71 -36.03
C GLY A 373 -34.77 -29.34 -36.01
N ILE A 374 -34.19 -28.92 -37.12
CA ILE A 374 -33.62 -27.60 -37.29
C ILE A 374 -34.33 -26.95 -38.47
N TYR A 375 -34.56 -25.66 -38.37
CA TYR A 375 -35.32 -24.93 -39.37
C TYR A 375 -34.57 -23.69 -39.80
N ARG A 376 -34.83 -23.27 -41.04
CA ARG A 376 -34.24 -22.09 -41.63
C ARG A 376 -35.34 -21.12 -42.07
N PRO A 377 -34.99 -19.84 -42.33
CA PRO A 377 -36.02 -18.80 -42.45
C PRO A 377 -36.67 -18.69 -43.82
N ALA A 378 -36.09 -19.30 -44.84
CA ALA A 378 -36.61 -19.19 -46.20
C ALA A 378 -36.23 -20.46 -46.95
N PHE A 379 -36.84 -20.66 -48.12
CA PHE A 379 -36.57 -21.93 -48.81
C PHE A 379 -35.15 -22.02 -49.34
N ASP A 380 -34.57 -20.91 -49.78
CA ASP A 380 -33.24 -20.86 -50.37
C ASP A 380 -32.55 -19.59 -49.89
N CYS A 381 -31.22 -19.55 -49.98
CA CYS A 381 -30.44 -18.46 -49.43
C CYS A 381 -29.00 -18.65 -49.84
N ARG A 382 -28.28 -17.53 -49.94
CA ARG A 382 -26.83 -17.59 -50.10
C ARG A 382 -26.17 -18.52 -49.09
N MET A 383 -26.75 -18.67 -47.88
CA MET A 383 -26.18 -19.55 -46.85
C MET A 383 -26.58 -20.98 -47.05
N ARG A 384 -27.43 -21.25 -48.04
CA ARG A 384 -27.80 -22.61 -48.42
C ARG A 384 -27.13 -23.07 -49.71
N THR A 385 -27.06 -22.22 -50.75
CA THR A 385 -26.58 -22.68 -52.05
C THR A 385 -25.92 -21.55 -52.82
N ASN A 386 -24.89 -21.89 -53.60
CA ASN A 386 -24.16 -20.91 -54.40
C ASN A 386 -25.00 -20.36 -55.54
N GLU A 387 -25.92 -21.16 -56.07
CA GLU A 387 -26.70 -20.73 -57.22
C GLU A 387 -27.63 -19.58 -56.86
N TYR A 388 -28.15 -19.59 -55.64
CA TYR A 388 -29.14 -18.61 -55.28
C TYR A 388 -28.49 -17.22 -55.16
N PRO A 389 -29.17 -16.16 -55.61
CA PRO A 389 -28.48 -14.87 -55.80
C PRO A 389 -28.38 -13.98 -54.57
N THR A 390 -29.14 -14.20 -53.48
CA THR A 390 -29.13 -13.23 -52.39
C THR A 390 -29.15 -13.93 -51.02
N PHE A 391 -28.74 -13.20 -49.98
CA PHE A 391 -29.11 -13.56 -48.61
C PHE A 391 -30.64 -13.46 -48.45
N CYS A 392 -31.21 -14.39 -47.67
CA CYS A 392 -32.61 -14.33 -47.32
C CYS A 392 -32.89 -13.12 -46.40
N PRO A 393 -34.17 -12.73 -46.27
CA PRO A 393 -34.46 -11.54 -45.47
C PRO A 393 -34.00 -11.65 -44.03
N VAL A 394 -33.98 -12.87 -43.46
CA VAL A 394 -33.55 -13.00 -42.08
C VAL A 394 -32.05 -12.80 -41.97
N CYS A 395 -31.28 -13.40 -42.88
CA CYS A 395 -29.85 -13.16 -42.91
C CYS A 395 -29.55 -11.69 -43.16
N GLN A 396 -30.31 -11.05 -44.04
CA GLN A 396 -30.09 -9.62 -44.29
C GLN A 396 -30.27 -8.80 -43.03
N ARG A 397 -31.33 -9.08 -42.26
CA ARG A 397 -31.53 -8.37 -41.02
C ARG A 397 -30.41 -8.67 -40.03
N ALA A 398 -29.99 -9.94 -39.97
CA ALA A 398 -28.89 -10.33 -39.08
C ALA A 398 -27.64 -9.53 -39.41
N ILE A 399 -27.28 -9.46 -40.70
CA ILE A 399 -26.09 -8.72 -41.11
C ILE A 399 -26.25 -7.24 -40.81
N GLN A 400 -27.42 -6.68 -41.13
CA GLN A 400 -27.66 -5.28 -40.88
C GLN A 400 -27.49 -4.95 -39.40
N ARG A 401 -27.93 -5.85 -38.52
CA ARG A 401 -27.75 -5.62 -37.10
C ARG A 401 -26.28 -5.64 -36.69
N ILE A 402 -25.46 -6.50 -37.31
CA ILE A 402 -24.02 -6.47 -37.02
C ILE A 402 -23.44 -5.11 -37.41
N ILE A 403 -23.75 -4.66 -38.63
CA ILE A 403 -23.22 -3.40 -39.12
C ILE A 403 -23.61 -2.27 -38.20
N GLU A 404 -24.86 -2.27 -37.72
CA GLU A 404 -25.35 -1.18 -36.89
C GLU A 404 -24.77 -1.26 -35.48
N PHE A 405 -24.55 -2.46 -34.98
CA PHE A 405 -23.86 -2.61 -33.71
C PHE A 405 -22.51 -1.89 -33.74
N TYR A 406 -21.78 -2.01 -34.85
CA TYR A 406 -20.46 -1.38 -34.90
C TYR A 406 -20.47 0.06 -35.36
N THR A 407 -21.44 0.50 -36.17
CA THR A 407 -21.39 1.84 -36.73
C THR A 407 -22.62 2.69 -36.41
N GLY A 408 -23.56 2.18 -35.63
CA GLY A 408 -24.71 2.98 -35.23
C GLY A 408 -25.90 2.81 -36.15
N LYS A 409 -27.07 3.14 -35.62
CA LYS A 409 -28.31 2.94 -36.36
C LYS A 409 -28.22 3.62 -37.73
N ASN B 4 2.09 -16.71 9.13
CA ASN B 4 2.06 -17.13 10.53
C ASN B 4 1.47 -16.04 11.46
N PHE B 5 0.43 -16.44 12.22
CA PHE B 5 -0.43 -15.48 12.91
C PHE B 5 0.35 -14.55 13.82
N SER B 6 1.27 -15.11 14.63
CA SER B 6 2.06 -14.36 15.60
C SER B 6 2.95 -13.31 14.96
N ASP B 7 3.20 -13.39 13.66
CA ASP B 7 4.11 -12.41 13.05
C ASP B 7 3.47 -11.05 12.92
N TYR B 8 2.13 -10.97 12.89
CA TYR B 8 1.44 -9.72 12.65
C TYR B 8 0.39 -9.36 13.69
N PHE B 9 -0.04 -10.29 14.53
CA PHE B 9 -1.20 -10.08 15.38
C PHE B 9 -0.92 -10.53 16.80
N THR B 10 -1.59 -9.86 17.72
CA THR B 10 -1.70 -10.31 19.10
C THR B 10 -3.06 -11.04 19.26
N ASN B 11 -3.24 -11.67 20.41
CA ASN B 11 -4.47 -12.44 20.65
C ASN B 11 -5.56 -11.51 21.21
N LYS B 12 -5.89 -10.47 20.43
CA LYS B 12 -6.96 -9.55 20.75
C LYS B 12 -7.74 -9.31 19.48
N THR B 13 -8.90 -8.66 19.61
CA THR B 13 -9.70 -8.29 18.43
C THR B 13 -9.69 -6.78 18.23
N LEU B 14 -9.51 -6.39 17.00
CA LEU B 14 -9.76 -5.03 16.57
C LEU B 14 -11.16 -5.02 15.96
N ARG B 15 -12.11 -4.43 16.69
CA ARG B 15 -13.48 -4.32 16.20
C ARG B 15 -13.65 -2.96 15.52
N ILE B 16 -14.17 -2.96 14.30
CA ILE B 16 -14.33 -1.71 13.57
C ILE B 16 -15.81 -1.57 13.24
N ASP B 17 -16.40 -0.45 13.66
CA ASP B 17 -17.79 -0.16 13.30
C ASP B 17 -17.77 0.86 12.18
N TYR B 18 -18.50 0.57 11.11
CA TYR B 18 -18.62 1.45 9.96
C TYR B 18 -20.07 1.86 9.78
N LEU B 19 -20.28 2.95 9.06
CA LEU B 19 -21.62 3.33 8.59
C LEU B 19 -21.59 3.23 7.07
N PHE B 20 -22.59 2.55 6.50
CA PHE B 20 -22.78 2.48 5.07
C PHE B 20 -23.93 3.42 4.79
N THR B 21 -23.72 4.39 3.90
CA THR B 21 -24.75 5.39 3.67
C THR B 21 -24.94 5.57 2.18
N GLY B 22 -26.14 6.01 1.85
CA GLY B 22 -26.35 6.52 0.51
C GLY B 22 -27.80 6.27 0.06
N ASN B 23 -27.92 6.14 -1.23
CA ASN B 23 -29.19 5.87 -1.90
C ASN B 23 -28.87 4.98 -3.09
N ALA B 24 -29.90 4.63 -3.86
CA ALA B 24 -29.71 3.74 -5.01
C ALA B 24 -28.66 4.29 -5.98
N ASP B 25 -28.53 5.62 -6.06
CA ASP B 25 -27.62 6.28 -7.00
C ASP B 25 -26.16 6.18 -6.56
N LYS B 26 -25.89 6.48 -5.28
CA LYS B 26 -24.51 6.59 -4.80
C LYS B 26 -24.42 6.10 -3.37
N GLN B 27 -23.35 5.36 -3.05
CA GLN B 27 -23.13 4.82 -1.71
C GLN B 27 -21.77 5.25 -1.18
N SER B 28 -21.61 5.25 0.15
CA SER B 28 -20.35 5.63 0.74
C SER B 28 -20.16 4.84 2.02
N ILE B 29 -18.92 4.72 2.45
CA ILE B 29 -18.57 4.06 3.70
C ILE B 29 -17.81 5.05 4.55
N CYS B 30 -18.16 5.14 5.84
CA CYS B 30 -17.32 5.90 6.76
C CYS B 30 -17.11 5.12 8.04
N LEU B 31 -16.04 5.50 8.71
CA LEU B 31 -15.68 4.89 9.98
C LEU B 31 -16.50 5.50 11.11
N ASP B 32 -17.00 4.66 12.01
CA ASP B 32 -17.72 5.13 13.19
C ASP B 32 -16.84 5.03 14.44
N GLU B 33 -16.20 3.87 14.65
CA GLU B 33 -15.46 3.69 15.90
C GLU B 33 -14.54 2.50 15.79
N LEU B 34 -13.42 2.58 16.50
CA LEU B 34 -12.45 1.49 16.65
C LEU B 34 -12.47 1.03 18.10
N SER B 35 -12.45 -0.29 18.30
CA SER B 35 -12.52 -0.84 19.63
C SER B 35 -11.61 -2.04 19.71
N GLU B 36 -11.31 -2.43 20.94
CA GLU B 36 -10.45 -3.56 21.24
C GLU B 36 -11.23 -4.51 22.13
N LEU B 37 -11.25 -5.78 21.72
CA LEU B 37 -11.84 -6.85 22.53
C LEU B 37 -10.73 -7.79 23.00
N PRO B 38 -10.91 -8.46 24.14
CA PRO B 38 -9.75 -9.03 24.85
C PRO B 38 -9.15 -10.30 24.26
N VAL B 39 -9.87 -11.04 23.39
CA VAL B 39 -9.28 -12.18 22.69
C VAL B 39 -9.67 -12.16 21.22
N TRP B 40 -8.87 -12.87 20.41
CA TRP B 40 -9.15 -13.11 18.98
C TRP B 40 -9.76 -14.49 18.84
N ALA B 41 -11.02 -14.55 18.47
CA ALA B 41 -11.74 -15.83 18.38
C ALA B 41 -11.87 -16.37 16.97
N GLY B 42 -11.42 -15.62 15.97
CA GLY B 42 -11.47 -16.06 14.59
C GLY B 42 -10.34 -17.02 14.21
N ARG B 43 -10.07 -17.10 12.94
CA ARG B 43 -9.19 -18.14 12.45
C ARG B 43 -7.72 -17.71 12.56
N ARG B 44 -6.84 -18.69 12.43
CA ARG B 44 -5.42 -18.42 12.53
C ARG B 44 -4.66 -18.97 11.34
N HIS B 45 -5.37 -19.41 10.30
CA HIS B 45 -4.84 -20.01 9.07
C HIS B 45 -5.66 -19.47 7.91
N HIS B 46 -5.12 -19.61 6.69
CA HIS B 46 -5.76 -19.08 5.48
C HIS B 46 -6.11 -17.61 5.67
N LEU B 47 -5.18 -16.88 6.27
CA LEU B 47 -5.48 -15.51 6.68
C LEU B 47 -5.62 -14.57 5.50
N SER B 48 -5.05 -14.91 4.34
CA SER B 48 -5.10 -14.04 3.17
C SER B 48 -6.07 -14.54 2.11
N GLU B 49 -6.89 -15.55 2.42
CA GLU B 49 -7.86 -16.09 1.49
C GLU B 49 -9.27 -15.88 2.02
N LEU B 50 -10.24 -15.90 1.09
CA LEU B 50 -11.65 -15.84 1.48
C LEU B 50 -12.34 -17.17 1.21
N PRO B 51 -13.29 -17.61 2.07
CA PRO B 51 -14.07 -18.82 1.74
C PRO B 51 -15.12 -18.54 0.67
N LEU B 52 -15.63 -17.31 0.65
CA LEU B 52 -16.66 -16.88 -0.29
C LEU B 52 -16.40 -15.43 -0.67
N GLU B 53 -16.92 -15.00 -1.81
CA GLU B 53 -16.71 -13.61 -2.21
C GLU B 53 -17.53 -12.65 -1.35
N GLY B 54 -18.78 -12.99 -1.03
CA GLY B 54 -19.72 -12.06 -0.45
C GLY B 54 -20.07 -10.88 -1.32
N ASN B 55 -20.88 -9.94 -0.83
CA ASN B 55 -21.14 -8.68 -1.52
C ASN B 55 -20.26 -7.56 -1.06
N GLY B 56 -19.35 -7.84 -0.12
CA GLY B 56 -18.40 -6.87 0.35
C GLY B 56 -17.23 -7.61 0.92
N GLN B 57 -16.07 -6.94 0.94
CA GLN B 57 -14.82 -7.52 1.40
C GLN B 57 -14.06 -6.52 2.26
N ILE B 58 -13.27 -7.05 3.20
CA ILE B 58 -12.34 -6.28 4.01
C ILE B 58 -10.99 -6.91 3.76
N VAL B 59 -9.98 -6.10 3.49
CA VAL B 59 -8.60 -6.55 3.32
C VAL B 59 -7.73 -5.71 4.23
N MET B 60 -6.96 -6.39 5.09
CA MET B 60 -6.03 -5.75 5.99
C MET B 60 -4.62 -6.00 5.50
N ARG B 61 -3.84 -4.92 5.35
CA ARG B 61 -2.46 -5.00 4.85
C ARG B 61 -1.48 -4.38 5.86
N ASP B 62 -0.31 -4.98 5.99
CA ASP B 62 0.75 -4.37 6.76
C ASP B 62 1.21 -3.10 6.05
N VAL B 63 1.35 -2.00 6.81
CA VAL B 63 1.69 -0.73 6.16
C VAL B 63 3.13 -0.77 5.63
N ALA B 64 4.05 -1.34 6.41
CA ALA B 64 5.46 -1.37 6.03
C ALA B 64 5.68 -2.12 4.72
N SER B 65 5.22 -3.38 4.66
CA SER B 65 5.42 -4.26 3.50
C SER B 65 4.28 -4.28 2.49
N GLY B 66 3.06 -3.88 2.86
CA GLY B 66 1.97 -3.97 1.89
C GLY B 66 1.39 -5.35 1.73
N LYS B 67 1.86 -6.32 2.49
CA LYS B 67 1.34 -7.68 2.41
C LYS B 67 -0.07 -7.76 3.00
N VAL B 68 -0.95 -8.54 2.36
CA VAL B 68 -2.25 -8.88 2.94
C VAL B 68 -2.05 -9.78 4.15
N ILE B 69 -2.53 -9.34 5.30
CA ILE B 69 -2.39 -10.13 6.52
C ILE B 69 -3.71 -10.68 7.05
N TYR B 70 -4.85 -10.16 6.60
CA TYR B 70 -6.13 -10.73 6.99
C TYR B 70 -7.17 -10.32 5.94
N THR B 71 -8.15 -11.17 5.71
CA THR B 71 -9.24 -10.75 4.83
C THR B 71 -10.51 -11.48 5.25
N THR B 72 -11.66 -10.87 4.98
CA THR B 72 -12.95 -11.48 5.30
C THR B 72 -13.97 -10.83 4.36
N SER B 73 -15.17 -11.42 4.29
CA SER B 73 -16.20 -10.89 3.40
C SER B 73 -17.58 -11.09 4.03
N PHE B 74 -18.61 -10.52 3.41
CA PHE B 74 -19.88 -10.38 4.12
C PHE B 74 -20.94 -9.92 3.12
N SER B 75 -22.22 -9.94 3.55
CA SER B 75 -23.30 -9.13 2.93
C SER B 75 -23.87 -8.20 3.99
N SER B 76 -24.86 -7.38 3.65
CA SER B 76 -25.29 -6.35 4.59
C SER B 76 -26.74 -6.04 4.38
N LEU B 77 -27.40 -5.56 5.42
CA LEU B 77 -28.79 -5.13 5.27
C LEU B 77 -28.87 -3.89 4.39
N PHE B 78 -27.86 -3.01 4.50
CA PHE B 78 -27.74 -1.88 3.59
C PHE B 78 -27.96 -2.29 2.13
N GLN B 79 -27.26 -3.33 1.69
CA GLN B 79 -27.33 -3.70 0.28
C GLN B 79 -28.72 -4.24 -0.11
N GLU B 80 -29.49 -4.76 0.84
CA GLU B 80 -30.92 -5.02 0.61
C GLU B 80 -31.72 -3.72 0.53
N TRP B 81 -31.60 -2.86 1.52
CA TRP B 81 -32.30 -1.58 1.47
C TRP B 81 -32.10 -0.91 0.14
N LEU B 82 -30.92 -1.08 -0.47
CA LEU B 82 -30.63 -0.38 -1.74
C LEU B 82 -31.66 -0.73 -2.83
N GLU B 83 -32.43 -1.79 -2.67
CA GLU B 83 -33.38 -2.24 -3.69
C GLU B 83 -34.78 -1.71 -3.51
N THR B 84 -35.05 -0.99 -2.42
CA THR B 84 -36.41 -0.56 -2.12
C THR B 84 -36.66 0.83 -2.70
N ASP B 85 -37.93 1.23 -2.70
CA ASP B 85 -38.27 2.52 -3.28
C ASP B 85 -37.80 3.67 -2.40
N GLU B 86 -37.72 3.47 -1.09
CA GLU B 86 -37.19 4.54 -0.25
CA GLU B 86 -37.19 4.54 -0.24
C GLU B 86 -35.80 4.96 -0.71
N ALA B 87 -35.05 4.01 -1.30
CA ALA B 87 -33.66 4.25 -1.70
C ALA B 87 -33.58 5.07 -2.99
N LYS B 88 -34.67 5.12 -3.75
CA LYS B 88 -34.80 6.03 -4.89
C LYS B 88 -35.15 7.44 -4.44
N GLU B 89 -35.46 7.64 -3.15
CA GLU B 89 -35.95 8.93 -2.69
C GLU B 89 -35.09 9.57 -1.62
N VAL B 90 -34.71 8.85 -0.56
CA VAL B 90 -33.91 9.46 0.51
C VAL B 90 -32.62 8.67 0.68
N THR B 91 -31.62 9.36 1.24
CA THR B 91 -30.35 8.73 1.61
C THR B 91 -30.41 8.27 3.07
N LYS B 92 -30.04 7.00 3.33
CA LYS B 92 -30.12 6.35 4.64
C LYS B 92 -28.77 5.78 5.05
N GLY B 93 -28.58 5.66 6.37
CA GLY B 93 -27.34 5.13 6.93
C GLY B 93 -27.62 3.89 7.77
N PHE B 94 -26.68 2.96 7.76
CA PHE B 94 -26.78 1.67 8.45
C PHE B 94 -25.48 1.39 9.18
N GLU B 95 -25.55 0.91 10.42
CA GLU B 95 -24.34 0.47 11.16
C GLU B 95 -23.96 -0.95 10.78
N ASN B 96 -22.63 -1.21 10.73
CA ASN B 96 -22.10 -2.53 10.40
C ASN B 96 -20.78 -2.70 11.16
N THR B 97 -20.56 -3.87 11.73
CA THR B 97 -19.38 -4.14 12.55
C THR B 97 -18.63 -5.35 12.03
N TYR B 98 -17.29 -5.27 12.03
CA TYR B 98 -16.45 -6.35 11.59
C TYR B 98 -15.34 -6.60 12.60
N LEU B 99 -14.93 -7.86 12.73
CA LEU B 99 -13.93 -8.25 13.72
C LEU B 99 -12.66 -8.66 12.97
N LEU B 100 -11.57 -8.00 13.29
CA LEU B 100 -10.27 -8.31 12.68
C LEU B 100 -9.27 -8.68 13.79
N PRO B 101 -8.27 -9.49 13.48
CA PRO B 101 -7.23 -9.72 14.49
C PRO B 101 -6.47 -8.41 14.72
N TYR B 102 -6.03 -8.20 15.96
CA TYR B 102 -5.44 -6.93 16.35
C TYR B 102 -3.96 -6.89 15.97
N PRO B 103 -3.52 -5.94 15.15
CA PRO B 103 -2.16 -5.98 14.62
C PRO B 103 -1.13 -5.44 15.61
N ILE B 104 0.09 -5.97 15.49
CA ILE B 104 1.22 -5.51 16.30
C ILE B 104 1.69 -4.14 15.80
N LYS B 105 1.73 -3.95 14.49
CA LYS B 105 2.22 -2.75 13.84
C LYS B 105 1.12 -2.11 13.00
N PRO B 106 1.30 -0.85 12.59
CA PRO B 106 0.27 -0.16 11.80
C PRO B 106 -0.16 -0.99 10.60
N ALA B 107 -1.49 -0.97 10.33
CA ALA B 107 -2.08 -1.77 9.28
C ALA B 107 -3.10 -0.93 8.53
N GLU B 108 -3.17 -1.14 7.22
CA GLU B 108 -4.10 -0.45 6.36
C GLU B 108 -5.33 -1.32 6.15
N VAL B 109 -6.50 -0.77 6.43
CA VAL B 109 -7.74 -1.52 6.27
C VAL B 109 -8.48 -0.97 5.07
N GLU B 110 -8.90 -1.85 4.17
CA GLU B 110 -9.64 -1.43 3.00
C GLU B 110 -10.93 -2.22 2.97
N ILE B 111 -12.05 -1.52 2.98
CA ILE B 111 -13.35 -2.18 2.96
C ILE B 111 -14.05 -1.70 1.69
N THR B 112 -14.64 -2.65 0.98
CA THR B 112 -15.21 -2.45 -0.34
C THR B 112 -16.63 -3.04 -0.39
N LEU B 113 -17.58 -2.31 -0.96
CA LEU B 113 -18.87 -2.91 -1.30
C LEU B 113 -18.94 -3.08 -2.82
N ARG B 114 -19.61 -4.14 -3.27
CA ARG B 114 -19.83 -4.36 -4.70
C ARG B 114 -21.31 -4.43 -5.01
N ASN B 115 -21.68 -3.98 -6.21
CA ASN B 115 -23.08 -4.15 -6.65
C ASN B 115 -23.30 -5.56 -7.23
N ASN B 116 -24.50 -5.83 -7.78
CA ASN B 116 -24.78 -7.21 -8.23
C ASN B 116 -24.10 -7.54 -9.56
N LYS B 117 -23.40 -6.58 -10.17
CA LYS B 117 -22.50 -6.91 -11.26
C LYS B 117 -21.06 -7.10 -10.81
N ARG B 118 -20.80 -7.15 -9.50
CA ARG B 118 -19.44 -7.28 -8.98
C ARG B 118 -18.59 -6.03 -9.18
N GLU B 119 -19.19 -4.90 -9.47
CA GLU B 119 -18.42 -3.67 -9.58
C GLU B 119 -18.32 -3.01 -8.20
N VAL B 120 -17.21 -2.32 -7.95
CA VAL B 120 -17.04 -1.57 -6.71
C VAL B 120 -18.09 -0.49 -6.65
N SER B 121 -18.91 -0.51 -5.60
CA SER B 121 -19.89 0.55 -5.42
C SER B 121 -19.54 1.49 -4.26
N ALA B 122 -18.63 1.07 -3.37
CA ALA B 122 -18.10 1.96 -2.33
C ALA B 122 -16.80 1.37 -1.82
N ASN B 123 -15.93 2.22 -1.32
CA ASN B 123 -14.63 1.77 -0.87
C ASN B 123 -14.10 2.74 0.19
N LEU B 124 -13.44 2.21 1.23
CA LEU B 124 -12.75 3.10 2.15
C LEU B 124 -11.43 2.44 2.54
N LYS B 125 -10.36 3.22 2.51
CA LYS B 125 -9.04 2.78 2.88
C LYS B 125 -8.54 3.68 4.00
N HIS B 126 -8.11 3.10 5.12
CA HIS B 126 -7.68 3.91 6.24
C HIS B 126 -6.68 3.13 7.07
N VAL B 127 -5.80 3.85 7.75
CA VAL B 127 -4.72 3.25 8.50
C VAL B 127 -5.12 3.18 9.97
N VAL B 128 -4.98 1.99 10.57
CA VAL B 128 -5.15 1.78 12.01
C VAL B 128 -3.77 1.66 12.69
N LYS B 129 -3.47 2.60 13.59
CA LYS B 129 -2.27 2.54 14.45
C LYS B 129 -2.61 1.85 15.76
N PRO B 130 -2.00 0.71 16.09
CA PRO B 130 -2.49 -0.09 17.23
C PRO B 130 -2.33 0.59 18.58
N ASP B 131 -1.56 1.68 18.67
CA ASP B 131 -1.39 2.43 19.91
C ASP B 131 -2.22 3.71 19.95
N ASP B 132 -3.04 3.95 18.95
CA ASP B 132 -4.01 5.05 18.99
C ASP B 132 -4.78 5.01 20.31
N ILE B 133 -4.76 6.12 21.05
CA ILE B 133 -5.39 6.12 22.37
C ILE B 133 -6.92 6.17 22.28
N LEU B 134 -7.47 6.53 21.13
CA LEU B 134 -8.92 6.59 20.96
C LEU B 134 -9.54 5.25 20.56
N ILE B 135 -8.75 4.18 20.50
CA ILE B 135 -9.33 2.84 20.36
C ILE B 135 -9.95 2.42 21.68
N HIS B 136 -11.28 2.21 21.67
CA HIS B 136 -12.06 2.01 22.88
C HIS B 136 -11.92 0.57 23.37
N LYS B 137 -11.39 0.36 24.58
CA LYS B 137 -11.23 -0.98 25.10
C LYS B 137 -12.53 -1.47 25.72
N LYS B 138 -13.05 -2.61 25.25
CA LYS B 138 -14.38 -3.11 25.60
C LYS B 138 -14.26 -4.49 26.18
N GLY B 139 -15.35 -4.97 26.78
CA GLY B 139 -15.42 -6.35 27.22
C GLY B 139 -14.62 -6.69 28.47
N LEU B 140 -14.24 -5.70 29.28
CA LEU B 140 -13.45 -6.00 30.48
C LEU B 140 -14.33 -6.22 31.71
N THR B 141 -15.40 -5.43 31.83
CA THR B 141 -16.28 -5.44 32.99
C THR B 141 -17.71 -5.63 32.52
N HIS B 142 -18.57 -6.04 33.44
CA HIS B 142 -20.02 -6.11 33.18
C HIS B 142 -20.34 -6.92 31.92
N ILE B 143 -19.68 -8.07 31.77
CA ILE B 143 -19.99 -9.01 30.68
C ILE B 143 -21.43 -9.53 30.83
N THR B 144 -22.20 -9.45 29.75
CA THR B 144 -23.56 -9.98 29.74
C THR B 144 -23.63 -11.39 30.31
N PRO B 145 -24.61 -11.70 31.16
CA PRO B 145 -24.76 -13.07 31.65
C PRO B 145 -25.02 -14.05 30.52
N HIS B 146 -24.37 -15.22 30.60
CA HIS B 146 -24.39 -16.16 29.48
C HIS B 146 -24.16 -17.57 30.02
N LYS B 147 -24.48 -18.56 29.19
CA LYS B 147 -24.32 -19.98 29.50
C LYS B 147 -23.86 -20.71 28.24
N TYR B 148 -22.81 -21.49 28.36
CA TYR B 148 -22.42 -22.37 27.25
C TYR B 148 -23.40 -23.52 27.12
N LEU B 149 -23.94 -23.67 25.91
CA LEU B 149 -24.76 -24.84 25.60
C LEU B 149 -23.92 -25.98 25.06
N LEU B 150 -22.83 -25.65 24.38
CA LEU B 150 -21.91 -26.62 23.82
C LEU B 150 -20.54 -26.00 23.97
N LYS B 151 -19.61 -26.72 24.60
CA LYS B 151 -18.21 -26.26 24.65
C LYS B 151 -17.35 -27.42 24.18
N SER B 152 -16.94 -27.36 22.91
CA SER B 152 -16.09 -28.38 22.30
C SER B 152 -14.60 -28.10 22.48
N GLY B 153 -14.22 -26.91 22.93
CA GLY B 153 -12.81 -26.56 22.96
C GLY B 153 -12.65 -25.08 23.21
N ASN B 154 -11.42 -24.61 23.05
CA ASN B 154 -11.25 -23.20 23.29
C ASN B 154 -11.61 -22.39 22.04
N GLU B 155 -11.79 -21.10 22.23
CA GLU B 155 -12.24 -20.22 21.16
C GLU B 155 -11.21 -20.13 20.04
N GLU B 156 -9.97 -20.49 20.30
CA GLU B 156 -8.96 -20.40 19.25
C GLU B 156 -9.01 -21.59 18.28
N GLN B 157 -9.58 -22.73 18.69
CA GLN B 157 -9.67 -23.86 17.76
C GLN B 157 -11.07 -24.15 17.24
N CYS B 158 -12.13 -23.72 17.94
CA CYS B 158 -13.50 -24.03 17.54
C CYS B 158 -14.21 -22.82 16.95
N ILE B 159 -15.33 -23.09 16.26
CA ILE B 159 -16.20 -22.03 15.71
C ILE B 159 -17.14 -21.56 16.81
N ASP B 160 -17.04 -20.28 17.19
CA ASP B 160 -17.82 -19.75 18.30
C ASP B 160 -19.11 -19.12 17.78
N VAL B 161 -20.25 -19.68 18.16
CA VAL B 161 -21.55 -19.14 17.80
C VAL B 161 -22.21 -18.59 19.06
N ALA B 162 -22.63 -17.34 19.00
CA ALA B 162 -23.32 -16.68 20.11
C ALA B 162 -24.79 -16.56 19.77
N ILE B 163 -25.66 -17.01 20.66
CA ILE B 163 -27.10 -16.82 20.53
C ILE B 163 -27.54 -15.73 21.51
N LEU B 164 -28.12 -14.64 20.99
CA LEU B 164 -28.52 -13.47 21.78
C LEU B 164 -30.03 -13.44 21.98
N ALA B 165 -30.46 -12.81 23.05
CA ALA B 165 -31.87 -12.68 23.43
C ALA B 165 -32.40 -11.30 23.04
N GLU B 166 -33.55 -11.28 22.36
CA GLU B 166 -34.23 -10.05 22.02
C GLU B 166 -35.68 -10.13 22.47
N GLY B 167 -36.13 -9.11 23.20
CA GLY B 167 -37.48 -9.06 23.73
C GLY B 167 -37.75 -9.98 24.91
N TYR B 168 -36.72 -10.45 25.59
CA TYR B 168 -36.86 -11.18 26.84
C TYR B 168 -36.40 -10.30 28.00
N THR B 169 -37.27 -10.13 28.99
CA THR B 169 -36.85 -9.50 30.24
C THR B 169 -35.97 -10.45 31.04
N THR B 170 -35.27 -9.89 32.04
CA THR B 170 -34.41 -10.75 32.83
C THR B 170 -35.23 -11.83 33.53
N SER B 171 -36.49 -11.54 33.86
CA SER B 171 -37.32 -12.48 34.60
C SER B 171 -38.06 -13.46 33.70
N GLU B 172 -37.66 -13.56 32.42
CA GLU B 172 -38.12 -14.64 31.55
C GLU B 172 -36.95 -15.22 30.77
N MET B 173 -35.73 -15.11 31.29
CA MET B 173 -34.61 -15.74 30.59
C MET B 173 -34.69 -17.27 30.58
N GLU B 174 -35.48 -17.87 31.47
CA GLU B 174 -35.66 -19.32 31.41
C GLU B 174 -36.23 -19.71 30.04
N THR B 175 -37.16 -18.93 29.52
CA THR B 175 -37.71 -19.20 28.19
C THR B 175 -36.65 -19.02 27.12
N PHE B 176 -35.84 -17.97 27.23
CA PHE B 176 -34.74 -17.78 26.28
C PHE B 176 -33.80 -18.96 26.26
N TYR B 177 -33.27 -19.37 27.42
CA TYR B 177 -32.34 -20.49 27.42
C TYR B 177 -32.98 -21.76 26.85
N LYS B 178 -34.28 -21.97 27.05
CA LYS B 178 -34.91 -23.12 26.42
C LYS B 178 -34.95 -23.00 24.90
N ASP B 179 -35.36 -21.82 24.39
CA ASP B 179 -35.37 -21.52 22.95
C ASP B 179 -33.99 -21.66 22.33
N ALA B 180 -32.98 -21.09 22.98
CA ALA B 180 -31.61 -21.29 22.52
C ALA B 180 -31.24 -22.77 22.38
N ALA B 181 -31.61 -23.61 23.35
CA ALA B 181 -31.25 -25.04 23.26
C ALA B 181 -32.04 -25.74 22.15
N ILE B 182 -33.29 -25.32 21.91
CA ILE B 182 -34.07 -25.88 20.82
C ILE B 182 -33.42 -25.54 19.49
N ALA B 183 -32.93 -24.31 19.34
CA ALA B 183 -32.30 -23.91 18.08
C ALA B 183 -30.99 -24.68 17.90
N CYS B 184 -30.27 -24.88 18.98
CA CYS B 184 -29.02 -25.62 18.90
C CYS B 184 -29.27 -27.09 18.54
N GLU B 185 -30.34 -27.69 19.08
CA GLU B 185 -30.71 -29.05 18.69
C GLU B 185 -31.10 -29.12 17.22
N ALA B 186 -31.94 -28.19 16.76
CA ALA B 186 -32.29 -28.14 15.35
C ALA B 186 -31.04 -28.08 14.48
N LEU B 187 -30.13 -27.15 14.78
CA LEU B 187 -28.93 -27.01 13.96
C LEU B 187 -28.16 -28.33 13.88
N PHE B 188 -27.83 -28.93 15.02
CA PHE B 188 -27.01 -30.13 14.99
C PHE B 188 -27.80 -31.40 14.69
N SER B 189 -29.07 -31.30 14.32
CA SER B 189 -29.74 -32.45 13.74
C SER B 189 -29.61 -32.50 12.21
N HIS B 190 -29.02 -31.46 11.60
CA HIS B 190 -28.73 -31.40 10.17
C HIS B 190 -27.27 -31.76 9.88
N GLU B 191 -27.06 -32.66 8.94
CA GLU B 191 -25.74 -32.77 8.33
C GLU B 191 -25.45 -31.51 7.51
N PRO B 192 -24.21 -31.06 7.46
CA PRO B 192 -23.03 -31.68 8.05
C PRO B 192 -22.76 -31.24 9.48
N PHE B 193 -23.66 -30.42 10.05
CA PHE B 193 -23.45 -29.93 11.41
C PHE B 193 -23.36 -31.07 12.41
N GLN B 194 -24.25 -32.05 12.28
CA GLN B 194 -24.33 -33.17 13.21
C GLN B 194 -22.99 -33.88 13.36
N SER B 195 -22.34 -34.22 12.24
CA SER B 195 -21.06 -34.92 12.38
C SER B 195 -19.88 -33.99 12.61
N MET B 196 -20.07 -32.68 12.44
CA MET B 196 -19.04 -31.69 12.76
C MET B 196 -19.32 -31.00 14.09
N LYS B 197 -20.16 -31.61 14.94
CA LYS B 197 -20.55 -31.00 16.20
C LYS B 197 -19.35 -30.57 17.03
N ASN B 198 -18.29 -31.38 17.03
CA ASN B 198 -17.17 -31.08 17.93
C ASN B 198 -16.25 -29.97 17.41
N ARG B 199 -16.61 -29.31 16.30
CA ARG B 199 -15.88 -28.12 15.86
C ARG B 199 -16.52 -26.82 16.38
N PHE B 200 -17.58 -26.90 17.19
CA PHE B 200 -18.38 -25.74 17.55
C PHE B 200 -18.48 -25.52 19.06
N ASN B 201 -18.34 -24.25 19.46
CA ASN B 201 -18.86 -23.76 20.74
C ASN B 201 -20.13 -22.95 20.49
N ILE B 202 -21.18 -23.22 21.26
CA ILE B 202 -22.42 -22.44 21.24
C ILE B 202 -22.60 -21.81 22.62
N VAL B 203 -22.66 -20.48 22.68
CA VAL B 203 -22.93 -19.76 23.95
C VAL B 203 -24.26 -19.02 23.84
N ALA B 204 -25.09 -19.13 24.86
CA ALA B 204 -26.35 -18.43 24.93
C ALA B 204 -26.19 -17.20 25.84
N VAL B 205 -26.54 -16.02 25.33
CA VAL B 205 -26.20 -14.76 25.98
C VAL B 205 -27.49 -14.03 26.30
N ALA B 206 -27.73 -13.84 27.61
CA ALA B 206 -29.02 -13.31 28.09
C ALA B 206 -28.99 -11.78 28.11
N SER B 207 -28.93 -11.20 26.93
CA SER B 207 -29.01 -9.74 26.74
C SER B 207 -30.41 -9.30 27.13
N PRO B 208 -30.59 -8.46 28.17
CA PRO B 208 -31.94 -8.17 28.68
C PRO B 208 -32.65 -7.05 27.93
N SER B 209 -33.98 -7.14 27.92
CA SER B 209 -34.83 -6.11 27.36
C SER B 209 -35.73 -5.60 28.47
N ALA B 210 -36.06 -4.31 28.41
CA ALA B 210 -36.98 -3.72 29.39
C ALA B 210 -38.40 -4.21 29.19
N ASP B 211 -38.82 -4.40 27.93
CA ASP B 211 -40.15 -4.88 27.57
C ASP B 211 -40.06 -6.30 27.03
N SER B 212 -41.19 -7.01 27.13
CA SER B 212 -41.32 -8.32 26.49
C SER B 212 -41.89 -8.16 25.08
N GLY B 213 -41.36 -8.96 24.14
CA GLY B 213 -41.81 -8.89 22.76
C GLY B 213 -40.96 -7.95 21.92
N VAL B 214 -41.43 -7.67 20.71
CA VAL B 214 -40.73 -6.77 19.77
C VAL B 214 -41.70 -5.70 19.26
N SER B 215 -41.16 -4.67 18.65
CA SER B 215 -41.97 -3.54 18.21
C SER B 215 -42.76 -3.88 16.95
N ALA B 216 -43.98 -3.36 16.89
CA ALA B 216 -44.91 -3.62 15.78
C ALA B 216 -45.39 -2.27 15.28
N PRO B 217 -44.64 -1.63 14.38
CA PRO B 217 -44.95 -0.24 14.02
C PRO B 217 -46.36 -0.05 13.46
N LYS B 218 -46.83 -0.97 12.63
CA LYS B 218 -48.15 -0.83 12.01
C LYS B 218 -49.24 -0.66 13.06
N GLN B 219 -49.19 -1.47 14.12
CA GLN B 219 -50.09 -1.38 15.27
C GLN B 219 -49.76 -0.23 16.21
N GLY B 220 -48.72 0.57 15.90
CA GLY B 220 -48.26 1.63 16.78
C GLY B 220 -47.72 1.17 18.12
N ALA B 221 -47.33 -0.11 18.24
CA ALA B 221 -46.90 -0.71 19.52
C ALA B 221 -45.38 -0.84 19.59
N TRP B 222 -44.73 0.27 19.99
CA TRP B 222 -43.28 0.32 20.11
C TRP B 222 -42.83 -0.13 21.49
N LYS B 223 -41.77 -0.95 21.53
CA LYS B 223 -41.30 -1.56 22.77
C LYS B 223 -39.85 -1.18 23.04
N HIS B 224 -39.46 -1.21 24.32
CA HIS B 224 -38.08 -0.99 24.75
C HIS B 224 -37.40 -2.36 24.84
N THR B 225 -36.55 -2.69 23.86
CA THR B 225 -35.91 -4.00 23.84
C THR B 225 -34.42 -3.84 23.59
N ALA B 226 -33.70 -4.95 23.81
CA ALA B 226 -32.23 -4.90 23.78
C ALA B 226 -31.71 -4.30 22.47
N PHE B 227 -32.29 -4.72 21.34
CA PHE B 227 -31.74 -4.32 20.04
C PHE B 227 -32.73 -3.57 19.18
N GLY B 228 -33.86 -3.15 19.73
CA GLY B 228 -34.82 -2.37 18.98
C GLY B 228 -35.32 -3.04 17.72
N SER B 229 -35.48 -4.35 17.72
CA SER B 229 -36.00 -4.98 16.52
C SER B 229 -37.47 -4.58 16.28
N HIS B 230 -37.87 -4.56 15.01
CA HIS B 230 -39.25 -4.17 14.71
C HIS B 230 -39.71 -4.80 13.41
N PHE B 231 -41.01 -5.08 13.33
CA PHE B 231 -41.65 -5.46 12.06
C PHE B 231 -41.77 -4.25 11.14
N ASP B 232 -42.36 -4.47 9.95
CA ASP B 232 -42.59 -3.40 8.99
C ASP B 232 -41.29 -2.79 8.46
N THR B 233 -40.19 -3.54 8.48
CA THR B 233 -38.95 -3.06 7.90
C THR B 233 -39.13 -2.85 6.41
N PHE B 234 -38.65 -1.72 5.90
CA PHE B 234 -38.83 -1.37 4.49
C PHE B 234 -40.31 -1.33 4.11
N TYR B 235 -41.17 -1.12 5.11
CA TYR B 235 -42.63 -1.05 4.92
C TYR B 235 -43.19 -2.36 4.41
N SER B 236 -42.52 -3.44 4.73
CA SER B 236 -42.94 -4.80 4.41
C SER B 236 -43.44 -5.39 5.73
N ASP B 237 -44.76 -5.48 5.86
CA ASP B 237 -45.36 -5.82 7.16
C ASP B 237 -44.61 -6.95 7.84
N ARG B 238 -44.32 -8.02 7.10
CA ARG B 238 -43.86 -9.27 7.69
C ARG B 238 -42.36 -9.30 7.99
N TYR B 239 -41.61 -8.23 7.75
CA TYR B 239 -40.15 -8.31 7.80
C TYR B 239 -39.66 -7.73 9.13
N LEU B 240 -39.05 -8.58 9.95
CA LEU B 240 -38.50 -8.23 11.27
C LEU B 240 -36.99 -8.03 11.12
N THR B 241 -36.49 -6.86 11.51
CA THR B 241 -35.04 -6.63 11.52
C THR B 241 -34.62 -5.84 12.74
N THR B 242 -33.31 -5.80 12.97
CA THR B 242 -32.71 -4.77 13.80
C THR B 242 -31.59 -4.11 13.03
N SER B 243 -31.46 -2.80 13.22
CA SER B 243 -30.30 -2.09 12.70
C SER B 243 -29.37 -1.62 13.82
N ARG B 244 -29.61 -2.03 15.07
CA ARG B 244 -28.75 -1.59 16.18
C ARG B 244 -27.56 -2.52 16.35
N VAL B 245 -26.72 -2.51 15.31
CA VAL B 245 -25.59 -3.44 15.21
C VAL B 245 -24.56 -3.17 16.29
N LYS B 246 -24.32 -1.89 16.57
CA LYS B 246 -23.42 -1.56 17.68
C LYS B 246 -23.92 -2.16 18.98
N ALA B 247 -25.22 -2.03 19.26
CA ALA B 247 -25.76 -2.58 20.50
C ALA B 247 -25.61 -4.10 20.54
N ILE B 248 -25.87 -4.77 19.42
CA ILE B 248 -25.71 -6.21 19.34
C ILE B 248 -24.28 -6.58 19.73
N ASN B 249 -23.30 -5.91 19.12
CA ASN B 249 -21.93 -6.32 19.39
C ASN B 249 -21.51 -5.88 20.79
N ASP B 250 -22.03 -4.74 21.30
CA ASP B 250 -21.70 -4.38 22.68
C ASP B 250 -22.18 -5.44 23.67
N ALA B 251 -23.37 -6.03 23.43
CA ALA B 251 -23.85 -7.08 24.34
C ALA B 251 -22.93 -8.28 24.39
N LEU B 252 -22.16 -8.53 23.33
CA LEU B 252 -21.27 -9.68 23.25
C LEU B 252 -19.83 -9.39 23.69
N ALA B 253 -19.48 -8.12 23.94
CA ALA B 253 -18.09 -7.77 24.21
C ALA B 253 -17.61 -8.55 25.44
N GLY B 254 -16.46 -9.21 25.30
CA GLY B 254 -15.92 -10.00 26.37
C GLY B 254 -16.32 -11.45 26.34
N ILE B 255 -17.27 -11.82 25.48
CA ILE B 255 -17.58 -13.22 25.17
C ILE B 255 -16.99 -13.52 23.79
N PRO B 256 -16.29 -14.63 23.60
CA PRO B 256 -15.68 -14.87 22.29
C PRO B 256 -16.78 -15.29 21.30
N TYR B 257 -16.72 -14.74 20.09
CA TYR B 257 -17.79 -15.00 19.13
C TYR B 257 -17.29 -14.71 17.73
N GLU B 258 -17.80 -15.49 16.78
CA GLU B 258 -17.55 -15.23 15.37
C GLU B 258 -18.83 -15.13 14.57
N HIS B 259 -19.94 -15.69 15.06
CA HIS B 259 -21.21 -15.75 14.34
C HIS B 259 -22.32 -15.49 15.34
N ILE B 260 -23.38 -14.83 14.90
CA ILE B 260 -24.43 -14.38 15.80
C ILE B 260 -25.78 -14.87 15.32
N ILE B 261 -26.57 -15.42 16.23
CA ILE B 261 -27.98 -15.74 16.04
C ILE B 261 -28.73 -14.97 17.10
N ILE B 262 -29.76 -14.22 16.70
CA ILE B 262 -30.62 -13.48 17.62
C ILE B 262 -31.99 -14.13 17.64
N LEU B 263 -32.46 -14.45 18.83
CA LEU B 263 -33.80 -15.06 19.00
C LEU B 263 -34.75 -14.03 19.56
N ALA B 264 -35.87 -13.81 18.89
CA ALA B 264 -36.79 -12.78 19.30
C ALA B 264 -37.98 -13.45 20.00
N ASN B 265 -38.40 -12.87 21.12
CA ASN B 265 -39.45 -13.42 21.99
C ASN B 265 -40.83 -13.06 21.46
N THR B 266 -41.23 -13.73 20.38
CA THR B 266 -42.57 -13.50 19.83
C THR B 266 -43.03 -14.71 19.04
N GLU B 267 -44.36 -14.81 18.89
CA GLU B 267 -45.05 -15.82 18.08
C GLU B 267 -45.10 -15.46 16.60
N GLN B 268 -45.01 -14.20 16.24
CA GLN B 268 -45.20 -13.85 14.85
C GLN B 268 -44.09 -14.41 13.98
N TYR B 269 -44.41 -14.58 12.70
CA TYR B 269 -43.45 -15.02 11.71
C TYR B 269 -42.57 -13.83 11.32
N GLY B 270 -41.26 -14.04 11.30
CA GLY B 270 -40.40 -12.97 10.84
C GLY B 270 -38.94 -13.26 11.06
N GLY B 271 -38.08 -12.59 10.28
CA GLY B 271 -36.64 -12.70 10.49
C GLY B 271 -35.90 -12.88 9.18
N GLY B 272 -34.61 -13.22 9.31
CA GLY B 272 -33.79 -13.44 8.14
C GLY B 272 -32.35 -13.62 8.60
N GLY B 273 -31.50 -13.98 7.65
CA GLY B 273 -30.08 -14.12 7.92
C GLY B 273 -29.32 -13.50 6.77
N ILE B 274 -28.16 -12.93 7.08
CA ILE B 274 -27.36 -12.23 6.10
C ILE B 274 -25.92 -12.67 6.31
N TYR B 275 -25.24 -13.08 5.26
CA TYR B 275 -23.89 -13.67 5.33
C TYR B 275 -22.94 -12.82 6.17
N ASN B 276 -22.39 -13.44 7.22
CA ASN B 276 -21.45 -12.82 8.17
C ASN B 276 -21.92 -11.47 8.70
N ALA B 277 -23.24 -11.30 8.80
CA ALA B 277 -23.80 -10.25 9.61
C ALA B 277 -24.44 -10.92 10.83
N PHE B 278 -25.66 -11.42 10.70
CA PHE B 278 -26.23 -12.24 11.76
C PHE B 278 -27.52 -12.84 11.24
N THR B 279 -28.02 -13.82 12.00
CA THR B 279 -29.36 -14.37 11.84
C THR B 279 -30.27 -13.79 12.92
N LEU B 280 -31.50 -13.45 12.54
CA LEU B 280 -32.50 -13.02 13.51
C LEU B 280 -33.78 -13.80 13.21
N THR B 281 -34.38 -14.41 14.24
CA THR B 281 -35.61 -15.15 13.97
C THR B 281 -36.47 -15.22 15.24
N THR B 282 -37.78 -15.44 15.01
CA THR B 282 -38.73 -15.49 16.11
C THR B 282 -38.77 -16.89 16.71
N ALA B 283 -38.65 -16.97 18.03
CA ALA B 283 -38.44 -18.25 18.69
C ALA B 283 -39.73 -19.06 18.88
N HIS B 284 -40.90 -18.45 18.90
CA HIS B 284 -42.12 -19.18 19.25
C HIS B 284 -43.07 -19.37 18.08
N HIS B 285 -42.57 -19.24 16.85
CA HIS B 285 -43.30 -19.64 15.65
C HIS B 285 -43.26 -21.17 15.49
N PRO B 286 -44.35 -21.79 15.05
CA PRO B 286 -44.34 -23.26 14.85
C PRO B 286 -43.21 -23.75 13.93
N ASN B 287 -42.78 -22.96 12.95
CA ASN B 287 -41.69 -23.40 12.08
C ASN B 287 -40.30 -22.93 12.57
N PHE B 288 -40.18 -22.62 13.86
CA PHE B 288 -38.90 -22.12 14.39
C PHE B 288 -37.74 -23.01 13.99
N ARG B 289 -37.86 -24.32 14.21
CA ARG B 289 -36.72 -25.23 14.00
C ARG B 289 -36.17 -25.23 12.58
N PRO B 290 -36.97 -25.50 11.54
CA PRO B 290 -36.40 -25.40 10.17
C PRO B 290 -35.97 -23.99 9.80
N VAL B 291 -36.64 -22.95 10.34
CA VAL B 291 -36.38 -21.58 9.89
C VAL B 291 -35.04 -21.09 10.44
N VAL B 292 -34.77 -21.34 11.73
CA VAL B 292 -33.48 -20.90 12.26
C VAL B 292 -32.34 -21.57 11.52
N VAL B 293 -32.52 -22.82 11.10
CA VAL B 293 -31.46 -23.50 10.36
C VAL B 293 -31.31 -22.91 8.95
N HIS B 294 -32.42 -22.63 8.29
CA HIS B 294 -32.39 -21.97 6.99
C HIS B 294 -31.69 -20.62 7.08
N GLU B 295 -32.04 -19.81 8.09
CA GLU B 295 -31.39 -18.50 8.25
C GLU B 295 -29.89 -18.66 8.50
N PHE B 296 -29.51 -19.68 9.29
CA PHE B 296 -28.09 -19.91 9.52
C PHE B 296 -27.39 -20.39 8.25
N GLY B 297 -28.14 -21.06 7.37
CA GLY B 297 -27.63 -21.34 6.03
C GLY B 297 -27.15 -20.08 5.33
N HIS B 298 -27.92 -18.98 5.47
CA HIS B 298 -27.52 -17.69 4.93
C HIS B 298 -26.36 -17.08 5.71
N SER B 299 -26.54 -16.89 7.03
CA SER B 299 -25.63 -16.04 7.81
C SER B 299 -24.27 -16.71 7.97
N PHE B 300 -24.27 -18.02 8.16
CA PHE B 300 -23.05 -18.82 8.30
C PHE B 300 -22.61 -19.45 6.99
N GLY B 301 -23.55 -20.08 6.27
CA GLY B 301 -23.21 -20.79 5.05
C GLY B 301 -22.97 -19.91 3.84
N GLY B 302 -23.43 -18.65 3.88
CA GLY B 302 -23.39 -17.86 2.65
C GLY B 302 -24.27 -18.42 1.52
N LEU B 303 -25.24 -19.27 1.84
CA LEU B 303 -26.06 -19.91 0.79
C LEU B 303 -27.14 -18.98 0.30
N ALA B 304 -27.58 -19.22 -0.94
CA ALA B 304 -28.70 -18.47 -1.50
C ALA B 304 -30.01 -19.20 -1.23
N ASP B 305 -31.10 -18.46 -1.34
CA ASP B 305 -32.44 -19.06 -1.43
C ASP B 305 -32.59 -19.85 -2.72
N GLU B 306 -33.13 -21.06 -2.63
CA GLU B 306 -33.35 -21.87 -3.83
C GLU B 306 -34.79 -21.85 -4.33
N TYR B 307 -35.70 -21.16 -3.63
CA TYR B 307 -37.07 -21.01 -4.13
C TYR B 307 -37.15 -19.89 -5.17
N PHE B 308 -38.33 -19.76 -5.79
CA PHE B 308 -38.48 -18.91 -6.95
C PHE B 308 -39.95 -18.61 -7.17
N TYR B 309 -40.20 -17.54 -7.92
CA TYR B 309 -41.52 -17.02 -8.24
C TYR B 309 -41.79 -17.12 -9.74
N ASP B 310 -43.08 -17.01 -10.10
CA ASP B 310 -43.53 -17.22 -11.47
C ASP B 310 -42.94 -16.19 -12.45
N GLU B 311 -42.84 -14.92 -12.04
CA GLU B 311 -42.36 -13.89 -12.96
C GLU B 311 -42.18 -12.53 -12.29
N GLY B 316 -34.46 -9.26 -10.56
CA GLY B 316 -33.19 -8.85 -11.15
C GLY B 316 -32.01 -8.80 -10.19
N LEU B 317 -32.15 -9.45 -9.04
CA LEU B 317 -31.06 -9.45 -8.06
C LEU B 317 -29.84 -10.21 -8.57
N TYR B 318 -30.05 -11.29 -9.32
CA TYR B 318 -28.96 -12.06 -9.91
C TYR B 318 -29.00 -11.85 -11.42
N PRO B 319 -28.18 -10.96 -11.98
CA PRO B 319 -28.14 -10.81 -13.43
C PRO B 319 -27.74 -12.12 -14.11
N LEU B 320 -28.43 -12.43 -15.21
CA LEU B 320 -28.24 -13.72 -15.85
C LEU B 320 -26.88 -13.85 -16.54
N ASN B 321 -26.14 -12.77 -16.73
CA ASN B 321 -24.82 -12.82 -17.36
C ASN B 321 -23.68 -12.87 -16.36
N ILE B 322 -23.97 -13.03 -15.08
CA ILE B 322 -22.95 -13.09 -14.03
C ILE B 322 -23.13 -14.39 -13.26
N GLU B 323 -22.03 -15.10 -12.98
CA GLU B 323 -22.10 -16.26 -12.09
C GLU B 323 -22.28 -15.79 -10.64
N PRO B 324 -23.36 -16.18 -9.94
CA PRO B 324 -23.50 -15.82 -8.52
C PRO B 324 -22.30 -16.28 -7.70
N TRP B 325 -21.95 -15.53 -6.66
CA TRP B 325 -20.89 -16.04 -5.78
C TRP B 325 -21.40 -17.11 -4.83
N GLU B 326 -22.72 -17.22 -4.63
CA GLU B 326 -23.24 -18.23 -3.73
C GLU B 326 -23.10 -19.61 -4.40
N GLN B 327 -22.92 -20.63 -3.57
CA GLN B 327 -22.47 -21.94 -4.06
C GLN B 327 -23.60 -22.87 -4.47
N ASN B 328 -24.85 -22.55 -4.16
CA ASN B 328 -25.98 -23.46 -4.38
C ASN B 328 -26.95 -22.95 -5.45
N ILE B 329 -26.54 -21.94 -6.23
CA ILE B 329 -27.30 -21.49 -7.40
C ILE B 329 -26.30 -21.22 -8.50
N THR B 330 -26.73 -21.32 -9.75
CA THR B 330 -25.85 -21.01 -10.86
C THR B 330 -26.67 -20.39 -11.97
N THR B 331 -26.04 -19.51 -12.74
CA THR B 331 -26.59 -19.06 -14.02
C THR B 331 -25.93 -19.78 -15.21
N ARG B 332 -25.05 -20.74 -14.96
CA ARG B 332 -24.28 -21.45 -16.00
C ARG B 332 -23.33 -20.55 -16.75
N ILE B 333 -22.93 -19.44 -16.14
CA ILE B 333 -21.83 -18.64 -16.68
C ILE B 333 -20.50 -19.29 -16.33
N ASN B 334 -20.37 -19.76 -15.09
CA ASN B 334 -19.17 -20.47 -14.65
C ASN B 334 -19.54 -21.70 -13.83
N PHE B 335 -20.31 -22.60 -14.43
CA PHE B 335 -20.81 -23.75 -13.67
C PHE B 335 -19.67 -24.63 -13.13
N ALA B 336 -18.47 -24.55 -13.71
CA ALA B 336 -17.38 -25.40 -13.23
C ALA B 336 -16.89 -24.97 -11.85
N SER B 337 -17.07 -23.69 -11.46
CA SER B 337 -16.79 -23.28 -10.09
C SER B 337 -17.83 -23.78 -9.10
N LYS B 338 -18.93 -24.35 -9.57
CA LYS B 338 -19.98 -24.78 -8.67
C LYS B 338 -19.99 -26.31 -8.53
N TRP B 339 -21.09 -26.97 -8.86
CA TRP B 339 -21.27 -28.38 -8.54
C TRP B 339 -21.29 -29.26 -9.79
N GLU B 340 -20.77 -28.74 -10.89
CA GLU B 340 -20.60 -29.57 -12.10
C GLU B 340 -19.89 -30.88 -11.77
N ASP B 341 -18.79 -30.81 -11.00
CA ASP B 341 -18.02 -31.99 -10.62
C ASP B 341 -18.80 -32.96 -9.75
N MET B 342 -20.04 -32.68 -9.38
CA MET B 342 -20.83 -33.62 -8.62
C MET B 342 -21.91 -34.28 -9.45
N LEU B 343 -22.16 -33.79 -10.66
CA LEU B 343 -23.08 -34.44 -11.57
C LEU B 343 -22.45 -35.72 -12.11
N THR B 344 -23.27 -36.57 -12.72
CA THR B 344 -22.74 -37.69 -13.48
C THR B 344 -22.49 -37.27 -14.92
N LYS B 345 -21.63 -38.04 -15.61
CA LYS B 345 -21.25 -37.68 -16.97
C LYS B 345 -22.45 -37.52 -17.92
N THR B 346 -23.62 -38.03 -17.55
CA THR B 346 -24.76 -38.05 -18.45
C THR B 346 -25.94 -37.24 -17.94
N THR B 347 -25.84 -36.63 -16.75
CA THR B 347 -26.92 -35.82 -16.23
C THR B 347 -27.35 -34.79 -17.26
N PRO B 348 -28.64 -34.73 -17.61
CA PRO B 348 -29.10 -33.67 -18.52
C PRO B 348 -29.07 -32.32 -17.83
N VAL B 349 -28.90 -31.28 -18.63
CA VAL B 349 -28.81 -29.91 -18.12
C VAL B 349 -29.55 -28.98 -19.07
N PRO B 350 -30.71 -28.41 -18.67
CA PRO B 350 -31.38 -28.54 -17.37
C PRO B 350 -31.72 -29.99 -17.06
N THR B 351 -32.21 -30.25 -15.86
CA THR B 351 -32.65 -31.58 -15.44
C THR B 351 -34.17 -31.54 -15.40
N PRO B 352 -34.87 -32.26 -16.28
CA PRO B 352 -36.34 -32.19 -16.26
C PRO B 352 -36.88 -32.60 -14.90
N VAL B 353 -37.97 -31.94 -14.50
CA VAL B 353 -38.58 -32.25 -13.21
C VAL B 353 -39.13 -33.67 -13.21
N ALA B 354 -39.57 -34.17 -14.36
CA ALA B 354 -40.12 -35.52 -14.49
C ALA B 354 -39.07 -36.60 -14.33
N ASP B 355 -37.80 -36.24 -14.19
CA ASP B 355 -36.75 -37.23 -14.02
C ASP B 355 -36.07 -37.12 -12.65
N LYS B 356 -36.65 -36.36 -11.72
CA LYS B 356 -35.95 -36.09 -10.46
C LYS B 356 -35.63 -37.37 -9.70
N ALA B 357 -36.46 -38.41 -9.82
CA ALA B 357 -36.14 -39.68 -9.20
C ALA B 357 -34.73 -40.15 -9.62
N LYS B 358 -34.35 -39.89 -10.86
CA LYS B 358 -33.10 -40.40 -11.41
C LYS B 358 -31.89 -39.51 -11.16
N TYR B 359 -32.09 -38.27 -10.69
CA TYR B 359 -30.99 -37.32 -10.51
C TYR B 359 -31.15 -36.56 -9.19
N PRO B 360 -30.70 -37.16 -8.09
CA PRO B 360 -30.73 -36.43 -6.80
C PRO B 360 -30.03 -35.09 -6.90
N ILE B 361 -28.84 -35.06 -7.48
CA ILE B 361 -28.16 -33.82 -7.83
C ILE B 361 -28.36 -33.57 -9.32
N GLY B 362 -28.71 -32.36 -9.69
CA GLY B 362 -28.98 -32.02 -11.06
C GLY B 362 -28.80 -30.54 -11.27
N VAL B 363 -29.40 -30.03 -12.34
CA VAL B 363 -29.40 -28.59 -12.63
C VAL B 363 -30.86 -28.24 -12.88
N TYR B 364 -31.62 -27.98 -11.80
CA TYR B 364 -33.06 -27.77 -11.87
C TYR B 364 -33.34 -26.28 -12.06
N GLU B 365 -34.08 -25.95 -13.10
CA GLU B 365 -34.37 -24.55 -13.37
C GLU B 365 -35.31 -23.99 -12.31
N GLY B 366 -35.00 -22.78 -11.84
CA GLY B 366 -35.74 -22.12 -10.78
C GLY B 366 -34.86 -21.99 -9.55
N GLY B 367 -34.62 -20.76 -9.09
CA GLY B 367 -33.78 -20.54 -7.92
C GLY B 367 -33.44 -19.07 -7.85
N GLY B 368 -32.91 -18.66 -6.70
CA GLY B 368 -32.59 -17.25 -6.54
C GLY B 368 -33.72 -16.32 -6.95
N TYR B 369 -34.98 -16.72 -6.68
CA TYR B 369 -36.20 -15.93 -6.93
C TYR B 369 -36.71 -16.01 -8.36
N SER B 370 -35.90 -16.48 -9.30
CA SER B 370 -36.31 -16.50 -10.72
C SER B 370 -36.71 -17.90 -11.15
N ALA B 371 -37.90 -18.01 -11.77
CA ALA B 371 -38.31 -19.29 -12.33
C ALA B 371 -37.39 -19.70 -13.49
N LYS B 372 -36.79 -18.74 -14.18
CA LYS B 372 -36.13 -18.99 -15.46
C LYS B 372 -34.72 -18.44 -15.42
N GLY B 373 -33.75 -19.24 -15.88
CA GLY B 373 -32.40 -18.75 -16.07
C GLY B 373 -31.48 -18.89 -14.88
N ILE B 374 -31.99 -19.27 -13.72
CA ILE B 374 -31.18 -19.56 -12.54
C ILE B 374 -31.53 -20.98 -12.15
N TYR B 375 -30.53 -21.72 -11.70
CA TYR B 375 -30.70 -23.15 -11.46
C TYR B 375 -30.20 -23.51 -10.08
N ARG B 376 -30.83 -24.51 -9.50
CA ARG B 376 -30.49 -25.03 -8.19
C ARG B 376 -30.07 -26.49 -8.29
N PRO B 377 -29.41 -27.02 -7.27
CA PRO B 377 -28.75 -28.32 -7.38
C PRO B 377 -29.66 -29.51 -7.17
N ALA B 378 -30.87 -29.32 -6.64
CA ALA B 378 -31.71 -30.44 -6.28
C ALA B 378 -33.15 -29.99 -6.36
N PHE B 379 -34.06 -30.97 -6.44
CA PHE B 379 -35.46 -30.56 -6.56
C PHE B 379 -35.95 -29.83 -5.31
N ASP B 380 -35.52 -30.27 -4.13
CA ASP B 380 -35.93 -29.64 -2.90
C ASP B 380 -34.76 -29.58 -1.93
N CYS B 381 -34.88 -28.71 -0.91
CA CYS B 381 -33.76 -28.40 -0.02
C CYS B 381 -34.29 -27.53 1.11
N ARG B 382 -33.61 -27.63 2.25
CA ARG B 382 -33.83 -26.68 3.32
C ARG B 382 -33.81 -25.23 2.82
N MET B 383 -32.99 -24.92 1.80
CA MET B 383 -32.91 -23.54 1.32
C MET B 383 -34.06 -23.19 0.40
N ARG B 384 -34.95 -24.14 0.14
CA ARG B 384 -36.11 -23.89 -0.68
C ARG B 384 -37.43 -23.91 0.10
N THR B 385 -37.60 -24.83 1.05
CA THR B 385 -38.90 -24.99 1.73
C THR B 385 -38.68 -25.45 3.16
N ASN B 386 -39.60 -25.03 4.06
CA ASN B 386 -39.47 -25.42 5.47
C ASN B 386 -39.81 -26.89 5.70
N GLU B 387 -40.66 -27.49 4.84
CA GLU B 387 -41.15 -28.86 5.12
C GLU B 387 -40.16 -29.94 4.70
N TYR B 388 -39.24 -29.65 3.81
CA TYR B 388 -38.24 -30.63 3.44
C TYR B 388 -37.20 -30.76 4.56
N PRO B 389 -36.72 -31.98 4.86
CA PRO B 389 -35.98 -32.22 6.11
C PRO B 389 -34.49 -31.91 6.06
N THR B 390 -33.86 -31.73 4.91
CA THR B 390 -32.40 -31.61 4.91
C THR B 390 -31.93 -30.53 3.93
N PHE B 391 -30.69 -30.10 4.14
CA PHE B 391 -29.92 -29.46 3.09
C PHE B 391 -29.69 -30.44 1.95
N CYS B 392 -29.80 -29.94 0.71
CA CYS B 392 -29.44 -30.73 -0.47
C CYS B 392 -27.93 -31.06 -0.43
N PRO B 393 -27.48 -32.05 -1.22
CA PRO B 393 -26.08 -32.49 -1.07
C PRO B 393 -25.06 -31.41 -1.46
N VAL B 394 -25.43 -30.53 -2.38
CA VAL B 394 -24.56 -29.41 -2.74
C VAL B 394 -24.45 -28.41 -1.59
N CYS B 395 -25.58 -28.05 -0.98
CA CYS B 395 -25.51 -27.18 0.20
C CYS B 395 -24.70 -27.83 1.32
N GLN B 396 -24.85 -29.14 1.52
CA GLN B 396 -24.09 -29.78 2.58
C GLN B 396 -22.60 -29.69 2.32
N ARG B 397 -22.19 -29.92 1.07
CA ARG B 397 -20.78 -29.77 0.77
C ARG B 397 -20.34 -28.33 0.94
N ALA B 398 -21.17 -27.35 0.51
CA ALA B 398 -20.82 -25.95 0.71
C ALA B 398 -20.60 -25.65 2.21
N ILE B 399 -21.51 -26.10 3.07
CA ILE B 399 -21.35 -25.85 4.50
C ILE B 399 -20.10 -26.55 5.03
N GLN B 400 -19.86 -27.79 4.59
CA GLN B 400 -18.68 -28.54 5.02
C GLN B 400 -17.42 -27.77 4.71
N ARG B 401 -17.32 -27.23 3.51
CA ARG B 401 -16.15 -26.45 3.12
C ARG B 401 -15.96 -25.22 4.00
N ILE B 402 -17.05 -24.54 4.39
CA ILE B 402 -16.91 -23.40 5.32
C ILE B 402 -16.32 -23.88 6.65
N ILE B 403 -16.89 -24.94 7.20
CA ILE B 403 -16.40 -25.46 8.47
C ILE B 403 -14.93 -25.83 8.35
N GLU B 404 -14.54 -26.50 7.26
CA GLU B 404 -13.14 -26.92 7.11
C GLU B 404 -12.21 -25.73 6.88
N PHE B 405 -12.68 -24.71 6.17
CA PHE B 405 -11.88 -23.50 6.01
C PHE B 405 -11.48 -22.93 7.37
N TYR B 406 -12.45 -22.84 8.29
CA TYR B 406 -12.16 -22.26 9.60
C TYR B 406 -11.43 -23.22 10.53
N THR B 407 -11.69 -24.53 10.45
CA THR B 407 -11.17 -25.47 11.45
C THR B 407 -10.31 -26.58 10.86
N GLY B 408 -9.97 -26.54 9.59
CA GLY B 408 -9.15 -27.56 8.98
C GLY B 408 -9.96 -28.76 8.48
N LYS B 409 -9.35 -29.49 7.55
CA LYS B 409 -10.02 -30.66 6.98
C LYS B 409 -10.06 -31.78 8.02
N ASN C 4 21.54 -52.98 -36.48
CA ASN C 4 21.78 -52.01 -37.54
C ASN C 4 20.78 -50.84 -37.57
N PHE C 5 21.31 -49.64 -37.86
CA PHE C 5 20.46 -48.44 -37.95
C PHE C 5 19.37 -48.61 -38.98
N SER C 6 19.70 -49.15 -40.15
CA SER C 6 18.75 -49.33 -41.24
C SER C 6 17.76 -50.47 -41.00
N ASP C 7 17.89 -51.22 -39.91
CA ASP C 7 16.80 -52.10 -39.53
C ASP C 7 15.52 -51.34 -39.23
N TYR C 8 15.64 -50.11 -38.71
CA TYR C 8 14.48 -49.35 -38.25
C TYR C 8 14.34 -47.98 -38.87
N PHE C 9 15.38 -47.42 -39.49
CA PHE C 9 15.38 -46.05 -39.96
C PHE C 9 15.83 -45.91 -41.39
N THR C 10 15.25 -44.92 -42.05
CA THR C 10 15.77 -44.43 -43.31
C THR C 10 16.73 -43.29 -43.01
N ASN C 11 17.38 -42.79 -44.05
CA ASN C 11 18.35 -41.69 -43.87
C ASN C 11 17.67 -40.32 -43.98
N LYS C 12 16.54 -40.16 -43.30
CA LYS C 12 15.82 -38.90 -43.27
C LYS C 12 15.59 -38.53 -41.81
N THR C 13 15.15 -37.30 -41.57
CA THR C 13 14.85 -36.83 -40.23
C THR C 13 13.34 -36.69 -40.06
N LEU C 14 12.84 -37.18 -38.95
CA LEU C 14 11.49 -36.85 -38.51
C LEU C 14 11.61 -35.72 -37.49
N ARG C 15 11.16 -34.54 -37.86
CA ARG C 15 11.12 -33.42 -36.95
C ARG C 15 9.75 -33.33 -36.30
N ILE C 16 9.71 -33.22 -34.99
CA ILE C 16 8.43 -33.08 -34.27
C ILE C 16 8.45 -31.79 -33.49
N ASP C 17 7.45 -30.95 -33.75
CA ASP C 17 7.22 -29.73 -33.00
C ASP C 17 6.12 -29.97 -31.97
N TYR C 18 6.39 -29.63 -30.73
CA TYR C 18 5.45 -29.73 -29.61
C TYR C 18 5.18 -28.37 -28.99
N LEU C 19 4.06 -28.27 -28.33
CA LEU C 19 3.74 -27.14 -27.48
C LEU C 19 3.80 -27.65 -26.04
N PHE C 20 4.60 -27.00 -25.20
CA PHE C 20 4.58 -27.19 -23.76
C PHE C 20 3.74 -26.07 -23.14
N THR C 21 2.70 -26.43 -22.38
CA THR C 21 1.83 -25.43 -21.78
C THR C 21 1.65 -25.71 -20.30
N GLY C 22 1.46 -24.64 -19.54
CA GLY C 22 1.05 -24.80 -18.15
C GLY C 22 1.37 -23.57 -17.33
N ASN C 23 1.32 -23.77 -16.03
CA ASN C 23 1.61 -22.77 -15.02
C ASN C 23 2.31 -23.53 -13.92
N ALA C 24 2.57 -22.87 -12.80
CA ALA C 24 3.33 -23.52 -11.74
C ALA C 24 2.61 -24.72 -11.12
N ASP C 25 1.30 -24.85 -11.33
CA ASP C 25 0.53 -25.93 -10.73
C ASP C 25 0.35 -27.14 -11.65
N LYS C 26 0.27 -26.94 -12.97
CA LYS C 26 -0.09 -28.03 -13.86
C LYS C 26 0.54 -27.76 -15.23
N GLN C 27 0.97 -28.82 -15.90
CA GLN C 27 1.60 -28.70 -17.21
C GLN C 27 1.08 -29.78 -18.14
N SER C 28 1.17 -29.53 -19.45
CA SER C 28 0.79 -30.54 -20.42
C SER C 28 1.60 -30.35 -21.69
N ILE C 29 1.58 -31.37 -22.54
CA ILE C 29 2.25 -31.38 -23.83
C ILE C 29 1.23 -31.66 -24.91
N CYS C 30 1.28 -30.90 -25.99
CA CYS C 30 0.55 -31.33 -27.16
C CYS C 30 1.39 -31.25 -28.42
N LEU C 31 1.02 -32.11 -29.36
CA LEU C 31 1.64 -32.15 -30.67
C LEU C 31 1.22 -30.96 -31.49
N ASP C 32 2.20 -30.35 -32.15
CA ASP C 32 1.96 -29.25 -33.07
C ASP C 32 2.03 -29.73 -34.52
N GLU C 33 3.19 -30.22 -34.96
CA GLU C 33 3.36 -30.59 -36.37
C GLU C 33 4.46 -31.64 -36.51
N LEU C 34 4.33 -32.51 -37.51
CA LEU C 34 5.40 -33.41 -37.92
C LEU C 34 5.97 -32.93 -39.23
N SER C 35 7.30 -33.08 -39.39
CA SER C 35 8.02 -32.64 -40.57
C SER C 35 9.04 -33.69 -40.96
N GLU C 36 9.41 -33.68 -42.23
CA GLU C 36 10.45 -34.55 -42.78
C GLU C 36 11.59 -33.69 -43.33
N LEU C 37 12.81 -33.97 -42.89
CA LEU C 37 13.98 -33.31 -43.45
C LEU C 37 14.82 -34.32 -44.23
N PRO C 38 15.56 -33.86 -45.23
CA PRO C 38 16.08 -34.80 -46.24
C PRO C 38 17.20 -35.70 -45.77
N VAL C 39 17.90 -35.41 -44.68
CA VAL C 39 18.94 -36.33 -44.21
C VAL C 39 18.89 -36.43 -42.69
N TRP C 40 19.33 -37.58 -42.17
CA TRP C 40 19.51 -37.76 -40.73
C TRP C 40 20.95 -37.38 -40.38
N ALA C 41 21.08 -36.26 -39.67
CA ALA C 41 22.38 -35.74 -39.29
C ALA C 41 22.82 -36.17 -37.91
N GLY C 42 22.00 -36.88 -37.15
CA GLY C 42 22.31 -37.26 -35.78
C GLY C 42 23.15 -38.53 -35.72
N ARG C 43 23.14 -39.16 -34.53
CA ARG C 43 23.97 -40.32 -34.31
C ARG C 43 23.35 -41.59 -34.89
N ARG C 44 24.22 -42.57 -35.13
CA ARG C 44 23.80 -43.87 -35.65
C ARG C 44 24.20 -45.03 -34.75
N HIS C 45 24.66 -44.75 -33.55
CA HIS C 45 24.93 -45.78 -32.57
C HIS C 45 24.52 -45.23 -31.20
N HIS C 46 24.49 -46.13 -30.20
CA HIS C 46 23.98 -45.82 -28.87
C HIS C 46 22.55 -45.27 -28.95
N LEU C 47 21.74 -45.85 -29.83
CA LEU C 47 20.42 -45.27 -30.08
C LEU C 47 19.47 -45.40 -28.90
N SER C 48 19.70 -46.32 -27.97
CA SER C 48 18.76 -46.50 -26.87
C SER C 48 19.32 -46.04 -25.53
N GLU C 49 20.48 -45.39 -25.54
CA GLU C 49 21.06 -44.80 -24.34
C GLU C 49 21.09 -43.26 -24.44
N LEU C 50 21.15 -42.64 -23.29
CA LEU C 50 21.24 -41.17 -23.16
C LEU C 50 22.58 -40.75 -22.60
N PRO C 51 23.16 -39.68 -23.13
CA PRO C 51 24.39 -39.13 -22.52
C PRO C 51 24.15 -38.40 -21.23
N LEU C 52 22.96 -37.78 -21.06
CA LEU C 52 22.56 -37.04 -19.88
C LEU C 52 21.06 -37.21 -19.70
N GLU C 53 20.59 -37.01 -18.48
CA GLU C 53 19.16 -37.22 -18.24
C GLU C 53 18.34 -36.05 -18.80
N GLY C 54 18.89 -34.83 -18.75
CA GLY C 54 18.13 -33.64 -19.08
C GLY C 54 16.95 -33.42 -18.14
N ASN C 55 16.16 -32.39 -18.43
CA ASN C 55 14.89 -32.18 -17.74
C ASN C 55 13.71 -32.76 -18.48
N GLY C 56 13.93 -33.27 -19.68
CA GLY C 56 12.90 -34.02 -20.37
C GLY C 56 13.59 -35.03 -21.26
N GLN C 57 12.82 -36.06 -21.61
CA GLN C 57 13.30 -37.18 -22.40
C GLN C 57 12.29 -37.51 -23.49
N ILE C 58 12.80 -37.91 -24.65
CA ILE C 58 11.98 -38.49 -25.70
C ILE C 58 12.42 -39.93 -25.91
N VAL C 59 11.45 -40.83 -26.02
CA VAL C 59 11.70 -42.24 -26.27
C VAL C 59 10.87 -42.65 -27.47
N MET C 60 11.53 -43.24 -28.48
CA MET C 60 10.86 -43.75 -29.66
C MET C 60 10.85 -45.27 -29.58
N ARG C 61 9.68 -45.89 -29.78
CA ARG C 61 9.55 -47.35 -29.72
C ARG C 61 8.91 -47.88 -31.00
N ASP C 62 9.40 -49.00 -31.50
CA ASP C 62 8.73 -49.68 -32.60
C ASP C 62 7.39 -50.21 -32.10
N VAL C 63 6.32 -49.96 -32.85
CA VAL C 63 4.98 -50.37 -32.38
C VAL C 63 4.90 -51.89 -32.33
N ALA C 64 5.38 -52.55 -33.38
CA ALA C 64 5.28 -54.01 -33.49
C ALA C 64 5.88 -54.72 -32.27
N SER C 65 7.15 -54.44 -31.96
CA SER C 65 7.88 -55.18 -30.93
C SER C 65 7.98 -54.46 -29.58
N GLY C 66 7.62 -53.19 -29.50
CA GLY C 66 7.79 -52.44 -28.28
C GLY C 66 9.20 -51.98 -27.98
N LYS C 67 10.17 -52.29 -28.85
CA LYS C 67 11.58 -52.04 -28.58
C LYS C 67 11.95 -50.56 -28.72
N VAL C 68 12.80 -50.08 -27.81
CA VAL C 68 13.29 -48.71 -27.87
C VAL C 68 14.27 -48.60 -29.02
N ILE C 69 13.94 -47.77 -30.02
CA ILE C 69 14.80 -47.61 -31.18
C ILE C 69 15.51 -46.25 -31.24
N TYR C 70 15.07 -45.24 -30.50
CA TYR C 70 15.81 -44.00 -30.38
C TYR C 70 15.41 -43.29 -29.10
N THR C 71 16.36 -42.56 -28.52
CA THR C 71 16.08 -41.71 -27.38
C THR C 71 16.98 -40.47 -27.39
N THR C 72 16.45 -39.40 -26.83
CA THR C 72 17.22 -38.18 -26.61
C THR C 72 16.62 -37.44 -25.44
N SER C 73 17.36 -36.45 -24.94
CA SER C 73 16.93 -35.62 -23.83
C SER C 73 17.31 -34.17 -24.08
N PHE C 74 16.81 -33.29 -23.22
CA PHE C 74 16.82 -31.86 -23.48
C PHE C 74 16.42 -31.14 -22.22
N SER C 75 16.56 -29.82 -22.26
CA SER C 75 15.88 -28.91 -21.37
C SER C 75 15.10 -27.96 -22.25
N SER C 76 14.41 -27.01 -21.61
CA SER C 76 13.53 -26.12 -22.36
C SER C 76 13.33 -24.81 -21.63
N LEU C 77 13.07 -23.78 -22.42
CA LEU C 77 12.76 -22.47 -21.85
C LEU C 77 11.49 -22.54 -20.98
N PHE C 78 10.52 -23.35 -21.40
CA PHE C 78 9.30 -23.56 -20.60
C PHE C 78 9.61 -24.01 -19.18
N GLN C 79 10.51 -24.98 -19.05
CA GLN C 79 10.78 -25.54 -17.72
C GLN C 79 11.51 -24.54 -16.84
N GLU C 80 12.31 -23.65 -17.43
CA GLU C 80 12.85 -22.57 -16.60
C GLU C 80 11.78 -21.56 -16.23
N TRP C 81 10.89 -21.24 -17.19
CA TRP C 81 9.83 -20.26 -16.94
C TRP C 81 8.96 -20.69 -15.75
N LEU C 82 8.76 -21.99 -15.61
CA LEU C 82 7.91 -22.53 -14.56
C LEU C 82 8.39 -22.19 -13.18
N GLU C 83 9.67 -21.85 -13.04
CA GLU C 83 10.20 -21.47 -11.75
C GLU C 83 10.12 -19.97 -11.51
N THR C 84 9.62 -19.18 -12.46
CA THR C 84 9.56 -17.74 -12.27
C THR C 84 8.21 -17.32 -11.67
N ASP C 85 8.15 -16.06 -11.25
CA ASP C 85 6.95 -15.55 -10.60
C ASP C 85 5.77 -15.47 -11.58
N GLU C 86 6.04 -15.18 -12.86
CA GLU C 86 4.93 -15.11 -13.79
CA GLU C 86 5.00 -15.16 -13.90
C GLU C 86 4.14 -16.42 -13.86
N ALA C 87 4.78 -17.58 -13.66
CA ALA C 87 4.07 -18.85 -13.77
C ALA C 87 3.10 -19.12 -12.62
N LYS C 88 3.12 -18.30 -11.58
CA LYS C 88 2.08 -18.37 -10.55
C LYS C 88 0.86 -17.53 -10.89
N GLU C 89 0.92 -16.74 -11.96
CA GLU C 89 -0.14 -15.79 -12.30
C GLU C 89 -0.80 -16.03 -13.66
N VAL C 90 -0.18 -16.77 -14.57
CA VAL C 90 -0.77 -17.00 -15.88
C VAL C 90 -0.31 -18.34 -16.42
N THR C 91 -1.08 -18.86 -17.38
CA THR C 91 -0.71 -20.07 -18.10
C THR C 91 -0.17 -19.69 -19.47
N LYS C 92 1.03 -20.16 -19.80
CA LYS C 92 1.64 -19.84 -21.07
C LYS C 92 2.00 -21.10 -21.83
N GLY C 93 2.24 -20.93 -23.12
CA GLY C 93 2.62 -22.04 -23.98
C GLY C 93 3.85 -21.69 -24.79
N PHE C 94 4.66 -22.72 -25.04
CA PHE C 94 5.99 -22.57 -25.65
C PHE C 94 6.20 -23.62 -26.73
N GLU C 95 6.83 -23.18 -27.85
CA GLU C 95 7.24 -24.06 -28.94
C GLU C 95 8.54 -24.82 -28.64
N ASN C 96 8.57 -26.09 -29.02
CA ASN C 96 9.78 -26.90 -28.88
C ASN C 96 9.87 -27.90 -30.02
N THR C 97 11.08 -28.10 -30.54
CA THR C 97 11.33 -28.92 -31.71
C THR C 97 12.39 -29.96 -31.39
N TYR C 98 12.20 -31.19 -31.87
CA TYR C 98 13.17 -32.29 -31.69
C TYR C 98 13.33 -33.04 -33.00
N LEU C 99 14.57 -33.45 -33.27
CA LEU C 99 14.91 -34.20 -34.47
C LEU C 99 15.04 -35.68 -34.09
N LEU C 100 14.38 -36.54 -34.83
CA LEU C 100 14.48 -37.98 -34.66
C LEU C 100 14.78 -38.64 -35.99
N PRO C 101 15.37 -39.82 -35.98
CA PRO C 101 15.55 -40.54 -37.25
C PRO C 101 14.20 -41.01 -37.76
N TYR C 102 14.04 -40.97 -39.07
CA TYR C 102 12.74 -41.24 -39.68
C TYR C 102 12.48 -42.73 -39.74
N PRO C 103 11.40 -43.23 -39.11
CA PRO C 103 11.22 -44.68 -39.01
C PRO C 103 10.68 -45.30 -40.29
N ILE C 104 11.03 -46.58 -40.49
CA ILE C 104 10.50 -47.36 -41.61
C ILE C 104 9.06 -47.79 -41.34
N LYS C 105 8.81 -48.28 -40.13
CA LYS C 105 7.52 -48.80 -39.67
C LYS C 105 6.98 -47.91 -38.56
N PRO C 106 5.65 -47.91 -38.34
CA PRO C 106 5.08 -47.03 -37.32
C PRO C 106 5.82 -47.12 -35.99
N ALA C 107 5.94 -45.97 -35.32
CA ALA C 107 6.64 -45.90 -34.04
C ALA C 107 5.81 -45.10 -33.06
N GLU C 108 5.91 -45.48 -31.79
CA GLU C 108 5.29 -44.73 -30.71
C GLU C 108 6.34 -43.81 -30.10
N VAL C 109 6.04 -42.52 -30.03
CA VAL C 109 6.93 -41.53 -29.43
C VAL C 109 6.34 -41.14 -28.08
N GLU C 110 7.15 -41.26 -27.04
CA GLU C 110 6.78 -40.82 -25.70
C GLU C 110 7.69 -39.67 -25.28
N ILE C 111 7.10 -38.49 -25.03
CA ILE C 111 7.85 -37.35 -24.52
C ILE C 111 7.41 -37.08 -23.09
N THR C 112 8.40 -36.89 -22.21
CA THR C 112 8.18 -36.72 -20.78
C THR C 112 8.93 -35.48 -20.29
N LEU C 113 8.25 -34.64 -19.52
CA LEU C 113 8.88 -33.54 -18.82
C LEU C 113 8.98 -33.92 -17.35
N ARG C 114 10.08 -33.55 -16.72
CA ARG C 114 10.24 -33.74 -15.29
C ARG C 114 10.50 -32.40 -14.61
N ASN C 115 10.07 -32.28 -13.37
CA ASN C 115 10.27 -31.07 -12.58
C ASN C 115 11.64 -31.15 -11.89
N ASN C 116 11.96 -30.14 -11.06
CA ASN C 116 13.28 -30.02 -10.45
C ASN C 116 13.55 -31.06 -9.37
N LYS C 117 12.51 -31.75 -8.87
CA LYS C 117 12.65 -32.94 -8.06
C LYS C 117 12.80 -34.20 -8.90
N ARG C 118 12.97 -34.01 -10.21
CA ARG C 118 13.21 -35.09 -11.17
C ARG C 118 12.08 -36.12 -11.14
N GLU C 119 10.87 -35.65 -10.88
CA GLU C 119 9.65 -36.44 -11.01
C GLU C 119 8.85 -36.00 -12.25
N VAL C 120 8.01 -36.92 -12.75
CA VAL C 120 7.28 -36.65 -13.99
C VAL C 120 6.23 -35.59 -13.77
N SER C 121 6.19 -34.60 -14.66
CA SER C 121 5.23 -33.52 -14.59
C SER C 121 4.33 -33.42 -15.84
N ALA C 122 4.75 -33.95 -16.97
CA ALA C 122 3.86 -34.06 -18.13
C ALA C 122 4.36 -35.19 -19.02
N ASN C 123 3.43 -35.79 -19.75
CA ASN C 123 3.72 -36.97 -20.57
C ASN C 123 2.78 -36.97 -21.76
N LEU C 124 3.31 -37.31 -22.93
CA LEU C 124 2.49 -37.53 -24.11
C LEU C 124 3.08 -38.71 -24.87
N LYS C 125 2.23 -39.65 -25.24
CA LYS C 125 2.55 -40.74 -26.14
C LYS C 125 1.74 -40.56 -27.42
N HIS C 126 2.35 -40.78 -28.56
CA HIS C 126 1.61 -40.67 -29.80
C HIS C 126 2.30 -41.50 -30.86
N VAL C 127 1.53 -41.91 -31.85
CA VAL C 127 2.00 -42.84 -32.86
C VAL C 127 2.24 -42.06 -34.14
N VAL C 128 3.42 -42.29 -34.73
CA VAL C 128 3.83 -41.65 -35.98
C VAL C 128 3.80 -42.73 -37.03
N LYS C 129 2.99 -42.54 -38.06
CA LYS C 129 2.92 -43.44 -39.20
C LYS C 129 3.75 -42.87 -40.33
N PRO C 130 4.74 -43.61 -40.82
CA PRO C 130 5.70 -43.01 -41.76
C PRO C 130 5.09 -42.55 -43.07
N ASP C 131 3.90 -43.01 -43.45
CA ASP C 131 3.25 -42.62 -44.68
C ASP C 131 2.11 -41.63 -44.48
N ASP C 132 1.97 -41.05 -43.28
CA ASP C 132 1.02 -39.98 -43.02
C ASP C 132 1.25 -38.78 -43.93
N ILE C 133 0.19 -38.35 -44.64
CA ILE C 133 0.36 -37.35 -45.65
C ILE C 133 0.56 -35.94 -45.07
N LEU C 134 0.19 -35.68 -43.82
CA LEU C 134 0.40 -34.36 -43.23
C LEU C 134 1.79 -34.23 -42.61
N ILE C 135 2.67 -35.20 -42.82
CA ILE C 135 4.07 -34.95 -42.50
C ILE C 135 4.61 -33.99 -43.54
N HIS C 136 4.92 -32.78 -43.10
CA HIS C 136 5.31 -31.66 -43.96
C HIS C 136 6.73 -31.86 -44.47
N LYS C 137 6.92 -31.95 -45.77
CA LYS C 137 8.25 -32.21 -46.32
C LYS C 137 8.96 -30.88 -46.48
N LYS C 138 10.08 -30.73 -45.79
CA LYS C 138 10.80 -29.48 -45.72
C LYS C 138 12.22 -29.69 -46.22
N GLY C 139 12.90 -28.57 -46.47
CA GLY C 139 14.32 -28.61 -46.80
C GLY C 139 14.61 -28.99 -48.24
N LEU C 140 13.61 -28.90 -49.12
CA LEU C 140 13.77 -29.22 -50.54
C LEU C 140 14.06 -28.00 -51.39
N THR C 141 13.40 -26.88 -51.11
CA THR C 141 13.60 -25.66 -51.87
C THR C 141 13.82 -24.47 -50.93
N HIS C 142 14.29 -23.37 -51.52
CA HIS C 142 14.47 -22.09 -50.83
C HIS C 142 15.35 -22.25 -49.59
N ILE C 143 16.40 -23.07 -49.70
CA ILE C 143 17.29 -23.30 -48.55
C ILE C 143 18.09 -22.03 -48.23
N THR C 144 18.06 -21.62 -46.95
CA THR C 144 18.74 -20.38 -46.56
C THR C 144 20.20 -20.40 -47.03
N PRO C 145 20.71 -19.30 -47.56
CA PRO C 145 22.12 -19.24 -47.95
C PRO C 145 23.06 -19.54 -46.78
N HIS C 146 24.16 -20.23 -47.08
CA HIS C 146 25.02 -20.69 -46.02
C HIS C 146 26.43 -20.96 -46.55
N LYS C 147 27.38 -21.00 -45.62
CA LYS C 147 28.76 -21.32 -45.95
C LYS C 147 29.32 -22.23 -44.88
N TYR C 148 30.07 -23.26 -45.27
CA TYR C 148 30.78 -24.08 -44.30
C TYR C 148 32.02 -23.35 -43.83
N LEU C 149 32.18 -23.26 -42.50
CA LEU C 149 33.41 -22.73 -41.91
C LEU C 149 34.38 -23.84 -41.56
N LEU C 150 33.88 -25.02 -41.28
CA LEU C 150 34.71 -26.18 -40.97
C LEU C 150 33.97 -27.40 -41.46
N LYS C 151 34.62 -28.24 -42.26
CA LYS C 151 33.99 -29.45 -42.79
C LYS C 151 34.97 -30.60 -42.59
N SER C 152 34.87 -31.24 -41.42
CA SER C 152 35.74 -32.34 -41.04
C SER C 152 35.30 -33.69 -41.60
N GLY C 153 34.10 -33.78 -42.15
CA GLY C 153 33.59 -35.07 -42.63
C GLY C 153 32.14 -34.88 -43.04
N ASN C 154 31.51 -36.00 -43.40
CA ASN C 154 30.10 -35.85 -43.75
C ASN C 154 29.26 -35.82 -42.47
N GLU C 155 27.97 -35.49 -42.65
CA GLU C 155 27.09 -35.27 -41.51
C GLU C 155 26.83 -36.53 -40.69
N GLU C 156 27.07 -37.70 -41.26
CA GLU C 156 26.87 -38.95 -40.55
C GLU C 156 28.03 -39.29 -39.62
N GLN C 157 29.23 -38.77 -39.88
CA GLN C 157 30.38 -39.05 -39.06
C GLN C 157 30.61 -38.01 -37.96
N CYS C 158 30.35 -36.75 -38.26
CA CYS C 158 30.75 -35.62 -37.43
C CYS C 158 29.55 -34.93 -36.76
N ILE C 159 29.83 -34.18 -35.71
CA ILE C 159 28.81 -33.34 -35.05
C ILE C 159 28.58 -32.08 -35.87
N ASP C 160 27.34 -31.87 -36.31
CA ASP C 160 26.98 -30.71 -37.12
C ASP C 160 26.43 -29.56 -36.27
N VAL C 161 27.10 -28.42 -36.33
CA VAL C 161 26.70 -27.23 -35.60
C VAL C 161 26.38 -26.14 -36.61
N ALA C 162 25.16 -25.62 -36.54
CA ALA C 162 24.75 -24.50 -37.37
C ALA C 162 24.80 -23.23 -36.55
N ILE C 163 25.36 -22.19 -37.15
CA ILE C 163 25.39 -20.85 -36.58
C ILE C 163 24.46 -19.97 -37.41
N LEU C 164 23.44 -19.39 -36.76
CA LEU C 164 22.44 -18.60 -37.45
C LEU C 164 22.65 -17.11 -37.18
N ALA C 165 22.14 -16.29 -38.10
CA ALA C 165 22.20 -14.84 -37.99
C ALA C 165 20.90 -14.25 -37.45
N GLU C 166 21.00 -13.43 -36.42
CA GLU C 166 19.86 -12.71 -35.86
C GLU C 166 20.16 -11.23 -35.79
N GLY C 167 19.28 -10.43 -36.36
CA GLY C 167 19.49 -9.01 -36.36
C GLY C 167 20.47 -8.52 -37.40
N TYR C 168 20.82 -9.34 -38.38
CA TYR C 168 21.63 -8.92 -39.50
C TYR C 168 20.77 -8.76 -40.75
N THR C 169 20.83 -7.58 -41.36
CA THR C 169 20.11 -7.41 -42.61
C THR C 169 20.90 -8.03 -43.76
N THR C 170 20.31 -8.06 -44.95
CA THR C 170 21.04 -8.61 -46.11
C THR C 170 22.36 -7.89 -46.36
N SER C 171 22.38 -6.58 -46.15
CA SER C 171 23.61 -5.84 -46.39
C SER C 171 24.69 -6.06 -45.32
N GLU C 172 24.37 -6.74 -44.21
CA GLU C 172 25.31 -6.88 -43.11
C GLU C 172 25.89 -8.30 -43.02
N MET C 173 25.69 -9.12 -44.05
CA MET C 173 26.01 -10.54 -43.92
C MET C 173 27.51 -10.80 -43.96
N GLU C 174 28.29 -9.93 -44.62
CA GLU C 174 29.75 -10.07 -44.50
C GLU C 174 30.17 -9.95 -43.05
N THR C 175 29.55 -9.01 -42.29
CA THR C 175 29.86 -8.91 -40.86
C THR C 175 29.44 -10.18 -40.14
N PHE C 176 28.27 -10.75 -40.49
CA PHE C 176 27.83 -11.99 -39.85
C PHE C 176 28.85 -13.10 -40.05
N TYR C 177 29.31 -13.30 -41.28
CA TYR C 177 30.22 -14.39 -41.53
C TYR C 177 31.54 -14.22 -40.80
N LYS C 178 31.98 -12.96 -40.62
CA LYS C 178 33.16 -12.69 -39.81
C LYS C 178 32.93 -13.05 -38.34
N ASP C 179 31.75 -12.70 -37.80
CA ASP C 179 31.40 -13.01 -36.42
C ASP C 179 31.30 -14.51 -36.19
N ALA C 180 30.73 -15.23 -37.17
CA ALA C 180 30.63 -16.69 -37.07
C ALA C 180 31.99 -17.32 -37.00
N ALA C 181 32.95 -16.77 -37.75
CA ALA C 181 34.32 -17.24 -37.71
C ALA C 181 35.00 -16.92 -36.38
N ILE C 182 34.70 -15.76 -35.79
CA ILE C 182 35.21 -15.49 -34.45
C ILE C 182 34.64 -16.50 -33.45
N ALA C 183 33.37 -16.82 -33.57
CA ALA C 183 32.78 -17.75 -32.61
C ALA C 183 33.39 -19.14 -32.76
N CYS C 184 33.54 -19.62 -34.01
CA CYS C 184 34.16 -20.91 -34.25
C CYS C 184 35.57 -20.95 -33.67
N GLU C 185 36.32 -19.86 -33.88
CA GLU C 185 37.68 -19.76 -33.35
C GLU C 185 37.68 -19.78 -31.82
N ALA C 186 36.72 -19.09 -31.21
CA ALA C 186 36.68 -19.11 -29.75
C ALA C 186 36.38 -20.52 -29.24
N LEU C 187 35.44 -21.20 -29.87
CA LEU C 187 35.09 -22.55 -29.46
C LEU C 187 36.31 -23.47 -29.52
N PHE C 188 37.01 -23.49 -30.64
CA PHE C 188 38.11 -24.42 -30.80
C PHE C 188 39.41 -23.90 -30.21
N SER C 189 39.35 -22.86 -29.38
CA SER C 189 40.47 -22.49 -28.52
C SER C 189 40.28 -22.94 -27.07
N HIS C 190 39.13 -23.57 -26.74
CA HIS C 190 38.97 -24.23 -25.46
C HIS C 190 39.10 -25.75 -25.64
N GLU C 191 39.86 -26.38 -24.76
CA GLU C 191 39.78 -27.83 -24.61
C GLU C 191 38.45 -28.21 -23.95
N PRO C 192 37.88 -29.36 -24.31
CA PRO C 192 38.44 -30.35 -25.24
C PRO C 192 38.10 -30.09 -26.69
N PHE C 193 37.33 -29.04 -27.03
CA PHE C 193 37.00 -28.81 -28.43
C PHE C 193 38.26 -28.71 -29.27
N GLN C 194 39.30 -28.08 -28.72
CA GLN C 194 40.52 -27.81 -29.50
C GLN C 194 41.10 -29.09 -30.08
N SER C 195 41.31 -30.09 -29.25
CA SER C 195 41.87 -31.37 -29.66
C SER C 195 40.88 -32.24 -30.41
N MET C 196 39.58 -31.99 -30.26
CA MET C 196 38.56 -32.76 -30.96
C MET C 196 38.00 -32.03 -32.17
N LYS C 197 38.75 -31.09 -32.74
CA LYS C 197 38.19 -30.24 -33.78
C LYS C 197 37.76 -31.05 -35.00
N ASN C 198 38.45 -32.13 -35.30
CA ASN C 198 38.13 -32.89 -36.50
C ASN C 198 36.85 -33.72 -36.37
N ARG C 199 36.17 -33.68 -35.23
CA ARG C 199 34.87 -34.32 -35.07
C ARG C 199 33.69 -33.41 -35.44
N PHE C 200 33.93 -32.18 -35.86
CA PHE C 200 32.90 -31.16 -35.98
C PHE C 200 32.79 -30.62 -37.40
N ASN C 201 31.54 -30.42 -37.85
CA ASN C 201 31.23 -29.56 -38.99
C ASN C 201 30.57 -28.30 -38.44
N ILE C 202 30.99 -27.14 -38.93
CA ILE C 202 30.43 -25.85 -38.52
C ILE C 202 29.94 -25.16 -39.78
N VAL C 203 28.63 -24.91 -39.86
CA VAL C 203 28.01 -24.19 -40.96
C VAL C 203 27.42 -22.88 -40.47
N ALA C 204 27.68 -21.79 -41.20
CA ALA C 204 27.14 -20.46 -40.90
C ALA C 204 25.99 -20.17 -41.88
N VAL C 205 24.86 -19.76 -41.35
CA VAL C 205 23.61 -19.69 -42.10
C VAL C 205 23.12 -18.25 -42.04
N ALA C 206 23.11 -17.60 -43.20
CA ALA C 206 22.83 -16.18 -43.33
C ALA C 206 21.32 -15.94 -43.45
N SER C 207 20.62 -16.20 -42.35
CA SER C 207 19.19 -15.87 -42.25
C SER C 207 18.99 -14.38 -42.04
N PRO C 208 18.31 -13.69 -42.97
CA PRO C 208 18.23 -12.23 -42.87
C PRO C 208 17.10 -11.73 -41.98
N SER C 209 17.31 -10.53 -41.43
CA SER C 209 16.32 -9.79 -40.65
C SER C 209 15.97 -8.49 -41.37
N ALA C 210 14.73 -8.02 -41.19
CA ALA C 210 14.32 -6.76 -41.80
C ALA C 210 14.98 -5.57 -41.10
N ASP C 211 15.19 -5.65 -39.79
CA ASP C 211 15.85 -4.62 -39.01
C ASP C 211 17.23 -5.09 -38.56
N SER C 212 18.12 -4.13 -38.32
CA SER C 212 19.44 -4.39 -37.73
C SER C 212 19.34 -4.28 -36.22
N GLY C 213 19.91 -5.25 -35.51
CA GLY C 213 19.85 -5.27 -34.07
C GLY C 213 18.75 -6.20 -33.56
N VAL C 214 18.60 -6.25 -32.24
CA VAL C 214 17.58 -7.11 -31.64
C VAL C 214 16.75 -6.30 -30.64
N SER C 215 15.62 -6.88 -30.25
CA SER C 215 14.70 -6.17 -29.37
C SER C 215 15.27 -6.03 -27.95
N ALA C 216 15.07 -4.84 -27.38
CA ALA C 216 15.51 -4.48 -26.03
C ALA C 216 14.26 -4.03 -25.27
N PRO C 217 13.51 -4.96 -24.69
CA PRO C 217 12.21 -4.56 -24.11
C PRO C 217 12.31 -3.52 -23.00
N LYS C 218 13.28 -3.65 -22.10
CA LYS C 218 13.38 -2.67 -21.02
C LYS C 218 13.45 -1.26 -21.59
N GLN C 219 14.09 -1.09 -22.74
CA GLN C 219 14.23 0.22 -23.35
C GLN C 219 13.11 0.54 -24.32
N GLY C 220 12.10 -0.34 -24.44
CA GLY C 220 10.99 -0.08 -25.34
C GLY C 220 11.34 -0.08 -26.82
N ALA C 221 12.48 -0.63 -27.19
CA ALA C 221 12.97 -0.60 -28.58
C ALA C 221 12.88 -1.99 -29.19
N TRP C 222 11.77 -2.26 -29.89
CA TRP C 222 11.55 -3.55 -30.52
C TRP C 222 12.00 -3.52 -31.99
N LYS C 223 12.47 -4.65 -32.46
CA LYS C 223 12.97 -4.78 -33.81
C LYS C 223 12.37 -5.96 -34.53
N HIS C 224 12.16 -5.78 -35.81
CA HIS C 224 11.68 -6.81 -36.74
C HIS C 224 12.86 -7.67 -37.14
N THR C 225 13.01 -8.84 -36.49
CA THR C 225 14.12 -9.72 -36.81
C THR C 225 13.64 -11.13 -37.15
N ALA C 226 14.59 -11.94 -37.62
CA ALA C 226 14.23 -13.25 -38.16
C ALA C 226 13.58 -14.14 -37.10
N PHE C 227 14.04 -14.05 -35.84
CA PHE C 227 13.61 -14.99 -34.81
C PHE C 227 13.04 -14.35 -33.56
N GLY C 228 12.83 -13.03 -33.59
CA GLY C 228 12.21 -12.32 -32.47
C GLY C 228 12.96 -12.48 -31.16
N SER C 229 14.29 -12.52 -31.22
CA SER C 229 15.05 -12.61 -29.97
C SER C 229 14.95 -11.30 -29.20
N HIS C 230 15.07 -11.40 -27.87
CA HIS C 230 14.99 -10.21 -27.07
C HIS C 230 15.74 -10.43 -25.75
N PHE C 231 16.25 -9.32 -25.22
CA PHE C 231 16.81 -9.31 -23.88
C PHE C 231 15.67 -9.31 -22.85
N ASP C 232 16.01 -9.32 -21.57
CA ASP C 232 15.03 -9.20 -20.50
C ASP C 232 14.11 -10.41 -20.38
N THR C 233 14.57 -11.58 -20.82
CA THR C 233 13.78 -12.79 -20.64
C THR C 233 13.55 -13.07 -19.15
N PHE C 234 12.29 -13.30 -18.79
CA PHE C 234 11.90 -13.50 -17.39
C PHE C 234 12.28 -12.31 -16.52
N TYR C 235 12.34 -11.12 -17.15
CA TYR C 235 12.74 -9.85 -16.52
C TYR C 235 14.17 -9.91 -15.98
N SER C 236 14.98 -10.75 -16.59
CA SER C 236 16.42 -10.73 -16.36
C SER C 236 17.11 -10.06 -17.53
N ASP C 237 17.79 -8.94 -17.25
CA ASP C 237 18.30 -8.04 -18.29
C ASP C 237 19.23 -8.76 -19.26
N ARG C 238 20.13 -9.59 -18.75
CA ARG C 238 21.12 -10.21 -19.62
C ARG C 238 20.63 -11.48 -20.31
N TYR C 239 19.41 -11.93 -20.06
CA TYR C 239 18.95 -13.21 -20.56
C TYR C 239 18.34 -13.00 -21.95
N LEU C 240 19.09 -13.40 -22.96
CA LEU C 240 18.75 -13.19 -24.38
C LEU C 240 18.27 -14.52 -24.89
N THR C 241 16.98 -14.58 -25.31
CA THR C 241 16.43 -15.81 -25.82
C THR C 241 15.46 -15.49 -26.96
N THR C 242 14.94 -16.54 -27.56
CA THR C 242 13.83 -16.46 -28.50
C THR C 242 12.83 -17.55 -28.11
N SER C 243 11.57 -17.24 -28.32
CA SER C 243 10.49 -18.19 -28.25
C SER C 243 10.06 -18.69 -29.62
N ARG C 244 10.67 -18.20 -30.71
CA ARG C 244 10.30 -18.59 -32.08
C ARG C 244 11.13 -19.80 -32.54
N VAL C 245 10.90 -20.91 -31.84
CA VAL C 245 11.71 -22.10 -32.08
C VAL C 245 11.39 -22.75 -33.40
N LYS C 246 10.14 -22.71 -33.83
CA LYS C 246 9.82 -23.22 -35.15
C LYS C 246 10.58 -22.46 -36.23
N ALA C 247 10.66 -21.14 -36.10
CA ALA C 247 11.31 -20.32 -37.11
C ALA C 247 12.81 -20.59 -37.16
N ILE C 248 13.45 -20.80 -36.00
CA ILE C 248 14.86 -21.14 -36.02
C ILE C 248 15.08 -22.42 -36.80
N ASN C 249 14.24 -23.44 -36.55
CA ASN C 249 14.42 -24.74 -37.21
C ASN C 249 14.02 -24.68 -38.67
N ASP C 250 12.99 -23.89 -39.00
CA ASP C 250 12.63 -23.70 -40.39
C ASP C 250 13.77 -23.06 -41.20
N ALA C 251 14.52 -22.13 -40.60
CA ALA C 251 15.62 -21.47 -41.32
C ALA C 251 16.70 -22.46 -41.70
N LEU C 252 16.82 -23.54 -40.93
CA LEU C 252 17.84 -24.54 -41.08
C LEU C 252 17.41 -25.74 -41.91
N ALA C 253 16.15 -25.80 -42.34
CA ALA C 253 15.66 -26.95 -43.07
C ALA C 253 16.43 -27.15 -44.38
N GLY C 254 16.95 -28.35 -44.58
CA GLY C 254 17.75 -28.64 -45.76
C GLY C 254 19.26 -28.54 -45.54
N ILE C 255 19.66 -27.98 -44.42
CA ILE C 255 21.06 -27.95 -43.98
C ILE C 255 21.22 -28.95 -42.88
N PRO C 256 22.16 -29.90 -42.97
CA PRO C 256 22.31 -30.89 -41.88
C PRO C 256 22.73 -30.18 -40.59
N TYR C 257 21.97 -30.42 -39.53
CA TYR C 257 22.33 -29.86 -38.23
C TYR C 257 21.89 -30.73 -37.06
N GLU C 258 22.65 -30.63 -35.95
CA GLU C 258 22.31 -31.19 -34.66
C GLU C 258 22.26 -30.16 -33.54
N HIS C 259 23.00 -29.07 -33.65
CA HIS C 259 23.06 -28.05 -32.61
C HIS C 259 22.99 -26.68 -33.23
N ILE C 260 22.39 -25.74 -32.50
CA ILE C 260 22.15 -24.39 -33.00
C ILE C 260 22.81 -23.35 -32.10
N ILE C 261 23.58 -22.47 -32.73
CA ILE C 261 24.13 -21.26 -32.13
C ILE C 261 23.56 -20.07 -32.91
N ILE C 262 23.04 -19.09 -32.21
CA ILE C 262 22.45 -17.91 -32.82
C ILE C 262 23.26 -16.69 -32.40
N LEU C 263 23.76 -15.94 -33.39
CA LEU C 263 24.55 -14.75 -33.12
C LEU C 263 23.65 -13.54 -33.32
N ALA C 264 23.59 -12.70 -32.30
CA ALA C 264 22.80 -11.49 -32.36
C ALA C 264 23.68 -10.29 -32.69
N ASN C 265 23.25 -9.52 -33.68
CA ASN C 265 23.98 -8.34 -34.17
C ASN C 265 23.74 -7.16 -33.22
N THR C 266 24.47 -7.16 -32.10
CA THR C 266 24.26 -6.19 -31.05
C THR C 266 25.49 -6.15 -30.15
N GLU C 267 25.69 -4.99 -29.50
CA GLU C 267 26.73 -4.74 -28.50
C GLU C 267 26.24 -4.93 -27.08
N GLN C 268 24.92 -5.01 -26.87
CA GLN C 268 24.37 -5.17 -25.53
C GLN C 268 24.75 -6.53 -24.99
N TYR C 269 24.99 -6.57 -23.72
CA TYR C 269 25.47 -7.80 -23.11
C TYR C 269 24.32 -8.76 -22.89
N GLY C 270 24.51 -9.98 -23.30
CA GLY C 270 23.49 -10.98 -23.05
C GLY C 270 23.78 -12.27 -23.76
N GLY C 271 23.10 -13.32 -23.31
CA GLY C 271 23.18 -14.60 -23.95
C GLY C 271 22.20 -15.57 -23.30
N GLY C 272 22.16 -16.76 -23.87
CA GLY C 272 21.37 -17.82 -23.28
C GLY C 272 21.71 -19.15 -23.91
N GLY C 273 21.53 -20.23 -23.14
CA GLY C 273 21.83 -21.55 -23.61
C GLY C 273 20.96 -22.54 -22.89
N ILE C 274 20.33 -23.41 -23.66
CA ILE C 274 19.42 -24.41 -23.13
C ILE C 274 19.74 -25.75 -23.81
N TYR C 275 19.93 -26.76 -22.98
CA TYR C 275 20.43 -28.06 -23.41
C TYR C 275 19.59 -28.64 -24.55
N ASN C 276 20.29 -28.93 -25.65
CA ASN C 276 19.70 -29.46 -26.88
C ASN C 276 18.50 -28.66 -27.37
N ALA C 277 18.53 -27.35 -27.17
CA ALA C 277 17.58 -26.46 -27.82
C ALA C 277 18.26 -25.37 -28.64
N PHE C 278 19.04 -24.48 -28.01
CA PHE C 278 19.82 -23.49 -28.77
C PHE C 278 20.69 -22.69 -27.82
N THR C 279 21.72 -22.06 -28.41
CA THR C 279 22.52 -21.01 -27.81
C THR C 279 22.22 -19.71 -28.54
N LEU C 280 22.19 -18.63 -27.79
CA LEU C 280 22.05 -17.26 -28.26
C LEU C 280 23.13 -16.40 -27.63
N THR C 281 23.78 -15.54 -28.41
CA THR C 281 24.80 -14.67 -27.84
C THR C 281 24.93 -13.34 -28.58
N THR C 282 25.28 -12.30 -27.84
CA THR C 282 25.66 -11.04 -28.47
C THR C 282 26.97 -11.24 -29.19
N ALA C 283 27.05 -10.72 -30.41
CA ALA C 283 28.21 -10.89 -31.27
C ALA C 283 29.27 -9.80 -31.12
N HIS C 284 28.88 -8.61 -30.65
CA HIS C 284 29.77 -7.45 -30.69
C HIS C 284 30.08 -6.84 -29.34
N HIS C 285 29.71 -7.50 -28.24
CA HIS C 285 30.17 -7.15 -26.90
C HIS C 285 31.62 -7.64 -26.73
N PRO C 286 32.42 -6.95 -25.89
CA PRO C 286 33.83 -7.40 -25.72
C PRO C 286 33.99 -8.83 -25.18
N ASN C 287 33.03 -9.32 -24.41
CA ASN C 287 33.07 -10.69 -23.92
C ASN C 287 32.33 -11.68 -24.83
N PHE C 288 32.18 -11.39 -26.12
CA PHE C 288 31.60 -12.32 -27.09
C PHE C 288 32.24 -13.69 -27.03
N ARG C 289 33.56 -13.74 -27.05
CA ARG C 289 34.21 -15.04 -27.11
C ARG C 289 33.89 -15.92 -25.91
N PRO C 290 34.09 -15.49 -24.66
CA PRO C 290 33.77 -16.38 -23.54
C PRO C 290 32.29 -16.65 -23.40
N VAL C 291 31.44 -15.68 -23.72
CA VAL C 291 30.01 -15.90 -23.56
C VAL C 291 29.52 -16.98 -24.52
N VAL C 292 29.88 -16.90 -25.81
CA VAL C 292 29.34 -17.89 -26.74
C VAL C 292 29.77 -19.30 -26.34
N VAL C 293 30.98 -19.43 -25.83
CA VAL C 293 31.45 -20.73 -25.39
C VAL C 293 30.74 -21.18 -24.14
N HIS C 294 30.49 -20.23 -23.21
CA HIS C 294 29.76 -20.49 -21.99
C HIS C 294 28.37 -21.02 -22.30
N GLU C 295 27.70 -20.37 -23.25
CA GLU C 295 26.32 -20.76 -23.57
C GLU C 295 26.28 -22.10 -24.29
N PHE C 296 27.26 -22.36 -25.17
CA PHE C 296 27.43 -23.69 -25.76
C PHE C 296 27.75 -24.75 -24.72
N GLY C 297 28.39 -24.38 -23.62
CA GLY C 297 28.50 -25.31 -22.50
C GLY C 297 27.13 -25.77 -22.00
N HIS C 298 26.17 -24.85 -21.94
CA HIS C 298 24.79 -25.19 -21.62
C HIS C 298 24.14 -26.02 -22.74
N SER C 299 24.13 -25.49 -23.96
CA SER C 299 23.28 -26.07 -24.99
C SER C 299 23.83 -27.36 -25.58
N PHE C 300 25.16 -27.51 -25.67
CA PHE C 300 25.80 -28.72 -26.15
C PHE C 300 26.22 -29.63 -25.00
N GLY C 301 26.86 -29.06 -24.00
CA GLY C 301 27.44 -29.86 -22.93
C GLY C 301 26.48 -30.21 -21.83
N GLY C 302 25.35 -29.52 -21.76
CA GLY C 302 24.42 -29.71 -20.66
C GLY C 302 24.96 -29.33 -19.31
N LEU C 303 25.95 -28.43 -19.27
CA LEU C 303 26.56 -28.02 -18.03
C LEU C 303 25.69 -27.01 -17.31
N ALA C 304 25.81 -26.99 -16.00
CA ALA C 304 25.16 -26.00 -15.18
C ALA C 304 26.03 -24.75 -15.00
N ASP C 305 25.38 -23.66 -14.60
CA ASP C 305 26.13 -22.48 -14.16
C ASP C 305 26.79 -22.73 -12.79
N GLU C 306 28.02 -22.26 -12.65
CA GLU C 306 28.78 -22.44 -11.42
C GLU C 306 28.86 -21.15 -10.64
N TYR C 307 28.15 -20.10 -11.04
CA TYR C 307 28.12 -18.85 -10.31
C TYR C 307 26.90 -18.80 -9.39
N PHE C 308 26.90 -17.79 -8.53
CA PHE C 308 25.85 -17.60 -7.52
C PHE C 308 25.77 -16.11 -7.24
N TYR C 309 24.61 -15.52 -7.49
CA TYR C 309 24.36 -14.11 -7.24
C TYR C 309 23.21 -13.99 -6.24
N ASP C 310 23.19 -12.87 -5.51
CA ASP C 310 22.16 -12.70 -4.48
C ASP C 310 20.80 -12.37 -5.09
N GLU C 311 20.77 -11.47 -6.07
CA GLU C 311 19.54 -10.98 -6.67
C GLU C 311 19.47 -11.49 -8.11
N ASP C 312 19.02 -12.73 -8.28
CA ASP C 312 18.98 -13.39 -9.59
C ASP C 312 17.68 -14.16 -9.76
N VAL C 313 17.12 -14.09 -10.97
CA VAL C 313 15.84 -14.73 -11.29
C VAL C 313 15.94 -16.25 -11.18
N MET C 314 17.13 -16.83 -11.37
CA MET C 314 17.24 -18.29 -11.39
C MET C 314 17.43 -18.93 -10.01
N ASN C 315 17.60 -18.13 -8.95
CA ASN C 315 17.91 -18.69 -7.62
C ASN C 315 16.80 -19.64 -7.15
N GLY C 316 17.21 -20.83 -6.73
CA GLY C 316 16.27 -21.85 -6.27
C GLY C 316 15.85 -22.88 -7.29
N LEU C 317 16.52 -22.94 -8.45
CA LEU C 317 16.17 -23.96 -9.44
C LEU C 317 16.59 -25.35 -9.00
N TYR C 318 17.52 -25.48 -8.05
CA TYR C 318 18.07 -26.79 -7.67
C TYR C 318 17.75 -27.06 -6.21
N PRO C 319 16.86 -28.00 -5.92
CA PRO C 319 16.58 -28.32 -4.50
C PRO C 319 17.76 -29.04 -3.87
N LEU C 320 18.03 -28.70 -2.60
CA LEU C 320 19.26 -29.14 -1.95
C LEU C 320 19.24 -30.62 -1.56
N ASN C 321 18.11 -31.30 -1.68
CA ASN C 321 18.04 -32.73 -1.37
C ASN C 321 17.96 -33.61 -2.61
N ILE C 322 18.14 -33.04 -3.80
CA ILE C 322 18.14 -33.81 -5.04
C ILE C 322 19.51 -33.63 -5.69
N GLU C 323 20.08 -34.71 -6.17
CA GLU C 323 21.33 -34.57 -6.94
C GLU C 323 21.01 -34.02 -8.33
N PRO C 324 21.59 -32.90 -8.75
CA PRO C 324 21.33 -32.40 -10.11
C PRO C 324 21.78 -33.42 -11.15
N TRP C 325 21.07 -33.46 -12.29
CA TRP C 325 21.56 -34.31 -13.37
C TRP C 325 22.77 -33.70 -14.08
N GLU C 326 22.97 -32.39 -13.95
CA GLU C 326 24.11 -31.74 -14.59
C GLU C 326 25.40 -32.19 -13.90
N GLN C 327 26.47 -32.27 -14.68
CA GLN C 327 27.66 -32.99 -14.25
C GLN C 327 28.66 -32.18 -13.45
N ASN C 328 28.56 -30.85 -13.47
CA ASN C 328 29.55 -29.97 -12.88
C ASN C 328 29.07 -29.25 -11.62
N ILE C 329 27.92 -29.62 -11.06
CA ILE C 329 27.52 -29.18 -9.73
C ILE C 329 27.03 -30.41 -8.97
N THR C 330 27.11 -30.31 -7.64
CA THR C 330 26.58 -31.37 -6.78
C THR C 330 25.92 -30.76 -5.54
N THR C 331 24.95 -31.49 -5.01
CA THR C 331 24.41 -31.22 -3.70
C THR C 331 24.93 -32.20 -2.65
N ARG C 332 25.88 -33.05 -3.02
CA ARG C 332 26.38 -34.12 -2.14
C ARG C 332 25.26 -35.09 -1.73
N ILE C 333 24.33 -35.34 -2.64
CA ILE C 333 23.30 -36.35 -2.45
C ILE C 333 23.70 -37.66 -3.10
N ASN C 334 24.34 -37.58 -4.29
CA ASN C 334 24.89 -38.74 -4.96
C ASN C 334 26.20 -38.33 -5.62
N PHE C 335 27.16 -37.88 -4.81
CA PHE C 335 28.42 -37.34 -5.35
C PHE C 335 29.26 -38.39 -6.02
N ALA C 336 29.05 -39.67 -5.69
CA ALA C 336 29.78 -40.75 -6.35
C ALA C 336 29.53 -40.78 -7.85
N SER C 337 28.35 -40.35 -8.31
CA SER C 337 28.10 -40.33 -9.74
C SER C 337 28.73 -39.12 -10.44
N LYS C 338 29.26 -38.15 -9.70
CA LYS C 338 29.79 -36.94 -10.28
C LYS C 338 31.32 -37.07 -10.38
N TRP C 339 32.06 -36.19 -9.72
CA TRP C 339 33.52 -36.13 -9.93
C TRP C 339 34.32 -36.58 -8.72
N GLU C 340 33.72 -37.36 -7.83
CA GLU C 340 34.50 -37.92 -6.74
C GLU C 340 35.71 -38.71 -7.26
N ASP C 341 35.58 -39.38 -8.40
CA ASP C 341 36.63 -40.20 -8.97
C ASP C 341 37.73 -39.40 -9.64
N MET C 342 37.67 -38.05 -9.59
CA MET C 342 38.76 -37.20 -10.03
C MET C 342 39.46 -36.48 -8.89
N LEU C 343 38.97 -36.62 -7.65
CA LEU C 343 39.59 -35.97 -6.50
C LEU C 343 40.76 -36.82 -6.01
N THR C 344 41.84 -36.16 -5.59
CA THR C 344 42.89 -36.90 -4.89
C THR C 344 42.40 -37.31 -3.51
N LYS C 345 42.90 -38.46 -3.02
CA LYS C 345 42.35 -39.12 -1.84
C LYS C 345 42.31 -38.25 -0.60
N THR C 346 43.15 -37.23 -0.53
CA THR C 346 43.27 -36.40 0.67
C THR C 346 42.54 -35.07 0.54
N THR C 347 41.92 -34.81 -0.61
CA THR C 347 41.18 -33.56 -0.82
C THR C 347 40.08 -33.45 0.22
N PRO C 348 40.02 -32.37 1.01
CA PRO C 348 38.91 -32.21 1.95
C PRO C 348 37.63 -31.90 1.18
N VAL C 349 36.52 -32.43 1.70
CA VAL C 349 35.20 -32.19 1.15
C VAL C 349 34.30 -31.70 2.29
N PRO C 350 33.82 -30.44 2.28
CA PRO C 350 34.04 -29.39 1.26
C PRO C 350 35.47 -28.88 1.28
N THR C 351 35.89 -28.23 0.20
CA THR C 351 37.26 -27.74 0.07
C THR C 351 37.32 -26.28 0.46
N PRO C 352 38.08 -25.89 1.49
CA PRO C 352 38.12 -24.47 1.88
C PRO C 352 38.79 -23.63 0.80
N VAL C 353 38.24 -22.43 0.59
CA VAL C 353 38.78 -21.51 -0.40
C VAL C 353 40.21 -21.09 -0.06
N ALA C 354 40.59 -21.14 1.22
CA ALA C 354 41.97 -20.81 1.58
C ALA C 354 42.94 -21.81 0.96
N ASP C 355 42.53 -23.08 0.86
CA ASP C 355 43.38 -24.13 0.32
C ASP C 355 43.30 -24.26 -1.19
N LYS C 356 42.80 -23.23 -1.89
CA LYS C 356 42.52 -23.41 -3.31
C LYS C 356 43.78 -23.74 -4.10
N ALA C 357 44.89 -23.05 -3.81
CA ALA C 357 46.14 -23.34 -4.48
C ALA C 357 46.45 -24.82 -4.50
N LYS C 358 46.09 -25.55 -3.45
CA LYS C 358 46.48 -26.95 -3.31
C LYS C 358 45.57 -27.92 -4.05
N TYR C 359 44.38 -27.51 -4.48
CA TYR C 359 43.42 -28.44 -5.09
C TYR C 359 42.78 -27.82 -6.32
N PRO C 360 43.38 -28.02 -7.50
CA PRO C 360 42.71 -27.58 -8.74
C PRO C 360 41.30 -28.16 -8.88
N ILE C 361 41.12 -29.41 -8.47
CA ILE C 361 39.81 -30.06 -8.37
C ILE C 361 39.45 -30.21 -6.90
N GLY C 362 38.27 -29.78 -6.55
CA GLY C 362 37.77 -30.01 -5.22
C GLY C 362 36.26 -29.94 -5.21
N VAL C 363 35.71 -29.61 -4.05
CA VAL C 363 34.26 -29.51 -3.85
C VAL C 363 34.05 -28.15 -3.20
N TYR C 364 33.91 -27.11 -4.03
CA TYR C 364 33.88 -25.73 -3.58
C TYR C 364 32.45 -25.28 -3.41
N GLU C 365 32.15 -24.71 -2.25
CA GLU C 365 30.78 -24.30 -1.99
C GLU C 365 30.45 -23.05 -2.77
N GLY C 366 29.23 -23.03 -3.33
CA GLY C 366 28.80 -22.00 -4.26
C GLY C 366 28.68 -22.49 -5.69
N GLY C 367 27.45 -22.53 -6.19
CA GLY C 367 27.22 -22.79 -7.60
C GLY C 367 25.73 -22.96 -7.83
N GLY C 368 25.37 -23.17 -9.10
CA GLY C 368 23.97 -23.40 -9.41
C GLY C 368 23.02 -22.38 -8.83
N TYR C 369 23.43 -21.10 -8.81
CA TYR C 369 22.64 -19.98 -8.33
C TYR C 369 22.39 -20.00 -6.84
N SER C 370 23.16 -20.75 -6.06
CA SER C 370 22.99 -20.75 -4.59
C SER C 370 24.35 -20.62 -3.94
N ALA C 371 24.46 -19.72 -2.97
CA ALA C 371 25.72 -19.52 -2.25
C ALA C 371 26.06 -20.70 -1.34
N LYS C 372 25.04 -21.40 -0.85
CA LYS C 372 25.25 -22.51 0.08
C LYS C 372 24.51 -23.74 -0.40
N GLY C 373 25.09 -24.91 -0.12
CA GLY C 373 24.41 -26.17 -0.35
C GLY C 373 24.61 -26.77 -1.70
N ILE C 374 25.19 -26.02 -2.64
CA ILE C 374 25.58 -26.53 -3.94
C ILE C 374 27.06 -26.25 -4.11
N TYR C 375 27.75 -27.17 -4.74
CA TYR C 375 29.20 -27.15 -4.85
C TYR C 375 29.60 -27.34 -6.30
N ARG C 376 30.72 -26.72 -6.66
CA ARG C 376 31.27 -26.74 -8.00
C ARG C 376 32.65 -27.40 -7.93
N PRO C 377 33.23 -27.80 -9.06
CA PRO C 377 34.45 -28.61 -9.00
C PRO C 377 35.75 -27.86 -8.91
N ALA C 378 35.76 -26.56 -9.10
CA ALA C 378 37.03 -25.82 -9.10
C ALA C 378 36.72 -24.41 -8.65
N PHE C 379 37.76 -23.68 -8.21
CA PHE C 379 37.46 -22.33 -7.73
C PHE C 379 36.90 -21.46 -8.86
N ASP C 380 37.36 -21.67 -10.08
CA ASP C 380 36.95 -20.84 -11.21
C ASP C 380 36.84 -21.71 -12.45
N CYS C 381 36.10 -21.20 -13.45
CA CYS C 381 35.70 -21.95 -14.63
C CYS C 381 34.98 -21.05 -15.62
N ARG C 382 35.06 -21.38 -16.91
CA ARG C 382 34.22 -20.77 -17.95
C ARG C 382 32.75 -20.76 -17.55
N MET C 383 32.31 -21.74 -16.79
CA MET C 383 30.90 -21.79 -16.40
C MET C 383 30.58 -20.93 -15.19
N ARG C 384 31.58 -20.27 -14.61
CA ARG C 384 31.35 -19.32 -13.54
C ARG C 384 31.65 -17.87 -13.90
N THR C 385 32.72 -17.59 -14.65
CA THR C 385 33.09 -16.21 -14.96
C THR C 385 33.59 -16.09 -16.40
N ASN C 386 33.49 -14.87 -16.94
CA ASN C 386 33.90 -14.57 -18.29
C ASN C 386 35.41 -14.32 -18.39
N GLU C 387 36.07 -14.00 -17.29
CA GLU C 387 37.49 -13.64 -17.30
C GLU C 387 38.43 -14.83 -17.25
N TYR C 388 38.00 -15.91 -16.62
CA TYR C 388 38.83 -17.10 -16.55
C TYR C 388 39.00 -17.70 -17.95
N PRO C 389 40.14 -18.33 -18.21
CA PRO C 389 40.42 -18.71 -19.60
C PRO C 389 39.87 -20.05 -20.07
N THR C 390 39.60 -20.99 -19.18
CA THR C 390 39.30 -22.35 -19.62
C THR C 390 38.10 -22.94 -18.88
N PHE C 391 37.55 -24.01 -19.44
CA PHE C 391 36.69 -24.90 -18.68
C PHE C 391 37.52 -25.58 -17.60
N CYS C 392 36.93 -25.83 -16.44
CA CYS C 392 37.57 -26.60 -15.39
C CYS C 392 37.71 -28.06 -15.83
N PRO C 393 38.50 -28.86 -15.09
CA PRO C 393 38.76 -30.23 -15.54
C PRO C 393 37.53 -31.11 -15.53
N VAL C 394 36.56 -30.86 -14.64
CA VAL C 394 35.35 -31.67 -14.65
C VAL C 394 34.46 -31.30 -15.83
N CYS C 395 34.34 -30.00 -16.13
CA CYS C 395 33.62 -29.60 -17.34
C CYS C 395 34.27 -30.19 -18.58
N GLN C 396 35.61 -30.21 -18.64
CA GLN C 396 36.29 -30.75 -19.82
C GLN C 396 35.99 -32.24 -20.00
N ARG C 397 36.03 -33.00 -18.92
CA ARG C 397 35.67 -34.40 -19.01
C ARG C 397 34.21 -34.56 -19.43
N ALA C 398 33.33 -33.72 -18.88
CA ALA C 398 31.92 -33.82 -19.22
C ALA C 398 31.70 -33.59 -20.70
N ILE C 399 32.39 -32.58 -21.27
CA ILE C 399 32.24 -32.27 -22.67
C ILE C 399 32.83 -33.38 -23.53
N GLN C 400 34.00 -33.87 -23.11
CA GLN C 400 34.65 -34.97 -23.81
C GLN C 400 33.73 -36.17 -23.91
N ARG C 401 33.06 -36.51 -22.79
CA ARG C 401 32.14 -37.64 -22.81
C ARG C 401 31.01 -37.43 -23.81
N ILE C 402 30.52 -36.19 -23.94
CA ILE C 402 29.46 -35.90 -24.90
C ILE C 402 29.97 -36.11 -26.32
N ILE C 403 31.14 -35.55 -26.62
CA ILE C 403 31.72 -35.75 -27.94
C ILE C 403 31.89 -37.23 -28.24
N GLU C 404 32.40 -38.00 -27.27
CA GLU C 404 32.64 -39.42 -27.51
C GLU C 404 31.35 -40.22 -27.64
N PHE C 405 30.32 -39.84 -26.89
CA PHE C 405 29.00 -40.44 -27.09
C PHE C 405 28.58 -40.35 -28.55
N TYR C 406 28.78 -39.18 -29.16
CA TYR C 406 28.25 -38.97 -30.51
C TYR C 406 29.16 -39.50 -31.62
N THR C 407 30.49 -39.51 -31.39
CA THR C 407 31.45 -39.80 -32.45
C THR C 407 32.45 -40.88 -32.07
N GLY C 408 32.28 -41.51 -30.91
CA GLY C 408 33.08 -42.65 -30.52
C GLY C 408 34.32 -42.26 -29.73
N LYS C 409 34.81 -43.21 -28.96
CA LYS C 409 36.15 -43.08 -28.39
C LYS C 409 37.13 -43.28 -29.55
N ASN D 4 31.98 -0.15 -33.32
CA ASN D 4 31.74 -0.79 -32.04
C ASN D 4 32.83 -0.53 -30.95
N PHE D 5 32.37 -0.33 -29.72
CA PHE D 5 33.28 -0.26 -28.56
C PHE D 5 34.28 -1.39 -28.55
N SER D 6 33.83 -2.60 -28.84
CA SER D 6 34.71 -3.76 -28.85
C SER D 6 35.76 -3.74 -29.96
N ASP D 7 35.64 -2.86 -30.95
CA ASP D 7 36.68 -2.76 -31.98
C ASP D 7 38.03 -2.35 -31.36
N TYR D 8 38.02 -1.54 -30.31
CA TYR D 8 39.24 -1.05 -29.68
C TYR D 8 39.42 -1.42 -28.22
N PHE D 9 38.38 -1.86 -27.51
CA PHE D 9 38.44 -2.00 -26.06
C PHE D 9 38.00 -3.38 -25.60
N THR D 10 38.62 -3.81 -24.51
CA THR D 10 38.15 -4.95 -23.74
C THR D 10 37.06 -4.49 -22.80
N ASN D 11 36.73 -5.31 -21.81
CA ASN D 11 35.63 -4.98 -20.92
C ASN D 11 36.12 -4.39 -19.61
N LYS D 12 37.44 -4.19 -19.45
CA LYS D 12 38.03 -3.70 -18.22
C LYS D 12 38.17 -2.17 -18.22
N THR D 13 38.63 -1.61 -17.08
CA THR D 13 38.91 -0.18 -16.98
C THR D 13 40.40 0.03 -16.87
N LEU D 14 40.89 1.03 -17.59
CA LEU D 14 42.24 1.56 -17.37
C LEU D 14 42.13 2.82 -16.51
N ARG D 15 42.60 2.75 -15.28
CA ARG D 15 42.63 3.91 -14.41
C ARG D 15 44.01 4.54 -14.47
N ILE D 16 44.05 5.86 -14.68
CA ILE D 16 45.32 6.59 -14.81
C ILE D 16 45.34 7.68 -13.74
N ASP D 17 46.36 7.62 -12.89
CA ASP D 17 46.61 8.64 -11.89
C ASP D 17 47.70 9.57 -12.42
N TYR D 18 47.41 10.88 -12.40
CA TYR D 18 48.35 11.90 -12.82
C TYR D 18 48.68 12.80 -11.64
N LEU D 19 49.81 13.50 -11.75
CA LEU D 19 50.14 14.62 -10.87
C LEU D 19 50.10 15.89 -11.70
N PHE D 20 49.31 16.86 -11.26
CA PHE D 20 49.28 18.20 -11.85
C PHE D 20 50.12 19.09 -10.93
N THR D 21 51.13 19.75 -11.48
CA THR D 21 52.04 20.52 -10.65
C THR D 21 52.24 21.89 -11.25
N GLY D 22 52.53 22.86 -10.40
CA GLY D 22 53.03 24.14 -10.87
C GLY D 22 52.62 25.27 -9.94
N ASN D 23 52.64 26.48 -10.51
CA ASN D 23 52.29 27.69 -9.80
C ASN D 23 51.60 28.59 -10.80
N ALA D 24 51.44 29.86 -10.40
CA ALA D 24 50.71 30.82 -11.24
C ALA D 24 51.32 30.97 -12.62
N ASP D 25 52.65 30.87 -12.73
CA ASP D 25 53.28 31.17 -14.02
C ASP D 25 53.48 29.95 -14.91
N LYS D 26 53.57 28.75 -14.36
CA LYS D 26 53.84 27.58 -15.18
C LYS D 26 53.26 26.32 -14.55
N GLN D 27 52.71 25.43 -15.39
CA GLN D 27 52.14 24.18 -14.91
C GLN D 27 52.62 23.03 -15.76
N SER D 28 52.50 21.83 -15.20
CA SER D 28 52.93 20.62 -15.89
C SER D 28 52.08 19.44 -15.41
N ILE D 29 52.13 18.37 -16.19
CA ILE D 29 51.47 17.12 -15.86
C ILE D 29 52.52 16.01 -15.94
N CYS D 30 52.50 15.08 -14.97
CA CYS D 30 53.30 13.88 -15.10
C CYS D 30 52.48 12.63 -14.73
N LEU D 31 52.85 11.52 -15.34
CA LEU D 31 52.17 10.27 -15.05
C LEU D 31 52.60 9.73 -13.70
N ASP D 32 51.62 9.26 -12.94
CA ASP D 32 51.88 8.66 -11.65
C ASP D 32 51.82 7.13 -11.71
N GLU D 33 50.69 6.57 -12.08
CA GLU D 33 50.50 5.12 -12.06
C GLU D 33 49.33 4.75 -12.96
N LEU D 34 49.44 3.57 -13.56
CA LEU D 34 48.40 2.93 -14.36
C LEU D 34 47.87 1.75 -13.57
N SER D 35 46.55 1.61 -13.54
CA SER D 35 45.88 0.52 -12.85
C SER D 35 44.83 -0.08 -13.77
N GLU D 36 44.48 -1.32 -13.49
CA GLU D 36 43.42 -2.01 -14.21
C GLU D 36 42.31 -2.33 -13.21
N LEU D 37 41.07 -2.01 -13.56
CA LEU D 37 39.93 -2.40 -12.74
C LEU D 37 39.05 -3.41 -13.50
N PRO D 38 38.25 -4.21 -12.78
CA PRO D 38 37.67 -5.42 -13.41
C PRO D 38 36.68 -5.15 -14.54
N VAL D 39 35.88 -4.10 -14.44
CA VAL D 39 34.87 -3.81 -15.46
C VAL D 39 34.85 -2.32 -15.80
N TRP D 40 34.60 -2.04 -17.08
CA TRP D 40 34.35 -0.69 -17.54
C TRP D 40 32.92 -0.28 -17.26
N ALA D 41 32.77 0.74 -16.44
CA ALA D 41 31.48 1.21 -16.01
C ALA D 41 31.02 2.45 -16.76
N GLY D 42 31.81 2.96 -17.69
CA GLY D 42 31.50 4.22 -18.35
C GLY D 42 30.64 4.01 -19.59
N ARG D 43 30.62 5.01 -20.47
CA ARG D 43 29.80 4.94 -21.67
C ARG D 43 30.45 4.10 -22.76
N ARG D 44 29.62 3.56 -23.64
CA ARG D 44 30.09 2.74 -24.74
C ARG D 44 29.67 3.26 -26.10
N HIS D 45 29.21 4.50 -26.17
CA HIS D 45 28.86 5.17 -27.41
C HIS D 45 29.30 6.62 -27.25
N HIS D 46 29.24 7.39 -28.33
CA HIS D 46 29.66 8.79 -28.31
C HIS D 46 31.11 8.91 -27.82
N LEU D 47 31.94 7.95 -28.17
CA LEU D 47 33.26 7.84 -27.54
C LEU D 47 34.21 8.94 -27.98
N SER D 48 33.96 9.58 -29.13
CA SER D 48 34.81 10.65 -29.62
C SER D 48 34.25 12.03 -29.34
N GLU D 49 33.17 12.12 -28.56
CA GLU D 49 32.50 13.39 -28.30
C GLU D 49 32.56 13.69 -26.80
N LEU D 50 32.48 14.98 -26.47
CA LEU D 50 32.38 15.43 -25.09
C LEU D 50 31.03 16.07 -24.79
N PRO D 51 30.46 15.88 -23.58
CA PRO D 51 29.21 16.59 -23.25
C PRO D 51 29.47 18.04 -22.83
N LEU D 52 30.66 18.29 -22.29
CA LEU D 52 31.08 19.60 -21.83
C LEU D 52 32.59 19.72 -22.02
N GLU D 53 33.07 20.95 -22.13
CA GLU D 53 34.49 21.14 -22.39
C GLU D 53 35.33 20.88 -21.15
N GLY D 54 34.84 21.25 -19.95
CA GLY D 54 35.62 21.19 -18.73
C GLY D 54 36.75 22.20 -18.78
N ASN D 55 37.61 22.15 -17.74
CA ASN D 55 38.88 22.87 -17.75
C ASN D 55 40.07 22.02 -18.20
N GLY D 56 39.88 20.71 -18.37
CA GLY D 56 40.89 19.87 -18.98
C GLY D 56 40.21 18.73 -19.70
N GLN D 57 40.96 18.13 -20.61
CA GLN D 57 40.45 17.10 -21.50
C GLN D 57 41.46 15.97 -21.61
N ILE D 58 40.96 14.74 -21.72
CA ILE D 58 41.74 13.58 -22.09
C ILE D 58 41.24 13.04 -23.41
N VAL D 59 42.19 12.70 -24.28
CA VAL D 59 41.90 12.14 -25.58
C VAL D 59 42.77 10.91 -25.76
N MET D 60 42.17 9.77 -25.97
CA MET D 60 42.88 8.53 -26.28
C MET D 60 42.82 8.26 -27.78
N ARG D 61 43.96 7.92 -28.34
CA ARG D 61 44.09 7.56 -29.75
C ARG D 61 44.69 6.18 -29.91
N ASP D 62 44.21 5.45 -30.92
CA ASP D 62 44.86 4.22 -31.35
C ASP D 62 46.23 4.51 -31.95
N VAL D 63 47.26 3.83 -31.46
CA VAL D 63 48.62 4.19 -31.86
C VAL D 63 48.83 3.96 -33.36
N ALA D 64 48.42 2.79 -33.85
CA ALA D 64 48.68 2.44 -35.25
C ALA D 64 48.00 3.41 -36.21
N SER D 65 46.74 3.74 -35.95
CA SER D 65 45.94 4.51 -36.90
C SER D 65 45.81 5.98 -36.56
N GLY D 66 46.04 6.38 -35.31
CA GLY D 66 45.79 7.75 -34.92
C GLY D 66 44.34 8.11 -34.67
N LYS D 67 43.42 7.17 -34.80
CA LYS D 67 42.00 7.45 -34.56
C LYS D 67 41.73 7.77 -33.08
N VAL D 68 40.87 8.77 -32.86
CA VAL D 68 40.38 9.07 -31.52
C VAL D 68 39.40 7.96 -31.11
N ILE D 69 39.72 7.26 -30.02
CA ILE D 69 38.87 6.16 -29.56
C ILE D 69 38.18 6.43 -28.23
N TYR D 70 38.63 7.41 -27.46
CA TYR D 70 37.87 7.83 -26.28
C TYR D 70 38.24 9.24 -25.91
N THR D 71 37.31 9.93 -25.26
CA THR D 71 37.59 11.23 -24.70
C THR D 71 36.69 11.52 -23.49
N THR D 72 37.22 12.32 -22.59
CA THR D 72 36.46 12.83 -21.45
C THR D 72 37.05 14.18 -21.06
N SER D 73 36.36 14.86 -20.16
CA SER D 73 36.82 16.17 -19.69
C SER D 73 36.45 16.33 -18.22
N PHE D 74 37.00 17.39 -17.61
CA PHE D 74 36.98 17.49 -16.16
C PHE D 74 37.40 18.89 -15.71
N SER D 75 37.26 19.12 -14.42
CA SER D 75 37.97 20.20 -13.78
C SER D 75 38.76 19.57 -12.65
N SER D 76 39.55 20.37 -11.94
CA SER D 76 40.42 19.83 -10.90
C SER D 76 40.57 20.84 -9.78
N LEU D 77 40.82 20.31 -8.57
CA LEU D 77 41.17 21.18 -7.46
C LEU D 77 42.41 22.01 -7.79
N PHE D 78 43.37 21.40 -8.50
CA PHE D 78 44.57 22.12 -8.92
C PHE D 78 44.25 23.42 -9.65
N GLN D 79 43.36 23.35 -10.63
CA GLN D 79 43.05 24.53 -11.42
C GLN D 79 42.32 25.59 -10.61
N GLU D 80 41.59 25.20 -9.55
CA GLU D 80 41.02 26.20 -8.65
C GLU D 80 42.10 26.83 -7.78
N TRP D 81 43.04 26.01 -7.30
CA TRP D 81 44.17 26.50 -6.51
C TRP D 81 45.01 27.52 -7.30
N LEU D 82 45.14 27.32 -8.61
CA LEU D 82 45.95 28.20 -9.43
C LEU D 82 45.49 29.65 -9.42
N GLU D 83 44.24 29.91 -9.05
CA GLU D 83 43.72 31.28 -8.96
C GLU D 83 43.84 31.86 -7.55
N THR D 84 44.40 31.13 -6.59
CA THR D 84 44.52 31.67 -5.25
C THR D 84 45.87 32.36 -5.06
N ASP D 85 46.02 33.03 -3.93
CA ASP D 85 47.25 33.79 -3.70
C ASP D 85 48.44 32.86 -3.46
N GLU D 86 48.21 31.70 -2.85
CA GLU D 86 49.32 30.80 -2.56
CA GLU D 86 49.29 30.75 -2.57
C GLU D 86 50.06 30.40 -3.83
N ALA D 87 49.36 30.31 -4.97
CA ALA D 87 50.00 29.89 -6.21
C ALA D 87 50.97 30.93 -6.76
N LYS D 88 50.91 32.18 -6.29
CA LYS D 88 51.93 33.16 -6.65
C LYS D 88 53.21 33.01 -5.83
N GLU D 89 53.18 32.19 -4.77
CA GLU D 89 54.29 32.07 -3.83
C GLU D 89 54.95 30.71 -3.80
N VAL D 90 54.31 29.66 -4.32
CA VAL D 90 54.87 28.32 -4.25
C VAL D 90 54.36 27.45 -5.39
N THR D 91 55.12 26.39 -5.66
CA THR D 91 54.78 25.36 -6.64
C THR D 91 54.27 24.15 -5.88
N LYS D 92 53.06 23.70 -6.21
CA LYS D 92 52.42 22.60 -5.51
C LYS D 92 52.04 21.51 -6.51
N GLY D 93 51.87 20.29 -5.98
CA GLY D 93 51.50 19.15 -6.79
C GLY D 93 50.23 18.53 -6.24
N PHE D 94 49.41 17.98 -7.16
CA PHE D 94 48.06 17.52 -6.83
C PHE D 94 47.78 16.18 -7.51
N GLU D 95 47.10 15.28 -6.78
CA GLU D 95 46.68 13.99 -7.33
C GLU D 95 45.39 14.08 -8.14
N ASN D 96 45.35 13.40 -9.27
CA ASN D 96 44.14 13.38 -10.10
C ASN D 96 44.01 12.02 -10.78
N THR D 97 42.79 11.46 -10.79
CA THR D 97 42.55 10.13 -11.33
C THR D 97 41.46 10.15 -12.38
N TYR D 98 41.66 9.41 -13.48
CA TYR D 98 40.66 9.29 -14.57
C TYR D 98 40.49 7.83 -14.92
N LEU D 99 39.25 7.47 -15.23
CA LEU D 99 38.89 6.15 -15.70
C LEU D 99 38.72 6.18 -17.21
N LEU D 100 39.40 5.30 -17.90
CA LEU D 100 39.29 5.15 -19.34
C LEU D 100 39.02 3.70 -19.68
N PRO D 101 38.41 3.42 -20.81
CA PRO D 101 38.29 2.02 -21.27
C PRO D 101 39.66 1.43 -21.56
N TYR D 102 39.75 0.13 -21.42
CA TYR D 102 41.03 -0.57 -21.47
C TYR D 102 41.32 -1.02 -22.90
N PRO D 103 42.35 -0.50 -23.56
CA PRO D 103 42.54 -0.82 -25.00
C PRO D 103 43.06 -2.24 -25.23
N ILE D 104 42.65 -2.79 -26.37
CA ILE D 104 43.17 -4.07 -26.86
C ILE D 104 44.62 -3.93 -27.31
N LYS D 105 44.94 -2.86 -28.06
CA LYS D 105 46.27 -2.58 -28.58
C LYS D 105 46.80 -1.24 -28.08
N PRO D 106 48.09 -0.97 -28.26
CA PRO D 106 48.67 0.26 -27.70
C PRO D 106 47.86 1.49 -28.09
N ALA D 107 47.68 2.38 -27.11
CA ALA D 107 46.98 3.63 -27.30
C ALA D 107 47.81 4.79 -26.73
N GLU D 108 47.69 5.93 -27.36
CA GLU D 108 48.31 7.16 -26.90
C GLU D 108 47.29 7.99 -26.14
N VAL D 109 47.60 8.32 -24.90
CA VAL D 109 46.74 9.21 -24.14
C VAL D 109 47.35 10.61 -24.19
N GLU D 110 46.51 11.59 -24.56
CA GLU D 110 46.87 13.01 -24.50
C GLU D 110 45.98 13.68 -23.47
N ILE D 111 46.60 14.26 -22.43
CA ILE D 111 45.88 15.03 -21.44
C ILE D 111 46.29 16.49 -21.51
N THR D 112 45.29 17.36 -21.46
CA THR D 112 45.47 18.81 -21.61
C THR D 112 44.77 19.55 -20.49
N LEU D 113 45.47 20.54 -19.92
CA LEU D 113 44.88 21.51 -19.01
C LEU D 113 44.75 22.83 -19.76
N ARG D 114 43.64 23.53 -19.55
CA ARG D 114 43.41 24.84 -20.14
C ARG D 114 43.23 25.89 -19.05
N ASN D 115 43.63 27.13 -19.39
CA ASN D 115 43.52 28.24 -18.47
C ASN D 115 42.11 28.85 -18.59
N ASN D 116 41.89 30.00 -17.94
CA ASN D 116 40.59 30.67 -18.00
C ASN D 116 40.37 31.46 -19.30
N LYS D 117 41.35 31.50 -20.21
CA LYS D 117 41.13 31.88 -21.60
C LYS D 117 40.80 30.67 -22.47
N ARG D 118 40.74 29.48 -21.89
CA ARG D 118 40.40 28.24 -22.59
C ARG D 118 41.43 27.88 -23.64
N GLU D 119 42.68 28.27 -23.37
CA GLU D 119 43.87 27.94 -24.14
C GLU D 119 44.77 27.03 -23.32
N VAL D 120 45.61 26.28 -24.02
CA VAL D 120 46.34 25.18 -23.37
C VAL D 120 47.39 25.73 -22.40
N SER D 121 47.34 25.26 -21.15
CA SER D 121 48.34 25.59 -20.16
C SER D 121 49.25 24.42 -19.79
N ALA D 122 48.87 23.19 -20.13
CA ALA D 122 49.76 22.05 -19.91
C ALA D 122 49.26 20.89 -20.76
N ASN D 123 50.19 20.07 -21.21
CA ASN D 123 49.93 19.04 -22.20
C ASN D 123 50.93 17.90 -21.96
N LEU D 124 50.43 16.67 -22.05
CA LEU D 124 51.22 15.46 -21.90
C LEU D 124 50.65 14.38 -22.80
N LYS D 125 51.52 13.72 -23.56
CA LYS D 125 51.17 12.53 -24.31
C LYS D 125 51.97 11.35 -23.77
N HIS D 126 51.34 10.18 -23.66
CA HIS D 126 52.05 8.96 -23.27
C HIS D 126 51.36 7.73 -23.83
N VAL D 127 52.14 6.70 -24.12
CA VAL D 127 51.63 5.50 -24.76
C VAL D 127 51.40 4.45 -23.68
N VAL D 128 50.19 3.92 -23.64
CA VAL D 128 49.85 2.83 -22.75
C VAL D 128 49.93 1.53 -23.53
N LYS D 129 50.74 0.58 -23.03
CA LYS D 129 50.85 -0.76 -23.59
C LYS D 129 50.00 -1.70 -22.74
N PRO D 130 48.96 -2.31 -23.30
CA PRO D 130 48.05 -3.10 -22.46
C PRO D 130 48.69 -4.30 -21.77
N ASP D 131 49.78 -4.86 -22.29
CA ASP D 131 50.47 -5.96 -21.59
C ASP D 131 51.61 -5.48 -20.66
N ASP D 132 51.75 -4.19 -20.43
CA ASP D 132 52.72 -3.66 -19.46
C ASP D 132 52.52 -4.32 -18.10
N ILE D 133 53.60 -4.88 -17.55
CA ILE D 133 53.43 -5.63 -16.31
C ILE D 133 53.30 -4.72 -15.10
N LEU D 134 53.64 -3.44 -15.22
CA LEU D 134 53.50 -2.53 -14.08
C LEU D 134 52.13 -1.84 -14.04
N ILE D 135 51.19 -2.29 -14.86
CA ILE D 135 49.79 -1.85 -14.67
C ILE D 135 49.26 -2.62 -13.46
N HIS D 136 48.95 -1.88 -12.39
CA HIS D 136 48.56 -2.45 -11.11
C HIS D 136 47.15 -3.01 -11.20
N LYS D 137 47.01 -4.31 -11.00
CA LYS D 137 45.70 -4.97 -11.04
C LYS D 137 44.99 -4.69 -9.72
N LYS D 138 43.83 -4.04 -9.76
CA LYS D 138 43.15 -3.64 -8.54
C LYS D 138 41.72 -4.18 -8.51
N GLY D 139 41.08 -4.03 -7.36
CA GLY D 139 39.67 -4.38 -7.25
C GLY D 139 39.38 -5.87 -7.31
N LEU D 140 40.36 -6.71 -7.04
CA LEU D 140 40.17 -8.16 -7.10
C LEU D 140 39.95 -8.78 -5.72
N THR D 141 40.47 -8.16 -4.67
CA THR D 141 40.40 -8.68 -3.31
C THR D 141 40.28 -7.51 -2.33
N HIS D 142 39.71 -7.80 -1.15
CA HIS D 142 39.55 -6.80 -0.09
C HIS D 142 38.68 -5.63 -0.55
N ILE D 143 37.60 -5.96 -1.24
CA ILE D 143 36.71 -4.93 -1.73
C ILE D 143 35.95 -4.32 -0.57
N THR D 144 35.89 -2.98 -0.55
CA THR D 144 35.28 -2.27 0.55
C THR D 144 33.84 -2.74 0.72
N PRO D 145 33.38 -2.97 1.96
CA PRO D 145 31.96 -3.31 2.15
C PRO D 145 31.03 -2.26 1.57
N HIS D 146 29.94 -2.71 0.95
CA HIS D 146 29.06 -1.79 0.23
C HIS D 146 27.66 -2.35 0.17
N LYS D 147 26.70 -1.46 -0.14
CA LYS D 147 25.31 -1.86 -0.30
C LYS D 147 24.68 -0.99 -1.39
N TYR D 148 23.98 -1.60 -2.32
CA TYR D 148 23.24 -0.84 -3.31
C TYR D 148 21.97 -0.28 -2.70
N LEU D 149 21.76 1.03 -2.90
CA LEU D 149 20.52 1.69 -2.51
C LEU D 149 19.55 1.82 -3.66
N LEU D 150 20.03 1.67 -4.90
CA LEU D 150 19.21 1.77 -6.10
C LEU D 150 19.91 1.02 -7.21
N LYS D 151 19.27 -0.02 -7.76
CA LYS D 151 19.87 -0.90 -8.77
C LYS D 151 18.87 -0.93 -9.93
N SER D 152 19.04 0.02 -10.86
CA SER D 152 18.14 0.17 -12.00
C SER D 152 18.53 -0.70 -13.19
N GLY D 153 19.74 -1.25 -13.20
CA GLY D 153 20.26 -1.92 -14.38
C GLY D 153 21.71 -2.26 -14.15
N ASN D 154 22.32 -2.81 -15.19
CA ASN D 154 23.75 -3.11 -15.08
C ASN D 154 24.59 -1.85 -15.36
N GLU D 155 25.87 -1.94 -15.03
CA GLU D 155 26.76 -0.78 -15.07
C GLU D 155 27.01 -0.27 -16.49
N GLU D 156 26.68 -1.07 -17.52
CA GLU D 156 26.87 -0.67 -18.90
C GLU D 156 25.74 0.19 -19.45
N GLN D 157 24.55 0.10 -18.87
CA GLN D 157 23.45 0.92 -19.35
C GLN D 157 23.07 2.04 -18.40
N CYS D 158 23.45 1.97 -17.13
CA CYS D 158 23.09 2.96 -16.12
C CYS D 158 24.29 3.78 -15.67
N ILE D 159 24.00 4.99 -15.17
CA ILE D 159 24.99 5.89 -14.59
C ILE D 159 25.27 5.44 -13.16
N ASP D 160 26.53 5.12 -12.86
CA ASP D 160 26.88 4.51 -11.59
C ASP D 160 27.48 5.53 -10.63
N VAL D 161 26.78 5.77 -9.53
CA VAL D 161 27.20 6.76 -8.54
C VAL D 161 27.56 6.03 -7.26
N ALA D 162 28.77 6.26 -6.75
CA ALA D 162 29.19 5.72 -5.46
C ALA D 162 29.15 6.80 -4.39
N ILE D 163 28.61 6.44 -3.22
CA ILE D 163 28.62 7.32 -2.05
C ILE D 163 29.59 6.73 -1.03
N LEU D 164 30.60 7.51 -0.66
CA LEU D 164 31.67 7.04 0.21
C LEU D 164 31.51 7.63 1.61
N ALA D 165 32.01 6.93 2.62
CA ALA D 165 31.91 7.38 4.00
C ALA D 165 33.22 8.03 4.42
N GLU D 166 33.12 9.22 5.01
CA GLU D 166 34.30 9.97 5.46
C GLU D 166 34.05 10.41 6.90
N GLY D 167 34.99 10.07 7.80
CA GLY D 167 34.82 10.39 9.20
C GLY D 167 33.82 9.55 9.95
N TYR D 168 33.48 8.37 9.43
CA TYR D 168 32.62 7.43 10.13
C TYR D 168 33.48 6.25 10.59
N THR D 169 33.47 5.95 11.89
CA THR D 169 34.21 4.81 12.38
C THR D 169 33.45 3.52 12.08
N THR D 170 34.11 2.38 12.35
CA THR D 170 33.50 1.08 12.12
C THR D 170 32.15 0.96 12.81
N SER D 171 32.02 1.49 14.02
CA SER D 171 30.78 1.35 14.77
C SER D 171 29.65 2.24 14.25
N GLU D 172 29.96 3.22 13.40
CA GLU D 172 29.00 4.25 13.01
C GLU D 172 28.42 4.02 11.62
N MET D 173 28.50 2.81 11.08
CA MET D 173 28.15 2.62 9.68
C MET D 173 26.65 2.50 9.46
N GLU D 174 25.85 2.15 10.48
CA GLU D 174 24.40 2.24 10.33
C GLU D 174 23.98 3.69 10.15
N THR D 175 24.61 4.61 10.89
CA THR D 175 24.39 6.03 10.63
C THR D 175 24.72 6.36 9.17
N PHE D 176 25.93 5.99 8.71
CA PHE D 176 26.32 6.31 7.35
C PHE D 176 25.28 5.82 6.34
N TYR D 177 24.84 4.57 6.46
CA TYR D 177 23.87 4.06 5.49
C TYR D 177 22.57 4.86 5.51
N LYS D 178 22.17 5.35 6.66
CA LYS D 178 20.97 6.19 6.69
C LYS D 178 21.21 7.53 6.01
N ASP D 179 22.38 8.13 6.27
CA ASP D 179 22.72 9.39 5.63
C ASP D 179 22.81 9.24 4.12
N ALA D 180 23.37 8.12 3.66
CA ALA D 180 23.44 7.83 2.23
C ALA D 180 22.05 7.73 1.63
N ALA D 181 21.13 7.05 2.31
CA ALA D 181 19.75 7.01 1.84
C ALA D 181 19.12 8.39 1.84
N ILE D 182 19.47 9.23 2.80
CA ILE D 182 18.93 10.59 2.82
C ILE D 182 19.43 11.37 1.61
N ALA D 183 20.73 11.26 1.29
CA ALA D 183 21.29 11.92 0.12
C ALA D 183 20.59 11.48 -1.17
N CYS D 184 20.40 10.17 -1.32
CA CYS D 184 19.77 9.61 -2.51
C CYS D 184 18.35 10.13 -2.66
N GLU D 185 17.56 10.07 -1.59
CA GLU D 185 16.20 10.62 -1.59
C GLU D 185 16.21 12.10 -2.01
N ALA D 186 17.12 12.90 -1.43
CA ALA D 186 17.23 14.31 -1.80
C ALA D 186 17.52 14.47 -3.29
N LEU D 187 18.47 13.69 -3.82
CA LEU D 187 18.81 13.86 -5.23
C LEU D 187 17.60 13.58 -6.12
N PHE D 188 16.91 12.48 -5.89
CA PHE D 188 15.81 12.08 -6.75
C PHE D 188 14.50 12.72 -6.37
N SER D 189 14.50 13.66 -5.44
CA SER D 189 13.35 14.56 -5.29
C SER D 189 13.46 15.75 -6.23
N HIS D 190 14.63 15.94 -6.85
CA HIS D 190 14.86 17.06 -7.76
C HIS D 190 14.70 16.60 -9.21
N GLU D 191 13.95 17.38 -9.99
CA GLU D 191 13.94 17.19 -11.41
C GLU D 191 15.28 17.66 -11.99
N PRO D 192 15.75 17.03 -13.05
CA PRO D 192 15.16 15.91 -13.78
C PRO D 192 15.62 14.56 -13.26
N PHE D 193 16.39 14.52 -12.17
CA PHE D 193 16.80 13.23 -11.63
C PHE D 193 15.58 12.36 -11.32
N GLN D 194 14.49 12.99 -10.84
CA GLN D 194 13.30 12.24 -10.44
C GLN D 194 12.70 11.49 -11.62
N SER D 195 12.42 12.22 -12.71
CA SER D 195 11.91 11.57 -13.92
C SER D 195 12.90 10.57 -14.51
N MET D 196 14.19 10.69 -14.18
CA MET D 196 15.23 9.90 -14.82
C MET D 196 15.81 8.87 -13.87
N LYS D 197 15.05 8.50 -12.83
CA LYS D 197 15.60 7.68 -11.76
C LYS D 197 16.06 6.34 -12.28
N ASN D 198 15.38 5.81 -13.30
CA ASN D 198 15.66 4.49 -13.84
C ASN D 198 16.98 4.44 -14.60
N ARG D 199 17.64 5.59 -14.80
CA ARG D 199 18.94 5.66 -15.45
C ARG D 199 20.12 5.60 -14.47
N PHE D 200 19.88 5.43 -13.16
CA PHE D 200 20.97 5.48 -12.19
C PHE D 200 21.08 4.22 -11.35
N ASN D 201 22.32 3.91 -10.96
CA ASN D 201 22.63 2.98 -9.89
C ASN D 201 23.35 3.77 -8.79
N ILE D 202 23.00 3.49 -7.55
CA ILE D 202 23.56 4.19 -6.41
C ILE D 202 24.05 3.13 -5.44
N VAL D 203 25.34 3.16 -5.11
CA VAL D 203 25.95 2.19 -4.20
C VAL D 203 26.61 2.98 -3.09
N ALA D 204 26.38 2.55 -1.84
CA ALA D 204 26.96 3.19 -0.67
C ALA D 204 28.12 2.34 -0.18
N VAL D 205 29.26 2.98 0.08
CA VAL D 205 30.53 2.28 0.30
C VAL D 205 31.02 2.68 1.68
N ALA D 206 31.04 1.71 2.60
CA ALA D 206 31.36 1.98 4.00
C ALA D 206 32.86 1.92 4.25
N SER D 207 33.55 2.93 3.72
CA SER D 207 34.98 3.07 3.93
C SER D 207 35.25 3.56 5.35
N PRO D 208 35.90 2.78 6.20
CA PRO D 208 36.00 3.16 7.62
C PRO D 208 37.10 4.16 7.90
N SER D 209 36.87 4.98 8.93
CA SER D 209 37.84 5.95 9.39
C SER D 209 38.27 5.64 10.83
N ALA D 210 39.52 5.97 11.14
CA ALA D 210 40.00 5.84 12.52
C ALA D 210 39.21 6.75 13.47
N ASP D 211 39.11 8.04 13.13
CA ASP D 211 38.47 9.04 13.98
C ASP D 211 37.10 9.43 13.44
N SER D 212 36.17 9.67 14.37
CA SER D 212 34.91 10.30 14.02
C SER D 212 35.13 11.77 13.67
N GLY D 213 34.31 12.29 12.77
CA GLY D 213 34.42 13.68 12.36
C GLY D 213 35.53 13.89 11.35
N VAL D 214 35.72 15.14 10.95
CA VAL D 214 36.68 15.50 9.93
C VAL D 214 37.53 16.67 10.42
N SER D 215 38.64 16.90 9.72
CA SER D 215 39.59 17.91 10.19
C SER D 215 39.05 19.32 10.00
N ALA D 216 39.31 20.17 10.99
CA ALA D 216 38.83 21.56 11.04
C ALA D 216 40.06 22.40 11.33
N PRO D 217 40.84 22.73 10.31
CA PRO D 217 42.13 23.39 10.58
C PRO D 217 41.99 24.70 11.33
N LYS D 218 40.93 25.46 11.06
CA LYS D 218 40.81 26.76 11.71
C LYS D 218 40.81 26.62 13.23
N GLN D 219 40.26 25.51 13.75
CA GLN D 219 40.26 25.23 15.18
C GLN D 219 41.36 24.26 15.58
N GLY D 220 42.43 24.15 14.77
CA GLY D 220 43.49 23.19 15.02
C GLY D 220 43.10 21.75 15.32
N ALA D 221 41.87 21.35 14.98
CA ALA D 221 41.38 20.01 15.32
C ALA D 221 41.43 19.09 14.10
N TRP D 222 42.51 18.34 14.02
CA TRP D 222 42.73 17.41 12.92
C TRP D 222 42.30 16.00 13.31
N LYS D 223 41.68 15.31 12.36
CA LYS D 223 41.24 13.95 12.58
C LYS D 223 41.98 13.02 11.64
N HIS D 224 41.97 11.75 12.01
CA HIS D 224 42.62 10.66 11.27
C HIS D 224 41.47 9.99 10.52
N THR D 225 41.30 10.33 9.24
CA THR D 225 40.14 9.86 8.48
C THR D 225 40.58 9.17 7.18
N ALA D 226 39.61 8.48 6.56
CA ALA D 226 39.89 7.68 5.37
C ALA D 226 40.50 8.53 4.27
N PHE D 227 40.00 9.74 4.06
CA PHE D 227 40.44 10.54 2.91
C PHE D 227 41.02 11.87 3.30
N GLY D 228 41.31 12.08 4.58
CA GLY D 228 41.95 13.33 5.01
C GLY D 228 41.22 14.58 4.57
N SER D 229 39.90 14.56 4.59
CA SER D 229 39.18 15.75 4.18
C SER D 229 39.26 16.80 5.29
N HIS D 230 39.09 18.06 4.89
CA HIS D 230 39.26 19.16 5.85
C HIS D 230 38.51 20.37 5.34
N PHE D 231 38.02 21.16 6.30
CA PHE D 231 37.43 22.45 5.99
C PHE D 231 38.55 23.44 5.68
N ASP D 232 38.16 24.68 5.36
CA ASP D 232 39.12 25.77 5.17
C ASP D 232 40.02 25.57 3.96
N THR D 233 39.55 24.87 2.93
CA THR D 233 40.36 24.76 1.71
C THR D 233 40.53 26.14 1.10
N PHE D 234 41.78 26.48 0.76
CA PHE D 234 42.11 27.79 0.21
C PHE D 234 41.79 28.92 1.19
N TYR D 235 41.60 28.58 2.47
CA TYR D 235 41.20 29.52 3.53
C TYR D 235 39.77 30.02 3.35
N SER D 236 38.94 29.24 2.66
CA SER D 236 37.49 29.46 2.63
C SER D 236 36.87 28.50 3.63
N ASP D 237 36.29 29.05 4.72
CA ASP D 237 35.81 28.22 5.82
C ASP D 237 34.92 27.07 5.33
N ARG D 238 33.95 27.38 4.47
CA ARG D 238 32.96 26.36 4.12
C ARG D 238 33.45 25.37 3.06
N TYR D 239 34.66 25.54 2.53
CA TYR D 239 35.14 24.70 1.44
C TYR D 239 35.71 23.43 2.04
N LEU D 240 34.96 22.34 1.90
CA LEU D 240 35.36 21.03 2.39
C LEU D 240 35.90 20.28 1.18
N THR D 241 37.19 19.98 1.19
CA THR D 241 37.75 19.17 0.13
C THR D 241 38.69 18.11 0.69
N THR D 242 39.08 17.18 -0.19
CA THR D 242 40.16 16.24 0.04
C THR D 242 41.13 16.35 -1.13
N SER D 243 42.41 16.19 -0.82
CA SER D 243 43.47 16.08 -1.81
C SER D 243 43.92 14.63 -1.99
N ARG D 244 43.32 13.69 -1.26
CA ARG D 244 43.73 12.27 -1.31
C ARG D 244 42.89 11.53 -2.36
N VAL D 245 43.07 11.96 -3.60
CA VAL D 245 42.25 11.43 -4.68
C VAL D 245 42.58 9.96 -4.94
N LYS D 246 43.84 9.57 -4.79
CA LYS D 246 44.16 8.15 -4.98
C LYS D 246 43.47 7.29 -3.92
N ALA D 247 43.37 7.80 -2.69
CA ALA D 247 42.73 7.03 -1.63
C ALA D 247 41.22 6.88 -1.89
N ILE D 248 40.58 7.92 -2.39
CA ILE D 248 39.15 7.83 -2.70
C ILE D 248 38.91 6.74 -3.74
N ASN D 249 39.73 6.74 -4.79
CA ASN D 249 39.51 5.80 -5.89
C ASN D 249 39.93 4.37 -5.49
N ASP D 250 41.01 4.23 -4.70
CA ASP D 250 41.36 2.90 -4.18
C ASP D 250 40.24 2.28 -3.35
N ALA D 251 39.51 3.07 -2.56
CA ALA D 251 38.42 2.49 -1.79
C ALA D 251 37.28 1.99 -2.67
N LEU D 252 37.16 2.52 -3.88
CA LEU D 252 36.12 2.11 -4.80
C LEU D 252 36.55 0.98 -5.73
N ALA D 253 37.82 0.59 -5.70
CA ALA D 253 38.30 -0.41 -6.66
C ALA D 253 37.50 -1.71 -6.49
N GLY D 254 37.00 -2.23 -7.58
CA GLY D 254 36.17 -3.41 -7.56
C GLY D 254 34.68 -3.14 -7.58
N ILE D 255 34.27 -1.91 -7.28
CA ILE D 255 32.88 -1.49 -7.34
C ILE D 255 32.70 -0.69 -8.62
N PRO D 256 31.74 -1.03 -9.47
CA PRO D 256 31.53 -0.19 -10.68
C PRO D 256 31.14 1.22 -10.29
N TYR D 257 31.88 2.20 -10.83
CA TYR D 257 31.54 3.59 -10.54
C TYR D 257 31.98 4.50 -11.66
N GLU D 258 31.28 5.63 -11.74
CA GLU D 258 31.57 6.71 -12.68
C GLU D 258 31.64 8.05 -11.95
N HIS D 259 30.84 8.24 -10.89
CA HIS D 259 30.82 9.49 -10.14
C HIS D 259 30.89 9.22 -8.65
N ILE D 260 31.48 10.16 -7.93
CA ILE D 260 31.74 9.98 -6.51
C ILE D 260 31.10 11.10 -5.70
N ILE D 261 30.35 10.69 -4.66
CA ILE D 261 29.87 11.56 -3.60
C ILE D 261 30.46 11.09 -2.28
N ILE D 262 31.01 12.00 -1.51
CA ILE D 262 31.61 11.66 -0.22
C ILE D 262 30.82 12.34 0.89
N LEU D 263 30.33 11.55 1.84
CA LEU D 263 29.60 12.08 2.99
C LEU D 263 30.52 12.22 4.19
N ALA D 264 30.63 13.44 4.71
CA ALA D 264 31.42 13.71 5.91
C ALA D 264 30.54 13.67 7.15
N ASN D 265 30.99 12.96 8.18
CA ASN D 265 30.24 12.77 9.42
C ASN D 265 30.50 13.95 10.35
N THR D 266 29.78 15.04 10.11
CA THR D 266 29.98 16.24 10.89
C THR D 266 28.78 17.15 10.69
N GLU D 267 28.50 17.94 11.72
CA GLU D 267 27.40 18.90 11.70
C GLU D 267 27.82 20.28 11.21
N GLN D 268 29.11 20.51 11.08
CA GLN D 268 29.64 21.79 10.61
C GLN D 268 29.35 21.97 9.12
N TYR D 269 29.09 23.20 8.71
CA TYR D 269 28.61 23.47 7.36
C TYR D 269 29.74 23.48 6.35
N GLY D 270 29.55 22.76 5.26
CA GLY D 270 30.49 22.89 4.17
C GLY D 270 30.30 21.82 3.13
N GLY D 271 31.08 21.97 2.06
CA GLY D 271 30.94 21.08 0.92
C GLY D 271 31.86 21.52 -0.19
N GLY D 272 31.81 20.76 -1.25
CA GLY D 272 32.66 21.01 -2.39
C GLY D 272 32.24 20.09 -3.51
N GLY D 273 32.40 20.56 -4.74
CA GLY D 273 32.04 19.77 -5.89
C GLY D 273 32.88 20.24 -7.06
N ILE D 274 33.50 19.31 -7.74
CA ILE D 274 34.38 19.59 -8.86
C ILE D 274 34.03 18.63 -10.00
N TYR D 275 33.80 19.19 -11.19
CA TYR D 275 33.35 18.42 -12.35
C TYR D 275 34.22 17.20 -12.64
N ASN D 276 33.58 16.01 -12.58
CA ASN D 276 34.19 14.71 -12.86
C ASN D 276 35.42 14.46 -12.01
N ALA D 277 35.41 15.00 -10.79
CA ALA D 277 36.36 14.65 -9.75
C ALA D 277 35.63 14.00 -8.58
N PHE D 278 34.84 14.77 -7.82
CA PHE D 278 34.10 14.26 -6.67
C PHE D 278 33.21 15.40 -6.15
N THR D 279 32.20 15.00 -5.36
CA THR D 279 31.45 15.85 -4.46
C THR D 279 31.71 15.46 -3.01
N LEU D 280 31.83 16.47 -2.15
CA LEU D 280 31.95 16.31 -0.69
C LEU D 280 30.88 17.16 -0.02
N THR D 281 30.25 16.62 1.03
CA THR D 281 29.19 17.32 1.74
C THR D 281 29.13 16.88 3.19
N THR D 282 28.76 17.80 4.08
CA THR D 282 28.46 17.42 5.45
C THR D 282 27.12 16.72 5.52
N ALA D 283 27.06 15.68 6.34
CA ALA D 283 25.90 14.81 6.40
C ALA D 283 24.90 15.16 7.49
N HIS D 284 25.31 15.91 8.51
CA HIS D 284 24.46 16.16 9.68
C HIS D 284 24.18 17.63 9.89
N HIS D 285 24.56 18.47 8.95
CA HIS D 285 24.11 19.84 8.97
C HIS D 285 22.65 19.88 8.53
N PRO D 286 21.84 20.78 9.10
CA PRO D 286 20.43 20.84 8.68
C PRO D 286 20.23 21.07 7.19
N ASN D 287 21.19 21.67 6.49
CA ASN D 287 21.05 21.90 5.06
C ASN D 287 21.72 20.82 4.21
N PHE D 288 21.98 19.65 4.80
CA PHE D 288 22.51 18.51 4.07
C PHE D 288 21.83 18.29 2.72
N ARG D 289 20.50 18.31 2.71
CA ARG D 289 19.79 17.83 1.51
C ARG D 289 19.96 18.78 0.33
N PRO D 290 19.75 20.09 0.46
CA PRO D 290 20.06 20.98 -0.66
C PRO D 290 21.55 21.06 -0.97
N VAL D 291 22.43 20.97 0.03
CA VAL D 291 23.86 21.13 -0.23
C VAL D 291 24.38 20.01 -1.13
N VAL D 292 24.01 18.76 -0.80
CA VAL D 292 24.55 17.61 -1.55
C VAL D 292 24.11 17.64 -3.01
N VAL D 293 22.86 18.05 -3.26
CA VAL D 293 22.38 18.20 -4.61
C VAL D 293 23.12 19.31 -5.32
N HIS D 294 23.38 20.41 -4.58
CA HIS D 294 24.07 21.55 -5.17
C HIS D 294 25.48 21.18 -5.60
N GLU D 295 26.19 20.42 -4.76
CA GLU D 295 27.56 19.99 -5.10
C GLU D 295 27.58 18.96 -6.23
N PHE D 296 26.60 18.06 -6.27
CA PHE D 296 26.45 17.15 -7.39
C PHE D 296 26.15 17.93 -8.67
N GLY D 297 25.39 19.03 -8.57
CA GLY D 297 25.27 19.95 -9.68
C GLY D 297 26.62 20.31 -10.28
N HIS D 298 27.62 20.54 -9.43
CA HIS D 298 28.97 20.80 -9.91
C HIS D 298 29.64 19.54 -10.45
N SER D 299 29.64 18.46 -9.66
CA SER D 299 30.55 17.35 -9.95
C SER D 299 29.99 16.47 -11.06
N PHE D 300 28.67 16.28 -11.10
CA PHE D 300 28.04 15.57 -12.19
C PHE D 300 27.57 16.46 -13.33
N GLY D 301 26.92 17.58 -13.01
CA GLY D 301 26.37 18.45 -14.03
C GLY D 301 27.34 19.45 -14.64
N GLY D 302 28.50 19.62 -14.03
CA GLY D 302 29.37 20.68 -14.53
C GLY D 302 28.79 22.07 -14.46
N LEU D 303 27.78 22.31 -13.62
CA LEU D 303 27.18 23.62 -13.48
C LEU D 303 28.04 24.57 -12.66
N ALA D 304 27.93 25.85 -12.97
CA ALA D 304 28.59 26.90 -12.19
C ALA D 304 27.72 27.37 -11.03
N ASP D 305 28.38 27.97 -10.05
CA ASP D 305 27.68 28.72 -9.01
C ASP D 305 26.97 29.95 -9.58
N GLU D 306 25.69 30.08 -9.29
CA GLU D 306 24.94 31.26 -9.64
C GLU D 306 24.89 32.31 -8.54
N TYR D 307 25.43 32.03 -7.35
CA TYR D 307 25.45 33.11 -6.38
C TYR D 307 26.58 34.09 -6.68
N PHE D 308 26.55 35.21 -5.97
CA PHE D 308 27.57 36.25 -6.16
C PHE D 308 27.54 37.17 -4.95
N TYR D 309 28.65 37.85 -4.74
CA TYR D 309 28.75 38.82 -3.67
C TYR D 309 28.65 40.22 -4.25
N ASP D 310 28.10 41.15 -3.45
CA ASP D 310 27.98 42.53 -3.92
C ASP D 310 29.34 43.21 -4.02
N GLU D 311 30.21 42.99 -3.03
CA GLU D 311 31.58 43.49 -3.09
C GLU D 311 32.46 42.46 -3.80
N ASP D 312 33.43 42.96 -4.56
CA ASP D 312 34.31 42.08 -5.34
C ASP D 312 35.09 41.14 -4.42
N VAL D 313 35.41 39.96 -4.94
CA VAL D 313 36.25 38.99 -4.25
C VAL D 313 37.18 38.29 -5.25
N LEU D 317 38.02 34.11 -11.99
CA LEU D 317 38.17 32.89 -12.74
C LEU D 317 37.19 32.84 -13.93
N TYR D 318 36.35 33.87 -14.06
CA TYR D 318 35.47 34.02 -15.23
C TYR D 318 35.75 35.37 -15.89
N PRO D 319 36.84 35.47 -16.64
CA PRO D 319 37.10 36.71 -17.40
C PRO D 319 35.90 37.08 -18.26
N LEU D 320 35.63 38.39 -18.36
CA LEU D 320 34.46 38.88 -19.06
C LEU D 320 34.59 38.81 -20.58
N ASN D 321 35.79 38.56 -21.11
CA ASN D 321 35.99 38.43 -22.54
C ASN D 321 35.90 36.99 -23.05
N ILE D 322 35.58 36.04 -22.17
CA ILE D 322 35.47 34.62 -22.53
C ILE D 322 34.10 34.11 -22.12
N GLU D 323 33.45 33.38 -23.00
CA GLU D 323 32.22 32.69 -22.64
C GLU D 323 32.56 31.48 -21.78
N PRO D 324 32.00 31.37 -20.56
CA PRO D 324 32.26 30.18 -19.73
C PRO D 324 31.84 28.92 -20.45
N TRP D 325 32.56 27.81 -20.19
CA TRP D 325 32.08 26.55 -20.72
C TRP D 325 30.90 26.02 -19.93
N GLU D 326 30.71 26.51 -18.71
CA GLU D 326 29.56 26.09 -17.91
C GLU D 326 28.27 26.60 -18.55
N GLN D 327 27.22 25.80 -18.47
CA GLN D 327 25.99 26.05 -19.21
C GLN D 327 25.02 27.06 -18.54
N ASN D 328 25.20 27.38 -17.28
CA ASN D 328 24.21 28.14 -16.54
C ASN D 328 24.69 29.52 -16.12
N ILE D 329 25.80 29.99 -16.68
CA ILE D 329 26.22 31.38 -16.55
C ILE D 329 26.72 31.82 -17.91
N THR D 330 26.70 33.13 -18.12
CA THR D 330 27.17 33.69 -19.36
C THR D 330 27.83 35.04 -19.11
N THR D 331 28.76 35.39 -19.99
CA THR D 331 29.31 36.72 -20.08
C THR D 331 28.78 37.48 -21.28
N ARG D 332 27.83 36.89 -22.01
CA ARG D 332 27.29 37.47 -23.26
C ARG D 332 28.34 37.59 -24.36
N ILE D 333 29.32 36.68 -24.37
CA ILE D 333 30.27 36.64 -25.47
C ILE D 333 29.79 35.69 -26.56
N ASN D 334 29.21 34.54 -26.19
CA ASN D 334 28.68 33.56 -27.14
C ASN D 334 27.37 33.07 -26.52
N PHE D 335 26.47 34.00 -26.24
CA PHE D 335 25.24 33.65 -25.55
C PHE D 335 24.37 32.72 -26.39
N ALA D 336 24.55 32.70 -27.71
CA ALA D 336 23.72 31.83 -28.55
C ALA D 336 23.95 30.37 -28.23
N SER D 337 25.13 30.00 -27.72
CA SER D 337 25.41 28.62 -27.34
C SER D 337 24.85 28.27 -25.96
N LYS D 338 24.35 29.23 -25.21
CA LYS D 338 23.78 28.94 -23.89
C LYS D 338 22.25 28.81 -23.97
N TRP D 339 21.53 29.67 -23.25
CA TRP D 339 20.08 29.51 -23.12
C TRP D 339 19.30 30.60 -23.87
N GLU D 340 19.88 31.20 -24.91
CA GLU D 340 19.13 32.17 -25.70
C GLU D 340 17.92 31.53 -26.39
N ASP D 341 18.03 30.27 -26.78
CA ASP D 341 16.90 29.54 -27.37
C ASP D 341 15.83 29.12 -26.35
N MET D 342 15.90 29.61 -25.11
CA MET D 342 14.83 29.40 -24.14
C MET D 342 14.16 30.70 -23.72
N LEU D 343 14.63 31.84 -24.21
CA LEU D 343 14.04 33.14 -23.88
C LEU D 343 12.91 33.51 -24.83
N THR D 344 11.88 34.17 -24.31
CA THR D 344 10.90 34.78 -25.22
C THR D 344 11.55 35.97 -25.93
N LYS D 345 11.15 36.19 -27.19
CA LYS D 345 11.74 37.28 -27.98
C LYS D 345 11.57 38.63 -27.29
N THR D 346 10.57 38.77 -26.43
CA THR D 346 10.29 40.02 -25.74
C THR D 346 11.10 40.18 -24.45
N THR D 347 11.85 39.15 -24.05
CA THR D 347 12.56 39.18 -22.77
C THR D 347 13.69 40.22 -22.79
N PRO D 348 13.67 41.22 -21.91
CA PRO D 348 14.79 42.18 -21.89
C PRO D 348 16.09 41.51 -21.47
N VAL D 349 17.19 41.99 -22.07
CA VAL D 349 18.54 41.49 -21.83
C VAL D 349 19.51 42.65 -21.69
N PRO D 350 20.05 42.94 -20.48
CA PRO D 350 19.88 42.21 -19.20
C PRO D 350 18.44 42.30 -18.78
N THR D 351 18.03 41.43 -17.87
CA THR D 351 16.69 41.48 -17.33
C THR D 351 16.73 42.28 -16.05
N PRO D 352 16.12 43.46 -15.98
CA PRO D 352 16.06 44.20 -14.71
C PRO D 352 15.39 43.41 -13.60
N VAL D 353 15.96 43.51 -12.39
CA VAL D 353 15.42 42.78 -11.25
C VAL D 353 14.03 43.32 -10.88
N ALA D 354 13.74 44.58 -11.22
CA ALA D 354 12.42 45.15 -10.90
C ALA D 354 11.28 44.33 -11.51
N ASP D 355 11.48 43.75 -12.68
CA ASP D 355 10.43 43.04 -13.40
C ASP D 355 10.54 41.53 -13.25
N LYS D 356 11.23 41.05 -12.21
CA LYS D 356 11.53 39.63 -12.10
C LYS D 356 10.26 38.77 -12.15
N ALA D 357 9.15 39.26 -11.58
CA ALA D 357 7.92 38.47 -11.57
C ALA D 357 7.50 38.07 -12.98
N LYS D 358 7.83 38.89 -13.99
CA LYS D 358 7.38 38.62 -15.35
C LYS D 358 8.18 37.51 -16.03
N TYR D 359 9.47 37.38 -15.72
CA TYR D 359 10.40 36.63 -16.56
C TYR D 359 11.10 35.54 -15.76
N PRO D 360 10.53 34.32 -15.73
CA PRO D 360 11.17 33.26 -14.95
C PRO D 360 12.53 32.86 -15.49
N ILE D 361 12.65 32.75 -16.82
CA ILE D 361 13.93 32.62 -17.51
C ILE D 361 14.32 33.99 -18.04
N GLY D 362 15.52 34.43 -17.70
CA GLY D 362 16.05 35.64 -18.27
C GLY D 362 17.54 35.67 -18.26
N VAL D 363 18.10 36.86 -18.19
CA VAL D 363 19.54 37.08 -18.17
C VAL D 363 19.80 38.04 -17.01
N TYR D 364 19.98 37.49 -15.81
CA TYR D 364 20.00 38.27 -14.58
C TYR D 364 21.42 38.55 -14.16
N GLU D 365 21.76 39.83 -13.99
CA GLU D 365 23.13 40.19 -13.66
C GLU D 365 23.47 39.76 -12.22
N GLY D 366 24.64 39.17 -12.08
CA GLY D 366 24.98 38.43 -10.87
C GLY D 366 25.11 36.94 -11.17
N GLY D 367 26.31 36.40 -10.97
CA GLY D 367 26.58 35.00 -11.23
C GLY D 367 28.06 34.71 -11.24
N GLY D 368 28.45 33.46 -11.00
CA GLY D 368 29.89 33.15 -11.02
C GLY D 368 30.70 34.03 -10.11
N TYR D 369 30.17 34.33 -8.92
CA TYR D 369 30.78 35.07 -7.83
C TYR D 369 30.82 36.59 -8.07
N SER D 370 30.54 37.08 -9.29
CA SER D 370 30.66 38.50 -9.60
C SER D 370 29.28 39.14 -9.71
N ALA D 371 29.16 40.37 -9.21
CA ALA D 371 27.89 41.08 -9.33
C ALA D 371 27.71 41.70 -10.70
N LYS D 372 28.80 42.03 -11.41
CA LYS D 372 28.72 42.69 -12.71
C LYS D 372 29.40 41.85 -13.78
N GLY D 373 28.78 41.79 -14.96
CA GLY D 373 29.40 41.21 -16.12
C GLY D 373 29.16 39.74 -16.36
N ILE D 374 28.59 39.03 -15.38
CA ILE D 374 28.21 37.63 -15.52
C ILE D 374 26.74 37.52 -15.18
N TYR D 375 26.02 36.72 -15.96
CA TYR D 375 24.57 36.63 -15.88
C TYR D 375 24.18 35.19 -15.63
N ARG D 376 23.12 35.01 -14.85
CA ARG D 376 22.53 33.73 -14.56
C ARG D 376 21.13 33.65 -15.18
N PRO D 377 20.54 32.46 -15.30
CA PRO D 377 19.33 32.31 -16.11
C PRO D 377 18.00 32.51 -15.37
N ALA D 378 18.03 32.69 -14.06
CA ALA D 378 16.81 32.83 -13.27
C ALA D 378 17.18 33.58 -12.01
N PHE D 379 16.17 34.23 -11.40
CA PHE D 379 16.46 35.03 -10.23
C PHE D 379 17.03 34.17 -9.10
N ASP D 380 16.53 32.94 -8.95
CA ASP D 380 17.00 32.03 -7.94
C ASP D 380 17.06 30.59 -8.49
N CYS D 381 17.78 29.73 -7.75
CA CYS D 381 18.09 28.38 -8.21
C CYS D 381 18.81 27.62 -7.09
N ARG D 382 18.75 26.29 -7.15
CA ARG D 382 19.58 25.44 -6.31
C ARG D 382 21.05 25.80 -6.40
N MET D 383 21.52 26.27 -7.57
CA MET D 383 22.92 26.64 -7.72
C MET D 383 23.20 28.04 -7.17
N ARG D 384 22.17 28.72 -6.66
CA ARG D 384 22.31 30.05 -6.06
C ARG D 384 22.13 30.05 -4.54
N THR D 385 21.05 29.43 -4.04
CA THR D 385 20.77 29.42 -2.61
C THR D 385 20.30 28.02 -2.19
N ASN D 386 20.44 27.74 -0.88
CA ASN D 386 19.94 26.49 -0.29
C ASN D 386 18.44 26.49 -0.05
N GLU D 387 17.83 27.67 0.06
CA GLU D 387 16.43 27.76 0.45
C GLU D 387 15.49 27.53 -0.71
N TYR D 388 15.87 27.91 -1.92
CA TYR D 388 15.04 27.69 -3.08
C TYR D 388 14.88 26.19 -3.34
N PRO D 389 13.72 25.75 -3.83
CA PRO D 389 13.45 24.30 -3.83
C PRO D 389 13.97 23.51 -5.04
N THR D 390 14.33 24.13 -6.16
CA THR D 390 14.59 23.36 -7.38
C THR D 390 15.72 23.95 -8.19
N PHE D 391 16.22 23.17 -9.13
CA PHE D 391 17.07 23.70 -10.19
C PHE D 391 16.24 24.61 -11.11
N CYS D 392 16.82 25.76 -11.50
CA CYS D 392 16.19 26.60 -12.51
C CYS D 392 16.02 25.77 -13.79
N PRO D 393 15.17 26.25 -14.72
CA PRO D 393 14.93 25.45 -15.94
C PRO D 393 16.16 25.29 -16.83
N VAL D 394 17.08 26.23 -16.86
CA VAL D 394 18.26 26.04 -17.70
C VAL D 394 19.17 24.97 -17.10
N CYS D 395 19.35 25.00 -15.77
CA CYS D 395 20.09 23.92 -15.10
C CYS D 395 19.43 22.57 -15.32
N GLN D 396 18.09 22.51 -15.24
CA GLN D 396 17.42 21.23 -15.47
C GLN D 396 17.69 20.70 -16.86
N ARG D 397 17.65 21.58 -17.87
CA ARG D 397 17.94 21.14 -19.22
C ARG D 397 19.41 20.70 -19.31
N ALA D 398 20.31 21.44 -18.67
CA ALA D 398 21.73 21.08 -18.72
C ALA D 398 21.96 19.70 -18.14
N ILE D 399 21.30 19.39 -17.02
CA ILE D 399 21.46 18.09 -16.39
C ILE D 399 20.84 17.00 -17.25
N GLN D 400 19.67 17.28 -17.81
CA GLN D 400 19.04 16.33 -18.71
C GLN D 400 19.95 16.02 -19.89
N ARG D 401 20.60 17.02 -20.43
CA ARG D 401 21.50 16.74 -21.56
C ARG D 401 22.66 15.81 -21.17
N ILE D 402 23.15 15.93 -19.94
CA ILE D 402 24.24 15.06 -19.50
C ILE D 402 23.75 13.64 -19.38
N ILE D 403 22.59 13.46 -18.74
CA ILE D 403 22.01 12.16 -18.58
C ILE D 403 21.81 11.48 -19.93
N GLU D 404 21.26 12.24 -20.90
CA GLU D 404 20.99 11.67 -22.21
C GLU D 404 22.27 11.38 -22.97
N PHE D 405 23.32 12.22 -22.78
CA PHE D 405 24.60 11.91 -23.38
C PHE D 405 25.07 10.51 -22.97
N TYR D 406 24.96 10.19 -21.67
CA TYR D 406 25.52 8.95 -21.16
C TYR D 406 24.59 7.75 -21.36
N THR D 407 23.26 7.96 -21.36
CA THR D 407 22.34 6.82 -21.40
C THR D 407 21.31 6.91 -22.52
N GLY D 408 21.38 7.90 -23.39
CA GLY D 408 20.54 7.95 -24.56
C GLY D 408 19.27 8.76 -24.34
N LYS D 409 18.72 9.27 -25.43
CA LYS D 409 17.49 10.05 -25.34
C LYS D 409 16.36 9.16 -24.80
N ASN E 4 -50.95 31.60 13.69
CA ASN E 4 -51.17 30.70 14.81
C ASN E 4 -50.29 29.44 14.74
N PHE E 5 -49.72 29.05 15.88
CA PHE E 5 -48.90 27.84 15.93
C PHE E 5 -49.72 26.63 15.54
N SER E 6 -50.96 26.54 16.00
CA SER E 6 -51.80 25.40 15.68
C SER E 6 -52.25 25.37 14.23
N ASP E 7 -51.92 26.37 13.43
CA ASP E 7 -52.26 26.32 12.01
C ASP E 7 -51.44 25.25 11.30
N TYR E 8 -50.24 24.93 11.81
CA TYR E 8 -49.38 23.96 11.13
C TYR E 8 -48.90 22.81 12.02
N PHE E 9 -48.97 22.93 13.35
CA PHE E 9 -48.38 21.95 14.25
C PHE E 9 -49.33 21.45 15.32
N THR E 10 -49.14 20.20 15.69
CA THR E 10 -49.72 19.62 16.88
C THR E 10 -48.80 19.92 18.07
N ASN E 11 -49.23 19.55 19.26
CA ASN E 11 -48.42 19.76 20.45
C ASN E 11 -47.55 18.53 20.71
N LYS E 12 -46.79 18.10 19.71
CA LYS E 12 -45.87 16.98 19.84
C LYS E 12 -44.53 17.43 19.25
N THR E 13 -43.51 16.61 19.45
CA THR E 13 -42.20 16.87 18.88
C THR E 13 -41.91 15.84 17.79
N LEU E 14 -41.39 16.33 16.67
CA LEU E 14 -40.82 15.48 15.64
C LEU E 14 -39.31 15.53 15.85
N ARG E 15 -38.74 14.44 16.34
CA ARG E 15 -37.28 14.36 16.48
C ARG E 15 -36.68 13.68 15.25
N ILE E 16 -35.65 14.30 14.70
CA ILE E 16 -34.97 13.75 13.54
C ILE E 16 -33.52 13.49 13.91
N ASP E 17 -33.07 12.26 13.72
CA ASP E 17 -31.67 11.88 13.87
C ASP E 17 -31.05 11.81 12.48
N TYR E 18 -29.91 12.49 12.31
CA TYR E 18 -29.15 12.51 11.08
C TYR E 18 -27.76 11.95 11.33
N LEU E 19 -27.15 11.44 10.27
CA LEU E 19 -25.72 11.14 10.26
C LEU E 19 -25.02 12.15 9.35
N PHE E 20 -23.96 12.77 9.87
CA PHE E 20 -23.10 13.66 9.10
C PHE E 20 -21.83 12.87 8.84
N THR E 21 -21.41 12.77 7.58
CA THR E 21 -20.27 11.94 7.23
C THR E 21 -19.35 12.71 6.29
N GLY E 22 -18.06 12.42 6.37
CA GLY E 22 -17.18 12.97 5.37
C GLY E 22 -15.75 13.03 5.88
N ASN E 23 -14.97 13.82 5.15
CA ASN E 23 -13.57 14.06 5.41
C ASN E 23 -13.33 15.51 5.04
N ALA E 24 -12.07 15.93 5.14
CA ALA E 24 -11.76 17.33 4.88
C ALA E 24 -12.18 17.79 3.48
N ASP E 25 -12.31 16.87 2.51
CA ASP E 25 -12.63 17.29 1.14
C ASP E 25 -14.10 17.19 0.76
N LYS E 26 -14.89 16.29 1.35
CA LYS E 26 -16.27 16.20 0.96
C LYS E 26 -17.10 15.73 2.15
N GLN E 27 -18.34 16.20 2.21
CA GLN E 27 -19.23 15.92 3.32
C GLN E 27 -20.62 15.60 2.79
N SER E 28 -21.38 14.81 3.56
CA SER E 28 -22.74 14.50 3.19
C SER E 28 -23.58 14.29 4.43
N ILE E 29 -24.90 14.31 4.23
CA ILE E 29 -25.90 14.14 5.28
C ILE E 29 -26.79 12.98 4.90
N CYS E 30 -27.07 12.07 5.84
CA CYS E 30 -28.15 11.13 5.57
C CYS E 30 -29.11 11.04 6.76
N LEU E 31 -30.33 10.64 6.44
CA LEU E 31 -31.36 10.43 7.45
C LEU E 31 -31.13 9.10 8.14
N ASP E 32 -31.25 9.11 9.47
CA ASP E 32 -31.12 7.93 10.30
C ASP E 32 -32.48 7.43 10.79
N GLU E 33 -33.26 8.27 11.46
CA GLU E 33 -34.54 7.83 12.00
C GLU E 33 -35.38 9.05 12.38
N LEU E 34 -36.70 8.89 12.28
CA LEU E 34 -37.66 9.87 12.75
C LEU E 34 -38.31 9.32 14.01
N SER E 35 -38.58 10.21 14.96
CA SER E 35 -39.21 9.87 16.23
C SER E 35 -40.25 10.92 16.58
N GLU E 36 -41.19 10.53 17.45
CA GLU E 36 -42.23 11.42 17.97
C GLU E 36 -42.08 11.46 19.49
N LEU E 37 -42.03 12.66 20.05
CA LEU E 37 -42.07 12.80 21.50
C LEU E 37 -43.38 13.47 21.92
N PRO E 38 -43.84 13.24 23.15
CA PRO E 38 -45.26 13.54 23.46
C PRO E 38 -45.60 15.02 23.60
N VAL E 39 -44.64 15.92 23.76
CA VAL E 39 -44.99 17.32 23.86
C VAL E 39 -43.95 18.13 23.10
N TRP E 40 -44.38 19.29 22.58
CA TRP E 40 -43.46 20.26 21.99
C TRP E 40 -43.03 21.22 23.09
N ALA E 41 -41.76 21.16 23.47
CA ALA E 41 -41.23 22.04 24.51
C ALA E 41 -40.52 23.26 23.94
N GLY E 42 -40.43 23.39 22.62
CA GLY E 42 -39.71 24.51 22.03
C GLY E 42 -40.57 25.75 21.92
N ARG E 43 -40.08 26.70 21.13
CA ARG E 43 -40.71 28.00 21.08
C ARG E 43 -41.98 27.95 20.24
N ARG E 44 -42.80 28.98 20.37
CA ARG E 44 -44.09 29.03 19.68
C ARG E 44 -44.27 30.32 18.91
N HIS E 45 -43.22 31.13 18.81
CA HIS E 45 -43.25 32.35 18.02
C HIS E 45 -41.88 32.53 17.38
N HIS E 46 -41.80 33.48 16.44
CA HIS E 46 -40.62 33.66 15.60
C HIS E 46 -40.23 32.33 14.93
N LEU E 47 -41.24 31.56 14.52
CA LEU E 47 -40.98 30.23 14.03
C LEU E 47 -40.18 30.24 12.73
N SER E 48 -40.16 31.37 12.01
CA SER E 48 -39.51 31.44 10.71
C SER E 48 -38.28 32.32 10.74
N GLU E 49 -37.75 32.65 11.91
CA GLU E 49 -36.48 33.35 12.00
C GLU E 49 -35.55 32.63 12.98
N LEU E 50 -34.29 32.95 12.88
CA LEU E 50 -33.21 32.38 13.67
C LEU E 50 -32.60 33.42 14.60
N PRO E 51 -32.18 33.02 15.81
CA PRO E 51 -31.48 33.96 16.70
C PRO E 51 -30.03 34.10 16.35
N LEU E 52 -29.45 33.04 15.78
CA LEU E 52 -28.08 33.02 15.32
C LEU E 52 -27.95 32.15 14.06
N GLU E 53 -26.88 32.38 13.31
CA GLU E 53 -26.70 31.67 12.05
C GLU E 53 -26.32 30.21 12.30
N GLY E 54 -25.41 29.97 13.23
CA GLY E 54 -24.90 28.63 13.45
C GLY E 54 -23.98 28.23 12.29
N ASN E 55 -23.39 27.03 12.46
CA ASN E 55 -22.66 26.41 11.35
C ASN E 55 -23.56 25.53 10.49
N GLY E 56 -24.80 25.29 10.93
CA GLY E 56 -25.75 24.58 10.12
C GLY E 56 -27.15 25.08 10.43
N GLN E 57 -28.06 24.82 9.50
CA GLN E 57 -29.42 25.33 9.61
C GLN E 57 -30.41 24.25 9.18
N ILE E 58 -31.57 24.25 9.84
CA ILE E 58 -32.69 23.43 9.43
C ILE E 58 -33.85 24.36 9.13
N VAL E 59 -34.52 24.09 8.01
CA VAL E 59 -35.69 24.83 7.56
C VAL E 59 -36.77 23.84 7.22
N MET E 60 -37.94 24.01 7.83
CA MET E 60 -39.07 23.14 7.58
C MET E 60 -40.11 23.94 6.81
N ARG E 61 -40.56 23.41 5.68
CA ARG E 61 -41.55 24.08 4.84
C ARG E 61 -42.80 23.23 4.68
N ASP E 62 -43.96 23.86 4.71
CA ASP E 62 -45.19 23.17 4.31
C ASP E 62 -45.08 22.82 2.83
N VAL E 63 -45.33 21.54 2.50
CA VAL E 63 -45.21 21.07 1.12
C VAL E 63 -46.22 21.78 0.23
N ALA E 64 -47.50 21.74 0.63
CA ALA E 64 -48.56 22.36 -0.17
C ALA E 64 -48.21 23.77 -0.63
N SER E 65 -47.83 24.66 0.30
CA SER E 65 -47.67 26.08 -0.01
C SER E 65 -46.21 26.55 -0.12
N GLY E 66 -45.22 25.75 0.28
CA GLY E 66 -43.85 26.20 0.29
C GLY E 66 -43.46 27.15 1.42
N LYS E 67 -44.36 27.45 2.34
CA LYS E 67 -44.06 28.44 3.38
C LYS E 67 -43.13 27.86 4.45
N VAL E 68 -42.16 28.67 4.89
CA VAL E 68 -41.33 28.29 6.02
C VAL E 68 -42.19 28.26 7.26
N ILE E 69 -42.25 27.10 7.92
CA ILE E 69 -43.04 26.98 9.14
C ILE E 69 -42.18 26.74 10.38
N TYR E 70 -40.91 26.39 10.23
CA TYR E 70 -40.03 26.32 11.41
C TYR E 70 -38.60 26.36 10.92
N THR E 71 -37.71 26.83 11.79
CA THR E 71 -36.30 26.85 11.46
C THR E 71 -35.51 26.89 12.76
N THR E 72 -34.35 26.25 12.73
CA THR E 72 -33.42 26.29 13.86
C THR E 72 -32.02 26.20 13.27
N SER E 73 -31.03 26.46 14.11
CA SER E 73 -29.64 26.38 13.70
C SER E 73 -28.78 25.82 14.84
N PHE E 74 -27.53 25.48 14.53
CA PHE E 74 -26.77 24.61 15.42
C PHE E 74 -25.32 24.62 14.96
N SER E 75 -24.48 24.04 15.81
CA SER E 75 -23.15 23.56 15.43
C SER E 75 -23.09 22.06 15.74
N SER E 76 -21.94 21.43 15.44
CA SER E 76 -21.87 19.98 15.63
C SER E 76 -20.42 19.60 15.84
N LEU E 77 -20.23 18.51 16.57
CA LEU E 77 -18.89 17.94 16.75
C LEU E 77 -18.26 17.59 15.40
N PHE E 78 -19.07 17.07 14.47
CA PHE E 78 -18.62 16.75 13.11
C PHE E 78 -17.91 17.93 12.46
N GLN E 79 -18.52 19.12 12.54
CA GLN E 79 -17.95 20.30 11.90
C GLN E 79 -16.67 20.74 12.56
N GLU E 80 -16.52 20.54 13.87
CA GLU E 80 -15.23 20.77 14.48
C GLU E 80 -14.21 19.74 14.04
N TRP E 81 -14.64 18.46 13.96
CA TRP E 81 -13.71 17.40 13.58
C TRP E 81 -13.12 17.63 12.21
N LEU E 82 -13.89 18.25 11.31
CA LEU E 82 -13.44 18.47 9.94
C LEU E 82 -12.20 19.35 9.87
N GLU E 83 -11.94 20.13 10.92
CA GLU E 83 -10.75 20.99 10.93
C GLU E 83 -9.55 20.32 11.55
N THR E 84 -9.66 19.07 12.01
CA THR E 84 -8.53 18.38 12.63
C THR E 84 -7.75 17.58 11.59
N ASP E 85 -6.55 17.14 12.00
CA ASP E 85 -5.68 16.38 11.11
C ASP E 85 -6.30 15.04 10.72
N GLU E 86 -7.04 14.41 11.66
CA GLU E 86 -7.59 13.11 11.33
CA GLU E 86 -7.68 13.12 11.40
C GLU E 86 -8.50 13.19 10.11
N ALA E 87 -9.15 14.34 9.87
CA ALA E 87 -10.08 14.47 8.75
C ALA E 87 -9.38 14.45 7.39
N LYS E 88 -8.06 14.56 7.37
CA LYS E 88 -7.36 14.42 6.10
C LYS E 88 -6.96 12.98 5.83
N GLU E 89 -7.11 12.10 6.83
CA GLU E 89 -6.67 10.72 6.75
C GLU E 89 -7.81 9.70 6.68
N VAL E 90 -9.03 10.05 7.07
CA VAL E 90 -10.11 9.07 7.15
C VAL E 90 -11.44 9.79 7.00
N THR E 91 -12.44 9.01 6.62
CA THR E 91 -13.82 9.48 6.53
C THR E 91 -14.56 8.95 7.74
N LYS E 92 -15.22 9.84 8.50
CA LYS E 92 -15.94 9.45 9.70
C LYS E 92 -17.40 9.89 9.64
N GLY E 93 -18.24 9.23 10.44
CA GLY E 93 -19.64 9.57 10.52
C GLY E 93 -20.05 9.85 11.96
N PHE E 94 -21.00 10.78 12.13
CA PHE E 94 -21.38 11.32 13.45
C PHE E 94 -22.89 11.39 13.56
N GLU E 95 -23.41 11.02 14.73
CA GLU E 95 -24.83 11.17 15.06
C GLU E 95 -25.22 12.60 15.45
N ASN E 96 -26.40 13.02 15.04
CA ASN E 96 -26.85 14.36 15.37
C ASN E 96 -28.36 14.34 15.42
N THR E 97 -28.94 15.03 16.39
CA THR E 97 -30.38 14.99 16.61
C THR E 97 -30.90 16.41 16.67
N TYR E 98 -32.11 16.64 16.10
CA TYR E 98 -32.79 17.93 16.15
C TYR E 98 -34.26 17.72 16.50
N LEU E 99 -34.82 18.69 17.22
CA LEU E 99 -36.21 18.65 17.66
C LEU E 99 -37.00 19.69 16.87
N LEU E 100 -38.10 19.25 16.27
CA LEU E 100 -38.96 20.11 15.48
C LEU E 100 -40.38 19.95 15.96
N PRO E 101 -41.21 20.96 15.81
CA PRO E 101 -42.63 20.76 16.15
C PRO E 101 -43.26 19.81 15.13
N TYR E 102 -44.22 19.03 15.59
CA TYR E 102 -44.74 17.93 14.78
C TYR E 102 -45.79 18.47 13.82
N PRO E 103 -45.60 18.35 12.51
CA PRO E 103 -46.52 19.00 11.56
C PRO E 103 -47.81 18.22 11.39
N ILE E 104 -48.88 18.98 11.10
CA ILE E 104 -50.20 18.40 10.82
C ILE E 104 -50.23 17.77 9.43
N LYS E 105 -49.64 18.44 8.44
CA LYS E 105 -49.61 18.03 7.05
C LYS E 105 -48.16 17.78 6.62
N PRO E 106 -47.95 17.07 5.51
CA PRO E 106 -46.58 16.79 5.05
C PRO E 106 -45.73 18.05 4.98
N ALA E 107 -44.47 17.90 5.37
CA ALA E 107 -43.53 19.01 5.41
C ALA E 107 -42.21 18.59 4.78
N GLU E 108 -41.56 19.55 4.15
CA GLU E 108 -40.23 19.33 3.58
C GLU E 108 -39.20 19.88 4.55
N VAL E 109 -38.32 19.03 5.03
CA VAL E 109 -37.24 19.45 5.91
C VAL E 109 -35.97 19.55 5.07
N GLU E 110 -35.33 20.72 5.13
CA GLU E 110 -34.03 20.94 4.49
C GLU E 110 -33.01 21.22 5.58
N ILE E 111 -31.93 20.43 5.60
CA ILE E 111 -30.83 20.65 6.53
C ILE E 111 -29.57 20.94 5.72
N THR E 112 -28.84 21.95 6.16
CA THR E 112 -27.69 22.49 5.45
C THR E 112 -26.56 22.64 6.43
N LEU E 113 -25.37 22.18 6.04
CA LEU E 113 -24.15 22.46 6.76
C LEU E 113 -23.34 23.49 5.95
N ARG E 114 -22.70 24.41 6.66
CA ARG E 114 -21.80 25.35 6.02
C ARG E 114 -20.40 25.16 6.56
N ASN E 115 -19.41 25.45 5.72
CA ASN E 115 -18.03 25.45 6.20
C ASN E 115 -17.72 26.80 6.86
N ASN E 116 -16.49 26.96 7.32
CA ASN E 116 -16.12 28.15 8.08
C ASN E 116 -15.84 29.37 7.20
N LYS E 117 -15.92 29.22 5.88
CA LYS E 117 -16.14 30.35 4.97
C LYS E 117 -17.63 30.58 4.73
N ARG E 118 -18.48 29.94 5.53
CA ARG E 118 -19.94 30.13 5.49
C ARG E 118 -20.51 29.93 4.09
N GLU E 119 -20.00 28.91 3.38
CA GLU E 119 -20.55 28.37 2.16
C GLU E 119 -21.13 26.97 2.40
N VAL E 120 -22.03 26.54 1.50
CA VAL E 120 -22.74 25.28 1.67
C VAL E 120 -21.79 24.12 1.42
N SER E 121 -21.66 23.24 2.42
CA SER E 121 -20.82 22.05 2.30
C SER E 121 -21.59 20.74 2.26
N ALA E 122 -22.84 20.70 2.74
CA ALA E 122 -23.70 19.54 2.59
C ALA E 122 -25.15 20.02 2.72
N ASN E 123 -26.05 19.24 2.15
CA ASN E 123 -27.46 19.62 2.05
C ASN E 123 -28.29 18.37 1.85
N LEU E 124 -29.43 18.32 2.51
CA LEU E 124 -30.38 17.24 2.35
C LEU E 124 -31.79 17.81 2.46
N LYS E 125 -32.63 17.44 1.50
CA LYS E 125 -34.05 17.76 1.48
C LYS E 125 -34.80 16.44 1.56
N HIS E 126 -35.73 16.33 2.50
CA HIS E 126 -36.53 15.12 2.59
C HIS E 126 -37.90 15.52 3.07
N VAL E 127 -38.89 14.67 2.76
CA VAL E 127 -40.27 14.97 3.09
C VAL E 127 -40.65 14.11 4.28
N VAL E 128 -41.31 14.72 5.26
CA VAL E 128 -41.83 14.03 6.43
C VAL E 128 -43.34 13.98 6.28
N LYS E 129 -43.91 12.77 6.33
CA LYS E 129 -45.35 12.60 6.32
C LYS E 129 -45.81 12.30 7.73
N PRO E 130 -46.69 13.10 8.33
CA PRO E 130 -47.00 12.91 9.75
C PRO E 130 -47.58 11.56 10.09
N ASP E 131 -48.04 10.78 9.11
CA ASP E 131 -48.69 9.50 9.37
C ASP E 131 -47.82 8.29 9.01
N ASP E 132 -46.55 8.51 8.72
CA ASP E 132 -45.58 7.43 8.47
C ASP E 132 -45.50 6.48 9.66
N ILE E 133 -45.76 5.19 9.42
CA ILE E 133 -45.80 4.25 10.53
C ILE E 133 -44.41 4.02 11.15
N LEU E 134 -43.34 4.35 10.45
CA LEU E 134 -42.00 4.12 11.01
C LEU E 134 -41.46 5.34 11.75
N ILE E 135 -42.30 6.32 12.06
CA ILE E 135 -41.95 7.34 13.04
C ILE E 135 -42.09 6.69 14.42
N HIS E 136 -40.95 6.54 15.10
CA HIS E 136 -40.85 5.74 16.31
C HIS E 136 -41.45 6.52 17.48
N LYS E 137 -42.48 5.97 18.11
CA LYS E 137 -43.15 6.71 19.18
C LYS E 137 -42.33 6.51 20.44
N LYS E 138 -41.82 7.59 21.01
CA LYS E 138 -40.96 7.51 22.18
C LYS E 138 -41.54 8.33 23.32
N GLY E 139 -40.96 8.11 24.51
CA GLY E 139 -41.28 8.93 25.66
C GLY E 139 -42.59 8.58 26.34
N LEU E 140 -43.12 7.39 26.07
CA LEU E 140 -44.38 6.93 26.63
C LEU E 140 -44.22 6.06 27.87
N THR E 141 -43.20 5.18 27.91
CA THR E 141 -42.96 4.26 29.00
C THR E 141 -41.49 4.27 29.38
N HIS E 142 -41.18 3.83 30.61
CA HIS E 142 -39.78 3.68 31.07
C HIS E 142 -39.02 5.01 31.07
N ILE E 143 -39.71 6.10 31.35
CA ILE E 143 -39.09 7.42 31.44
C ILE E 143 -38.04 7.45 32.53
N THR E 144 -36.86 7.97 32.20
CA THR E 144 -35.77 7.99 33.16
C THR E 144 -36.20 8.73 34.42
N PRO E 145 -35.91 8.21 35.60
CA PRO E 145 -36.22 8.95 36.83
C PRO E 145 -35.61 10.33 36.81
N HIS E 146 -36.37 11.31 37.30
CA HIS E 146 -35.97 12.70 37.22
C HIS E 146 -36.63 13.50 38.33
N LYS E 147 -36.05 14.68 38.60
CA LYS E 147 -36.51 15.60 39.65
C LYS E 147 -36.38 17.01 39.10
N TYR E 148 -37.43 17.82 39.20
CA TYR E 148 -37.31 19.23 38.86
C TYR E 148 -36.58 20.02 39.94
N LEU E 149 -35.55 20.77 39.53
CA LEU E 149 -34.80 21.65 40.41
C LEU E 149 -35.35 23.06 40.39
N LEU E 150 -35.91 23.47 39.26
CA LEU E 150 -36.55 24.76 39.14
C LEU E 150 -37.71 24.59 38.16
N LYS E 151 -38.88 25.10 38.53
CA LYS E 151 -40.08 24.97 37.69
C LYS E 151 -40.79 26.33 37.77
N SER E 152 -40.50 27.18 36.79
CA SER E 152 -41.03 28.54 36.71
C SER E 152 -42.36 28.60 35.97
N GLY E 153 -42.73 27.53 35.27
CA GLY E 153 -43.90 27.56 34.41
C GLY E 153 -43.98 26.26 33.65
N ASN E 154 -44.93 26.21 32.72
CA ASN E 154 -45.04 25.00 31.93
C ASN E 154 -44.04 25.07 30.76
N GLU E 155 -43.88 23.94 30.07
CA GLU E 155 -42.84 23.83 29.06
C GLU E 155 -43.06 24.78 27.89
N GLU E 156 -44.29 25.31 27.73
CA GLU E 156 -44.55 26.19 26.61
C GLU E 156 -44.10 27.63 26.88
N GLN E 157 -44.05 28.05 28.15
CA GLN E 157 -43.67 29.43 28.45
C GLN E 157 -42.16 29.57 28.71
N CYS E 158 -41.56 28.58 29.34
CA CYS E 158 -40.20 28.63 29.86
C CYS E 158 -39.21 27.80 29.07
N ILE E 159 -37.94 28.18 29.19
CA ILE E 159 -36.84 27.46 28.57
C ILE E 159 -36.50 26.23 29.41
N ASP E 160 -36.65 25.06 28.81
CA ASP E 160 -36.48 23.79 29.51
C ASP E 160 -35.04 23.28 29.32
N VAL E 161 -34.31 23.21 30.44
CA VAL E 161 -32.92 22.73 30.46
C VAL E 161 -32.89 21.42 31.23
N ALA E 162 -32.39 20.38 30.58
CA ALA E 162 -32.28 19.06 31.20
C ALA E 162 -30.82 18.81 31.60
N ILE E 163 -30.62 18.36 32.84
CA ILE E 163 -29.28 17.99 33.31
C ILE E 163 -29.21 16.47 33.46
N LEU E 164 -28.29 15.84 32.72
CA LEU E 164 -28.15 14.39 32.71
C LEU E 164 -26.95 13.94 33.52
N ALA E 165 -27.03 12.74 34.06
CA ALA E 165 -25.94 12.10 34.80
C ALA E 165 -25.11 11.22 33.91
N GLU E 166 -23.79 11.36 33.98
CA GLU E 166 -22.85 10.52 33.23
C GLU E 166 -21.78 10.00 34.17
N GLY E 167 -21.60 8.69 34.22
CA GLY E 167 -20.62 8.11 35.13
C GLY E 167 -21.10 7.95 36.55
N TYR E 168 -22.40 8.08 36.79
CA TYR E 168 -22.98 7.88 38.12
C TYR E 168 -23.72 6.55 38.12
N THR E 169 -23.35 5.66 39.04
CA THR E 169 -24.11 4.42 39.18
C THR E 169 -25.37 4.69 39.98
N THR E 170 -26.21 3.64 40.09
CA THR E 170 -27.48 3.78 40.80
C THR E 170 -27.28 4.25 42.23
N SER E 171 -26.20 3.83 42.88
CA SER E 171 -26.01 4.20 44.28
C SER E 171 -25.43 5.60 44.45
N GLU E 172 -25.02 6.26 43.37
CA GLU E 172 -24.39 7.57 43.44
C GLU E 172 -25.35 8.69 43.05
N MET E 173 -26.65 8.40 42.91
CA MET E 173 -27.56 9.43 42.39
C MET E 173 -27.85 10.56 43.38
N GLU E 174 -27.78 10.32 44.69
CA GLU E 174 -27.92 11.49 45.59
C GLU E 174 -26.78 12.48 45.35
N THR E 175 -25.57 11.98 45.10
CA THR E 175 -24.48 12.86 44.72
C THR E 175 -24.78 13.60 43.42
N PHE E 176 -25.29 12.88 42.41
CA PHE E 176 -25.65 13.55 41.16
C PHE E 176 -26.62 14.70 41.40
N TYR E 177 -27.70 14.44 42.13
CA TYR E 177 -28.70 15.49 42.34
C TYR E 177 -28.14 16.68 43.09
N LYS E 178 -27.19 16.44 44.01
CA LYS E 178 -26.45 17.52 44.64
C LYS E 178 -25.64 18.31 43.62
N ASP E 179 -24.91 17.60 42.73
CA ASP E 179 -24.11 18.28 41.71
C ASP E 179 -24.97 19.09 40.76
N ALA E 180 -26.15 18.57 40.44
CA ALA E 180 -27.06 19.28 39.55
C ALA E 180 -27.53 20.61 40.17
N ALA E 181 -27.82 20.59 41.47
CA ALA E 181 -28.20 21.82 42.18
C ALA E 181 -27.04 22.84 42.19
N ILE E 182 -25.81 22.36 42.33
CA ILE E 182 -24.67 23.28 42.30
C ILE E 182 -24.54 23.90 40.90
N ALA E 183 -24.68 23.08 39.85
CA ALA E 183 -24.60 23.63 38.49
C ALA E 183 -25.67 24.68 38.27
N CYS E 184 -26.88 24.40 38.71
CA CYS E 184 -27.99 25.31 38.57
C CYS E 184 -27.74 26.62 39.33
N GLU E 185 -27.25 26.51 40.56
CA GLU E 185 -26.91 27.71 41.34
C GLU E 185 -25.80 28.52 40.67
N ALA E 186 -24.82 27.86 40.07
CA ALA E 186 -23.78 28.62 39.40
C ALA E 186 -24.33 29.35 38.16
N LEU E 187 -25.13 28.67 37.37
CA LEU E 187 -25.78 29.33 36.23
C LEU E 187 -26.51 30.59 36.65
N PHE E 188 -27.37 30.49 37.66
CA PHE E 188 -28.18 31.64 38.06
C PHE E 188 -27.46 32.58 39.02
N SER E 189 -26.13 32.47 39.16
CA SER E 189 -25.34 33.52 39.80
C SER E 189 -24.58 34.37 38.79
N HIS E 190 -24.78 34.13 37.50
CA HIS E 190 -24.28 34.98 36.44
C HIS E 190 -25.42 35.75 35.80
N GLU E 191 -25.29 37.07 35.67
CA GLU E 191 -26.17 37.78 34.75
C GLU E 191 -25.83 37.37 33.31
N PRO E 192 -26.81 37.37 32.41
CA PRO E 192 -28.19 37.79 32.65
C PRO E 192 -29.11 36.71 33.21
N PHE E 193 -28.60 35.49 33.39
CA PHE E 193 -29.44 34.40 33.86
C PHE E 193 -30.07 34.73 35.21
N GLN E 194 -29.31 35.38 36.09
CA GLN E 194 -29.78 35.68 37.44
C GLN E 194 -31.07 36.49 37.41
N SER E 195 -31.11 37.55 36.60
CA SER E 195 -32.31 38.37 36.51
C SER E 195 -33.45 37.68 35.77
N MET E 196 -33.17 36.67 34.96
CA MET E 196 -34.22 36.01 34.21
C MET E 196 -34.37 34.55 34.60
N LYS E 197 -34.11 34.28 35.88
CA LYS E 197 -34.28 32.94 36.42
C LYS E 197 -35.68 32.43 36.17
N ASN E 198 -36.68 33.32 36.29
CA ASN E 198 -38.08 33.01 36.11
C ASN E 198 -38.44 32.56 34.70
N ARG E 199 -37.53 32.67 33.76
CA ARG E 199 -37.75 32.22 32.39
C ARG E 199 -37.41 30.75 32.17
N PHE E 200 -36.91 30.04 33.19
CA PHE E 200 -36.31 28.72 33.00
C PHE E 200 -36.96 27.63 33.84
N ASN E 201 -36.98 26.43 33.25
CA ASN E 201 -37.22 25.17 33.96
C ASN E 201 -35.94 24.35 33.91
N ILE E 202 -35.54 23.79 35.05
CA ILE E 202 -34.35 22.96 35.13
C ILE E 202 -34.77 21.63 35.70
N VAL E 203 -34.55 20.57 34.94
CA VAL E 203 -34.87 19.21 35.36
C VAL E 203 -33.58 18.41 35.40
N ALA E 204 -33.37 17.69 36.51
CA ALA E 204 -32.21 16.80 36.69
C ALA E 204 -32.65 15.37 36.44
N VAL E 205 -31.88 14.65 35.63
CA VAL E 205 -32.28 13.35 35.08
C VAL E 205 -31.25 12.32 35.44
N ALA E 206 -31.65 11.37 36.28
CA ALA E 206 -30.75 10.38 36.85
C ALA E 206 -30.57 9.17 35.92
N SER E 207 -29.93 9.41 34.78
CA SER E 207 -29.60 8.33 33.85
C SER E 207 -28.43 7.51 34.39
N PRO E 208 -28.60 6.20 34.64
CA PRO E 208 -27.56 5.43 35.31
C PRO E 208 -26.49 4.91 34.37
N SER E 209 -25.30 4.72 34.94
CA SER E 209 -24.14 4.11 34.29
C SER E 209 -23.76 2.83 35.03
N ALA E 210 -23.20 1.88 34.29
CA ALA E 210 -22.75 0.63 34.91
C ALA E 210 -21.50 0.86 35.76
N ASP E 211 -20.61 1.75 35.30
CA ASP E 211 -19.35 2.09 35.94
C ASP E 211 -19.39 3.50 36.52
N SER E 212 -18.62 3.72 37.58
CA SER E 212 -18.43 5.05 38.14
C SER E 212 -17.27 5.75 37.45
N GLY E 213 -17.47 7.03 37.09
CA GLY E 213 -16.44 7.75 36.38
C GLY E 213 -16.66 7.69 34.87
N VAL E 214 -15.77 8.34 34.13
CA VAL E 214 -15.84 8.35 32.67
C VAL E 214 -14.50 7.95 32.08
N SER E 215 -14.51 7.64 30.78
CA SER E 215 -13.33 7.13 30.09
C SER E 215 -12.26 8.21 29.92
N ALA E 216 -11.01 7.79 30.15
CA ALA E 216 -9.82 8.65 30.04
C ALA E 216 -8.87 7.96 29.06
N PRO E 217 -9.05 8.20 27.77
CA PRO E 217 -8.30 7.41 26.77
C PRO E 217 -6.78 7.52 26.89
N LYS E 218 -6.28 8.73 27.17
CA LYS E 218 -4.82 8.91 27.25
C LYS E 218 -4.20 8.01 28.31
N GLN E 219 -4.92 7.74 29.39
CA GLN E 219 -4.47 6.84 30.44
C GLN E 219 -4.87 5.40 30.19
N GLY E 220 -5.52 5.12 29.05
CA GLY E 220 -5.93 3.76 28.74
C GLY E 220 -7.04 3.22 29.61
N ALA E 221 -7.78 4.09 30.33
CA ALA E 221 -8.80 3.67 31.30
C ALA E 221 -10.20 3.97 30.76
N TRP E 222 -10.85 2.95 30.20
CA TRP E 222 -12.18 3.08 29.63
C TRP E 222 -13.24 2.61 30.61
N LYS E 223 -14.40 3.27 30.57
CA LYS E 223 -15.48 2.92 31.47
C LYS E 223 -16.79 2.70 30.72
N HIS E 224 -17.65 1.89 31.32
CA HIS E 224 -18.96 1.53 30.78
C HIS E 224 -19.96 2.51 31.33
N THR E 225 -20.34 3.50 30.53
CA THR E 225 -21.22 4.54 31.03
C THR E 225 -22.39 4.78 30.09
N ALA E 226 -23.32 5.61 30.56
CA ALA E 226 -24.58 5.80 29.83
C ALA E 226 -24.35 6.34 28.42
N PHE E 227 -23.41 7.28 28.26
CA PHE E 227 -23.23 8.00 27.00
C PHE E 227 -21.82 7.90 26.41
N GLY E 228 -20.98 7.05 26.96
CA GLY E 228 -19.64 6.87 26.44
C GLY E 228 -18.83 8.15 26.30
N SER E 229 -19.01 9.08 27.24
CA SER E 229 -18.26 10.32 27.15
C SER E 229 -16.78 10.00 27.41
N HIS E 230 -15.90 10.82 26.85
CA HIS E 230 -14.48 10.61 27.09
C HIS E 230 -13.72 11.92 26.95
N PHE E 231 -12.62 12.02 27.70
CA PHE E 231 -11.63 13.09 27.51
C PHE E 231 -10.84 12.79 26.24
N ASP E 232 -9.91 13.69 25.90
CA ASP E 232 -8.97 13.49 24.80
C ASP E 232 -9.66 13.52 23.42
N THR E 233 -10.81 14.21 23.34
CA THR E 233 -11.49 14.38 22.05
C THR E 233 -10.59 15.15 21.08
N PHE E 234 -10.42 14.62 19.88
CA PHE E 234 -9.52 15.21 18.89
C PHE E 234 -8.09 15.32 19.43
N TYR E 235 -7.72 14.42 20.34
CA TYR E 235 -6.39 14.41 20.99
C TYR E 235 -6.13 15.71 21.76
N SER E 236 -7.20 16.36 22.20
CA SER E 236 -7.13 17.50 23.11
C SER E 236 -7.52 17.04 24.52
N ASP E 237 -6.57 17.14 25.46
CA ASP E 237 -6.72 16.47 26.75
C ASP E 237 -8.01 16.90 27.45
N ARG E 238 -8.27 18.20 27.49
CA ARG E 238 -9.37 18.75 28.29
C ARG E 238 -10.73 18.72 27.57
N TYR E 239 -10.80 18.24 26.34
CA TYR E 239 -12.06 18.27 25.56
C TYR E 239 -12.84 17.00 25.87
N LEU E 240 -13.90 17.17 26.65
CA LEU E 240 -14.76 16.10 27.10
C LEU E 240 -16.01 16.14 26.24
N THR E 241 -16.27 15.05 25.49
CA THR E 241 -17.43 15.03 24.60
C THR E 241 -18.03 13.63 24.57
N THR E 242 -19.14 13.53 23.85
CA THR E 242 -19.75 12.24 23.58
C THR E 242 -20.14 12.25 22.12
N SER E 243 -20.05 11.08 21.50
CA SER E 243 -20.57 10.80 20.17
C SER E 243 -21.88 10.02 20.20
N ARG E 244 -22.35 9.64 21.39
CA ARG E 244 -23.58 8.87 21.53
C ARG E 244 -24.78 9.80 21.70
N VAL E 245 -25.01 10.60 20.65
CA VAL E 245 -26.04 11.62 20.72
C VAL E 245 -27.45 11.02 20.72
N LYS E 246 -27.65 9.90 20.02
CA LYS E 246 -28.93 9.22 20.10
C LYS E 246 -29.22 8.75 21.53
N ALA E 247 -28.21 8.23 22.21
CA ALA E 247 -28.41 7.76 23.57
C ALA E 247 -28.74 8.91 24.53
N ILE E 248 -28.09 10.06 24.35
CA ILE E 248 -28.40 11.22 25.17
C ILE E 248 -29.86 11.60 25.03
N ASN E 249 -30.33 11.67 23.79
CA ASN E 249 -31.72 12.09 23.57
C ASN E 249 -32.73 11.01 23.96
N ASP E 250 -32.35 9.73 23.79
CA ASP E 250 -33.21 8.64 24.25
C ASP E 250 -33.43 8.66 25.75
N ALA E 251 -32.40 9.05 26.52
CA ALA E 251 -32.51 9.12 27.97
C ALA E 251 -33.52 10.17 28.39
N LEU E 252 -33.70 11.22 27.57
CA LEU E 252 -34.60 12.31 27.86
C LEU E 252 -36.00 12.12 27.28
N ALA E 253 -36.24 11.07 26.51
CA ALA E 253 -37.56 10.91 25.88
C ALA E 253 -38.67 10.94 26.93
N GLY E 254 -39.65 11.79 26.73
CA GLY E 254 -40.76 11.90 27.66
C GLY E 254 -40.64 12.98 28.70
N ILE E 255 -39.47 13.57 28.81
CA ILE E 255 -39.22 14.73 29.67
C ILE E 255 -39.10 15.94 28.75
N PRO E 256 -39.82 17.03 29.00
CA PRO E 256 -39.70 18.19 28.10
C PRO E 256 -38.31 18.78 28.22
N TYR E 257 -37.68 19.03 27.06
CA TYR E 257 -36.34 19.59 27.06
C TYR E 257 -36.08 20.35 25.78
N GLU E 258 -35.24 21.37 25.89
CA GLU E 258 -34.71 22.09 24.74
C GLU E 258 -33.20 22.17 24.73
N HIS E 259 -32.53 22.06 25.88
CA HIS E 259 -31.09 22.21 26.01
C HIS E 259 -30.61 21.13 26.97
N ILE E 260 -29.41 20.60 26.70
CA ILE E 260 -28.89 19.49 27.49
C ILE E 260 -27.56 19.88 28.13
N ILE E 261 -27.44 19.62 29.43
CA ILE E 261 -26.19 19.71 30.20
C ILE E 261 -25.90 18.33 30.76
N ILE E 262 -24.69 17.83 30.55
CA ILE E 262 -24.32 16.51 31.04
C ILE E 262 -23.23 16.68 32.09
N LEU E 263 -23.46 16.14 33.28
CA LEU E 263 -22.50 16.21 34.38
C LEU E 263 -21.75 14.90 34.45
N ALA E 264 -20.44 14.96 34.33
CA ALA E 264 -19.61 13.77 34.40
C ALA E 264 -19.06 13.62 35.83
N ASN E 265 -19.21 12.42 36.37
CA ASN E 265 -18.85 12.11 37.76
C ASN E 265 -17.35 11.83 37.79
N THR E 266 -16.58 12.91 37.74
CA THR E 266 -15.12 12.81 37.66
C THR E 266 -14.48 14.08 38.21
N GLU E 267 -13.25 13.92 38.72
CA GLU E 267 -12.43 15.02 39.21
C GLU E 267 -11.50 15.57 38.13
N GLN E 268 -11.25 14.79 37.08
CA GLN E 268 -10.36 15.23 36.00
C GLN E 268 -10.95 16.46 35.32
N TYR E 269 -10.08 17.36 34.88
CA TYR E 269 -10.54 18.63 34.33
C TYR E 269 -10.95 18.49 32.87
N GLY E 270 -12.09 19.03 32.53
CA GLY E 270 -12.49 19.01 31.15
C GLY E 270 -13.92 19.43 30.93
N GLY E 271 -14.27 19.73 29.71
CA GLY E 271 -15.65 19.93 29.35
C GLY E 271 -15.77 20.14 27.86
N GLY E 272 -16.97 20.49 27.45
CA GLY E 272 -17.24 20.74 26.05
C GLY E 272 -18.62 21.30 25.89
N GLY E 273 -18.83 22.14 24.88
CA GLY E 273 -20.14 22.70 24.63
C GLY E 273 -20.24 23.01 23.15
N ILE E 274 -21.35 22.61 22.53
CA ILE E 274 -21.58 22.80 21.10
C ILE E 274 -22.99 23.35 20.94
N TYR E 275 -23.09 24.44 20.22
CA TYR E 275 -24.33 25.19 20.08
C TYR E 275 -25.49 24.30 19.63
N ASN E 276 -26.53 24.31 20.47
CA ASN E 276 -27.74 23.54 20.30
C ASN E 276 -27.47 22.07 20.07
N ALA E 277 -26.40 21.56 20.67
CA ALA E 277 -26.15 20.13 20.71
C ALA E 277 -26.13 19.68 22.17
N PHE E 278 -25.15 20.09 22.97
CA PHE E 278 -25.08 19.72 24.38
C PHE E 278 -23.86 20.39 25.00
N THR E 279 -23.89 20.48 26.32
CA THR E 279 -22.77 20.81 27.20
C THR E 279 -22.40 19.58 28.01
N LEU E 280 -21.11 19.44 28.29
CA LEU E 280 -20.59 18.36 29.14
C LEU E 280 -19.52 18.97 30.03
N THR E 281 -19.47 18.50 31.28
CA THR E 281 -18.56 19.13 32.23
C THR E 281 -18.21 18.19 33.36
N THR E 282 -16.99 18.29 33.87
CA THR E 282 -16.65 17.59 35.10
C THR E 282 -17.40 18.20 36.27
N ALA E 283 -17.90 17.35 37.15
CA ALA E 283 -18.73 17.77 38.25
C ALA E 283 -17.94 17.99 39.54
N HIS E 284 -16.75 17.41 39.66
CA HIS E 284 -16.02 17.43 40.94
C HIS E 284 -14.64 18.05 40.85
N HIS E 285 -14.32 18.70 39.72
CA HIS E 285 -13.20 19.61 39.72
C HIS E 285 -13.56 20.88 40.48
N PRO E 286 -12.58 21.52 41.12
CA PRO E 286 -12.89 22.78 41.84
C PRO E 286 -13.33 23.90 40.95
N ASN E 287 -12.97 23.91 39.67
CA ASN E 287 -13.50 24.91 38.73
C ASN E 287 -14.81 24.46 38.03
N PHE E 288 -15.52 23.48 38.59
CA PHE E 288 -16.82 23.05 38.04
C PHE E 288 -17.78 24.20 37.77
N ARG E 289 -17.93 25.14 38.72
CA ARG E 289 -18.92 26.21 38.53
C ARG E 289 -18.63 27.11 37.33
N PRO E 290 -17.42 27.66 37.16
CA PRO E 290 -17.21 28.48 35.96
C PRO E 290 -17.16 27.66 34.67
N VAL E 291 -16.71 26.41 34.73
CA VAL E 291 -16.64 25.64 33.49
C VAL E 291 -18.02 25.33 32.95
N VAL E 292 -18.96 24.91 33.79
CA VAL E 292 -20.26 24.52 33.30
C VAL E 292 -21.00 25.73 32.74
N VAL E 293 -20.82 26.89 33.36
CA VAL E 293 -21.38 28.12 32.81
C VAL E 293 -20.70 28.49 31.50
N HIS E 294 -19.37 28.40 31.46
CA HIS E 294 -18.62 28.57 30.21
C HIS E 294 -19.18 27.72 29.08
N GLU E 295 -19.32 26.41 29.32
CA GLU E 295 -19.75 25.52 28.24
C GLU E 295 -21.18 25.81 27.85
N PHE E 296 -22.02 26.20 28.83
CA PHE E 296 -23.39 26.62 28.51
C PHE E 296 -23.37 27.90 27.69
N GLY E 297 -22.36 28.75 27.88
CA GLY E 297 -22.16 29.87 26.97
C GLY E 297 -22.06 29.44 25.52
N HIS E 298 -21.41 28.29 25.27
CA HIS E 298 -21.35 27.73 23.94
C HIS E 298 -22.67 27.08 23.53
N SER E 299 -23.17 26.13 24.34
CA SER E 299 -24.26 25.29 23.86
C SER E 299 -25.59 26.03 23.82
N PHE E 300 -25.80 26.98 24.74
CA PHE E 300 -27.04 27.75 24.78
C PHE E 300 -26.84 29.10 24.12
N GLY E 301 -25.75 29.78 24.43
CA GLY E 301 -25.57 31.15 23.99
C GLY E 301 -24.98 31.27 22.60
N GLY E 302 -24.37 30.18 22.12
CA GLY E 302 -23.66 30.22 20.83
C GLY E 302 -22.45 31.10 20.83
N LEU E 303 -21.83 31.30 21.99
CA LEU E 303 -20.70 32.19 22.10
C LEU E 303 -19.43 31.50 21.68
N ALA E 304 -18.45 32.28 21.24
CA ALA E 304 -17.14 31.75 20.91
C ALA E 304 -16.21 31.85 22.10
N ASP E 305 -15.12 31.08 22.04
CA ASP E 305 -14.08 31.21 23.04
C ASP E 305 -13.30 32.50 22.81
N GLU E 306 -12.92 33.18 23.89
CA GLU E 306 -12.19 34.42 23.80
C GLU E 306 -10.73 34.26 24.18
N TYR E 307 -10.29 33.04 24.45
CA TYR E 307 -8.90 32.78 24.76
C TYR E 307 -8.14 32.42 23.49
N PHE E 308 -6.83 32.31 23.63
CA PHE E 308 -5.94 32.00 22.50
C PHE E 308 -4.68 31.38 23.11
N TYR E 309 -4.48 30.07 22.91
CA TYR E 309 -3.28 29.36 23.31
C TYR E 309 -2.53 28.87 22.08
N ASP E 310 -1.26 28.51 22.28
CA ASP E 310 -0.42 28.04 21.16
C ASP E 310 -0.43 26.53 20.92
N MET E 314 -9.04 23.99 18.10
CA MET E 314 -7.68 24.20 17.62
C MET E 314 -7.59 25.50 16.81
N ASN E 315 -6.39 26.06 16.76
CA ASN E 315 -6.16 27.33 16.10
C ASN E 315 -6.47 27.22 14.60
N GLY E 316 -6.93 28.34 14.02
CA GLY E 316 -7.20 28.43 12.60
C GLY E 316 -8.66 28.27 12.21
N LEU E 317 -9.54 27.94 13.16
CA LEU E 317 -10.93 27.67 12.80
C LEU E 317 -11.59 28.88 12.13
N TYR E 318 -11.25 30.10 12.57
CA TYR E 318 -11.91 31.29 12.04
C TYR E 318 -11.00 31.98 11.02
N PRO E 319 -11.34 31.96 9.72
CA PRO E 319 -10.51 32.69 8.75
C PRO E 319 -10.61 34.20 8.97
N LEU E 320 -9.51 34.89 8.67
CA LEU E 320 -9.45 36.31 8.98
C LEU E 320 -10.20 37.19 7.97
N ASN E 321 -10.74 36.64 6.88
CA ASN E 321 -11.49 37.45 5.92
C ASN E 321 -12.99 37.20 5.96
N ILE E 322 -13.49 36.49 6.98
CA ILE E 322 -14.91 36.22 7.18
C ILE E 322 -15.29 36.74 8.57
N GLU E 323 -16.39 37.46 8.64
CA GLU E 323 -16.95 37.85 9.94
C GLU E 323 -17.54 36.62 10.62
N PRO E 324 -17.07 36.22 11.82
CA PRO E 324 -17.69 35.06 12.49
C PRO E 324 -19.17 35.29 12.73
N TRP E 325 -19.94 34.20 12.73
CA TRP E 325 -21.36 34.39 13.04
C TRP E 325 -21.57 34.55 14.55
N GLU E 326 -20.59 34.13 15.36
CA GLU E 326 -20.65 34.26 16.80
C GLU E 326 -20.53 35.73 17.23
N GLN E 327 -21.19 36.08 18.33
CA GLN E 327 -21.46 37.49 18.65
C GLN E 327 -20.39 38.17 19.48
N ASN E 328 -19.47 37.41 20.10
CA ASN E 328 -18.49 37.96 21.02
C ASN E 328 -17.08 37.94 20.46
N ILE E 329 -16.91 37.72 19.16
CA ILE E 329 -15.62 37.91 18.50
C ILE E 329 -15.87 38.56 17.14
N THR E 330 -14.81 39.17 16.60
CA THR E 330 -14.91 39.83 15.31
C THR E 330 -13.54 39.75 14.64
N THR E 331 -13.57 39.78 13.33
CA THR E 331 -12.40 39.99 12.51
C THR E 331 -12.36 41.39 11.94
N ARG E 332 -13.41 42.19 12.20
CA ARG E 332 -13.53 43.59 11.75
C ARG E 332 -13.86 43.66 10.27
N ILE E 333 -14.54 42.64 9.75
CA ILE E 333 -15.01 42.64 8.38
C ILE E 333 -16.40 43.24 8.28
N ASN E 334 -17.24 42.99 9.31
CA ASN E 334 -18.57 43.57 9.42
C ASN E 334 -18.83 43.85 10.91
N PHE E 335 -17.98 44.71 11.48
CA PHE E 335 -18.07 44.98 12.90
C PHE E 335 -19.33 45.74 13.29
N ALA E 336 -19.98 46.42 12.34
CA ALA E 336 -21.23 47.09 12.65
C ALA E 336 -22.33 46.13 13.08
N SER E 337 -22.23 44.86 12.67
CA SER E 337 -23.20 43.84 13.06
C SER E 337 -22.94 43.26 14.45
N LYS E 338 -21.81 43.61 15.07
CA LYS E 338 -21.44 43.07 16.37
C LYS E 338 -21.71 44.15 17.43
N TRP E 339 -20.68 44.56 18.17
CA TRP E 339 -20.89 45.40 19.36
C TRP E 339 -20.34 46.82 19.20
N GLU E 340 -20.25 47.30 17.95
CA GLU E 340 -19.85 48.70 17.75
C GLU E 340 -20.81 49.65 18.46
N ASP E 341 -22.11 49.33 18.44
CA ASP E 341 -23.13 50.14 19.08
C ASP E 341 -23.09 50.08 20.61
N MET E 342 -22.17 49.32 21.19
CA MET E 342 -21.93 49.35 22.63
C MET E 342 -20.67 50.10 23.01
N LEU E 343 -19.82 50.49 22.04
CA LEU E 343 -18.60 51.22 22.38
C LEU E 343 -18.91 52.69 22.63
N THR E 344 -18.24 53.28 23.63
CA THR E 344 -18.32 54.73 23.83
C THR E 344 -17.60 55.43 22.70
N LYS E 345 -18.10 56.63 22.36
CA LYS E 345 -17.78 57.27 21.09
C LYS E 345 -16.29 57.54 20.90
N THR E 346 -15.50 57.54 21.98
CA THR E 346 -14.09 57.87 21.94
C THR E 346 -13.19 56.64 21.87
N THR E 347 -13.76 55.44 21.88
CA THR E 347 -12.97 54.24 22.13
C THR E 347 -12.03 53.93 20.97
N PRO E 348 -10.74 53.72 21.22
CA PRO E 348 -9.84 53.39 20.11
C PRO E 348 -10.12 51.99 19.59
N VAL E 349 -10.06 51.85 18.27
CA VAL E 349 -10.28 50.54 17.66
C VAL E 349 -9.12 50.23 16.73
N PRO E 350 -8.25 49.25 17.05
CA PRO E 350 -8.28 48.38 18.24
C PRO E 350 -7.98 49.11 19.53
N THR E 351 -8.27 48.49 20.67
CA THR E 351 -8.14 49.13 21.96
C THR E 351 -6.86 48.64 22.62
N PRO E 352 -5.89 49.52 22.87
CA PRO E 352 -4.64 49.06 23.48
C PRO E 352 -4.85 48.46 24.85
N VAL E 353 -4.02 47.47 25.17
CA VAL E 353 -4.09 46.82 26.49
C VAL E 353 -3.71 47.81 27.58
N ALA E 354 -2.92 48.83 27.24
CA ALA E 354 -2.50 49.83 28.22
C ALA E 354 -3.65 50.71 28.68
N ASP E 355 -4.77 50.73 27.95
CA ASP E 355 -5.94 51.52 28.30
C ASP E 355 -7.10 50.64 28.78
N LYS E 356 -6.79 49.51 29.41
CA LYS E 356 -7.81 48.49 29.68
C LYS E 356 -8.74 48.85 30.83
N ALA E 357 -8.37 49.83 31.66
CA ALA E 357 -9.26 50.24 32.75
C ALA E 357 -10.32 51.23 32.26
N LYS E 358 -9.95 52.15 31.36
CA LYS E 358 -10.89 53.13 30.83
C LYS E 358 -11.83 52.55 29.78
N TYR E 359 -11.72 51.28 29.42
CA TYR E 359 -12.59 50.69 28.40
C TYR E 359 -13.03 49.32 28.85
N PRO E 360 -14.05 49.25 29.71
CA PRO E 360 -14.66 47.95 30.01
C PRO E 360 -15.12 47.23 28.75
N ILE E 361 -15.52 47.98 27.73
CA ILE E 361 -15.85 47.44 26.43
C ILE E 361 -14.91 48.06 25.42
N GLY E 362 -14.23 47.21 24.66
CA GLY E 362 -13.37 47.67 23.58
C GLY E 362 -13.31 46.63 22.48
N VAL E 363 -12.20 46.63 21.75
CA VAL E 363 -11.92 45.72 20.66
C VAL E 363 -10.51 45.22 20.93
N TYR E 364 -10.39 44.22 21.78
CA TYR E 364 -9.11 43.73 22.25
C TYR E 364 -8.61 42.61 21.36
N GLU E 365 -7.38 42.75 20.86
CA GLU E 365 -6.81 41.76 19.98
C GLU E 365 -6.53 40.47 20.74
N GLY E 366 -6.88 39.35 20.13
CA GLY E 366 -6.74 38.06 20.79
C GLY E 366 -8.12 37.46 21.04
N GLY E 367 -8.38 36.30 20.45
CA GLY E 367 -9.68 35.67 20.59
C GLY E 367 -9.81 34.54 19.61
N GLY E 368 -10.86 33.75 19.80
CA GLY E 368 -11.16 32.65 18.89
C GLY E 368 -9.97 31.81 18.50
N TYR E 369 -9.16 31.43 19.49
CA TYR E 369 -7.97 30.60 19.29
C TYR E 369 -6.95 31.24 18.35
N SER E 370 -6.80 32.55 18.43
CA SER E 370 -5.82 33.23 17.58
C SER E 370 -5.32 34.48 18.27
N ALA E 371 -4.00 34.65 18.31
CA ALA E 371 -3.41 35.81 18.98
C ALA E 371 -3.62 37.10 18.17
N LYS E 372 -3.73 37.00 16.85
CA LYS E 372 -3.84 38.18 16.00
C LYS E 372 -4.98 38.02 15.01
N GLY E 373 -5.60 39.16 14.67
CA GLY E 373 -6.62 39.19 13.65
C GLY E 373 -8.04 38.95 14.14
N ILE E 374 -8.19 38.38 15.33
CA ILE E 374 -9.49 38.19 15.96
C ILE E 374 -9.48 39.03 17.23
N TYR E 375 -10.62 39.63 17.54
CA TYR E 375 -10.72 40.56 18.66
C TYR E 375 -11.92 40.19 19.53
N ARG E 376 -11.76 40.36 20.82
CA ARG E 376 -12.80 40.14 21.81
C ARG E 376 -13.28 41.48 22.38
N PRO E 377 -14.43 41.51 23.06
CA PRO E 377 -15.04 42.79 23.47
C PRO E 377 -14.58 43.31 24.82
N ALA E 378 -13.84 42.51 25.58
CA ALA E 378 -13.38 42.94 26.89
C ALA E 378 -12.06 42.26 27.16
N PHE E 379 -11.27 42.83 28.07
CA PHE E 379 -9.98 42.23 28.37
C PHE E 379 -10.17 40.83 28.97
N ASP E 380 -11.26 40.61 29.72
CA ASP E 380 -11.46 39.35 30.41
C ASP E 380 -12.96 39.07 30.46
N CYS E 381 -13.30 37.80 30.69
CA CYS E 381 -14.67 37.31 30.51
C CYS E 381 -14.73 35.83 30.88
N ARG E 382 -15.90 35.36 31.29
CA ARG E 382 -16.14 33.94 31.50
C ARG E 382 -15.76 33.10 30.28
N MET E 383 -15.88 33.66 29.07
CA MET E 383 -15.52 32.93 27.87
C MET E 383 -14.03 32.91 27.60
N ARG E 384 -13.21 33.53 28.47
CA ARG E 384 -11.77 33.51 28.33
C ARG E 384 -11.06 32.76 29.46
N THR E 385 -11.42 33.01 30.72
CA THR E 385 -10.76 32.37 31.86
C THR E 385 -11.78 31.92 32.90
N ASN E 386 -11.38 30.92 33.69
CA ASN E 386 -12.22 30.37 34.74
C ASN E 386 -12.22 31.24 35.99
N GLU E 387 -11.22 32.09 36.16
CA GLU E 387 -11.08 32.85 37.41
C GLU E 387 -11.76 34.20 37.36
N TYR E 388 -12.00 34.78 36.18
CA TYR E 388 -12.80 35.98 36.10
C TYR E 388 -14.23 35.66 36.55
N PRO E 389 -14.95 36.63 37.10
CA PRO E 389 -16.22 36.27 37.74
C PRO E 389 -17.49 36.37 36.89
N THR E 390 -17.49 37.10 35.79
CA THR E 390 -18.70 37.38 35.04
C THR E 390 -18.49 37.17 33.55
N PHE E 391 -19.61 37.00 32.84
CA PHE E 391 -19.61 37.27 31.39
C PHE E 391 -19.34 38.76 31.16
N CYS E 392 -18.68 39.06 30.04
CA CYS E 392 -18.44 40.43 29.66
C CYS E 392 -19.75 41.07 29.21
N PRO E 393 -19.79 42.40 29.14
CA PRO E 393 -21.06 43.06 28.78
C PRO E 393 -21.59 42.61 27.43
N VAL E 394 -20.71 42.29 26.49
CA VAL E 394 -21.20 41.95 25.16
C VAL E 394 -21.77 40.55 25.16
N CYS E 395 -21.14 39.63 25.92
CA CYS E 395 -21.71 38.30 26.10
C CYS E 395 -23.05 38.34 26.80
N GLN E 396 -23.19 39.23 27.81
CA GLN E 396 -24.43 39.32 28.55
C GLN E 396 -25.56 39.74 27.64
N ARG E 397 -25.31 40.74 26.80
CA ARG E 397 -26.32 41.14 25.84
C ARG E 397 -26.61 40.03 24.84
N ALA E 398 -25.57 39.31 24.38
CA ALA E 398 -25.82 38.19 23.46
C ALA E 398 -26.75 37.14 24.07
N ILE E 399 -26.46 36.75 25.32
CA ILE E 399 -27.25 35.75 26.01
C ILE E 399 -28.66 36.28 26.25
N GLN E 400 -28.76 37.55 26.65
CA GLN E 400 -30.05 38.17 26.88
C GLN E 400 -30.90 38.15 25.63
N ARG E 401 -30.29 38.43 24.47
CA ARG E 401 -31.06 38.35 23.23
C ARG E 401 -31.55 36.94 22.96
N ILE E 402 -30.78 35.91 23.31
CA ILE E 402 -31.25 34.55 23.11
C ILE E 402 -32.45 34.28 24.02
N ILE E 403 -32.34 34.65 25.29
CA ILE E 403 -33.45 34.43 26.23
C ILE E 403 -34.73 35.11 25.72
N GLU E 404 -34.62 36.35 25.26
CA GLU E 404 -35.80 37.09 24.79
C GLU E 404 -36.32 36.55 23.46
N PHE E 405 -35.44 36.04 22.60
CA PHE E 405 -35.90 35.37 21.40
C PHE E 405 -36.86 34.24 21.73
N TYR E 406 -36.55 33.44 22.74
CA TYR E 406 -37.35 32.27 23.06
C TYR E 406 -38.55 32.58 23.96
N THR E 407 -38.45 33.54 24.87
CA THR E 407 -39.51 33.79 25.85
C THR E 407 -40.00 35.24 25.81
N GLY E 408 -39.64 36.01 24.80
CA GLY E 408 -40.18 37.35 24.64
C GLY E 408 -39.51 38.37 25.53
N LYS E 409 -39.68 39.63 25.16
CA LYS E 409 -39.24 40.74 26.00
C LYS E 409 -40.22 40.88 27.17
N ASN F 4 -13.30 13.83 47.53
CA ASN F 4 -12.69 14.59 46.46
C ASN F 4 -11.80 15.76 46.95
N PHE F 5 -10.72 16.02 46.20
CA PHE F 5 -9.90 17.22 46.39
C PHE F 5 -10.73 18.49 46.56
N SER F 6 -11.75 18.66 45.74
CA SER F 6 -12.52 19.88 45.76
C SER F 6 -13.43 20.02 46.99
N ASP F 7 -13.55 18.98 47.80
CA ASP F 7 -14.35 19.11 49.02
C ASP F 7 -13.69 20.09 49.99
N TYR F 8 -12.37 20.21 49.96
CA TYR F 8 -11.67 21.11 50.85
C TYR F 8 -10.85 22.17 50.16
N PHE F 9 -10.55 22.04 48.88
CA PHE F 9 -9.62 22.92 48.21
C PHE F 9 -10.21 23.58 46.97
N THR F 10 -9.75 24.81 46.71
CA THR F 10 -9.96 25.49 45.45
C THR F 10 -8.91 25.01 44.46
N ASN F 11 -8.71 25.72 43.36
CA ASN F 11 -7.75 25.33 42.36
C ASN F 11 -6.42 26.05 42.50
N LYS F 12 -6.24 26.87 43.54
CA LYS F 12 -5.05 27.69 43.69
C LYS F 12 -4.03 27.01 44.62
N THR F 13 -2.85 27.60 44.72
CA THR F 13 -1.81 27.14 45.65
C THR F 13 -1.69 28.12 46.84
N LEU F 14 -1.54 27.57 48.04
CA LEU F 14 -1.15 28.33 49.21
C LEU F 14 0.35 28.08 49.43
N ARG F 15 1.16 29.08 49.17
CA ARG F 15 2.58 29.00 49.47
C ARG F 15 2.87 29.57 50.86
N ILE F 16 3.66 28.85 51.65
CA ILE F 16 3.96 29.27 53.02
C ILE F 16 5.47 29.30 53.16
N ASP F 17 5.99 30.46 53.52
CA ASP F 17 7.40 30.66 53.83
C ASP F 17 7.57 30.62 55.35
N TYR F 18 8.52 29.79 55.81
CA TYR F 18 8.85 29.71 57.21
C TYR F 18 10.31 30.09 57.41
N LEU F 19 10.63 30.50 58.62
CA LEU F 19 12.02 30.64 59.09
C LEU F 19 12.26 29.51 60.09
N PHE F 20 13.31 28.73 59.86
CA PHE F 20 13.78 27.71 60.79
C PHE F 20 15.00 28.31 61.46
N THR F 21 14.99 28.40 62.78
CA THR F 21 16.06 29.06 63.50
C THR F 21 16.55 28.16 64.61
N GLY F 22 17.82 28.29 64.96
CA GLY F 22 18.28 27.76 66.23
C GLY F 22 19.76 27.41 66.18
N ASN F 23 20.15 26.50 67.07
CA ASN F 23 21.52 26.04 67.22
C ASN F 23 21.44 24.53 67.54
N ALA F 24 22.59 23.92 67.83
CA ALA F 24 22.60 22.49 68.09
C ALA F 24 21.74 22.11 69.32
N ASP F 25 21.52 23.03 70.26
CA ASP F 25 20.77 22.69 71.46
C ASP F 25 19.26 22.95 71.37
N LYS F 26 18.82 23.97 70.63
CA LYS F 26 17.39 24.29 70.56
C LYS F 26 17.05 24.82 69.16
N GLN F 27 15.89 24.43 68.64
CA GLN F 27 15.43 24.93 67.34
C GLN F 27 14.00 25.43 67.47
N SER F 28 13.63 26.32 66.54
CA SER F 28 12.29 26.89 66.53
C SER F 28 11.86 27.10 65.08
N ILE F 29 10.56 27.27 64.90
CA ILE F 29 9.96 27.57 63.60
C ILE F 29 9.10 28.82 63.77
N CYS F 30 9.19 29.77 62.85
CA CYS F 30 8.19 30.82 62.85
C CYS F 30 7.70 31.09 61.43
N LEU F 31 6.46 31.53 61.35
CA LEU F 31 5.87 31.89 60.07
C LEU F 31 6.45 33.19 59.55
N ASP F 32 6.74 33.21 58.25
CA ASP F 32 7.29 34.37 57.58
C ASP F 32 6.22 35.09 56.73
N GLU F 33 5.60 34.40 55.79
CA GLU F 33 4.63 35.03 54.90
C GLU F 33 3.77 33.95 54.27
N LEU F 34 2.52 34.32 53.98
CA LEU F 34 1.61 33.47 53.22
C LEU F 34 1.39 34.11 51.85
N SER F 35 1.37 33.29 50.82
CA SER F 35 1.18 33.74 49.45
C SER F 35 0.17 32.86 48.73
N GLU F 36 -0.39 33.40 47.67
CA GLU F 36 -1.31 32.68 46.81
C GLU F 36 -0.72 32.63 45.41
N LEU F 37 -0.62 31.43 44.85
CA LEU F 37 -0.23 31.24 43.47
C LEU F 37 -1.43 30.75 42.65
N PRO F 38 -1.46 31.03 41.35
CA PRO F 38 -2.74 30.92 40.61
C PRO F 38 -3.24 29.49 40.39
N VAL F 39 -2.38 28.47 40.45
CA VAL F 39 -2.87 27.10 40.22
C VAL F 39 -2.12 26.11 41.09
N TRP F 40 -2.85 25.14 41.63
CA TRP F 40 -2.23 24.01 42.32
C TRP F 40 -1.69 22.96 41.35
N ALA F 41 -0.36 22.78 41.39
CA ALA F 41 0.32 21.84 40.52
C ALA F 41 0.66 20.53 41.22
N GLY F 42 0.30 20.36 42.46
CA GLY F 42 0.66 19.19 43.22
C GLY F 42 -0.34 18.06 43.01
N ARG F 43 -0.27 17.09 43.90
CA ARG F 43 -1.10 15.91 43.73
C ARG F 43 -2.51 16.20 44.22
N ARG F 44 -3.45 15.41 43.71
CA ARG F 44 -4.84 15.57 44.10
C ARG F 44 -5.46 14.28 44.61
N HIS F 45 -4.63 13.29 44.93
CA HIS F 45 -5.05 12.07 45.61
C HIS F 45 -3.98 11.73 46.65
N HIS F 46 -4.26 10.70 47.46
CA HIS F 46 -3.35 10.31 48.53
C HIS F 46 -3.01 11.52 49.40
N LEU F 47 -4.02 12.30 49.75
CA LEU F 47 -3.74 13.61 50.30
C LEU F 47 -3.34 13.53 51.77
N SER F 48 -3.69 12.45 52.45
CA SER F 48 -3.34 12.25 53.84
C SER F 48 -2.19 11.27 54.00
N GLU F 49 -1.52 10.89 52.92
CA GLU F 49 -0.40 9.96 53.01
C GLU F 49 0.88 10.65 52.55
N LEU F 50 2.02 10.11 53.03
CA LEU F 50 3.36 10.53 52.63
C LEU F 50 4.09 9.43 51.87
N PRO F 51 4.88 9.79 50.85
CA PRO F 51 5.73 8.78 50.18
C PRO F 51 6.98 8.44 50.97
N LEU F 52 7.44 9.39 51.78
CA LEU F 52 8.67 9.25 52.56
C LEU F 52 8.49 10.10 53.81
N GLU F 53 9.22 9.74 54.86
CA GLU F 53 9.07 10.49 56.11
C GLU F 53 9.80 11.84 56.08
N GLY F 54 10.91 11.93 55.39
CA GLY F 54 11.71 13.15 55.44
C GLY F 54 12.27 13.44 56.82
N ASN F 55 12.95 14.57 56.97
CA ASN F 55 13.36 15.11 58.26
C ASN F 55 12.36 16.12 58.81
N GLY F 56 11.33 16.49 58.06
CA GLY F 56 10.27 17.29 58.62
C GLY F 56 9.01 16.99 57.86
N GLN F 57 7.89 17.38 58.45
CA GLN F 57 6.58 17.06 57.91
C GLN F 57 5.69 18.29 58.08
N ILE F 58 4.77 18.45 57.15
CA ILE F 58 3.67 19.41 57.27
C ILE F 58 2.38 18.63 57.21
N VAL F 59 1.45 18.98 58.07
CA VAL F 59 0.12 18.39 58.10
C VAL F 59 -0.91 19.53 58.16
N MET F 60 -1.82 19.55 57.20
CA MET F 60 -2.91 20.52 57.15
C MET F 60 -4.19 19.81 57.57
N ARG F 61 -4.92 20.42 58.49
CA ARG F 61 -6.19 19.89 58.98
C ARG F 61 -7.29 20.92 58.78
N ASP F 62 -8.50 20.44 58.50
CA ASP F 62 -9.67 21.32 58.48
C ASP F 62 -9.97 21.76 59.90
N VAL F 63 -10.12 23.07 60.11
CA VAL F 63 -10.26 23.58 61.47
C VAL F 63 -11.51 23.03 62.15
N ALA F 64 -12.63 23.02 61.43
CA ALA F 64 -13.91 22.68 62.05
C ALA F 64 -13.97 21.22 62.45
N SER F 65 -13.55 20.31 61.56
CA SER F 65 -13.63 18.88 61.81
C SER F 65 -12.33 18.25 62.34
N GLY F 66 -11.17 18.91 62.15
CA GLY F 66 -9.91 18.33 62.54
C GLY F 66 -9.36 17.26 61.59
N LYS F 67 -10.01 16.99 60.48
CA LYS F 67 -9.54 15.97 59.55
C LYS F 67 -8.26 16.43 58.85
N VAL F 68 -7.36 15.48 58.60
CA VAL F 68 -6.19 15.76 57.78
C VAL F 68 -6.61 15.86 56.33
N ILE F 69 -6.28 16.98 55.69
CA ILE F 69 -6.65 17.21 54.30
C ILE F 69 -5.46 17.35 53.37
N TYR F 70 -4.24 17.51 53.90
CA TYR F 70 -3.05 17.49 53.06
C TYR F 70 -1.84 17.24 53.96
N THR F 71 -0.83 16.59 53.41
CA THR F 71 0.44 16.41 54.11
C THR F 71 1.57 16.28 53.12
N THR F 72 2.76 16.69 53.54
CA THR F 72 3.94 16.49 52.74
C THR F 72 5.14 16.48 53.68
N SER F 73 6.30 16.16 53.13
CA SER F 73 7.51 16.05 53.93
C SER F 73 8.70 16.52 53.14
N PHE F 74 9.85 16.68 53.82
CA PHE F 74 10.95 17.42 53.28
C PHE F 74 12.19 17.20 54.12
N SER F 75 13.31 17.60 53.58
CA SER F 75 14.49 17.92 54.37
C SER F 75 14.84 19.38 54.10
N SER F 76 15.86 19.89 54.79
CA SER F 76 16.18 21.31 54.72
C SER F 76 17.68 21.51 54.92
N LEU F 77 18.19 22.62 54.36
CA LEU F 77 19.57 23.00 54.61
C LEU F 77 19.81 23.25 56.09
N PHE F 78 18.83 23.88 56.75
CA PHE F 78 18.90 24.09 58.19
C PHE F 78 19.31 22.82 58.92
N GLN F 79 18.57 21.74 58.68
CA GLN F 79 18.79 20.49 59.42
C GLN F 79 20.15 19.88 59.13
N GLU F 80 20.70 20.10 57.93
CA GLU F 80 22.08 19.72 57.68
C GLU F 80 23.05 20.60 58.46
N TRP F 81 22.78 21.92 58.46
CA TRP F 81 23.64 22.85 59.16
C TRP F 81 23.74 22.53 60.64
N LEU F 82 22.64 22.03 61.23
CA LEU F 82 22.63 21.69 62.65
C LEU F 82 23.65 20.64 63.03
N GLU F 83 24.12 19.85 62.07
CA GLU F 83 25.14 18.83 62.31
C GLU F 83 26.55 19.35 62.17
N THR F 84 26.73 20.65 61.86
CA THR F 84 28.06 21.20 61.63
C THR F 84 28.57 21.84 62.92
N ASP F 85 29.87 22.15 62.93
CA ASP F 85 30.47 22.74 64.12
C ASP F 85 29.98 24.16 64.37
N GLU F 86 29.66 24.91 63.32
CA GLU F 86 29.18 26.27 63.54
CA GLU F 86 29.15 26.27 63.51
C GLU F 86 27.89 26.29 64.37
N ALA F 87 27.07 25.22 64.29
CA ALA F 87 25.82 25.17 65.06
C ALA F 87 26.05 25.06 66.56
N LYS F 88 27.28 24.75 66.98
CA LYS F 88 27.62 24.79 68.41
C LYS F 88 28.03 26.17 68.87
N GLU F 89 28.28 27.10 67.93
CA GLU F 89 28.85 28.40 68.25
C GLU F 89 27.90 29.57 68.04
N VAL F 90 26.80 29.39 67.29
CA VAL F 90 25.93 30.52 66.95
C VAL F 90 24.54 29.99 66.62
N THR F 91 23.54 30.85 66.74
CA THR F 91 22.17 30.59 66.34
C THR F 91 21.91 31.26 64.99
N LYS F 92 21.41 30.49 64.03
CA LYS F 92 21.20 31.00 62.68
C LYS F 92 19.76 30.78 62.24
N GLY F 93 19.34 31.55 61.27
CA GLY F 93 17.98 31.43 60.73
C GLY F 93 18.03 31.22 59.24
N PHE F 94 17.08 30.40 58.75
CA PHE F 94 17.09 29.90 57.38
C PHE F 94 15.68 30.03 56.80
N GLU F 95 15.60 30.40 55.51
CA GLU F 95 14.34 30.46 54.77
C GLU F 95 13.96 29.09 54.20
N ASN F 96 12.67 28.76 54.26
CA ASN F 96 12.14 27.52 53.71
C ASN F 96 10.72 27.80 53.22
N THR F 97 10.39 27.23 52.07
CA THR F 97 9.12 27.48 51.39
C THR F 97 8.43 26.18 51.04
N TYR F 98 7.10 26.08 51.30
CA TYR F 98 6.31 24.90 50.97
C TYR F 98 5.06 25.30 50.21
N LEU F 99 4.64 24.44 49.30
CA LEU F 99 3.46 24.61 48.48
C LEU F 99 2.36 23.69 48.98
N LEU F 100 1.21 24.25 49.27
CA LEU F 100 0.10 23.46 49.77
C LEU F 100 -1.12 23.84 48.95
N PRO F 101 -2.10 22.97 48.84
CA PRO F 101 -3.36 23.35 48.20
C PRO F 101 -4.07 24.40 49.03
N TYR F 102 -4.88 25.23 48.36
CA TYR F 102 -5.45 26.42 48.97
C TYR F 102 -6.82 26.07 49.54
N PRO F 103 -7.06 26.22 50.84
CA PRO F 103 -8.32 25.73 51.40
C PRO F 103 -9.51 26.65 51.13
N ILE F 104 -10.68 26.02 51.05
CA ILE F 104 -11.95 26.75 50.96
C ILE F 104 -12.31 27.37 52.31
N LYS F 105 -12.10 26.65 53.40
CA LYS F 105 -12.41 27.04 54.77
C LYS F 105 -11.14 27.10 55.61
N PRO F 106 -11.19 27.73 56.78
CA PRO F 106 -9.96 27.82 57.61
C PRO F 106 -9.34 26.45 57.84
N ALA F 107 -8.00 26.43 57.83
CA ALA F 107 -7.24 25.23 57.99
C ALA F 107 -6.12 25.50 58.99
N GLU F 108 -5.79 24.50 59.78
CA GLU F 108 -4.68 24.56 60.73
C GLU F 108 -3.49 23.83 60.09
N VAL F 109 -2.36 24.51 59.99
CA VAL F 109 -1.14 23.90 59.47
C VAL F 109 -0.23 23.60 60.65
N GLU F 110 0.21 22.35 60.75
CA GLU F 110 1.20 21.93 61.75
C GLU F 110 2.46 21.54 61.01
N ILE F 111 3.56 22.20 61.36
CA ILE F 111 4.84 21.85 60.75
C ILE F 111 5.76 21.38 61.86
N THR F 112 6.54 20.34 61.57
CA THR F 112 7.31 19.59 62.57
C THR F 112 8.68 19.30 61.98
N LEU F 113 9.74 19.56 62.74
CA LEU F 113 11.07 19.14 62.40
C LEU F 113 11.46 18.02 63.35
N ARG F 114 12.17 17.02 62.84
CA ARG F 114 12.65 15.89 63.64
C ARG F 114 14.17 15.84 63.59
N ASN F 115 14.78 15.34 64.67
CA ASN F 115 16.22 15.20 64.73
C ASN F 115 16.67 13.86 64.10
N ASN F 116 17.94 13.50 64.27
CA ASN F 116 18.44 12.27 63.66
C ASN F 116 17.98 11.02 64.42
N LYS F 117 17.29 11.18 65.56
CA LYS F 117 16.58 10.10 66.22
C LYS F 117 15.12 10.00 65.82
N ARG F 118 14.68 10.79 64.86
CA ARG F 118 13.31 10.75 64.35
C ARG F 118 12.29 11.24 65.38
N GLU F 119 12.74 11.95 66.39
CA GLU F 119 11.90 12.57 67.38
C GLU F 119 11.82 14.07 67.13
N VAL F 120 10.73 14.66 67.64
CA VAL F 120 10.42 16.06 67.33
C VAL F 120 11.40 17.00 68.00
N SER F 121 11.94 17.95 67.20
CA SER F 121 12.81 18.99 67.70
C SER F 121 12.22 20.40 67.54
N ALA F 122 11.20 20.58 66.72
CA ALA F 122 10.52 21.87 66.65
C ALA F 122 9.14 21.62 66.06
N ASN F 123 8.20 22.45 66.43
CA ASN F 123 6.79 22.22 66.12
C ASN F 123 6.06 23.55 66.18
N LEU F 124 5.31 23.87 65.11
CA LEU F 124 4.51 25.09 65.07
C LEU F 124 3.15 24.73 64.50
N LYS F 125 2.10 25.24 65.14
CA LYS F 125 0.75 25.21 64.59
C LYS F 125 0.28 26.63 64.30
N HIS F 126 -0.35 26.86 63.15
CA HIS F 126 -0.95 28.16 62.88
C HIS F 126 -2.16 27.98 61.98
N VAL F 127 -3.15 28.83 62.14
CA VAL F 127 -4.38 28.76 61.35
C VAL F 127 -4.30 29.69 60.15
N VAL F 128 -4.71 29.18 59.00
CA VAL F 128 -4.70 29.95 57.76
C VAL F 128 -6.17 30.24 57.44
N LYS F 129 -6.53 31.53 57.32
CA LYS F 129 -7.87 31.95 56.95
C LYS F 129 -7.84 32.37 55.49
N PRO F 130 -8.56 31.70 54.59
CA PRO F 130 -8.32 31.95 53.16
C PRO F 130 -8.68 33.35 52.68
N ASP F 131 -9.49 34.11 53.42
CA ASP F 131 -9.76 35.50 53.04
C ASP F 131 -8.84 36.53 53.72
N ASP F 132 -7.78 36.08 54.41
CA ASP F 132 -6.80 36.98 55.02
C ASP F 132 -6.22 37.91 53.96
N ILE F 133 -6.38 39.23 54.16
CA ILE F 133 -5.97 40.16 53.13
C ILE F 133 -4.46 40.26 52.99
N LEU F 134 -3.71 39.80 53.98
CA LEU F 134 -2.26 39.87 53.89
C LEU F 134 -1.67 38.61 53.28
N ILE F 135 -2.50 37.74 52.73
CA ILE F 135 -2.01 36.67 51.86
C ILE F 135 -1.61 37.31 50.53
N HIS F 136 -0.32 37.34 50.25
CA HIS F 136 0.25 38.02 49.10
C HIS F 136 -0.08 37.26 47.80
N LYS F 137 -0.88 37.89 46.92
CA LYS F 137 -1.22 37.25 45.65
C LYS F 137 -0.04 37.39 44.68
N LYS F 138 0.52 36.27 44.25
CA LYS F 138 1.71 36.31 43.38
C LYS F 138 1.43 35.61 42.05
N GLY F 139 2.38 35.73 41.13
CA GLY F 139 2.31 34.99 39.88
C GLY F 139 1.27 35.47 38.89
N LEU F 140 0.86 36.72 38.98
CA LEU F 140 -0.12 37.29 38.07
C LEU F 140 0.50 38.23 37.04
N THR F 141 1.59 38.90 37.37
CA THR F 141 2.30 39.76 36.43
C THR F 141 3.80 39.47 36.47
N HIS F 142 4.49 39.97 35.45
CA HIS F 142 5.96 39.91 35.39
C HIS F 142 6.48 38.50 35.60
N ILE F 143 5.82 37.53 34.99
CA ILE F 143 6.25 36.15 35.09
C ILE F 143 7.59 35.99 34.39
N THR F 144 8.49 35.22 35.00
CA THR F 144 9.82 35.07 34.41
C THR F 144 9.70 34.40 33.04
N PRO F 145 10.44 34.88 32.03
CA PRO F 145 10.45 34.19 30.72
C PRO F 145 10.85 32.72 30.84
N HIS F 146 10.23 31.88 30.01
CA HIS F 146 10.43 30.45 30.16
C HIS F 146 9.97 29.70 28.93
N LYS F 147 10.47 28.47 28.78
CA LYS F 147 10.10 27.60 27.67
C LYS F 147 9.95 26.17 28.18
N TYR F 148 8.88 25.51 27.76
CA TYR F 148 8.71 24.10 28.06
C TYR F 148 9.58 23.23 27.16
N LEU F 149 10.40 22.37 27.77
CA LEU F 149 11.19 21.37 27.06
C LEU F 149 10.45 20.05 26.88
N LEU F 150 9.45 19.78 27.72
CA LEU F 150 8.67 18.57 27.65
C LEU F 150 7.31 18.87 28.24
N LYS F 151 6.25 18.70 27.44
CA LYS F 151 4.88 18.96 27.87
C LYS F 151 4.08 17.67 27.65
N SER F 152 4.07 16.81 28.66
CA SER F 152 3.39 15.54 28.58
C SER F 152 1.91 15.64 28.86
N GLY F 153 1.48 16.69 29.53
CA GLY F 153 0.12 16.76 30.03
C GLY F 153 -0.02 17.99 30.90
N ASN F 154 -1.21 18.15 31.48
CA ASN F 154 -1.44 19.33 32.30
C ASN F 154 -0.79 19.13 33.68
N GLU F 155 -0.67 20.25 34.41
CA GLU F 155 -0.03 20.26 35.72
C GLU F 155 -0.76 19.38 36.74
N GLU F 156 -2.04 19.07 36.52
CA GLU F 156 -2.74 18.20 37.44
C GLU F 156 -2.43 16.73 37.22
N GLN F 157 -1.96 16.35 36.05
CA GLN F 157 -1.70 14.95 35.75
C GLN F 157 -0.24 14.58 35.87
N CYS F 158 0.65 15.47 35.45
CA CYS F 158 2.07 15.20 35.35
C CYS F 158 2.88 15.88 36.45
N ILE F 159 4.12 15.40 36.61
CA ILE F 159 5.04 15.92 37.61
C ILE F 159 5.78 17.10 37.00
N ASP F 160 5.61 18.28 37.59
CA ASP F 160 6.13 19.52 37.03
C ASP F 160 7.48 19.86 37.64
N VAL F 161 8.50 19.88 36.79
CA VAL F 161 9.87 20.20 37.16
C VAL F 161 10.24 21.51 36.48
N ALA F 162 10.72 22.45 37.26
CA ALA F 162 11.20 23.71 36.71
C ALA F 162 12.72 23.71 36.81
N ILE F 163 13.38 24.09 35.72
CA ILE F 163 14.83 24.28 35.71
C ILE F 163 15.10 25.78 35.66
N LEU F 164 15.85 26.28 36.65
CA LEU F 164 16.14 27.69 36.82
C LEU F 164 17.57 27.99 36.40
N ALA F 165 17.78 29.22 35.93
CA ALA F 165 19.09 29.72 35.53
C ALA F 165 19.74 30.51 36.66
N GLU F 166 20.97 30.13 37.00
CA GLU F 166 21.71 30.83 38.03
C GLU F 166 23.06 31.21 37.45
N GLY F 167 23.43 32.48 37.55
CA GLY F 167 24.69 32.93 37.01
C GLY F 167 24.73 33.13 35.51
N TYR F 168 23.60 33.17 34.84
CA TYR F 168 23.51 33.45 33.42
C TYR F 168 22.97 34.87 33.22
N THR F 169 23.76 35.74 32.59
CA THR F 169 23.27 37.07 32.25
C THR F 169 22.24 36.98 31.13
N THR F 170 21.59 38.11 30.85
CA THR F 170 20.58 38.17 29.80
C THR F 170 21.14 37.75 28.45
N SER F 171 22.42 38.02 28.20
CA SER F 171 23.05 37.67 26.94
C SER F 171 23.38 36.19 26.83
N GLU F 172 23.38 35.45 27.95
CA GLU F 172 23.80 34.07 27.97
C GLU F 172 22.63 33.10 28.04
N MET F 173 21.44 33.53 27.67
CA MET F 173 20.28 32.67 27.88
C MET F 173 20.11 31.60 26.81
N GLU F 174 20.59 31.81 25.58
CA GLU F 174 20.62 30.69 24.64
C GLU F 174 21.41 29.52 25.22
N THR F 175 22.59 29.82 25.77
CA THR F 175 23.38 28.81 26.46
C THR F 175 22.56 28.11 27.55
N PHE F 176 21.87 28.89 28.38
CA PHE F 176 21.13 28.28 29.47
C PHE F 176 20.14 27.26 28.92
N TYR F 177 19.39 27.67 27.90
CA TYR F 177 18.40 26.78 27.32
C TYR F 177 19.03 25.52 26.74
N LYS F 178 20.23 25.62 26.16
CA LYS F 178 20.93 24.41 25.73
C LYS F 178 21.29 23.54 26.92
N ASP F 179 21.76 24.15 28.01
CA ASP F 179 22.16 23.38 29.18
C ASP F 179 20.96 22.69 29.81
N ALA F 180 19.81 23.35 29.81
CA ALA F 180 18.60 22.77 30.36
C ALA F 180 18.16 21.54 29.57
N ALA F 181 18.31 21.60 28.25
CA ALA F 181 18.00 20.44 27.43
C ALA F 181 19.00 19.31 27.70
N ILE F 182 20.27 19.63 27.89
CA ILE F 182 21.23 18.58 28.24
C ILE F 182 20.81 17.90 29.54
N ALA F 183 20.52 18.68 30.59
CA ALA F 183 20.12 18.09 31.86
C ALA F 183 18.89 17.23 31.70
N CYS F 184 17.98 17.66 30.83
CA CYS F 184 16.76 16.91 30.57
C CYS F 184 17.05 15.57 29.90
N GLU F 185 17.89 15.59 28.87
CA GLU F 185 18.24 14.34 28.20
C GLU F 185 18.98 13.42 29.15
N ALA F 186 19.84 13.98 30.00
CA ALA F 186 20.53 13.14 30.96
C ALA F 186 19.55 12.47 31.91
N LEU F 187 18.56 13.22 32.38
CA LEU F 187 17.60 12.65 33.32
C LEU F 187 16.85 11.49 32.68
N PHE F 188 16.33 11.69 31.47
CA PHE F 188 15.46 10.66 30.86
C PHE F 188 16.21 9.57 30.11
N SER F 189 17.53 9.56 30.20
CA SER F 189 18.31 8.40 29.79
C SER F 189 18.56 7.43 30.94
N HIS F 190 18.11 7.75 32.16
CA HIS F 190 18.20 6.86 33.30
C HIS F 190 16.85 6.23 33.56
N GLU F 191 16.81 4.92 33.75
CA GLU F 191 15.61 4.30 34.28
C GLU F 191 15.46 4.67 35.76
N PRO F 192 14.25 4.78 36.27
CA PRO F 192 12.96 4.55 35.61
C PRO F 192 12.43 5.79 34.93
N PHE F 193 13.18 6.90 34.96
CA PHE F 193 12.69 8.11 34.33
C PHE F 193 12.41 7.88 32.85
N GLN F 194 13.28 7.12 32.16
CA GLN F 194 13.15 6.94 30.72
C GLN F 194 11.81 6.36 30.34
N SER F 195 11.43 5.24 30.95
CA SER F 195 10.14 4.64 30.67
C SER F 195 8.96 5.44 31.24
N MET F 196 9.23 6.43 32.09
CA MET F 196 8.20 7.24 32.73
C MET F 196 8.13 8.66 32.18
N LYS F 197 8.78 8.92 31.05
CA LYS F 197 8.89 10.29 30.53
C LYS F 197 7.54 10.95 30.39
N ASN F 198 6.52 10.17 30.01
CA ASN F 198 5.16 10.69 29.78
C ASN F 198 4.46 11.13 31.05
N ARG F 199 5.08 10.92 32.22
CA ARG F 199 4.55 11.40 33.47
C ARG F 199 5.09 12.78 33.86
N PHE F 200 5.96 13.41 33.06
CA PHE F 200 6.66 14.62 33.45
C PHE F 200 6.42 15.81 32.53
N ASN F 201 6.39 17.00 33.14
CA ASN F 201 6.55 18.26 32.44
C ASN F 201 7.84 18.91 32.91
N ILE F 202 8.57 19.46 31.95
CA ILE F 202 9.85 20.11 32.22
C ILE F 202 9.78 21.49 31.60
N VAL F 203 9.95 22.52 32.43
CA VAL F 203 9.94 23.91 31.99
C VAL F 203 11.25 24.52 32.43
N ALA F 204 11.88 25.25 31.52
CA ALA F 204 13.12 25.94 31.77
C ALA F 204 12.82 27.43 31.87
N VAL F 205 13.39 28.07 32.88
CA VAL F 205 12.96 29.38 33.37
C VAL F 205 14.20 30.25 33.38
N ALA F 206 14.19 31.29 32.55
CA ALA F 206 15.39 32.08 32.28
C ALA F 206 15.46 33.28 33.24
N SER F 207 15.66 32.95 34.51
CA SER F 207 15.87 33.97 35.53
C SER F 207 17.22 34.64 35.39
N PRO F 208 17.28 35.94 35.11
CA PRO F 208 18.56 36.57 34.75
C PRO F 208 19.37 36.93 35.98
N SER F 209 20.70 36.87 35.82
CA SER F 209 21.67 37.28 36.81
C SER F 209 22.43 38.51 36.32
N ALA F 210 22.83 39.38 37.24
CA ALA F 210 23.60 40.56 36.85
C ALA F 210 25.00 40.17 36.39
N ASP F 211 25.67 39.29 37.14
CA ASP F 211 27.01 38.79 36.84
C ASP F 211 26.95 37.39 36.25
N SER F 212 27.99 37.03 35.51
CA SER F 212 28.15 35.68 34.99
C SER F 212 28.94 34.86 36.01
N GLY F 213 28.65 33.55 36.07
CA GLY F 213 29.28 32.70 37.06
C GLY F 213 28.59 32.77 38.41
N VAL F 214 29.17 32.07 39.39
CA VAL F 214 28.59 31.99 40.72
C VAL F 214 29.67 32.31 41.74
N SER F 215 29.23 32.56 42.97
CA SER F 215 30.16 32.90 44.03
C SER F 215 31.02 31.72 44.44
N ALA F 216 32.28 31.99 44.69
CA ALA F 216 33.29 30.99 44.99
C ALA F 216 34.01 31.50 46.23
N PRO F 217 33.45 31.26 47.41
CA PRO F 217 33.97 31.94 48.61
C PRO F 217 35.41 31.58 48.94
N LYS F 218 35.85 30.37 48.61
CA LYS F 218 37.23 30.00 48.93
C LYS F 218 38.21 30.90 48.21
N GLN F 219 37.93 31.21 46.93
CA GLN F 219 38.77 32.13 46.17
C GLN F 219 38.47 33.60 46.47
N GLY F 220 37.53 33.88 47.37
CA GLY F 220 37.15 35.25 47.64
C GLY F 220 36.50 36.01 46.50
N ALA F 221 35.94 35.30 45.52
CA ALA F 221 35.33 35.93 44.35
C ALA F 221 33.81 35.78 44.39
N TRP F 222 33.14 36.79 44.88
CA TRP F 222 31.69 36.77 44.98
C TRP F 222 31.05 37.41 43.76
N LYS F 223 29.83 36.97 43.45
CA LYS F 223 29.15 37.44 42.26
C LYS F 223 27.71 37.81 42.59
N HIS F 224 27.20 38.75 41.81
CA HIS F 224 25.86 39.30 41.98
C HIS F 224 24.95 38.46 41.10
N THR F 225 24.29 37.46 41.70
CA THR F 225 23.49 36.52 40.94
C THR F 225 22.05 36.49 41.43
N ALA F 226 21.20 35.83 40.62
CA ALA F 226 19.77 35.79 40.93
C ALA F 226 19.49 35.20 42.31
N PHE F 227 20.19 34.12 42.67
CA PHE F 227 19.87 33.37 43.86
C PHE F 227 21.03 33.28 44.86
N GLY F 228 22.10 34.05 44.66
CA GLY F 228 23.17 34.10 45.63
C GLY F 228 23.82 32.76 45.93
N SER F 229 23.80 31.82 45.00
CA SER F 229 24.36 30.51 45.27
C SER F 229 25.87 30.63 45.43
N HIS F 230 26.43 29.74 46.25
CA HIS F 230 27.87 29.77 46.51
C HIS F 230 28.40 28.34 46.71
N PHE F 231 29.66 28.16 46.36
CA PHE F 231 30.38 26.93 46.72
C PHE F 231 30.71 27.00 48.22
N ASP F 232 31.41 25.98 48.71
CA ASP F 232 31.97 26.01 50.05
C ASP F 232 30.91 26.09 51.14
N THR F 233 29.71 25.58 50.87
CA THR F 233 28.69 25.50 51.91
C THR F 233 29.19 24.61 53.04
N PHE F 234 28.99 25.07 54.28
CA PHE F 234 29.50 24.39 55.47
C PHE F 234 30.99 24.09 55.37
N TYR F 235 31.71 24.87 54.56
CA TYR F 235 33.17 24.70 54.32
C TYR F 235 33.47 23.37 53.61
N SER F 236 32.50 22.85 52.86
CA SER F 236 32.68 21.71 51.98
C SER F 236 32.75 22.21 50.54
N ASP F 237 33.94 22.11 49.93
CA ASP F 237 34.24 22.86 48.71
C ASP F 237 33.24 22.56 47.60
N ARG F 238 32.86 21.30 47.43
CA ARG F 238 31.99 20.92 46.34
C ARG F 238 30.51 21.18 46.61
N TYR F 239 30.16 21.60 47.81
CA TYR F 239 28.75 21.75 48.19
C TYR F 239 28.29 23.11 47.70
N LEU F 240 27.51 23.11 46.62
CA LEU F 240 26.96 24.31 46.01
C LEU F 240 25.52 24.41 46.46
N THR F 241 25.20 25.46 47.21
CA THR F 241 23.85 25.69 47.68
C THR F 241 23.46 27.17 47.60
N THR F 242 22.21 27.42 47.97
CA THR F 242 21.72 28.79 48.14
C THR F 242 20.85 28.78 49.38
N SER F 243 20.87 29.90 50.08
CA SER F 243 19.96 30.16 51.18
C SER F 243 18.83 31.10 50.79
N ARG F 244 18.77 31.55 49.52
CA ARG F 244 17.74 32.50 49.07
C ARG F 244 16.53 31.75 48.51
N VAL F 245 15.90 31.02 49.43
CA VAL F 245 14.83 30.13 49.01
C VAL F 245 13.63 30.95 48.57
N LYS F 246 13.40 32.09 49.21
CA LYS F 246 12.27 32.95 48.81
C LYS F 246 12.46 33.45 47.37
N ALA F 247 13.69 33.86 47.01
CA ALA F 247 13.96 34.35 45.67
C ALA F 247 13.81 33.27 44.60
N ILE F 248 14.22 32.03 44.90
CA ILE F 248 14.02 30.94 43.96
C ILE F 248 12.54 30.76 43.66
N ASN F 249 11.72 30.71 44.73
CA ASN F 249 10.29 30.48 44.51
C ASN F 249 9.58 31.69 43.92
N ASP F 250 10.05 32.91 44.23
CA ASP F 250 9.50 34.11 43.58
C ASP F 250 9.76 34.11 42.07
N ALA F 251 10.93 33.61 41.63
CA ALA F 251 11.19 33.54 40.19
C ALA F 251 10.24 32.57 39.49
N LEU F 252 9.71 31.60 40.20
CA LEU F 252 8.81 30.64 39.64
C LEU F 252 7.34 31.00 39.80
N ALA F 253 7.01 32.09 40.51
CA ALA F 253 5.61 32.44 40.76
C ALA F 253 4.84 32.57 39.44
N GLY F 254 3.73 31.85 39.31
CA GLY F 254 2.93 31.89 38.10
C GLY F 254 3.29 30.85 37.06
N ILE F 255 4.35 30.09 37.28
CA ILE F 255 4.70 28.92 36.48
C ILE F 255 4.35 27.69 37.30
N PRO F 256 3.59 26.74 36.78
CA PRO F 256 3.30 25.53 37.56
C PRO F 256 4.57 24.75 37.87
N TYR F 257 4.78 24.46 39.16
CA TYR F 257 5.97 23.69 39.52
C TYR F 257 5.75 22.92 40.80
N GLU F 258 6.48 21.79 40.90
CA GLU F 258 6.52 20.96 42.09
C GLU F 258 7.96 20.70 42.55
N HIS F 259 8.91 20.72 41.63
CA HIS F 259 10.31 20.40 41.93
C HIS F 259 11.22 21.38 41.21
N ILE F 260 12.36 21.70 41.82
CA ILE F 260 13.23 22.75 41.32
C ILE F 260 14.61 22.19 41.06
N ILE F 261 15.13 22.40 39.85
CA ILE F 261 16.55 22.17 39.52
C ILE F 261 17.13 23.52 39.14
N ILE F 262 18.28 23.86 39.69
CA ILE F 262 18.96 25.12 39.41
C ILE F 262 20.29 24.81 38.75
N LEU F 263 20.48 25.31 37.54
CA LEU F 263 21.71 25.14 36.77
C LEU F 263 22.60 26.36 36.98
N ALA F 264 23.82 26.15 37.43
CA ALA F 264 24.74 27.26 37.66
C ALA F 264 25.75 27.33 36.51
N ASN F 265 25.93 28.55 35.96
CA ASN F 265 26.75 28.78 34.78
C ASN F 265 28.22 28.86 35.20
N THR F 266 28.80 27.69 35.44
CA THR F 266 30.19 27.62 35.87
C THR F 266 30.74 26.24 35.51
N GLU F 267 32.07 26.19 35.34
CA GLU F 267 32.78 24.95 35.05
C GLU F 267 33.27 24.28 36.31
N GLN F 268 33.25 24.99 37.43
CA GLN F 268 33.68 24.45 38.71
C GLN F 268 32.76 23.31 39.14
N TYR F 269 33.35 22.33 39.80
CA TYR F 269 32.62 21.13 40.19
C TYR F 269 31.82 21.38 41.45
N GLY F 270 30.54 21.07 41.41
CA GLY F 270 29.81 21.07 42.65
C GLY F 270 28.34 20.90 42.42
N GLY F 271 27.63 20.85 43.54
CA GLY F 271 26.21 20.60 43.48
C GLY F 271 25.67 20.32 44.87
N GLY F 272 24.37 20.10 44.89
CA GLY F 272 23.68 19.93 46.16
C GLY F 272 22.26 19.55 45.85
N GLY F 273 21.67 18.74 46.69
CA GLY F 273 20.30 18.35 46.50
C GLY F 273 19.71 18.03 47.86
N ILE F 274 18.52 18.54 48.10
CA ILE F 274 17.86 18.39 49.38
C ILE F 274 16.41 18.03 49.09
N TYR F 275 15.93 16.97 49.75
CA TYR F 275 14.62 16.42 49.48
C TYR F 275 13.54 17.47 49.60
N ASN F 276 12.79 17.64 48.51
CA ASN F 276 11.67 18.58 48.38
C ASN F 276 12.04 19.99 48.77
N ALA F 277 13.29 20.36 48.48
CA ALA F 277 13.74 21.75 48.57
C ALA F 277 14.20 22.21 47.19
N PHE F 278 15.37 21.77 46.72
CA PHE F 278 15.91 22.14 45.41
C PHE F 278 17.08 21.21 45.11
N THR F 279 17.44 21.15 43.83
CA THR F 279 18.74 20.66 43.37
C THR F 279 19.51 21.81 42.74
N LEU F 280 20.84 21.81 42.96
CA LEU F 280 21.76 22.75 42.34
C LEU F 280 22.90 21.93 41.71
N THR F 281 23.34 22.35 40.52
CA THR F 281 24.42 21.64 39.84
C THR F 281 25.18 22.60 38.93
N THR F 282 26.50 22.42 38.87
CA THR F 282 27.33 23.05 37.84
C THR F 282 26.89 22.58 36.47
N ALA F 283 26.79 23.49 35.52
CA ALA F 283 26.31 23.10 34.20
C ALA F 283 27.41 22.86 33.16
N HIS F 284 28.61 23.38 33.36
CA HIS F 284 29.67 23.34 32.36
C HIS F 284 30.87 22.50 32.77
N HIS F 285 30.80 21.81 33.89
CA HIS F 285 31.78 20.80 34.24
C HIS F 285 31.49 19.52 33.46
N PRO F 286 32.53 18.77 33.06
CA PRO F 286 32.28 17.60 32.21
C PRO F 286 31.45 16.53 32.88
N ASN F 287 31.33 16.54 34.22
CA ASN F 287 30.46 15.57 34.89
C ASN F 287 29.02 16.08 35.09
N PHE F 288 28.62 17.10 34.36
CA PHE F 288 27.29 17.69 34.54
C PHE F 288 26.20 16.63 34.47
N ARG F 289 26.26 15.71 33.50
CA ARG F 289 25.12 14.82 33.28
C ARG F 289 24.88 13.86 34.43
N PRO F 290 25.88 13.10 34.91
CA PRO F 290 25.59 12.24 36.06
C PRO F 290 25.29 13.02 37.34
N VAL F 291 25.97 14.16 37.55
CA VAL F 291 25.80 14.93 38.79
C VAL F 291 24.37 15.44 38.92
N VAL F 292 23.81 16.00 37.84
CA VAL F 292 22.46 16.55 37.95
C VAL F 292 21.46 15.44 38.30
N VAL F 293 21.66 14.25 37.73
CA VAL F 293 20.77 13.13 38.05
C VAL F 293 20.99 12.69 39.49
N HIS F 294 22.24 12.68 39.94
CA HIS F 294 22.54 12.33 41.31
C HIS F 294 21.87 13.30 42.29
N GLU F 295 21.99 14.60 42.02
CA GLU F 295 21.36 15.57 42.91
C GLU F 295 19.84 15.44 42.88
N PHE F 296 19.27 15.16 41.70
CA PHE F 296 17.83 14.95 41.60
C PHE F 296 17.40 13.69 42.33
N GLY F 297 18.29 12.69 42.43
CA GLY F 297 18.00 11.55 43.30
C GLY F 297 17.76 11.97 44.73
N HIS F 298 18.49 12.98 45.20
CA HIS F 298 18.24 13.54 46.51
C HIS F 298 16.92 14.31 46.55
N SER F 299 16.80 15.32 45.68
CA SER F 299 15.78 16.34 45.88
C SER F 299 14.40 15.83 45.48
N PHE F 300 14.35 14.98 44.46
CA PHE F 300 13.11 14.35 44.03
C PHE F 300 12.94 12.98 44.68
N GLY F 301 13.98 12.13 44.62
CA GLY F 301 13.87 10.75 45.11
C GLY F 301 14.03 10.59 46.59
N GLY F 302 14.57 11.59 47.29
CA GLY F 302 14.83 11.43 48.70
C GLY F 302 15.87 10.38 49.01
N LEU F 303 16.70 10.03 48.05
CA LEU F 303 17.71 9.00 48.20
C LEU F 303 18.89 9.54 48.99
N ALA F 304 19.59 8.62 49.65
CA ALA F 304 20.80 8.95 50.38
C ALA F 304 22.03 8.76 49.50
N ASP F 305 23.11 9.41 49.89
CA ASP F 305 24.41 9.10 49.31
C ASP F 305 24.88 7.70 49.71
N GLU F 306 25.27 6.90 48.72
CA GLU F 306 25.81 5.58 48.96
C GLU F 306 27.34 5.59 49.04
N TYR F 307 27.99 6.71 48.73
CA TYR F 307 29.44 6.74 48.89
C TYR F 307 29.83 6.90 50.35
N PHE F 308 31.13 6.76 50.60
CA PHE F 308 31.66 6.80 51.96
C PHE F 308 33.17 6.94 51.89
N TYR F 309 33.75 7.38 53.01
CA TYR F 309 35.18 7.56 53.14
C TYR F 309 35.76 6.48 54.06
N ASP F 310 36.91 5.94 53.66
CA ASP F 310 37.57 4.94 54.51
C ASP F 310 37.85 5.48 55.90
N GLU F 311 38.27 6.73 56.00
CA GLU F 311 38.66 7.32 57.28
C GLU F 311 37.51 7.31 58.29
N GLY F 316 27.81 10.70 60.53
CA GLY F 316 27.47 11.53 61.67
C GLY F 316 26.00 11.88 61.73
N LEU F 317 25.35 11.98 60.55
CA LEU F 317 23.91 12.21 60.50
C LEU F 317 23.10 10.92 60.40
N TYR F 318 23.76 9.76 60.50
CA TYR F 318 23.06 8.47 60.53
C TYR F 318 23.51 7.67 61.74
N PRO F 319 22.97 7.97 62.92
CA PRO F 319 23.28 7.17 64.10
C PRO F 319 23.00 5.70 63.83
N LEU F 320 23.85 4.84 64.35
CA LEU F 320 23.72 3.43 64.01
C LEU F 320 22.55 2.75 64.69
N ASN F 321 21.95 3.36 65.72
CA ASN F 321 20.80 2.77 66.39
C ASN F 321 19.46 3.18 65.77
N ILE F 322 19.46 3.89 64.64
CA ILE F 322 18.22 4.36 64.00
C ILE F 322 18.21 3.85 62.57
N GLU F 323 17.09 3.33 62.12
CA GLU F 323 16.94 3.03 60.69
C GLU F 323 16.76 4.35 59.92
N PRO F 324 17.58 4.62 58.90
CA PRO F 324 17.35 5.82 58.08
C PRO F 324 15.98 5.78 57.42
N TRP F 325 15.37 6.96 57.23
CA TRP F 325 14.12 7.00 56.49
C TRP F 325 14.38 6.89 54.99
N GLU F 326 15.59 7.21 54.55
CA GLU F 326 15.94 7.04 53.15
C GLU F 326 15.95 5.56 52.77
N GLN F 327 15.51 5.27 51.55
CA GLN F 327 15.19 3.92 51.13
C GLN F 327 16.38 3.11 50.62
N ASN F 328 17.53 3.74 50.36
CA ASN F 328 18.66 3.06 49.75
C ASN F 328 19.87 2.93 50.67
N ILE F 329 19.71 3.13 51.98
CA ILE F 329 20.76 2.77 52.93
C ILE F 329 20.04 2.13 54.10
N THR F 330 20.80 1.38 54.89
CA THR F 330 20.29 0.76 56.10
C THR F 330 21.37 0.66 57.16
N THR F 331 20.93 0.68 58.42
CA THR F 331 21.74 0.31 59.56
C THR F 331 21.34 -1.08 60.08
N ARG F 332 20.54 -1.80 59.32
CA ARG F 332 19.98 -3.10 59.72
C ARG F 332 19.23 -3.04 61.04
N ILE F 333 18.62 -1.90 61.35
CA ILE F 333 17.75 -1.81 62.53
C ILE F 333 16.33 -2.25 62.18
N ASN F 334 15.81 -1.81 61.04
CA ASN F 334 14.51 -2.26 60.52
C ASN F 334 14.66 -2.57 59.02
N PHE F 335 15.52 -3.53 58.72
CA PHE F 335 15.81 -3.82 57.32
C PHE F 335 14.61 -4.40 56.59
N ALA F 336 13.63 -4.95 57.31
CA ALA F 336 12.42 -5.42 56.64
C ALA F 336 11.71 -4.29 55.88
N SER F 337 11.85 -3.05 56.34
CA SER F 337 11.20 -1.93 55.69
C SER F 337 11.92 -1.49 54.41
N LYS F 338 13.12 -2.01 54.17
CA LYS F 338 13.92 -1.53 53.03
C LYS F 338 13.89 -2.53 51.87
N TRP F 339 15.04 -3.13 51.53
CA TRP F 339 15.10 -3.99 50.34
C TRP F 339 15.37 -5.47 50.66
N GLU F 340 15.04 -5.90 51.88
CA GLU F 340 15.11 -7.33 52.21
C GLU F 340 14.29 -8.17 51.23
N ASP F 341 13.13 -7.67 50.82
CA ASP F 341 12.26 -8.37 49.88
C ASP F 341 12.78 -8.38 48.43
N MET F 342 13.97 -7.85 48.17
CA MET F 342 14.57 -7.99 46.84
C MET F 342 15.79 -8.92 46.85
N LEU F 343 16.23 -9.36 48.03
CA LEU F 343 17.35 -10.30 48.18
C LEU F 343 16.88 -11.75 48.08
N THR F 344 17.74 -12.61 47.53
CA THR F 344 17.47 -14.05 47.57
C THR F 344 17.83 -14.60 48.95
N LYS F 345 17.17 -15.69 49.33
CA LYS F 345 17.38 -16.22 50.67
C LYS F 345 18.83 -16.61 50.92
N THR F 346 19.63 -16.84 49.88
CA THR F 346 21.03 -17.20 50.05
C THR F 346 21.94 -15.99 50.18
N THR F 347 21.46 -14.80 49.85
CA THR F 347 22.34 -13.63 49.80
C THR F 347 22.94 -13.41 51.18
N PRO F 348 24.26 -13.50 51.34
CA PRO F 348 24.85 -13.26 52.65
C PRO F 348 24.67 -11.82 53.10
N VAL F 349 24.51 -11.64 54.41
CA VAL F 349 24.30 -10.34 55.01
C VAL F 349 25.19 -10.19 56.23
N PRO F 350 26.19 -9.27 56.20
CA PRO F 350 26.56 -8.40 55.07
C PRO F 350 27.18 -9.20 53.94
N THR F 351 27.23 -8.61 52.75
CA THR F 351 27.74 -9.27 51.56
C THR F 351 29.22 -8.99 51.42
N PRO F 352 30.09 -10.00 51.55
CA PRO F 352 31.53 -9.75 51.40
C PRO F 352 31.84 -9.22 50.00
N VAL F 353 32.73 -8.22 49.95
CA VAL F 353 33.08 -7.64 48.66
C VAL F 353 33.84 -8.64 47.78
N ALA F 354 34.45 -9.65 48.39
CA ALA F 354 35.06 -10.73 47.60
C ALA F 354 34.07 -11.31 46.59
N ASP F 355 32.83 -11.52 47.01
CA ASP F 355 31.83 -12.21 46.21
C ASP F 355 30.92 -11.24 45.46
N LYS F 356 31.38 -10.01 45.24
CA LYS F 356 30.54 -8.98 44.67
C LYS F 356 30.00 -9.38 43.30
N ALA F 357 30.81 -10.07 42.49
CA ALA F 357 30.36 -10.43 41.16
C ALA F 357 29.13 -11.33 41.20
N LYS F 358 28.89 -12.03 42.32
CA LYS F 358 27.81 -13.01 42.36
C LYS F 358 26.48 -12.41 42.83
N TYR F 359 26.48 -11.25 43.49
CA TYR F 359 25.27 -10.68 44.06
C TYR F 359 25.10 -9.23 43.62
N PRO F 360 24.24 -8.97 42.62
CA PRO F 360 24.07 -7.58 42.17
C PRO F 360 23.37 -6.73 43.21
N ILE F 361 22.32 -7.26 43.84
CA ILE F 361 21.71 -6.69 45.03
C ILE F 361 22.28 -7.41 46.24
N GLY F 362 22.66 -6.66 47.26
CA GLY F 362 23.17 -7.24 48.49
C GLY F 362 23.07 -6.24 49.59
N VAL F 363 23.95 -6.38 50.57
CA VAL F 363 24.03 -5.46 51.70
C VAL F 363 25.51 -5.18 51.90
N TYR F 364 26.01 -4.16 51.22
CA TYR F 364 27.45 -3.87 51.17
C TYR F 364 27.79 -2.85 52.22
N GLU F 365 28.73 -3.18 53.09
CA GLU F 365 29.13 -2.25 54.13
C GLU F 365 29.78 -1.05 53.47
N GLY F 366 29.45 0.14 53.98
CA GLY F 366 29.81 1.39 53.34
C GLY F 366 28.58 2.07 52.75
N GLY F 367 28.29 3.27 53.23
CA GLY F 367 27.15 4.02 52.75
C GLY F 367 26.87 5.17 53.69
N GLY F 368 26.13 6.17 53.22
CA GLY F 368 25.78 7.29 54.09
C GLY F 368 26.97 7.89 54.79
N TYR F 369 28.08 8.03 54.07
CA TYR F 369 29.33 8.69 54.43
C TYR F 369 30.21 7.84 55.36
N SER F 370 29.71 6.74 55.90
CA SER F 370 30.42 5.99 56.93
C SER F 370 30.84 4.63 56.38
N ALA F 371 32.10 4.25 56.65
CA ALA F 371 32.58 2.96 56.17
C ALA F 371 31.99 1.79 56.94
N LYS F 372 31.69 1.96 58.24
CA LYS F 372 31.19 0.89 59.08
C LYS F 372 29.78 1.19 59.58
N GLY F 373 28.91 0.18 59.56
CA GLY F 373 27.64 0.23 60.25
C GLY F 373 26.47 0.74 59.43
N ILE F 374 26.74 1.22 58.22
CA ILE F 374 25.71 1.56 57.24
C ILE F 374 26.00 0.75 56.00
N TYR F 375 24.95 0.29 55.34
CA TYR F 375 25.06 -0.60 54.21
C TYR F 375 24.22 -0.05 53.08
N ARG F 376 24.67 -0.32 51.86
CA ARG F 376 24.04 0.10 50.61
C ARG F 376 23.59 -1.13 49.82
N PRO F 377 22.74 -0.96 48.81
CA PRO F 377 22.11 -2.10 48.14
C PRO F 377 22.90 -2.73 47.01
N ALA F 378 24.04 -2.17 46.63
CA ALA F 378 24.79 -2.66 45.48
C ALA F 378 26.18 -2.09 45.54
N PHE F 379 27.11 -2.74 44.85
CA PHE F 379 28.49 -2.31 44.95
C PHE F 379 28.69 -0.91 44.40
N ASP F 380 28.04 -0.58 43.28
CA ASP F 380 28.15 0.76 42.69
C ASP F 380 26.76 1.25 42.26
N CYS F 381 26.64 2.57 42.11
CA CYS F 381 25.34 3.20 41.84
C CYS F 381 25.59 4.66 41.46
N ARG F 382 24.63 5.23 40.72
CA ARG F 382 24.63 6.68 40.49
C ARG F 382 24.71 7.43 41.82
N MET F 383 24.12 6.89 42.90
CA MET F 383 24.19 7.57 44.18
C MET F 383 25.52 7.36 44.88
N ARG F 384 26.42 6.56 44.31
CA ARG F 384 27.77 6.43 44.87
C ARG F 384 28.87 7.05 44.02
N THR F 385 28.84 6.88 42.69
CA THR F 385 29.90 7.41 41.85
C THR F 385 29.31 7.99 40.56
N ASN F 386 30.03 8.95 39.98
CA ASN F 386 29.64 9.60 38.73
C ASN F 386 29.91 8.74 37.50
N GLU F 387 30.78 7.74 37.63
CA GLU F 387 31.22 6.95 36.47
C GLU F 387 30.27 5.80 36.16
N TYR F 388 29.72 5.17 37.20
CA TYR F 388 28.75 4.10 36.99
C TYR F 388 27.58 4.66 36.16
N PRO F 389 26.96 3.83 35.32
CA PRO F 389 25.95 4.38 34.39
C PRO F 389 24.51 4.43 34.89
N THR F 390 24.15 3.75 35.97
CA THR F 390 22.74 3.65 36.31
C THR F 390 22.52 3.80 37.82
N PHE F 391 21.25 4.00 38.15
CA PHE F 391 20.80 3.78 39.53
C PHE F 391 20.77 2.28 39.78
N CYS F 392 21.22 1.86 40.95
CA CYS F 392 21.11 0.48 41.39
C CYS F 392 19.64 0.07 41.37
N PRO F 393 19.37 -1.23 41.36
CA PRO F 393 17.96 -1.67 41.29
C PRO F 393 17.09 -1.14 42.45
N VAL F 394 17.65 -1.01 43.63
CA VAL F 394 16.84 -0.54 44.75
C VAL F 394 16.52 0.94 44.58
N CYS F 395 17.50 1.77 44.19
CA CYS F 395 17.17 3.15 43.88
C CYS F 395 16.10 3.26 42.79
N GLN F 396 16.16 2.40 41.77
CA GLN F 396 15.17 2.50 40.69
C GLN F 396 13.77 2.21 41.21
N ARG F 397 13.66 1.23 42.12
CA ARG F 397 12.36 0.92 42.67
C ARG F 397 11.87 2.05 43.57
N ALA F 398 12.79 2.68 44.30
CA ALA F 398 12.44 3.82 45.13
C ALA F 398 11.88 4.95 44.29
N ILE F 399 12.55 5.27 43.17
CA ILE F 399 12.12 6.36 42.31
C ILE F 399 10.79 6.03 41.67
N GLN F 400 10.62 4.78 41.26
CA GLN F 400 9.36 4.38 40.65
C GLN F 400 8.21 4.51 41.62
N ARG F 401 8.44 4.13 42.88
CA ARG F 401 7.40 4.32 43.89
C ARG F 401 7.04 5.80 44.07
N ILE F 402 8.01 6.70 43.98
CA ILE F 402 7.72 8.13 44.10
C ILE F 402 6.85 8.58 42.94
N ILE F 403 7.28 8.25 41.71
CA ILE F 403 6.51 8.59 40.52
C ILE F 403 5.09 8.06 40.63
N GLU F 404 4.94 6.80 41.05
CA GLU F 404 3.62 6.21 41.13
C GLU F 404 2.80 6.82 42.25
N PHE F 405 3.45 7.22 43.34
CA PHE F 405 2.72 7.93 44.39
C PHE F 405 2.06 9.18 43.82
N TYR F 406 2.78 9.93 42.98
CA TYR F 406 2.24 11.18 42.51
C TYR F 406 1.34 11.01 41.28
N THR F 407 1.58 10.01 40.42
CA THR F 407 0.85 9.94 39.17
C THR F 407 0.14 8.62 38.91
N GLY F 408 0.11 7.71 39.90
CA GLY F 408 -0.58 6.44 39.75
C GLY F 408 0.30 5.32 39.21
N LYS F 409 -0.20 4.10 39.36
CA LYS F 409 0.53 2.92 38.85
C LYS F 409 0.79 3.01 37.33
N ASN G 4 40.24 -38.90 34.71
CA ASN G 4 40.52 -38.37 33.38
C ASN G 4 40.16 -39.38 32.28
N PHE G 5 40.06 -38.89 31.04
CA PHE G 5 39.35 -39.62 29.99
C PHE G 5 40.21 -40.70 29.34
N SER G 6 41.29 -40.29 28.66
CA SER G 6 42.09 -41.27 27.93
C SER G 6 42.85 -42.21 28.85
N ASP G 7 42.80 -41.99 30.17
CA ASP G 7 43.29 -43.01 31.10
C ASP G 7 42.50 -44.31 30.99
N TYR G 8 41.25 -44.26 30.49
CA TYR G 8 40.42 -45.45 30.37
C TYR G 8 39.72 -45.60 29.03
N PHE G 9 39.49 -44.55 28.27
CA PHE G 9 38.63 -44.62 27.11
C PHE G 9 39.37 -44.20 25.84
N THR G 10 39.00 -44.84 24.74
CA THR G 10 39.39 -44.43 23.41
C THR G 10 38.28 -43.54 22.83
N ASN G 11 38.52 -42.98 21.64
CA ASN G 11 37.56 -42.07 21.03
C ASN G 11 36.59 -42.83 20.13
N LYS G 12 35.89 -43.76 20.76
CA LYS G 12 34.84 -44.50 20.10
C LYS G 12 33.68 -44.60 21.06
N THR G 13 32.54 -45.03 20.57
CA THR G 13 31.38 -45.22 21.43
C THR G 13 31.11 -46.70 21.58
N LEU G 14 30.89 -47.12 22.82
CA LEU G 14 30.32 -48.43 23.11
C LEU G 14 28.80 -48.24 23.26
N ARG G 15 28.05 -48.61 22.22
CA ARG G 15 26.60 -48.54 22.29
C ARG G 15 26.08 -49.87 22.83
N ILE G 16 25.23 -49.81 23.86
CA ILE G 16 24.66 -50.99 24.47
C ILE G 16 23.14 -50.91 24.34
N ASP G 17 22.55 -51.90 23.72
CA ASP G 17 21.11 -52.04 23.60
C ASP G 17 20.64 -53.01 24.66
N TYR G 18 19.72 -52.56 25.51
CA TYR G 18 19.08 -53.43 26.49
C TYR G 18 17.61 -53.68 26.14
N LEU G 19 17.07 -54.72 26.75
CA LEU G 19 15.64 -55.00 26.76
C LEU G 19 15.18 -54.93 28.20
N PHE G 20 14.21 -54.07 28.46
CA PHE G 20 13.53 -53.99 29.75
C PHE G 20 12.24 -54.78 29.61
N THR G 21 12.01 -55.73 30.50
CA THR G 21 10.81 -56.57 30.45
C THR G 21 10.14 -56.68 31.81
N GLY G 22 8.84 -56.97 31.79
CA GLY G 22 8.15 -57.21 33.03
C GLY G 22 6.72 -56.71 32.97
N ASN G 23 6.18 -56.52 34.16
CA ASN G 23 4.80 -56.16 34.40
C ASN G 23 4.84 -55.36 35.68
N ALA G 24 3.67 -55.03 36.22
CA ALA G 24 3.63 -54.18 37.40
C ALA G 24 4.24 -54.86 38.63
N ASP G 25 4.39 -56.19 38.62
CA ASP G 25 4.86 -56.92 39.79
C ASP G 25 6.35 -57.26 39.75
N LYS G 26 6.93 -57.47 38.57
CA LYS G 26 8.36 -57.78 38.49
C LYS G 26 8.93 -57.21 37.21
N GLN G 27 10.18 -56.74 37.27
CA GLN G 27 10.88 -56.19 36.12
C GLN G 27 12.28 -56.76 36.03
N SER G 28 12.80 -56.81 34.80
CA SER G 28 14.12 -57.37 34.55
C SER G 28 14.79 -56.63 33.40
N ILE G 29 16.09 -56.77 33.33
CA ILE G 29 16.90 -56.18 32.28
C ILE G 29 17.76 -57.28 31.68
N CYS G 30 17.87 -57.31 30.35
CA CYS G 30 18.84 -58.19 29.72
C CYS G 30 19.52 -57.44 28.61
N LEU G 31 20.71 -57.92 28.28
CA LEU G 31 21.49 -57.37 27.18
C LEU G 31 20.94 -57.87 25.85
N ASP G 32 20.81 -56.96 24.88
CA ASP G 32 20.43 -57.32 23.52
C ASP G 32 21.65 -57.35 22.60
N GLU G 33 22.47 -56.31 22.59
CA GLU G 33 23.57 -56.23 21.66
C GLU G 33 24.59 -55.16 22.06
N LEU G 34 25.87 -55.48 21.85
CA LEU G 34 26.95 -54.53 22.03
C LEU G 34 27.44 -54.07 20.66
N SER G 35 27.76 -52.78 20.55
CA SER G 35 28.11 -52.16 19.29
C SER G 35 29.16 -51.07 19.53
N GLU G 36 29.86 -50.73 18.46
CA GLU G 36 30.92 -49.73 18.47
C GLU G 36 30.59 -48.71 17.40
N LEU G 37 30.60 -47.45 17.78
CA LEU G 37 30.42 -46.35 16.84
C LEU G 37 31.74 -45.62 16.67
N PRO G 38 31.98 -45.01 15.51
CA PRO G 38 33.34 -44.54 15.19
C PRO G 38 33.88 -43.45 16.12
N VAL G 39 33.05 -42.60 16.71
CA VAL G 39 33.52 -41.50 17.55
C VAL G 39 32.78 -41.50 18.87
N TRP G 40 33.42 -40.96 19.91
CA TRP G 40 32.72 -40.63 21.15
C TRP G 40 32.34 -39.17 21.11
N ALA G 41 31.07 -38.91 20.83
CA ALA G 41 30.53 -37.57 20.78
C ALA G 41 30.14 -37.03 22.15
N GLY G 42 30.35 -37.80 23.22
CA GLY G 42 29.89 -37.41 24.55
C GLY G 42 30.89 -36.57 25.33
N ARG G 43 30.66 -36.50 26.64
CA ARG G 43 31.40 -35.60 27.51
C ARG G 43 32.72 -36.23 27.93
N ARG G 44 33.63 -35.37 28.42
CA ARG G 44 34.97 -35.82 28.80
C ARG G 44 35.35 -35.30 30.18
N HIS G 45 34.37 -34.84 30.96
CA HIS G 45 34.59 -34.29 32.29
C HIS G 45 33.44 -34.77 33.15
N HIS G 46 33.58 -34.64 34.46
CA HIS G 46 32.58 -35.12 35.40
C HIS G 46 32.19 -36.56 35.10
N LEU G 47 33.17 -37.38 34.76
CA LEU G 47 32.85 -38.72 34.27
C LEU G 47 32.22 -39.60 35.33
N SER G 48 32.38 -39.26 36.61
CA SER G 48 31.87 -40.08 37.71
C SER G 48 30.66 -39.50 38.39
N GLU G 49 30.11 -38.40 37.86
CA GLU G 49 28.99 -37.69 38.48
C GLU G 49 27.79 -37.67 37.54
N LEU G 50 26.61 -37.44 38.12
CA LEU G 50 25.35 -37.38 37.41
C LEU G 50 24.73 -35.99 37.51
N PRO G 51 24.24 -35.42 36.40
CA PRO G 51 23.53 -34.12 36.52
C PRO G 51 22.21 -34.26 37.23
N LEU G 52 21.51 -35.36 37.01
CA LEU G 52 20.24 -35.66 37.63
C LEU G 52 20.19 -37.14 38.01
N GLU G 53 19.30 -37.46 38.94
CA GLU G 53 19.18 -38.85 39.38
C GLU G 53 18.53 -39.72 38.30
N GLY G 54 17.48 -39.23 37.66
CA GLY G 54 16.73 -40.04 36.72
C GLY G 54 15.96 -41.12 37.45
N ASN G 55 15.24 -41.94 36.66
CA ASN G 55 14.61 -43.16 37.17
C ASN G 55 15.42 -44.41 36.91
N GLY G 56 16.55 -44.30 36.23
CA GLY G 56 17.50 -45.38 36.14
C GLY G 56 18.88 -44.78 35.93
N GLN G 57 19.88 -45.58 36.23
CA GLN G 57 21.28 -45.17 36.17
C GLN G 57 22.13 -46.28 35.55
N ILE G 58 23.16 -45.88 34.84
CA ILE G 58 24.20 -46.78 34.38
C ILE G 58 25.49 -46.31 35.03
N VAL G 59 26.22 -47.25 35.62
CA VAL G 59 27.53 -47.03 36.26
C VAL G 59 28.50 -48.03 35.64
N MET G 60 29.57 -47.50 35.04
CA MET G 60 30.60 -48.28 34.40
C MET G 60 31.83 -48.26 35.28
N ARG G 61 32.45 -49.42 35.46
CA ARG G 61 33.58 -49.56 36.37
C ARG G 61 34.73 -50.28 35.71
N ASP G 62 35.94 -49.86 36.01
CA ASP G 62 37.11 -50.63 35.62
C ASP G 62 37.14 -51.93 36.43
N VAL G 63 37.35 -53.04 35.73
CA VAL G 63 37.35 -54.36 36.40
C VAL G 63 38.46 -54.41 37.44
N ALA G 64 39.70 -54.28 36.97
CA ALA G 64 40.87 -54.34 37.85
C ALA G 64 40.70 -53.51 39.12
N SER G 65 40.54 -52.20 38.96
CA SER G 65 40.51 -51.30 40.10
C SER G 65 39.17 -51.33 40.83
N GLY G 66 38.06 -51.45 40.08
CA GLY G 66 36.75 -51.31 40.67
C GLY G 66 36.26 -49.88 40.82
N LYS G 67 36.88 -48.95 40.10
CA LYS G 67 36.57 -47.53 40.21
C LYS G 67 35.59 -47.11 39.11
N VAL G 68 34.74 -46.15 39.47
CA VAL G 68 33.74 -45.62 38.56
C VAL G 68 34.41 -44.76 37.51
N ILE G 69 34.30 -45.18 36.25
CA ILE G 69 34.92 -44.47 35.14
C ILE G 69 33.91 -43.80 34.20
N TYR G 70 32.60 -44.04 34.36
CA TYR G 70 31.57 -43.30 33.62
C TYR G 70 30.19 -43.56 34.22
N THR G 71 29.30 -42.59 34.10
CA THR G 71 27.97 -42.78 34.64
C THR G 71 26.97 -41.86 33.96
N THR G 72 25.73 -42.34 33.81
CA THR G 72 24.66 -41.57 33.19
C THR G 72 23.34 -42.02 33.80
N SER G 73 22.30 -41.26 33.53
CA SER G 73 20.98 -41.49 34.11
C SER G 73 19.97 -41.20 33.03
N PHE G 74 18.74 -41.65 33.24
CA PHE G 74 17.74 -41.66 32.18
C PHE G 74 16.38 -41.96 32.78
N SER G 75 15.36 -41.74 31.97
CA SER G 75 14.07 -42.38 32.24
C SER G 75 13.70 -43.18 30.99
N SER G 76 12.55 -43.86 31.04
CA SER G 76 12.23 -44.75 29.93
C SER G 76 10.73 -44.88 29.71
N LEU G 77 10.35 -45.19 28.47
CA LEU G 77 8.95 -45.49 28.17
C LEU G 77 8.47 -46.72 28.94
N PHE G 78 9.33 -47.74 29.10
CA PHE G 78 9.00 -48.88 29.95
C PHE G 78 8.45 -48.45 31.29
N GLN G 79 9.17 -47.57 31.98
CA GLN G 79 8.77 -47.19 33.32
C GLN G 79 7.46 -46.41 33.33
N GLU G 80 7.05 -45.84 32.19
CA GLU G 80 5.73 -45.28 32.04
C GLU G 80 4.67 -46.35 31.76
N TRP G 81 5.00 -47.32 30.91
CA TRP G 81 4.07 -48.40 30.67
C TRP G 81 3.77 -49.20 31.93
N LEU G 82 4.62 -49.09 32.99
CA LEU G 82 4.46 -49.79 34.29
C LEU G 82 3.35 -49.19 35.15
N GLU G 83 2.51 -48.36 34.55
CA GLU G 83 1.34 -47.80 35.20
C GLU G 83 0.04 -48.17 34.47
N THR G 84 0.11 -48.45 33.17
CA THR G 84 -1.08 -48.80 32.41
C THR G 84 -1.72 -50.08 32.95
N ASP G 85 -3.01 -50.22 32.67
CA ASP G 85 -3.72 -51.43 33.02
C ASP G 85 -3.16 -52.62 32.26
N GLU G 86 -2.62 -52.39 31.06
CA GLU G 86 -1.98 -53.50 30.35
CA GLU G 86 -1.97 -53.48 30.35
C GLU G 86 -0.81 -54.06 31.16
N ALA G 87 -0.26 -53.25 32.08
CA ALA G 87 0.87 -53.68 32.89
C ALA G 87 0.46 -54.71 33.94
N LYS G 88 -0.78 -54.62 34.43
CA LYS G 88 -1.29 -55.55 35.42
C LYS G 88 -1.91 -56.78 34.78
N GLU G 89 -1.83 -56.91 33.47
CA GLU G 89 -2.44 -58.01 32.74
C GLU G 89 -1.46 -58.80 31.89
N VAL G 90 -0.37 -58.17 31.43
CA VAL G 90 0.55 -58.83 30.52
C VAL G 90 1.96 -58.31 30.82
N THR G 91 2.94 -59.01 30.29
CA THR G 91 4.35 -58.69 30.44
C THR G 91 4.88 -58.17 29.11
N LYS G 92 5.23 -56.89 29.08
CA LYS G 92 5.76 -56.30 27.85
C LYS G 92 7.29 -56.17 27.92
N GLY G 93 7.90 -56.06 26.74
CA GLY G 93 9.31 -55.75 26.62
C GLY G 93 9.55 -54.49 25.79
N PHE G 94 10.63 -53.78 26.10
CA PHE G 94 10.97 -52.50 25.48
C PHE G 94 12.46 -52.44 25.18
N GLU G 95 12.82 -52.03 23.96
CA GLU G 95 14.22 -51.74 23.63
C GLU G 95 14.67 -50.41 24.24
N ASN G 96 15.90 -50.37 24.72
CA ASN G 96 16.49 -49.14 25.25
C ASN G 96 17.96 -49.15 24.86
N THR G 97 18.49 -48.00 24.46
CA THR G 97 19.87 -47.89 23.99
C THR G 97 20.61 -46.84 24.79
N TYR G 98 21.89 -47.11 25.14
CA TYR G 98 22.70 -46.13 25.86
C TYR G 98 24.09 -46.08 25.24
N LEU G 99 24.66 -44.90 25.19
CA LEU G 99 25.95 -44.65 24.58
C LEU G 99 26.97 -44.46 25.69
N LEU G 100 28.05 -45.24 25.64
CA LEU G 100 29.08 -45.10 26.65
C LEU G 100 30.43 -44.92 25.94
N PRO G 101 31.38 -44.26 26.59
CA PRO G 101 32.74 -44.22 26.02
C PRO G 101 33.34 -45.62 25.97
N TYR G 102 34.12 -45.88 24.92
CA TYR G 102 34.61 -47.23 24.66
C TYR G 102 35.87 -47.49 25.48
N PRO G 103 35.85 -48.45 26.41
CA PRO G 103 37.00 -48.60 27.32
C PRO G 103 38.16 -49.34 26.67
N ILE G 104 39.33 -49.07 27.26
CA ILE G 104 40.59 -49.69 26.85
C ILE G 104 40.73 -51.09 27.46
N LYS G 105 40.47 -51.18 28.73
CA LYS G 105 40.52 -52.39 29.54
C LYS G 105 39.11 -52.86 29.88
N PRO G 106 38.91 -54.17 30.13
CA PRO G 106 37.60 -54.65 30.56
C PRO G 106 36.90 -53.77 31.59
N ALA G 107 35.58 -53.63 31.45
CA ALA G 107 34.79 -52.79 32.32
C ALA G 107 33.52 -53.54 32.70
N GLU G 108 33.01 -53.23 33.87
CA GLU G 108 31.77 -53.83 34.38
C GLU G 108 30.68 -52.76 34.36
N VAL G 109 29.66 -53.02 33.53
CA VAL G 109 28.50 -52.12 33.42
C VAL G 109 27.40 -52.62 34.32
N GLU G 110 26.91 -51.73 35.18
CA GLU G 110 25.76 -51.99 36.01
C GLU G 110 24.68 -50.99 35.62
N ILE G 111 23.52 -51.49 35.24
CA ILE G 111 22.36 -50.66 34.95
C ILE G 111 21.26 -51.01 35.93
N THR G 112 20.61 -49.97 36.45
CA THR G 112 19.64 -50.09 37.53
C THR G 112 18.41 -49.28 37.18
N LEU G 113 17.22 -49.86 37.39
CA LEU G 113 15.97 -49.12 37.37
C LEU G 113 15.48 -48.98 38.81
N ARG G 114 14.80 -47.87 39.09
CA ARG G 114 14.16 -47.65 40.38
C ARG G 114 12.70 -47.31 40.20
N ASN G 115 11.90 -47.66 41.19
CA ASN G 115 10.47 -47.38 41.16
C ASN G 115 10.25 -45.96 41.69
N ASN G 116 8.99 -45.58 41.92
CA ASN G 116 8.71 -44.20 42.29
C ASN G 116 9.15 -43.90 43.73
N LYS G 117 9.41 -44.93 44.53
CA LYS G 117 9.93 -44.79 45.88
C LYS G 117 11.44 -44.88 45.95
N ARG G 118 12.13 -45.02 44.81
CA ARG G 118 13.58 -45.00 44.70
C ARG G 118 14.24 -46.29 45.17
N GLU G 119 13.50 -47.38 45.29
CA GLU G 119 14.12 -48.67 45.54
C GLU G 119 14.34 -49.39 44.22
N VAL G 120 15.34 -50.26 44.20
CA VAL G 120 15.71 -50.97 42.98
C VAL G 120 14.55 -51.88 42.56
N SER G 121 14.15 -51.74 41.30
CA SER G 121 13.18 -52.65 40.71
C SER G 121 13.80 -53.63 39.73
N ALA G 122 14.96 -53.30 39.16
CA ALA G 122 15.64 -54.20 38.25
C ALA G 122 17.11 -53.82 38.22
N ASN G 123 17.96 -54.81 37.94
CA ASN G 123 19.39 -54.62 37.97
C ASN G 123 20.10 -55.61 37.07
N LEU G 124 21.14 -55.15 36.40
CA LEU G 124 22.01 -56.05 35.65
C LEU G 124 23.45 -55.56 35.71
N LYS G 125 24.35 -56.47 36.07
CA LYS G 125 25.79 -56.24 36.04
C LYS G 125 26.40 -57.19 35.02
N HIS G 126 27.21 -56.66 34.13
CA HIS G 126 27.87 -57.51 33.14
C HIS G 126 29.18 -56.87 32.75
N VAL G 127 30.12 -57.70 32.31
CA VAL G 127 31.47 -57.27 31.96
C VAL G 127 31.58 -57.17 30.45
N VAL G 128 32.14 -56.06 29.97
CA VAL G 128 32.38 -55.86 28.54
C VAL G 128 33.87 -55.98 28.24
N LYS G 129 34.21 -56.86 27.30
CA LYS G 129 35.60 -57.00 26.91
C LYS G 129 35.84 -56.21 25.63
N PRO G 130 36.66 -55.15 25.66
CA PRO G 130 36.87 -54.36 24.44
C PRO G 130 37.42 -55.14 23.25
N ASP G 131 38.01 -56.32 23.48
CA ASP G 131 38.53 -57.15 22.41
C ASP G 131 37.47 -58.03 21.76
N ASP G 132 36.30 -58.15 22.38
CA ASP G 132 35.26 -59.07 21.92
C ASP G 132 35.02 -58.95 20.42
N ILE G 133 35.20 -60.05 19.70
CA ILE G 133 34.98 -60.00 18.27
C ILE G 133 33.49 -59.90 17.90
N LEU G 134 32.58 -60.14 18.84
CA LEU G 134 31.16 -60.08 18.51
C LEU G 134 30.52 -58.72 18.85
N ILE G 135 31.33 -57.69 19.06
CA ILE G 135 30.83 -56.32 19.15
C ILE G 135 30.67 -55.78 17.73
N HIS G 136 29.44 -55.44 17.38
CA HIS G 136 29.08 -55.01 16.02
C HIS G 136 29.70 -53.65 15.71
N LYS G 137 30.50 -53.57 14.65
CA LYS G 137 31.07 -52.31 14.19
C LYS G 137 30.10 -51.65 13.23
N LYS G 138 29.50 -50.54 13.66
CA LYS G 138 28.44 -49.86 12.92
C LYS G 138 28.90 -48.46 12.50
N GLY G 139 28.23 -47.91 11.50
CA GLY G 139 28.45 -46.51 11.15
C GLY G 139 29.68 -46.26 10.31
N LEU G 140 30.11 -47.25 9.53
CA LEU G 140 31.28 -47.12 8.68
C LEU G 140 30.93 -47.00 7.20
N THR G 141 29.70 -47.33 6.82
CA THR G 141 29.25 -47.23 5.44
C THR G 141 27.77 -46.88 5.42
N HIS G 142 27.31 -46.39 4.27
CA HIS G 142 25.90 -46.11 4.02
C HIS G 142 25.27 -45.28 5.14
N ILE G 143 26.02 -44.30 5.62
CA ILE G 143 25.49 -43.39 6.61
C ILE G 143 24.28 -42.67 6.05
N THR G 144 23.23 -42.55 6.86
CA THR G 144 21.98 -41.94 6.39
C THR G 144 22.22 -40.52 5.89
N PRO G 145 21.65 -40.15 4.73
CA PRO G 145 21.84 -38.76 4.25
C PRO G 145 21.51 -37.76 5.34
N HIS G 146 22.35 -36.74 5.45
CA HIS G 146 22.11 -35.73 6.47
C HIS G 146 22.70 -34.38 6.07
N LYS G 147 22.35 -33.35 6.85
CA LYS G 147 22.77 -31.98 6.61
C LYS G 147 22.88 -31.30 7.96
N TYR G 148 24.00 -30.64 8.23
CA TYR G 148 24.10 -29.83 9.43
C TYR G 148 23.29 -28.55 9.28
N LEU G 149 22.51 -28.21 10.30
CA LEU G 149 21.83 -26.95 10.44
C LEU G 149 22.69 -25.95 11.19
N LEU G 150 23.46 -26.45 12.18
CA LEU G 150 24.29 -25.61 13.03
C LEU G 150 25.54 -26.38 13.38
N LYS G 151 26.71 -25.78 13.17
CA LYS G 151 27.98 -26.43 13.52
C LYS G 151 28.85 -25.41 14.25
N SER G 152 28.81 -25.45 15.59
CA SER G 152 29.53 -24.53 16.45
C SER G 152 30.88 -25.09 16.92
N GLY G 153 31.34 -26.19 16.36
CA GLY G 153 32.54 -26.84 16.82
C GLY G 153 32.51 -28.32 16.51
N ASN G 154 33.51 -29.04 17.00
CA ASN G 154 33.50 -30.47 16.86
C ASN G 154 32.70 -31.12 17.99
N GLU G 155 32.42 -32.41 17.81
CA GLU G 155 31.61 -33.17 18.75
C GLU G 155 32.21 -33.30 20.13
N GLU G 156 33.48 -32.98 20.30
CA GLU G 156 34.14 -33.18 21.58
C GLU G 156 33.91 -32.02 22.53
N GLN G 157 33.68 -30.81 22.01
CA GLN G 157 33.31 -29.68 22.85
C GLN G 157 31.83 -29.34 22.80
N CYS G 158 31.18 -29.51 21.66
CA CYS G 158 29.79 -29.09 21.53
C CYS G 158 28.80 -30.23 21.81
N ILE G 159 27.57 -29.83 22.15
CA ILE G 159 26.48 -30.76 22.41
C ILE G 159 25.83 -31.13 21.08
N ASP G 160 25.95 -32.39 20.69
CA ASP G 160 25.39 -32.84 19.42
C ASP G 160 23.93 -33.26 19.60
N VAL G 161 23.06 -32.67 18.80
CA VAL G 161 21.63 -32.95 18.80
C VAL G 161 21.29 -33.38 17.39
N ALA G 162 20.69 -34.57 17.28
CA ALA G 162 20.26 -35.09 15.98
C ALA G 162 18.76 -34.96 15.86
N ILE G 163 18.30 -34.60 14.68
CA ILE G 163 16.88 -34.46 14.38
C ILE G 163 16.60 -35.46 13.29
N LEU G 164 15.72 -36.40 13.57
CA LEU G 164 15.41 -37.46 12.62
C LEU G 164 14.04 -37.21 11.98
N ALA G 165 13.86 -37.80 10.81
CA ALA G 165 12.63 -37.77 10.05
C ALA G 165 11.83 -39.06 10.24
N GLU G 166 10.56 -38.89 10.63
CA GLU G 166 9.64 -40.03 10.73
C GLU G 166 8.42 -39.76 9.86
N GLY G 167 8.13 -40.67 8.94
CA GLY G 167 6.96 -40.52 8.10
C GLY G 167 7.14 -39.63 6.88
N TYR G 168 8.36 -39.24 6.57
CA TYR G 168 8.65 -38.54 5.32
C TYR G 168 9.25 -39.52 4.31
N THR G 169 8.69 -39.54 3.11
CA THR G 169 9.35 -40.25 2.02
C THR G 169 10.56 -39.44 1.53
N THR G 170 11.31 -40.05 0.61
CA THR G 170 12.48 -39.36 0.07
C THR G 170 12.08 -38.08 -0.66
N SER G 171 10.93 -38.13 -1.35
CA SER G 171 10.44 -36.95 -2.07
C SER G 171 10.13 -35.81 -1.13
N GLU G 172 9.65 -36.11 0.09
CA GLU G 172 9.22 -35.09 1.03
C GLU G 172 10.34 -34.52 1.86
N MET G 173 11.59 -34.89 1.61
CA MET G 173 12.65 -34.50 2.53
C MET G 173 12.95 -33.00 2.52
N GLU G 174 12.59 -32.27 1.46
CA GLU G 174 12.71 -30.82 1.51
C GLU G 174 11.84 -30.23 2.63
N THR G 175 10.62 -30.74 2.78
CA THR G 175 9.79 -30.34 3.90
C THR G 175 10.45 -30.70 5.24
N PHE G 176 10.96 -31.92 5.35
CA PHE G 176 11.61 -32.30 6.60
C PHE G 176 12.67 -31.28 7.01
N TYR G 177 13.56 -30.91 6.07
CA TYR G 177 14.66 -30.01 6.45
C TYR G 177 14.13 -28.63 6.82
N LYS G 178 13.05 -28.18 6.19
CA LYS G 178 12.37 -26.97 6.64
C LYS G 178 11.85 -27.11 8.08
N ASP G 179 11.17 -28.23 8.36
CA ASP G 179 10.64 -28.44 9.70
C ASP G 179 11.76 -28.56 10.73
N ALA G 180 12.87 -29.19 10.34
CA ALA G 180 14.01 -29.24 11.23
C ALA G 180 14.53 -27.85 11.55
N ALA G 181 14.61 -26.99 10.53
CA ALA G 181 15.08 -25.62 10.75
C ALA G 181 14.15 -24.88 11.70
N ILE G 182 12.84 -25.01 11.47
CA ILE G 182 11.86 -24.37 12.35
C ILE G 182 12.05 -24.81 13.80
N ALA G 183 12.28 -26.12 14.01
CA ALA G 183 12.51 -26.61 15.36
C ALA G 183 13.75 -25.97 15.96
N CYS G 184 14.83 -25.95 15.17
CA CYS G 184 16.09 -25.35 15.60
C CYS G 184 15.89 -23.92 16.10
N GLU G 185 15.32 -23.05 15.25
CA GLU G 185 15.13 -21.66 15.68
C GLU G 185 14.16 -21.56 16.85
N ALA G 186 13.12 -22.41 16.87
CA ALA G 186 12.23 -22.39 18.03
C ALA G 186 13.01 -22.64 19.31
N LEU G 187 13.90 -23.62 19.30
CA LEU G 187 14.66 -23.92 20.52
C LEU G 187 15.55 -22.75 20.91
N PHE G 188 16.27 -22.21 19.94
CA PHE G 188 17.25 -21.15 20.18
C PHE G 188 16.63 -19.76 20.18
N SER G 189 15.30 -19.67 20.17
CA SER G 189 14.62 -18.45 20.55
C SER G 189 14.28 -18.43 22.04
N HIS G 190 14.46 -19.56 22.74
CA HIS G 190 14.25 -19.63 24.19
C HIS G 190 15.57 -19.45 24.92
N GLU G 191 15.55 -18.69 26.01
CA GLU G 191 16.65 -18.75 26.97
C GLU G 191 16.51 -20.02 27.83
N PRO G 192 17.64 -20.63 28.23
CA PRO G 192 19.03 -20.20 28.04
C PRO G 192 19.63 -20.65 26.72
N PHE G 193 18.94 -21.45 25.90
CA PHE G 193 19.55 -21.91 24.66
C PHE G 193 20.00 -20.74 23.81
N GLN G 194 19.28 -19.62 23.89
CA GLN G 194 19.58 -18.42 23.11
C GLN G 194 21.04 -18.01 23.26
N SER G 195 21.43 -17.66 24.48
CA SER G 195 22.80 -17.17 24.69
C SER G 195 23.85 -18.24 24.47
N MET G 196 23.46 -19.51 24.27
CA MET G 196 24.41 -20.61 24.24
C MET G 196 24.35 -21.41 22.95
N LYS G 197 23.86 -20.82 21.86
CA LYS G 197 23.83 -21.56 20.60
C LYS G 197 25.23 -22.02 20.19
N ASN G 198 26.25 -21.21 20.50
CA ASN G 198 27.63 -21.56 20.19
C ASN G 198 28.09 -22.87 20.82
N ARG G 199 27.29 -23.46 21.72
CA ARG G 199 27.65 -24.70 22.40
C ARG G 199 26.88 -25.91 21.86
N PHE G 200 26.33 -25.82 20.65
CA PHE G 200 25.48 -26.88 20.12
C PHE G 200 25.81 -27.14 18.66
N ASN G 201 25.98 -28.41 18.30
CA ASN G 201 25.80 -28.86 16.94
C ASN G 201 24.35 -29.34 16.78
N ILE G 202 23.80 -29.14 15.59
CA ILE G 202 22.45 -29.61 15.26
C ILE G 202 22.52 -30.23 13.88
N VAL G 203 22.14 -31.50 13.76
CA VAL G 203 22.17 -32.19 12.49
C VAL G 203 20.79 -32.75 12.23
N ALA G 204 20.35 -32.65 10.98
CA ALA G 204 19.08 -33.16 10.51
C ALA G 204 19.34 -34.37 9.63
N VAL G 205 18.70 -35.49 9.96
CA VAL G 205 19.02 -36.76 9.33
C VAL G 205 17.78 -37.25 8.58
N ALA G 206 17.89 -37.31 7.26
CA ALA G 206 16.77 -37.66 6.38
C ALA G 206 16.61 -39.18 6.32
N SER G 207 16.30 -39.76 7.49
CA SER G 207 15.94 -41.16 7.56
C SER G 207 14.65 -41.40 6.79
N PRO G 208 14.68 -42.20 5.72
CA PRO G 208 13.50 -42.30 4.84
C PRO G 208 12.44 -43.30 5.31
N SER G 209 11.20 -43.01 4.92
CA SER G 209 10.07 -43.90 5.13
C SER G 209 9.48 -44.28 3.79
N ALA G 210 9.01 -45.52 3.66
CA ALA G 210 8.34 -45.90 2.40
C ALA G 210 6.94 -45.31 2.32
N ASP G 211 6.34 -44.92 3.43
CA ASP G 211 4.98 -44.40 3.45
C ASP G 211 4.97 -43.05 4.15
N SER G 212 3.99 -42.24 3.79
CA SER G 212 3.86 -40.88 4.30
C SER G 212 2.88 -40.88 5.47
N GLY G 213 3.26 -40.22 6.56
CA GLY G 213 2.44 -40.14 7.75
C GLY G 213 2.92 -41.06 8.86
N VAL G 214 2.02 -41.30 9.83
CA VAL G 214 2.28 -42.24 10.91
C VAL G 214 1.10 -43.21 10.97
N SER G 215 1.31 -44.31 11.68
CA SER G 215 0.28 -45.34 11.75
C SER G 215 -0.83 -44.92 12.71
N ALA G 216 -2.05 -45.31 12.37
CA ALA G 216 -3.26 -44.95 13.12
C ALA G 216 -3.98 -46.27 13.38
N PRO G 217 -3.63 -46.96 14.47
CA PRO G 217 -4.21 -48.31 14.69
C PRO G 217 -5.73 -48.34 14.78
N LYS G 218 -6.37 -47.37 15.43
CA LYS G 218 -7.81 -47.44 15.61
C LYS G 218 -8.53 -47.47 14.27
N GLN G 219 -7.99 -46.75 13.27
CA GLN G 219 -8.55 -46.69 11.94
C GLN G 219 -8.15 -47.87 11.07
N GLY G 220 -7.25 -48.73 11.55
CA GLY G 220 -6.68 -49.77 10.71
C GLY G 220 -5.66 -49.30 9.69
N ALA G 221 -5.07 -48.11 9.91
CA ALA G 221 -4.23 -47.48 8.89
C ALA G 221 -2.76 -47.64 9.27
N TRP G 222 -2.21 -48.81 8.95
CA TRP G 222 -0.84 -49.14 9.32
C TRP G 222 0.10 -48.79 8.17
N LYS G 223 1.17 -48.08 8.49
CA LYS G 223 2.08 -47.51 7.52
C LYS G 223 3.50 -48.02 7.74
N HIS G 224 4.23 -48.15 6.64
CA HIS G 224 5.65 -48.53 6.66
C HIS G 224 6.48 -47.27 6.81
N THR G 225 7.01 -47.03 8.00
CA THR G 225 7.80 -45.85 8.25
C THR G 225 9.10 -46.21 8.96
N ALA G 226 9.99 -45.22 8.98
CA ALA G 226 11.34 -45.42 9.50
C ALA G 226 11.33 -46.09 10.85
N PHE G 227 10.50 -45.59 11.77
CA PHE G 227 10.58 -45.97 13.18
C PHE G 227 9.25 -46.49 13.70
N GLY G 228 8.30 -46.77 12.83
CA GLY G 228 7.06 -47.43 13.22
C GLY G 228 6.27 -46.70 14.27
N SER G 229 6.32 -45.38 14.29
CA SER G 229 5.54 -44.64 15.28
C SER G 229 4.05 -44.85 15.00
N HIS G 230 3.24 -44.68 16.05
CA HIS G 230 1.83 -45.04 15.92
C HIS G 230 1.07 -44.37 17.04
N PHE G 231 -0.16 -44.00 16.74
CA PHE G 231 -1.08 -43.52 17.75
C PHE G 231 -1.61 -44.70 18.53
N ASP G 232 -2.51 -44.42 19.47
CA ASP G 232 -3.14 -45.44 20.30
C ASP G 232 -2.15 -46.17 21.19
N THR G 233 -1.02 -45.55 21.51
CA THR G 233 -0.07 -46.18 22.42
C THR G 233 -0.72 -46.42 23.77
N PHE G 234 -0.61 -47.64 24.28
CA PHE G 234 -1.25 -48.04 25.53
C PHE G 234 -2.77 -47.90 25.47
N TYR G 235 -3.33 -47.96 24.26
CA TYR G 235 -4.79 -47.75 24.04
C TYR G 235 -5.25 -46.35 24.44
N SER G 236 -4.34 -45.36 24.41
CA SER G 236 -4.68 -43.95 24.59
C SER G 236 -4.70 -43.33 23.19
N ASP G 237 -5.90 -43.04 22.68
CA ASP G 237 -6.05 -42.60 21.29
C ASP G 237 -4.96 -41.61 20.86
N ARG G 238 -4.69 -40.61 21.68
CA ARG G 238 -3.89 -39.44 21.31
C ARG G 238 -2.40 -39.63 21.50
N TYR G 239 -1.95 -40.76 22.04
CA TYR G 239 -0.55 -40.92 22.45
C TYR G 239 0.24 -41.53 21.30
N LEU G 240 1.16 -40.73 20.75
CA LEU G 240 2.03 -41.12 19.65
C LEU G 240 3.39 -41.48 20.23
N THR G 241 3.86 -42.68 19.92
CA THR G 241 5.19 -43.12 20.37
C THR G 241 5.83 -43.99 19.30
N THR G 242 7.13 -44.24 19.45
CA THR G 242 7.82 -45.32 18.76
C THR G 242 8.55 -46.15 19.81
N SER G 243 8.59 -47.44 19.57
CA SER G 243 9.34 -48.37 20.39
C SER G 243 10.52 -48.97 19.63
N ARG G 244 10.77 -48.52 18.39
CA ARG G 244 11.84 -49.12 17.57
C ARG G 244 13.13 -48.35 17.83
N VAL G 245 13.61 -48.49 19.06
CA VAL G 245 14.76 -47.72 19.49
C VAL G 245 16.02 -48.19 18.79
N LYS G 246 16.17 -49.49 18.54
CA LYS G 246 17.32 -49.95 17.78
C LYS G 246 17.34 -49.30 16.41
N ALA G 247 16.18 -49.23 15.75
CA ALA G 247 16.10 -48.61 14.42
C ALA G 247 16.47 -47.13 14.48
N ILE G 248 15.98 -46.43 15.50
CA ILE G 248 16.34 -45.03 15.70
C ILE G 248 17.85 -44.88 15.75
N ASN G 249 18.53 -45.67 16.57
CA ASN G 249 19.98 -45.51 16.67
C ASN G 249 20.74 -46.06 15.46
N ASP G 250 20.23 -47.10 14.79
CA ASP G 250 20.88 -47.54 13.57
C ASP G 250 20.86 -46.45 12.51
N ALA G 251 19.80 -45.65 12.48
CA ALA G 251 19.70 -44.56 11.50
C ALA G 251 20.75 -43.49 11.74
N LEU G 252 21.18 -43.34 12.99
CA LEU G 252 22.17 -42.35 13.37
C LEU G 252 23.59 -42.88 13.36
N ALA G 253 23.80 -44.18 13.13
CA ALA G 253 25.15 -44.73 13.18
C ALA G 253 26.07 -44.01 12.19
N GLY G 254 27.20 -43.52 12.70
CA GLY G 254 28.15 -42.78 11.90
C GLY G 254 28.05 -41.28 12.04
N ILE G 255 26.89 -40.77 12.44
CA ILE G 255 26.68 -39.36 12.76
C ILE G 255 26.86 -39.20 14.27
N PRO G 256 27.59 -38.19 14.74
CA PRO G 256 27.75 -38.01 16.18
C PRO G 256 26.47 -37.48 16.80
N TYR G 257 26.11 -38.02 17.97
CA TYR G 257 24.87 -37.60 18.61
C TYR G 257 24.92 -37.89 20.08
N GLU G 258 24.35 -36.98 20.84
CA GLU G 258 24.08 -37.14 22.26
C GLU G 258 22.60 -37.13 22.60
N HIS G 259 21.79 -36.41 21.85
CA HIS G 259 20.37 -36.21 22.15
C HIS G 259 19.62 -36.29 20.83
N ILE G 260 18.38 -36.75 20.89
CA ILE G 260 17.64 -37.09 19.67
C ILE G 260 16.29 -36.39 19.73
N ILE G 261 15.90 -35.79 18.61
CA ILE G 261 14.57 -35.23 18.41
C ILE G 261 14.02 -35.87 17.15
N ILE G 262 12.81 -36.39 17.21
CA ILE G 262 12.22 -37.03 16.05
C ILE G 262 10.99 -36.22 15.63
N LEU G 263 10.94 -35.85 14.37
CA LEU G 263 9.81 -35.11 13.80
C LEU G 263 8.96 -36.05 12.97
N ALA G 264 7.67 -36.15 13.31
CA ALA G 264 6.72 -36.97 12.58
C ALA G 264 5.98 -36.10 11.56
N ASN G 265 5.87 -36.61 10.35
CA ASN G 265 5.25 -35.89 9.25
C ASN G 265 3.73 -36.03 9.33
N THR G 266 3.12 -35.22 10.18
CA THR G 266 1.67 -35.26 10.37
C THR G 266 1.20 -34.00 11.09
N GLU G 267 -0.05 -33.63 10.83
CA GLU G 267 -0.66 -32.46 11.43
C GLU G 267 -1.38 -32.78 12.74
N GLN G 268 -1.62 -34.06 13.02
CA GLN G 268 -2.30 -34.46 14.24
C GLN G 268 -1.46 -34.10 15.45
N TYR G 269 -2.12 -33.82 16.56
CA TYR G 269 -1.42 -33.54 17.81
C TYR G 269 -0.80 -34.83 18.30
N GLY G 270 0.39 -34.74 18.86
CA GLY G 270 1.02 -35.93 19.37
C GLY G 270 2.52 -35.88 19.64
N GLY G 271 2.94 -36.65 20.63
CA GLY G 271 4.33 -36.92 20.91
C GLY G 271 4.62 -36.80 22.37
N GLY G 272 5.90 -36.75 22.69
CA GLY G 272 6.31 -36.64 24.07
C GLY G 272 7.83 -36.65 24.12
N GLY G 273 8.34 -36.47 25.32
CA GLY G 273 9.77 -36.53 25.52
C GLY G 273 10.09 -37.19 26.85
N ILE G 274 11.19 -37.94 26.89
CA ILE G 274 11.60 -38.66 28.09
C ILE G 274 13.10 -38.45 28.27
N TYR G 275 13.50 -38.21 29.52
CA TYR G 275 14.86 -37.80 29.84
C TYR G 275 15.88 -38.81 29.34
N ASN G 276 16.76 -38.35 28.47
CA ASN G 276 17.84 -39.15 27.91
C ASN G 276 17.35 -40.43 27.23
N ALA G 277 16.15 -40.36 26.66
CA ALA G 277 15.69 -41.32 25.67
C ALA G 277 15.60 -40.58 24.34
N PHE G 278 14.51 -39.84 24.12
CA PHE G 278 14.41 -38.96 22.97
C PHE G 278 13.10 -38.18 23.07
N THR G 279 12.96 -37.19 22.20
CA THR G 279 11.75 -36.41 21.99
C THR G 279 11.16 -36.84 20.66
N LEU G 280 9.84 -36.97 20.61
CA LEU G 280 9.14 -37.26 19.35
C LEU G 280 7.98 -36.26 19.30
N THR G 281 7.78 -35.61 18.17
CA THR G 281 6.64 -34.69 18.11
C THR G 281 6.24 -34.48 16.66
N THR G 282 4.99 -34.07 16.46
CA THR G 282 4.45 -33.90 15.12
C THR G 282 4.83 -32.51 14.61
N ALA G 283 5.29 -32.45 13.36
CA ALA G 283 5.89 -31.24 12.84
C ALA G 283 4.90 -30.23 12.27
N HIS G 284 3.71 -30.65 11.84
CA HIS G 284 2.75 -29.75 11.20
C HIS G 284 1.58 -29.46 12.11
N HIS G 285 1.74 -29.59 13.37
CA HIS G 285 0.75 -29.07 14.30
C HIS G 285 1.01 -27.57 14.55
N PRO G 286 -0.04 -26.76 14.64
CA PRO G 286 0.18 -25.32 14.83
C PRO G 286 0.91 -24.95 16.10
N ASN G 287 0.89 -25.79 17.14
CA ASN G 287 1.67 -25.51 18.35
C ASN G 287 3.04 -26.17 18.32
N PHE G 288 3.53 -26.53 17.13
CA PHE G 288 4.79 -27.26 17.03
C PHE G 288 5.92 -26.53 17.76
N ARG G 289 5.94 -25.21 17.67
CA ARG G 289 7.12 -24.47 18.16
C ARG G 289 7.25 -24.53 19.66
N PRO G 290 6.24 -24.18 20.45
CA PRO G 290 6.36 -24.36 21.91
C PRO G 290 6.40 -25.83 22.33
N VAL G 291 5.71 -26.72 21.63
CA VAL G 291 5.64 -28.12 22.05
C VAL G 291 7.00 -28.79 21.95
N VAL G 292 7.66 -28.65 20.80
CA VAL G 292 8.95 -29.32 20.62
C VAL G 292 9.95 -28.82 21.63
N VAL G 293 9.83 -27.56 22.07
CA VAL G 293 10.70 -27.04 23.11
C VAL G 293 10.34 -27.63 24.46
N HIS G 294 9.05 -27.80 24.70
CA HIS G 294 8.58 -28.39 25.94
C HIS G 294 9.05 -29.83 26.07
N GLU G 295 8.99 -30.60 24.98
CA GLU G 295 9.44 -31.98 25.01
C GLU G 295 10.94 -32.05 25.23
N PHE G 296 11.71 -31.20 24.53
CA PHE G 296 13.14 -31.09 24.76
C PHE G 296 13.44 -30.71 26.21
N GLY G 297 12.55 -29.96 26.84
CA GLY G 297 12.67 -29.72 28.28
C GLY G 297 12.67 -31.01 29.10
N HIS G 298 11.83 -31.98 28.70
CA HIS G 298 11.89 -33.33 29.27
C HIS G 298 13.15 -34.06 28.84
N SER G 299 13.34 -34.22 27.51
CA SER G 299 14.31 -35.20 27.03
C SER G 299 15.74 -34.73 27.24
N PHE G 300 15.97 -33.42 27.23
CA PHE G 300 17.29 -32.85 27.47
C PHE G 300 17.45 -32.31 28.89
N GLY G 301 16.47 -31.54 29.36
CA GLY G 301 16.58 -30.91 30.67
C GLY G 301 16.11 -31.72 31.83
N GLY G 302 15.51 -32.88 31.61
CA GLY G 302 14.97 -33.66 32.72
C GLY G 302 13.89 -32.98 33.51
N LEU G 303 13.21 -32.01 32.91
CA LEU G 303 12.21 -31.24 33.63
C LEU G 303 10.92 -32.02 33.72
N ALA G 304 10.18 -31.79 34.80
CA ALA G 304 8.86 -32.35 35.01
C ALA G 304 7.80 -31.46 34.38
N ASP G 305 6.62 -32.03 34.19
CA ASP G 305 5.47 -31.22 33.81
C ASP G 305 4.99 -30.41 35.01
N GLU G 306 4.65 -29.14 34.75
CA GLU G 306 4.14 -28.25 35.77
C GLU G 306 2.62 -28.15 35.79
N TYR G 307 1.92 -28.70 34.80
CA TYR G 307 0.47 -28.63 34.81
C TYR G 307 -0.12 -29.71 35.74
N PHE G 308 -1.44 -29.70 35.86
CA PHE G 308 -2.19 -30.48 36.84
C PHE G 308 -3.67 -30.34 36.49
N TYR G 309 -4.51 -31.07 37.19
CA TYR G 309 -5.96 -30.96 37.05
C TYR G 309 -6.62 -31.70 38.21
N ASP G 310 -7.92 -31.89 38.11
CA ASP G 310 -8.64 -32.76 39.05
C ASP G 310 -9.98 -33.19 38.48
N GLY G 316 -0.82 -39.94 42.17
CA GLY G 316 -0.15 -39.94 40.88
C GLY G 316 1.20 -40.64 40.88
N LEU G 317 2.07 -40.26 39.94
CA LEU G 317 3.39 -40.86 39.84
C LEU G 317 4.37 -40.36 40.89
N TYR G 318 3.97 -39.42 41.74
CA TYR G 318 4.89 -38.76 42.67
C TYR G 318 4.41 -38.97 44.10
N PRO G 319 4.95 -39.94 44.82
CA PRO G 319 4.59 -40.08 46.24
C PRO G 319 4.88 -38.79 47.00
N LEU G 320 3.91 -38.35 47.79
CA LEU G 320 4.04 -37.06 48.48
C LEU G 320 5.01 -37.11 49.64
N ASN G 321 5.51 -38.29 50.01
CA ASN G 321 6.51 -38.43 51.06
C ASN G 321 7.93 -38.55 50.52
N ILE G 322 8.14 -38.25 49.24
CA ILE G 322 9.44 -38.34 48.59
C ILE G 322 9.66 -37.06 47.78
N GLU G 323 10.89 -36.56 47.78
CA GLU G 323 11.23 -35.36 47.01
C GLU G 323 11.57 -35.74 45.59
N PRO G 324 10.75 -35.33 44.60
CA PRO G 324 11.08 -35.66 43.19
C PRO G 324 12.53 -35.32 42.88
N TRP G 325 13.13 -36.09 41.96
CA TRP G 325 14.46 -35.76 41.47
C TRP G 325 14.43 -34.69 40.39
N GLU G 326 13.26 -34.44 39.81
CA GLU G 326 13.13 -33.36 38.85
C GLU G 326 13.27 -32.01 39.56
N GLN G 327 13.92 -31.06 38.88
CA GLN G 327 14.33 -29.82 39.52
C GLN G 327 13.22 -28.79 39.65
N ASN G 328 12.17 -28.85 38.83
CA ASN G 328 11.20 -27.77 38.74
C ASN G 328 9.88 -28.10 39.41
N ILE G 329 9.85 -29.12 40.26
CA ILE G 329 8.68 -29.43 41.07
C ILE G 329 9.21 -29.94 42.40
N THR G 330 8.36 -29.88 43.42
CA THR G 330 8.76 -30.21 44.79
C THR G 330 7.53 -30.65 45.54
N THR G 331 7.75 -31.54 46.53
CA THR G 331 6.75 -31.86 47.54
C THR G 331 7.13 -31.33 48.92
N ARG G 332 8.14 -30.47 48.99
CA ARG G 332 8.57 -29.84 50.24
C ARG G 332 9.12 -30.84 51.25
N ILE G 333 9.52 -32.02 50.80
CA ILE G 333 10.16 -32.97 51.71
C ILE G 333 11.58 -32.54 52.01
N ASN G 334 12.33 -32.18 50.96
CA ASN G 334 13.65 -31.57 51.10
C ASN G 334 13.69 -30.42 50.07
N PHE G 335 13.02 -29.31 50.39
CA PHE G 335 12.92 -28.19 49.46
C PHE G 335 14.22 -27.41 49.32
N ALA G 336 15.18 -27.58 50.24
CA ALA G 336 16.48 -26.91 50.11
C ALA G 336 17.28 -27.38 48.89
N SER G 337 17.01 -28.57 48.39
CA SER G 337 17.74 -29.07 47.23
C SER G 337 17.27 -28.46 45.92
N LYS G 338 16.14 -27.74 45.92
CA LYS G 338 15.57 -27.23 44.69
C LYS G 338 15.79 -25.72 44.54
N TRP G 339 14.75 -24.91 44.66
CA TRP G 339 14.85 -23.49 44.35
C TRP G 339 14.52 -22.58 45.54
N GLU G 340 14.55 -23.12 46.76
CA GLU G 340 14.42 -22.29 47.95
C GLU G 340 15.45 -21.16 47.95
N ASP G 341 16.71 -21.51 47.66
CA ASP G 341 17.78 -20.51 47.56
C ASP G 341 17.47 -19.41 46.58
N MET G 342 16.46 -19.60 45.73
CA MET G 342 16.12 -18.71 44.64
C MET G 342 15.01 -17.75 45.01
N LEU G 343 14.34 -17.96 46.14
CA LEU G 343 13.25 -17.09 46.55
C LEU G 343 13.80 -15.78 47.13
N THR G 344 12.89 -14.85 47.41
CA THR G 344 13.24 -13.71 48.24
C THR G 344 13.04 -14.09 49.70
N LYS G 345 13.73 -13.37 50.60
CA LYS G 345 13.64 -13.69 52.02
C LYS G 345 12.22 -13.56 52.54
N THR G 346 11.36 -12.84 51.81
CA THR G 346 9.98 -12.55 52.23
C THR G 346 8.95 -13.43 51.55
N THR G 347 9.36 -14.22 50.56
CA THR G 347 8.41 -15.00 49.78
C THR G 347 7.63 -15.95 50.66
N PRO G 348 6.29 -15.88 50.68
CA PRO G 348 5.51 -16.85 51.47
C PRO G 348 5.55 -18.23 50.85
N VAL G 349 5.05 -19.20 51.62
CA VAL G 349 5.11 -20.61 51.22
C VAL G 349 4.04 -21.40 51.98
N PRO G 350 3.00 -21.94 51.32
CA PRO G 350 2.71 -21.81 49.88
C PRO G 350 2.41 -20.39 49.43
N THR G 351 2.78 -20.03 48.20
CA THR G 351 2.49 -18.73 47.60
C THR G 351 1.08 -18.75 47.01
N PRO G 352 0.13 -17.98 47.55
CA PRO G 352 -1.23 -17.99 46.98
C PRO G 352 -1.29 -17.33 45.61
N VAL G 353 -2.33 -17.71 44.86
CA VAL G 353 -2.46 -17.23 43.49
C VAL G 353 -2.92 -15.77 43.45
N ALA G 354 -3.62 -15.32 44.50
CA ALA G 354 -4.05 -13.92 44.53
C ALA G 354 -2.87 -12.97 44.48
N ASP G 355 -1.71 -13.39 44.98
CA ASP G 355 -0.55 -12.53 45.12
C ASP G 355 0.51 -12.78 44.05
N LYS G 356 0.13 -13.38 42.92
CA LYS G 356 1.12 -13.87 41.97
C LYS G 356 1.99 -12.75 41.39
N ALA G 357 1.45 -11.53 41.32
CA ALA G 357 2.16 -10.44 40.65
C ALA G 357 3.43 -10.01 41.37
N LYS G 358 3.54 -10.29 42.67
CA LYS G 358 4.70 -9.86 43.44
C LYS G 358 5.87 -10.85 43.39
N TYR G 359 5.64 -12.07 42.91
CA TYR G 359 6.58 -13.17 43.08
C TYR G 359 6.80 -13.92 41.77
N PRO G 360 7.66 -13.41 40.89
CA PRO G 360 7.96 -14.17 39.66
C PRO G 360 8.35 -15.60 39.95
N ILE G 361 9.10 -15.81 41.04
CA ILE G 361 9.53 -17.11 41.52
C ILE G 361 8.90 -17.31 42.89
N GLY G 362 8.03 -18.30 43.02
CA GLY G 362 7.45 -18.65 44.30
C GLY G 362 7.31 -20.15 44.49
N VAL G 363 6.40 -20.58 45.35
CA VAL G 363 6.11 -21.99 45.57
C VAL G 363 4.60 -22.16 45.42
N TYR G 364 4.13 -22.35 44.19
CA TYR G 364 2.71 -22.42 43.89
C TYR G 364 2.25 -23.87 43.84
N GLU G 365 1.12 -24.15 44.50
CA GLU G 365 0.55 -25.49 44.54
C GLU G 365 -0.09 -25.86 43.19
N GLY G 366 0.03 -27.13 42.84
CA GLY G 366 -0.33 -27.59 41.51
C GLY G 366 0.90 -27.88 40.68
N GLY G 367 1.11 -29.16 40.34
CA GLY G 367 2.18 -29.55 39.44
C GLY G 367 2.32 -31.06 39.40
N GLY G 368 3.06 -31.54 38.41
CA GLY G 368 3.18 -32.97 38.25
C GLY G 368 1.85 -33.70 38.24
N TYR G 369 0.86 -33.14 37.52
CA TYR G 369 -0.46 -33.72 37.30
C TYR G 369 -1.38 -33.67 38.51
N SER G 370 -0.83 -33.36 39.68
CA SER G 370 -1.61 -33.32 40.92
C SER G 370 -1.86 -31.89 41.35
N ALA G 371 -3.13 -31.58 41.61
CA ALA G 371 -3.48 -30.25 42.11
C ALA G 371 -3.06 -30.04 43.56
N LYS G 372 -2.85 -31.12 44.32
CA LYS G 372 -2.43 -31.02 45.71
C LYS G 372 -1.10 -31.74 45.93
N GLY G 373 -0.37 -31.30 46.96
CA GLY G 373 0.83 -31.97 47.41
C GLY G 373 2.09 -31.68 46.63
N ILE G 374 1.96 -31.12 45.43
CA ILE G 374 3.12 -30.83 44.59
C ILE G 374 3.10 -29.35 44.24
N TYR G 375 4.29 -28.78 44.11
CA TYR G 375 4.44 -27.35 43.88
C TYR G 375 5.44 -27.09 42.77
N ARG G 376 5.20 -26.02 42.02
CA ARG G 376 6.00 -25.57 40.90
C ARG G 376 6.55 -24.17 41.16
N PRO G 377 7.62 -23.78 40.48
CA PRO G 377 8.32 -22.55 40.87
C PRO G 377 7.67 -21.25 40.38
N ALA G 378 6.83 -21.27 39.34
CA ALA G 378 6.23 -20.04 38.84
C ALA G 378 4.81 -20.31 38.41
N PHE G 379 4.00 -19.25 38.40
CA PHE G 379 2.59 -19.42 38.07
C PHE G 379 2.41 -20.02 36.68
N ASP G 380 3.24 -19.62 35.72
CA ASP G 380 3.17 -20.16 34.37
C ASP G 380 4.60 -20.47 33.88
N CYS G 381 4.67 -21.26 32.82
CA CYS G 381 5.94 -21.81 32.36
C CYS G 381 5.72 -22.56 31.07
N ARG G 382 6.79 -22.72 30.29
CA ARG G 382 6.76 -23.57 29.11
C ARG G 382 6.37 -25.00 29.49
N MET G 383 6.81 -25.47 30.66
CA MET G 383 6.48 -26.82 31.11
C MET G 383 5.06 -26.92 31.64
N ARG G 384 4.30 -25.82 31.62
CA ARG G 384 2.92 -25.80 32.08
C ARG G 384 1.93 -25.60 30.96
N THR G 385 2.19 -24.66 30.04
CA THR G 385 1.28 -24.40 28.93
C THR G 385 2.07 -23.96 27.70
N ASN G 386 1.43 -24.11 26.54
CA ASN G 386 2.04 -23.73 25.27
C ASN G 386 2.02 -22.23 25.00
N GLU G 387 1.14 -21.48 25.67
CA GLU G 387 1.00 -20.07 25.35
C GLU G 387 2.09 -19.23 25.99
N TYR G 388 2.33 -19.44 27.31
CA TYR G 388 3.37 -18.71 28.02
C TYR G 388 4.63 -18.68 27.16
N PRO G 389 5.32 -17.53 27.08
CA PRO G 389 6.38 -17.42 26.07
C PRO G 389 7.72 -18.05 26.43
N THR G 390 7.99 -18.36 27.71
CA THR G 390 9.31 -18.77 28.10
C THR G 390 9.28 -19.86 29.17
N PHE G 391 10.46 -20.43 29.41
CA PHE G 391 10.69 -21.19 30.64
C PHE G 391 10.69 -20.24 31.84
N CYS G 392 10.18 -20.71 32.97
CA CYS G 392 10.29 -19.97 34.21
C CYS G 392 11.75 -19.91 34.64
N PRO G 393 12.10 -18.99 35.52
CA PRO G 393 13.52 -18.77 35.82
C PRO G 393 14.21 -20.00 36.40
N VAL G 394 13.45 -20.84 37.11
CA VAL G 394 14.06 -22.06 37.66
C VAL G 394 14.38 -23.06 36.55
N CYS G 395 13.43 -23.31 35.65
CA CYS G 395 13.75 -24.16 34.53
C CYS G 395 14.93 -23.62 33.74
N GLN G 396 15.01 -22.28 33.61
CA GLN G 396 16.16 -21.72 32.90
C GLN G 396 17.44 -22.12 33.61
N ARG G 397 17.45 -22.02 34.94
CA ARG G 397 18.62 -22.43 35.68
C ARG G 397 18.95 -23.90 35.45
N ALA G 398 17.93 -24.78 35.58
CA ALA G 398 18.18 -26.21 35.45
C ALA G 398 18.77 -26.54 34.10
N ILE G 399 18.26 -25.90 33.04
CA ILE G 399 18.83 -26.13 31.72
C ILE G 399 20.25 -25.60 31.66
N GLN G 400 20.48 -24.42 32.25
CA GLN G 400 21.82 -23.86 32.33
C GLN G 400 22.80 -24.87 32.92
N ARG G 401 22.49 -25.32 34.13
CA ARG G 401 23.33 -26.31 34.82
C ARG G 401 23.59 -27.54 33.94
N ILE G 402 22.57 -28.03 33.25
CA ILE G 402 22.78 -29.19 32.37
C ILE G 402 23.77 -28.84 31.28
N ILE G 403 23.57 -27.68 30.63
CA ILE G 403 24.46 -27.29 29.54
C ILE G 403 25.89 -27.13 30.04
N GLU G 404 26.04 -26.59 31.26
CA GLU G 404 27.36 -26.34 31.83
C GLU G 404 28.00 -27.63 32.31
N PHE G 405 27.18 -28.59 32.73
CA PHE G 405 27.69 -29.91 33.08
C PHE G 405 28.38 -30.56 31.89
N TYR G 406 27.81 -30.39 30.70
CA TYR G 406 28.37 -31.03 29.53
C TYR G 406 29.48 -30.24 28.84
N THR G 407 29.48 -28.90 28.96
CA THR G 407 30.39 -28.08 28.17
C THR G 407 31.29 -27.14 28.96
N GLY G 408 31.07 -26.98 30.26
CA GLY G 408 31.80 -26.05 31.08
C GLY G 408 30.93 -24.85 31.47
N LYS G 409 31.35 -24.16 32.52
CA LYS G 409 30.58 -23.00 32.98
C LYS G 409 30.75 -21.80 32.03
N ASN H 4 -16.46 56.49 -15.41
CA ASN H 4 -17.24 55.62 -14.55
C ASN H 4 -18.40 54.94 -15.32
N PHE H 5 -19.35 54.37 -14.57
CA PHE H 5 -20.44 53.60 -15.11
C PHE H 5 -21.80 54.25 -14.83
N SER H 6 -22.16 54.39 -13.56
CA SER H 6 -23.42 55.05 -13.22
C SER H 6 -23.42 56.53 -13.61
N ASP H 7 -22.27 57.06 -14.06
CA ASP H 7 -22.29 58.37 -14.68
C ASP H 7 -23.23 58.42 -15.88
N TYR H 8 -23.59 57.25 -16.45
CA TYR H 8 -24.40 57.22 -17.67
C TYR H 8 -25.46 56.12 -17.72
N PHE H 9 -25.33 55.03 -16.96
CA PHE H 9 -26.20 53.87 -17.11
C PHE H 9 -26.84 53.49 -15.78
N THR H 10 -28.05 52.94 -15.89
CA THR H 10 -28.74 52.30 -14.77
C THR H 10 -28.55 50.78 -14.85
N ASN H 11 -29.03 50.08 -13.81
CA ASN H 11 -28.83 48.64 -13.73
C ASN H 11 -29.93 47.90 -14.50
N LYS H 12 -29.95 48.17 -15.80
CA LYS H 12 -30.91 47.55 -16.68
C LYS H 12 -30.25 47.34 -18.03
N THR H 13 -30.81 46.43 -18.84
CA THR H 13 -30.28 46.15 -20.18
C THR H 13 -31.15 46.82 -21.23
N LEU H 14 -30.53 47.53 -22.16
CA LEU H 14 -31.15 47.93 -23.41
C LEU H 14 -30.86 46.83 -24.44
N ARG H 15 -31.85 46.00 -24.75
CA ARG H 15 -31.71 44.98 -25.79
C ARG H 15 -32.16 45.57 -27.12
N ILE H 16 -31.28 45.52 -28.13
CA ILE H 16 -31.59 46.04 -29.46
C ILE H 16 -31.57 44.87 -30.46
N ASP H 17 -32.68 44.66 -31.14
CA ASP H 17 -32.76 43.67 -32.21
C ASP H 17 -32.59 44.40 -33.54
N TYR H 18 -31.62 43.98 -34.32
CA TYR H 18 -31.46 44.52 -35.67
C TYR H 18 -31.83 43.48 -36.72
N LEU H 19 -32.10 43.96 -37.92
CA LEU H 19 -32.15 43.15 -39.11
C LEU H 19 -30.99 43.56 -40.01
N PHE H 20 -30.15 42.59 -40.35
CA PHE H 20 -29.14 42.74 -41.37
C PHE H 20 -29.70 42.18 -42.68
N THR H 21 -29.63 42.95 -43.75
CA THR H 21 -30.27 42.52 -45.00
C THR H 21 -29.38 42.85 -46.19
N GLY H 22 -29.64 42.16 -47.29
CA GLY H 22 -28.92 42.42 -48.51
C GLY H 22 -28.49 41.17 -49.22
N ASN H 23 -27.41 41.31 -49.98
CA ASN H 23 -26.88 40.27 -50.83
C ASN H 23 -25.43 40.61 -50.99
N ALA H 24 -24.72 39.81 -51.80
CA ALA H 24 -23.27 39.97 -51.92
C ALA H 24 -22.86 41.35 -52.39
N ASP H 25 -23.76 42.10 -53.05
CA ASP H 25 -23.43 43.41 -53.62
C ASP H 25 -23.66 44.58 -52.67
N LYS H 26 -24.64 44.48 -51.77
CA LYS H 26 -25.05 45.63 -50.99
C LYS H 26 -25.68 45.14 -49.70
N GLN H 27 -25.32 45.74 -48.56
CA GLN H 27 -25.88 45.34 -47.27
C GLN H 27 -26.41 46.55 -46.50
N SER H 28 -27.39 46.28 -45.64
CA SER H 28 -28.02 47.35 -44.89
C SER H 28 -28.32 46.82 -43.51
N ILE H 29 -28.52 47.75 -42.58
CA ILE H 29 -28.93 47.43 -41.23
C ILE H 29 -30.17 48.23 -40.92
N CYS H 30 -31.16 47.60 -40.28
CA CYS H 30 -32.24 48.41 -39.74
C CYS H 30 -32.60 47.92 -38.37
N LEU H 31 -33.29 48.79 -37.65
CA LEU H 31 -33.74 48.50 -36.30
C LEU H 31 -35.02 47.70 -36.35
N ASP H 32 -35.10 46.68 -35.51
CA ASP H 32 -36.31 45.90 -35.35
C ASP H 32 -37.05 46.38 -34.11
N GLU H 33 -36.47 46.10 -32.94
CA GLU H 33 -37.15 46.37 -31.69
C GLU H 33 -36.13 46.77 -30.62
N LEU H 34 -36.55 47.70 -29.76
CA LEU H 34 -35.85 48.10 -28.56
C LEU H 34 -36.60 47.52 -27.37
N SER H 35 -35.89 46.90 -26.44
CA SER H 35 -36.54 46.32 -25.28
C SER H 35 -35.69 46.54 -24.03
N GLU H 36 -36.33 46.39 -22.87
CA GLU H 36 -35.71 46.61 -21.57
C GLU H 36 -35.72 45.32 -20.78
N LEU H 37 -34.58 44.98 -20.18
CA LEU H 37 -34.41 43.78 -19.39
C LEU H 37 -34.10 44.13 -17.95
N PRO H 38 -34.45 43.25 -16.99
CA PRO H 38 -34.46 43.65 -15.56
C PRO H 38 -33.13 44.17 -15.02
N VAL H 39 -32.01 43.51 -15.32
CA VAL H 39 -30.72 43.88 -14.76
C VAL H 39 -29.71 43.95 -15.90
N TRP H 40 -28.55 44.56 -15.61
CA TRP H 40 -27.44 44.62 -16.56
C TRP H 40 -26.38 43.62 -16.14
N ALA H 41 -26.37 42.48 -16.82
CA ALA H 41 -25.42 41.42 -16.52
C ALA H 41 -24.06 41.64 -17.17
N GLY H 42 -23.85 42.74 -17.88
CA GLY H 42 -22.61 42.91 -18.62
C GLY H 42 -21.46 43.40 -17.75
N ARG H 43 -20.46 43.96 -18.40
CA ARG H 43 -19.29 44.46 -17.71
C ARG H 43 -19.51 45.91 -17.25
N ARG H 44 -18.60 46.37 -16.40
CA ARG H 44 -18.73 47.69 -15.80
C ARG H 44 -17.47 48.53 -15.91
N HIS H 45 -16.40 47.97 -16.44
CA HIS H 45 -15.15 48.69 -16.65
C HIS H 45 -14.72 48.48 -18.09
N HIS H 46 -13.78 49.32 -18.54
CA HIS H 46 -13.32 49.24 -19.91
C HIS H 46 -14.48 49.45 -20.87
N LEU H 47 -15.36 50.39 -20.52
CA LEU H 47 -16.61 50.58 -21.25
C LEU H 47 -16.40 51.15 -22.64
N SER H 48 -15.28 51.82 -22.89
CA SER H 48 -15.02 52.42 -24.20
C SER H 48 -13.97 51.66 -24.98
N GLU H 49 -13.62 50.46 -24.54
CA GLU H 49 -12.60 49.65 -25.21
C GLU H 49 -13.22 48.35 -25.69
N LEU H 50 -12.62 47.77 -26.73
CA LEU H 50 -12.98 46.51 -27.34
C LEU H 50 -11.96 45.43 -26.99
N PRO H 51 -12.38 44.26 -26.48
CA PRO H 51 -11.41 43.16 -26.35
C PRO H 51 -10.89 42.65 -27.69
N LEU H 52 -11.76 42.59 -28.72
CA LEU H 52 -11.37 42.20 -30.07
C LEU H 52 -12.07 43.11 -31.08
N GLU H 53 -11.55 43.16 -32.31
CA GLU H 53 -12.18 43.96 -33.36
C GLU H 53 -13.50 43.35 -33.82
N GLY H 54 -13.51 42.05 -34.14
CA GLY H 54 -14.70 41.41 -34.65
C GLY H 54 -15.00 41.91 -36.06
N ASN H 55 -16.06 41.35 -36.64
CA ASN H 55 -16.46 41.77 -37.98
C ASN H 55 -17.56 42.84 -37.96
N GLY H 56 -18.11 43.16 -36.80
CA GLY H 56 -18.98 44.32 -36.65
C GLY H 56 -18.81 44.92 -35.27
N GLN H 57 -19.08 46.23 -35.17
CA GLN H 57 -18.94 46.94 -33.89
C GLN H 57 -20.17 47.79 -33.59
N ILE H 58 -20.56 47.83 -32.32
CA ILE H 58 -21.56 48.74 -31.81
C ILE H 58 -20.84 49.76 -30.93
N VAL H 59 -21.26 51.02 -31.03
CA VAL H 59 -20.65 52.12 -30.28
C VAL H 59 -21.78 53.00 -29.77
N MET H 60 -21.93 53.07 -28.45
CA MET H 60 -22.88 53.95 -27.82
C MET H 60 -22.19 55.28 -27.49
N ARG H 61 -22.86 56.39 -27.79
CA ARG H 61 -22.33 57.71 -27.48
C ARG H 61 -23.39 58.52 -26.77
N ASP H 62 -22.96 59.35 -25.81
CA ASP H 62 -23.89 60.25 -25.15
C ASP H 62 -24.26 61.40 -26.07
N VAL H 63 -25.55 61.77 -26.08
CA VAL H 63 -26.01 62.80 -27.01
C VAL H 63 -25.44 64.16 -26.64
N ALA H 64 -25.57 64.55 -25.37
CA ALA H 64 -25.04 65.84 -24.90
C ALA H 64 -23.56 66.01 -25.26
N SER H 65 -22.69 65.23 -24.61
CA SER H 65 -21.24 65.40 -24.77
C SER H 65 -20.70 64.82 -26.07
N GLY H 66 -21.30 63.75 -26.57
CA GLY H 66 -20.77 63.06 -27.73
C GLY H 66 -19.63 62.10 -27.45
N LYS H 67 -19.39 61.75 -26.20
CA LYS H 67 -18.31 60.83 -25.89
C LYS H 67 -18.82 59.39 -25.93
N VAL H 68 -17.88 58.46 -26.12
CA VAL H 68 -18.16 57.04 -26.20
C VAL H 68 -18.34 56.46 -24.80
N ILE H 69 -19.53 55.93 -24.52
CA ILE H 69 -19.88 55.41 -23.19
C ILE H 69 -20.07 53.90 -23.17
N TYR H 70 -20.00 53.21 -24.31
CA TYR H 70 -20.02 51.75 -24.31
C TYR H 70 -19.77 51.25 -25.74
N THR H 71 -19.22 50.03 -25.81
CA THR H 71 -18.86 49.47 -27.10
C THR H 71 -18.71 47.96 -26.94
N THR H 72 -19.19 47.21 -27.94
CA THR H 72 -18.89 45.79 -28.03
C THR H 72 -18.72 45.45 -29.51
N SER H 73 -18.36 44.21 -29.78
CA SER H 73 -18.07 43.77 -31.14
C SER H 73 -18.58 42.34 -31.28
N PHE H 74 -18.56 41.83 -32.52
CA PHE H 74 -19.29 40.60 -32.81
C PHE H 74 -19.00 40.12 -34.22
N SER H 75 -19.30 38.86 -34.48
CA SER H 75 -19.45 38.42 -35.86
C SER H 75 -20.89 38.00 -36.05
N SER H 76 -21.25 37.53 -37.26
CA SER H 76 -22.65 37.21 -37.50
C SER H 76 -22.82 36.12 -38.56
N LEU H 77 -23.91 35.36 -38.44
CA LEU H 77 -24.28 34.40 -39.47
C LEU H 77 -24.50 35.10 -40.82
N PHE H 78 -25.12 36.29 -40.80
CA PHE H 78 -25.31 37.08 -42.03
C PHE H 78 -24.03 37.24 -42.80
N GLN H 79 -22.92 37.54 -42.12
CA GLN H 79 -21.68 37.78 -42.83
C GLN H 79 -21.06 36.47 -43.33
N GLU H 80 -21.47 35.32 -42.79
CA GLU H 80 -21.16 34.05 -43.45
C GLU H 80 -22.04 33.84 -44.68
N TRP H 81 -23.36 34.03 -44.52
CA TRP H 81 -24.27 33.86 -45.65
C TRP H 81 -23.85 34.68 -46.85
N LEU H 82 -23.11 35.79 -46.64
CA LEU H 82 -22.70 36.64 -47.75
C LEU H 82 -21.77 35.92 -48.72
N GLU H 83 -21.23 34.76 -48.33
CA GLU H 83 -20.30 34.01 -49.18
C GLU H 83 -21.01 32.94 -50.01
N THR H 84 -22.27 32.62 -49.71
CA THR H 84 -22.95 31.52 -50.39
C THR H 84 -23.51 31.98 -51.74
N ASP H 85 -23.66 31.00 -52.65
CA ASP H 85 -24.23 31.28 -53.96
C ASP H 85 -25.54 32.05 -53.83
N GLU H 86 -26.40 31.64 -52.89
CA GLU H 86 -27.68 32.29 -52.75
CA GLU H 86 -27.68 32.28 -52.73
C GLU H 86 -27.54 33.79 -52.55
N ALA H 87 -26.39 34.24 -52.00
CA ALA H 87 -26.12 35.66 -51.76
C ALA H 87 -25.86 36.40 -53.07
N LYS H 88 -25.26 35.74 -54.06
CA LYS H 88 -25.15 36.26 -55.41
C LYS H 88 -26.42 36.07 -56.21
N GLU H 89 -27.55 35.80 -55.54
CA GLU H 89 -28.78 35.37 -56.20
C GLU H 89 -30.05 35.96 -55.61
N VAL H 90 -30.12 36.26 -54.30
CA VAL H 90 -31.32 36.82 -53.71
C VAL H 90 -30.92 37.72 -52.54
N THR H 91 -31.87 38.51 -52.05
CA THR H 91 -31.72 39.41 -50.92
C THR H 91 -32.45 38.81 -49.71
N LYS H 92 -31.69 38.47 -48.65
CA LYS H 92 -32.21 37.83 -47.44
C LYS H 92 -31.85 38.61 -46.18
N GLY H 93 -32.70 38.47 -45.18
CA GLY H 93 -32.55 39.20 -43.92
C GLY H 93 -32.27 38.27 -42.75
N PHE H 94 -31.55 38.78 -41.76
CA PHE H 94 -31.11 38.01 -40.59
C PHE H 94 -31.37 38.81 -39.32
N GLU H 95 -32.00 38.18 -38.33
CA GLU H 95 -32.18 38.76 -37.00
C GLU H 95 -30.86 38.70 -36.23
N ASN H 96 -30.53 39.81 -35.57
CA ASN H 96 -29.35 39.89 -34.72
C ASN H 96 -29.72 40.69 -33.49
N THR H 97 -29.20 40.29 -32.31
CA THR H 97 -29.57 40.91 -31.04
C THR H 97 -28.32 41.28 -30.25
N TYR H 98 -28.30 42.49 -29.67
CA TYR H 98 -27.17 42.95 -28.87
C TYR H 98 -27.68 43.55 -27.57
N LEU H 99 -26.96 43.25 -26.48
CA LEU H 99 -27.31 43.70 -25.14
C LEU H 99 -26.43 44.89 -24.78
N LEU H 100 -27.06 45.97 -24.28
CA LEU H 100 -26.30 47.15 -23.92
C LEU H 100 -26.81 47.68 -22.58
N PRO H 101 -25.95 48.41 -21.86
CA PRO H 101 -26.41 49.03 -20.60
C PRO H 101 -27.43 50.14 -20.90
N TYR H 102 -28.48 50.18 -20.09
CA TYR H 102 -29.56 51.15 -20.30
C TYR H 102 -29.13 52.56 -19.92
N PRO H 103 -29.12 53.53 -20.84
CA PRO H 103 -28.61 54.86 -20.50
C PRO H 103 -29.62 55.67 -19.70
N ILE H 104 -29.09 56.68 -19.00
CA ILE H 104 -29.92 57.59 -18.22
C ILE H 104 -30.49 58.69 -19.10
N LYS H 105 -29.67 59.26 -19.96
CA LYS H 105 -30.06 60.32 -20.88
C LYS H 105 -30.21 59.73 -22.28
N PRO H 106 -30.63 60.50 -23.29
CA PRO H 106 -30.58 60.00 -24.66
C PRO H 106 -29.17 59.57 -25.04
N ALA H 107 -29.08 58.49 -25.82
CA ALA H 107 -27.80 57.97 -26.31
C ALA H 107 -27.91 57.67 -27.80
N GLU H 108 -26.82 57.94 -28.52
CA GLU H 108 -26.71 57.60 -29.93
C GLU H 108 -26.01 56.24 -30.06
N VAL H 109 -26.66 55.31 -30.77
CA VAL H 109 -26.10 53.99 -31.04
C VAL H 109 -25.70 53.94 -32.51
N GLU H 110 -24.45 53.60 -32.76
CA GLU H 110 -23.98 53.36 -34.13
C GLU H 110 -23.51 51.91 -34.20
N ILE H 111 -24.09 51.16 -35.13
CA ILE H 111 -23.65 49.78 -35.42
C ILE H 111 -23.11 49.75 -36.84
N THR H 112 -21.99 49.07 -37.02
CA THR H 112 -21.25 49.00 -38.27
C THR H 112 -20.91 47.55 -38.58
N LEU H 113 -21.06 47.16 -39.85
CA LEU H 113 -20.51 45.90 -40.33
C LEU H 113 -19.31 46.20 -41.22
N ARG H 114 -18.35 45.27 -41.24
CA ARG H 114 -17.16 45.41 -42.04
C ARG H 114 -16.95 44.16 -42.88
N ASN H 115 -16.41 44.36 -44.09
CA ASN H 115 -16.10 43.28 -45.00
C ASN H 115 -14.70 42.73 -44.67
N ASN H 116 -14.16 41.83 -45.50
CA ASN H 116 -12.90 41.20 -45.15
C ASN H 116 -11.68 42.10 -45.42
N LYS H 117 -11.84 43.18 -46.18
CA LYS H 117 -10.83 44.23 -46.28
C LYS H 117 -10.95 45.27 -45.15
N ARG H 118 -11.82 45.00 -44.17
CA ARG H 118 -12.05 45.87 -43.00
C ARG H 118 -12.64 47.23 -43.38
N GLU H 119 -13.17 47.42 -44.58
CA GLU H 119 -13.85 48.66 -44.90
C GLU H 119 -15.35 48.52 -44.64
N VAL H 120 -15.99 49.64 -44.29
CA VAL H 120 -17.39 49.62 -43.87
C VAL H 120 -18.28 49.09 -44.99
N SER H 121 -19.20 48.19 -44.65
CA SER H 121 -20.12 47.64 -45.64
C SER H 121 -21.59 47.89 -45.28
N ALA H 122 -21.87 48.32 -44.05
CA ALA H 122 -23.20 48.71 -43.65
C ALA H 122 -23.08 49.52 -42.37
N ASN H 123 -23.94 50.53 -42.23
CA ASN H 123 -23.85 51.47 -41.13
C ASN H 123 -25.24 51.95 -40.78
N LEU H 124 -25.52 52.03 -39.49
CA LEU H 124 -26.75 52.64 -39.00
C LEU H 124 -26.50 53.40 -37.71
N LYS H 125 -26.87 54.68 -37.71
CA LYS H 125 -26.84 55.55 -36.52
C LYS H 125 -28.26 55.92 -36.13
N HIS H 126 -28.61 55.72 -34.86
CA HIS H 126 -29.93 56.09 -34.36
C HIS H 126 -29.82 56.49 -32.91
N VAL H 127 -30.77 57.34 -32.46
CA VAL H 127 -30.84 57.84 -31.08
C VAL H 127 -31.85 57.01 -30.31
N VAL H 128 -31.47 56.62 -29.09
CA VAL H 128 -32.35 55.90 -28.16
C VAL H 128 -32.75 56.83 -27.01
N LYS H 129 -34.06 56.98 -26.79
CA LYS H 129 -34.58 57.84 -25.72
C LYS H 129 -35.10 56.98 -24.57
N PRO H 130 -34.40 56.93 -23.43
CA PRO H 130 -34.75 55.95 -22.38
C PRO H 130 -36.19 55.98 -21.92
N ASP H 131 -36.85 57.15 -21.92
CA ASP H 131 -38.24 57.22 -21.46
C ASP H 131 -39.24 56.77 -22.50
N ASP H 132 -38.83 56.59 -23.76
CA ASP H 132 -39.70 56.18 -24.86
C ASP H 132 -40.67 55.10 -24.39
N ILE H 133 -41.97 55.38 -24.53
CA ILE H 133 -42.97 54.42 -24.05
C ILE H 133 -43.01 53.14 -24.87
N LEU H 134 -42.56 53.18 -26.12
CA LEU H 134 -42.62 51.97 -26.96
C LEU H 134 -41.43 51.03 -26.76
N ILE H 135 -40.68 51.15 -25.67
CA ILE H 135 -39.58 50.22 -25.39
C ILE H 135 -40.13 49.07 -24.57
N HIS H 136 -40.12 47.88 -25.17
CA HIS H 136 -40.79 46.71 -24.62
C HIS H 136 -40.08 46.25 -23.33
N LYS H 137 -40.82 46.22 -22.22
CA LYS H 137 -40.32 45.72 -20.95
C LYS H 137 -40.50 44.20 -20.91
N LYS H 138 -39.40 43.48 -21.00
CA LYS H 138 -39.42 42.02 -21.00
C LYS H 138 -38.88 41.47 -19.69
N GLY H 139 -39.14 40.18 -19.45
CA GLY H 139 -38.55 39.47 -18.32
C GLY H 139 -39.05 39.88 -16.95
N LEU H 140 -40.34 40.18 -16.82
CA LEU H 140 -40.96 40.46 -15.54
C LEU H 140 -41.95 39.38 -15.13
N THR H 141 -42.24 38.45 -16.04
CA THR H 141 -43.19 37.38 -15.78
C THR H 141 -42.79 36.20 -16.67
N HIS H 142 -43.29 35.01 -16.31
CA HIS H 142 -43.07 33.78 -17.09
C HIS H 142 -41.63 33.64 -17.54
N ILE H 143 -40.71 33.70 -16.57
CA ILE H 143 -39.31 33.39 -16.86
C ILE H 143 -39.18 31.89 -17.10
N THR H 144 -38.27 31.54 -17.99
CA THR H 144 -38.17 30.13 -18.37
C THR H 144 -37.56 29.34 -17.20
N PRO H 145 -38.13 28.17 -16.87
CA PRO H 145 -37.55 27.34 -15.81
C PRO H 145 -36.06 27.09 -16.04
N HIS H 146 -35.26 27.32 -15.01
CA HIS H 146 -33.80 27.21 -15.10
C HIS H 146 -33.18 26.64 -13.82
N LYS H 147 -31.88 26.36 -13.90
CA LYS H 147 -31.08 25.84 -12.78
C LYS H 147 -29.67 26.37 -12.91
N TYR H 148 -29.12 26.91 -11.82
CA TYR H 148 -27.75 27.42 -11.81
C TYR H 148 -26.78 26.28 -11.55
N LEU H 149 -26.20 25.71 -12.60
CA LEU H 149 -25.17 24.69 -12.43
C LEU H 149 -23.98 25.23 -11.67
N LEU H 150 -23.68 26.53 -11.82
CA LEU H 150 -22.52 27.14 -11.17
C LEU H 150 -22.87 28.59 -10.87
N LYS H 151 -22.56 29.04 -9.63
CA LYS H 151 -22.93 30.38 -9.19
C LYS H 151 -21.81 30.97 -8.33
N SER H 152 -20.72 31.37 -8.99
CA SER H 152 -19.58 31.97 -8.30
C SER H 152 -19.90 33.30 -7.64
N GLY H 153 -21.03 33.90 -7.94
CA GLY H 153 -21.36 35.20 -7.38
C GLY H 153 -22.63 35.74 -7.99
N ASN H 154 -22.76 37.07 -7.96
CA ASN H 154 -23.91 37.70 -8.60
C ASN H 154 -23.56 38.14 -10.02
N GLU H 155 -24.60 38.36 -10.82
CA GLU H 155 -24.43 38.70 -12.22
C GLU H 155 -23.57 39.92 -12.44
N GLU H 156 -23.23 40.67 -11.40
CA GLU H 156 -22.48 41.90 -11.58
C GLU H 156 -20.96 41.72 -11.57
N GLN H 157 -20.44 40.63 -10.98
CA GLN H 157 -19.00 40.38 -11.00
C GLN H 157 -18.60 39.11 -11.74
N CYS H 158 -19.51 38.19 -11.99
CA CYS H 158 -19.17 36.93 -12.64
C CYS H 158 -19.67 36.90 -14.08
N ILE H 159 -18.88 36.29 -14.97
CA ILE H 159 -19.29 36.07 -16.34
C ILE H 159 -20.49 35.13 -16.39
N ASP H 160 -21.57 35.56 -17.03
CA ASP H 160 -22.81 34.80 -17.06
C ASP H 160 -22.97 34.08 -18.41
N VAL H 161 -23.09 32.75 -18.35
CA VAL H 161 -23.18 31.88 -19.52
C VAL H 161 -24.47 31.11 -19.41
N ALA H 162 -25.33 31.23 -20.42
CA ALA H 162 -26.60 30.54 -20.45
C ALA H 162 -26.52 29.38 -21.43
N ILE H 163 -27.15 28.28 -21.05
CA ILE H 163 -27.20 27.07 -21.87
C ILE H 163 -28.66 26.80 -22.12
N LEU H 164 -29.04 26.72 -23.39
CA LEU H 164 -30.43 26.63 -23.82
C LEU H 164 -30.71 25.26 -24.43
N ALA H 165 -31.95 24.82 -24.27
CA ALA H 165 -32.37 23.51 -24.76
C ALA H 165 -33.10 23.69 -26.08
N GLU H 166 -32.61 22.99 -27.10
CA GLU H 166 -33.27 22.95 -28.41
C GLU H 166 -33.63 21.50 -28.72
N GLY H 167 -34.90 21.27 -29.05
CA GLY H 167 -35.34 19.95 -29.44
C GLY H 167 -35.61 18.99 -28.30
N TYR H 168 -35.77 19.48 -27.07
CA TYR H 168 -36.17 18.66 -25.93
C TYR H 168 -37.62 18.93 -25.56
N THR H 169 -38.47 17.90 -25.61
CA THR H 169 -39.84 18.08 -25.18
C THR H 169 -39.89 18.33 -23.67
N THR H 170 -41.11 18.61 -23.17
CA THR H 170 -41.28 18.77 -21.73
C THR H 170 -40.80 17.54 -20.98
N SER H 171 -40.91 16.36 -21.59
CA SER H 171 -40.69 15.08 -20.93
C SER H 171 -39.26 14.57 -21.08
N GLU H 172 -38.33 15.44 -21.50
CA GLU H 172 -36.93 15.06 -21.67
C GLU H 172 -35.99 16.06 -21.02
N MET H 173 -36.52 16.93 -20.16
CA MET H 173 -35.72 18.00 -19.58
C MET H 173 -34.72 17.51 -18.56
N GLU H 174 -34.88 16.29 -18.03
CA GLU H 174 -33.84 15.74 -17.17
C GLU H 174 -32.59 15.40 -17.98
N THR H 175 -32.78 14.87 -19.19
CA THR H 175 -31.64 14.66 -20.07
C THR H 175 -30.92 15.96 -20.37
N PHE H 176 -31.68 17.03 -20.63
CA PHE H 176 -31.08 18.32 -20.96
C PHE H 176 -30.22 18.82 -19.81
N TYR H 177 -30.75 18.78 -18.59
CA TYR H 177 -29.96 19.19 -17.44
C TYR H 177 -28.70 18.33 -17.31
N LYS H 178 -28.81 17.03 -17.56
CA LYS H 178 -27.61 16.19 -17.56
C LYS H 178 -26.61 16.65 -18.62
N ASP H 179 -27.07 16.77 -19.88
CA ASP H 179 -26.18 17.15 -20.98
C ASP H 179 -25.56 18.52 -20.75
N ALA H 180 -26.29 19.43 -20.11
CA ALA H 180 -25.71 20.73 -19.75
C ALA H 180 -24.58 20.57 -18.74
N ALA H 181 -24.78 19.71 -17.74
CA ALA H 181 -23.69 19.37 -16.82
C ALA H 181 -22.47 18.92 -17.60
N ILE H 182 -22.63 17.89 -18.44
CA ILE H 182 -21.51 17.39 -19.24
C ILE H 182 -20.81 18.53 -19.96
N ALA H 183 -21.59 19.43 -20.58
CA ALA H 183 -21.01 20.57 -21.29
C ALA H 183 -20.24 21.47 -20.33
N CYS H 184 -20.88 21.81 -19.20
CA CYS H 184 -20.18 22.51 -18.13
C CYS H 184 -18.88 21.79 -17.75
N GLU H 185 -18.97 20.47 -17.48
CA GLU H 185 -17.78 19.69 -17.14
C GLU H 185 -16.72 19.81 -18.22
N ALA H 186 -17.12 19.58 -19.49
CA ALA H 186 -16.17 19.60 -20.59
C ALA H 186 -15.46 20.94 -20.68
N LEU H 187 -16.17 22.02 -20.40
CA LEU H 187 -15.60 23.36 -20.55
C LEU H 187 -14.43 23.58 -19.58
N PHE H 188 -14.66 23.33 -18.29
CA PHE H 188 -13.69 23.72 -17.27
C PHE H 188 -12.54 22.74 -17.10
N SER H 189 -12.63 21.55 -17.68
CA SER H 189 -11.45 20.69 -17.74
C SER H 189 -10.39 21.23 -18.68
N HIS H 190 -10.62 22.39 -19.31
CA HIS H 190 -9.65 23.03 -20.18
C HIS H 190 -9.03 24.21 -19.46
N GLU H 191 -7.73 24.38 -19.63
CA GLU H 191 -7.15 25.64 -19.21
C GLU H 191 -7.41 26.70 -20.28
N PRO H 192 -7.65 27.96 -19.88
CA PRO H 192 -7.66 28.51 -18.52
C PRO H 192 -9.03 28.50 -17.83
N PHE H 193 -10.05 27.87 -18.41
CA PHE H 193 -11.36 27.88 -17.79
C PHE H 193 -11.31 27.22 -16.41
N GLN H 194 -10.55 26.13 -16.27
CA GLN H 194 -10.36 25.50 -14.96
C GLN H 194 -9.85 26.52 -13.93
N SER H 195 -8.76 27.22 -14.26
CA SER H 195 -8.18 28.18 -13.33
C SER H 195 -9.17 29.28 -12.97
N MET H 196 -10.08 29.61 -13.88
CA MET H 196 -10.96 30.75 -13.74
C MET H 196 -12.40 30.34 -13.44
N LYS H 197 -12.64 29.07 -13.12
CA LYS H 197 -14.00 28.59 -12.92
C LYS H 197 -14.78 29.49 -11.96
N ASN H 198 -14.10 30.14 -11.02
CA ASN H 198 -14.77 30.99 -10.04
C ASN H 198 -15.21 32.33 -10.61
N ARG H 199 -14.89 32.62 -11.87
CA ARG H 199 -15.29 33.86 -12.52
C ARG H 199 -16.56 33.71 -13.36
N PHE H 200 -17.29 32.60 -13.22
CA PHE H 200 -18.38 32.26 -14.12
C PHE H 200 -19.64 31.88 -13.35
N ASN H 201 -20.77 32.39 -13.82
CA ASN H 201 -22.07 31.79 -13.56
C ASN H 201 -22.50 31.01 -14.79
N ILE H 202 -23.16 29.88 -14.58
CA ILE H 202 -23.62 29.01 -15.66
C ILE H 202 -25.03 28.58 -15.30
N VAL H 203 -26.02 29.07 -16.06
CA VAL H 203 -27.41 28.68 -15.87
C VAL H 203 -27.85 27.85 -17.06
N ALA H 204 -28.65 26.84 -16.80
CA ALA H 204 -29.19 25.94 -17.81
C ALA H 204 -30.69 26.18 -17.88
N VAL H 205 -31.18 26.53 -19.06
CA VAL H 205 -32.54 27.04 -19.22
C VAL H 205 -33.36 26.02 -19.99
N ALA H 206 -34.42 25.51 -19.35
CA ALA H 206 -35.25 24.45 -19.92
C ALA H 206 -36.32 25.05 -20.84
N SER H 207 -35.86 25.63 -21.94
CA SER H 207 -36.75 26.12 -23.00
C SER H 207 -37.38 24.95 -23.76
N PRO H 208 -38.70 24.75 -23.68
CA PRO H 208 -39.30 23.52 -24.24
C PRO H 208 -39.55 23.64 -25.74
N SER H 209 -39.60 22.45 -26.37
CA SER H 209 -39.99 22.31 -27.76
C SER H 209 -41.17 21.36 -27.84
N ALA H 210 -42.07 21.60 -28.80
CA ALA H 210 -43.22 20.73 -28.96
C ALA H 210 -42.83 19.40 -29.59
N ASP H 211 -41.69 19.34 -30.25
CA ASP H 211 -41.23 18.14 -30.95
C ASP H 211 -39.82 17.81 -30.50
N SER H 212 -39.48 16.52 -30.57
CA SER H 212 -38.15 16.09 -30.20
C SER H 212 -37.29 16.03 -31.46
N GLY H 213 -36.05 16.56 -31.34
CA GLY H 213 -35.11 16.55 -32.44
C GLY H 213 -34.95 17.92 -33.09
N VAL H 214 -34.30 17.93 -34.26
CA VAL H 214 -34.15 19.16 -35.05
C VAL H 214 -34.62 18.88 -36.47
N SER H 215 -34.91 19.96 -37.19
CA SER H 215 -35.48 19.83 -38.53
C SER H 215 -34.42 19.41 -39.53
N ALA H 216 -34.83 18.57 -40.48
CA ALA H 216 -33.96 18.06 -41.54
C ALA H 216 -34.66 18.30 -42.88
N PRO H 217 -34.41 19.45 -43.52
CA PRO H 217 -35.17 19.78 -44.75
C PRO H 217 -35.01 18.77 -45.88
N LYS H 218 -33.80 18.23 -46.05
CA LYS H 218 -33.55 17.30 -47.16
C LYS H 218 -34.49 16.10 -47.11
N GLN H 219 -34.70 15.53 -45.92
CA GLN H 219 -35.62 14.42 -45.70
C GLN H 219 -37.07 14.86 -45.61
N GLY H 220 -37.34 16.17 -45.68
CA GLY H 220 -38.69 16.67 -45.51
C GLY H 220 -39.22 16.63 -44.09
N ALA H 221 -38.36 16.37 -43.09
CA ALA H 221 -38.81 16.21 -41.71
C ALA H 221 -38.68 17.55 -40.99
N TRP H 222 -39.76 18.34 -41.03
CA TRP H 222 -39.80 19.65 -40.41
C TRP H 222 -40.45 19.51 -39.04
N LYS H 223 -39.82 20.10 -38.02
CA LYS H 223 -40.26 19.92 -36.65
C LYS H 223 -40.50 21.25 -35.96
N HIS H 224 -41.48 21.27 -35.05
CA HIS H 224 -41.75 22.40 -34.17
C HIS H 224 -40.79 22.37 -33.00
N THR H 225 -39.77 23.22 -33.01
CA THR H 225 -38.87 23.31 -31.87
C THR H 225 -38.77 24.74 -31.37
N ALA H 226 -38.15 24.89 -30.18
CA ALA H 226 -38.08 26.20 -29.53
C ALA H 226 -37.46 27.25 -30.45
N PHE H 227 -36.42 26.87 -31.20
CA PHE H 227 -35.66 27.84 -31.97
C PHE H 227 -35.53 27.49 -33.45
N GLY H 228 -36.33 26.53 -33.92
CA GLY H 228 -36.40 26.22 -35.35
C GLY H 228 -35.10 25.85 -35.99
N SER H 229 -34.20 25.16 -35.26
CA SER H 229 -32.92 24.82 -35.85
C SER H 229 -33.12 23.77 -36.94
N HIS H 230 -32.24 23.80 -37.95
CA HIS H 230 -32.43 22.93 -39.09
C HIS H 230 -31.09 22.67 -39.76
N PHE H 231 -30.95 21.46 -40.31
CA PHE H 231 -29.85 21.11 -41.17
C PHE H 231 -30.03 21.74 -42.55
N ASP H 232 -29.10 21.44 -43.46
CA ASP H 232 -29.13 21.95 -44.83
C ASP H 232 -29.05 23.48 -44.88
N THR H 233 -28.51 24.11 -43.86
CA THR H 233 -28.32 25.56 -43.89
C THR H 233 -27.46 25.94 -45.09
N PHE H 234 -27.92 26.94 -45.85
CA PHE H 234 -27.21 27.37 -47.05
C PHE H 234 -27.06 26.24 -48.07
N TYR H 235 -27.94 25.22 -47.99
CA TYR H 235 -27.92 24.03 -48.85
C TYR H 235 -26.66 23.20 -48.62
N SER H 236 -26.04 23.37 -47.46
CA SER H 236 -24.91 22.54 -47.01
C SER H 236 -25.49 21.47 -46.09
N ASP H 237 -25.51 20.23 -46.55
CA ASP H 237 -26.30 19.19 -45.92
C ASP H 237 -26.06 19.09 -44.42
N ARG H 238 -24.81 19.16 -43.98
CA ARG H 238 -24.52 18.93 -42.57
C ARG H 238 -24.47 20.19 -41.74
N TYR H 239 -24.72 21.36 -42.32
CA TYR H 239 -24.63 22.63 -41.57
C TYR H 239 -25.90 22.83 -40.77
N LEU H 240 -25.79 22.74 -39.45
CA LEU H 240 -26.91 22.93 -38.54
C LEU H 240 -26.84 24.34 -37.97
N THR H 241 -27.94 25.09 -38.09
CA THR H 241 -28.00 26.45 -37.55
C THR H 241 -29.43 26.78 -37.16
N THR H 242 -29.55 27.91 -36.47
CA THR H 242 -30.84 28.55 -36.20
C THR H 242 -30.70 30.01 -36.56
N SER H 243 -31.81 30.60 -37.00
CA SER H 243 -31.86 32.01 -37.36
C SER H 243 -32.89 32.76 -36.51
N ARG H 244 -33.54 32.08 -35.58
CA ARG H 244 -34.60 32.68 -34.77
C ARG H 244 -33.95 33.32 -33.55
N VAL H 245 -33.16 34.34 -33.81
CA VAL H 245 -32.38 34.99 -32.75
C VAL H 245 -33.28 35.73 -31.76
N LYS H 246 -34.44 36.23 -32.21
CA LYS H 246 -35.40 36.84 -31.29
C LYS H 246 -35.92 35.80 -30.31
N ALA H 247 -36.34 34.63 -30.82
CA ALA H 247 -36.89 33.62 -29.92
C ALA H 247 -35.85 33.13 -28.91
N ILE H 248 -34.58 33.06 -29.32
CA ILE H 248 -33.51 32.69 -28.41
C ILE H 248 -33.45 33.69 -27.25
N ASN H 249 -33.39 34.99 -27.56
CA ASN H 249 -33.25 35.97 -26.48
C ASN H 249 -34.55 36.13 -25.70
N ASP H 250 -35.70 35.88 -26.31
CA ASP H 250 -36.94 35.90 -25.55
C ASP H 250 -36.96 34.77 -24.51
N ALA H 251 -36.42 33.59 -24.86
CA ALA H 251 -36.39 32.48 -23.90
C ALA H 251 -35.54 32.82 -22.68
N LEU H 252 -34.53 33.68 -22.84
CA LEU H 252 -33.63 34.11 -21.77
C LEU H 252 -34.11 35.33 -21.00
N ALA H 253 -35.21 35.97 -21.42
CA ALA H 253 -35.68 37.17 -20.76
C ALA H 253 -35.88 36.95 -19.26
N GLY H 254 -35.27 37.82 -18.46
CA GLY H 254 -35.34 37.69 -17.01
C GLY H 254 -34.18 36.94 -16.38
N ILE H 255 -33.59 35.99 -17.10
CA ILE H 255 -32.39 35.31 -16.63
C ILE H 255 -31.17 36.15 -17.01
N PRO H 256 -30.27 36.44 -16.07
CA PRO H 256 -29.07 37.20 -16.45
C PRO H 256 -28.19 36.38 -17.37
N TYR H 257 -27.67 37.03 -18.43
CA TYR H 257 -26.85 36.32 -19.40
C TYR H 257 -25.97 37.29 -20.16
N GLU H 258 -24.85 36.76 -20.65
CA GLU H 258 -23.90 37.47 -21.49
C GLU H 258 -23.53 36.66 -22.72
N HIS H 259 -23.56 35.33 -22.59
CA HIS H 259 -23.11 34.44 -23.64
C HIS H 259 -24.04 33.25 -23.65
N ILE H 260 -24.19 32.63 -24.84
CA ILE H 260 -25.25 31.67 -25.05
C ILE H 260 -24.66 30.40 -25.68
N ILE H 261 -25.13 29.26 -25.18
CA ILE H 261 -24.80 27.94 -25.68
C ILE H 261 -26.11 27.22 -25.86
N ILE H 262 -26.38 26.73 -27.05
CA ILE H 262 -27.60 25.99 -27.31
C ILE H 262 -27.22 24.56 -27.58
N LEU H 263 -27.83 23.66 -26.84
CA LEU H 263 -27.64 22.23 -27.02
C LEU H 263 -28.83 21.70 -27.78
N ALA H 264 -28.56 21.05 -28.91
CA ALA H 264 -29.61 20.44 -29.70
C ALA H 264 -29.71 18.95 -29.35
N ASN H 265 -30.95 18.48 -29.20
CA ASN H 265 -31.25 17.12 -28.78
C ASN H 265 -31.18 16.16 -29.97
N THR H 266 -29.94 15.86 -30.39
CA THR H 266 -29.75 14.94 -31.50
C THR H 266 -28.37 14.31 -31.43
N GLU H 267 -28.27 13.08 -31.94
CA GLU H 267 -27.01 12.37 -32.07
C GLU H 267 -26.26 12.74 -33.33
N GLN H 268 -26.92 13.38 -34.30
CA GLN H 268 -26.29 13.74 -35.55
C GLN H 268 -25.26 14.85 -35.33
N TYR H 269 -24.24 14.88 -36.18
CA TYR H 269 -23.18 15.86 -36.06
C TYR H 269 -23.64 17.19 -36.63
N GLY H 270 -23.27 18.27 -35.96
CA GLY H 270 -23.63 19.58 -36.46
C GLY H 270 -23.53 20.65 -35.39
N GLY H 271 -23.36 21.87 -35.86
CA GLY H 271 -23.36 23.06 -35.04
C GLY H 271 -22.23 24.00 -35.47
N GLY H 272 -21.98 24.97 -34.63
CA GLY H 272 -21.01 26.00 -34.93
C GLY H 272 -21.10 27.10 -33.91
N GLY H 273 -20.17 28.03 -34.02
CA GLY H 273 -20.14 29.13 -33.08
C GLY H 273 -19.64 30.38 -33.74
N ILE H 274 -20.27 31.50 -33.42
CA ILE H 274 -19.92 32.79 -34.01
C ILE H 274 -19.69 33.79 -32.90
N TYR H 275 -18.66 34.61 -33.02
CA TYR H 275 -18.19 35.49 -31.95
C TYR H 275 -19.31 36.40 -31.45
N ASN H 276 -19.64 36.29 -30.16
CA ASN H 276 -20.61 37.16 -29.52
C ASN H 276 -21.97 37.09 -30.21
N ALA H 277 -22.25 35.97 -30.88
CA ALA H 277 -23.59 35.60 -31.27
C ALA H 277 -24.03 34.46 -30.37
N PHE H 278 -23.65 33.22 -30.71
CA PHE H 278 -23.88 32.12 -29.78
C PHE H 278 -23.22 30.87 -30.34
N THR H 279 -23.23 29.83 -29.53
CA THR H 279 -22.77 28.50 -29.88
C THR H 279 -23.98 27.59 -30.02
N LEU H 280 -23.96 26.75 -31.05
CA LEU H 280 -24.98 25.72 -31.23
C LEU H 280 -24.26 24.40 -31.48
N THR H 281 -24.64 23.36 -30.76
CA THR H 281 -24.01 22.07 -31.00
C THR H 281 -24.93 20.94 -30.55
N THR H 282 -24.78 19.81 -31.24
CA THR H 282 -25.53 18.60 -30.92
C THR H 282 -25.00 17.94 -29.65
N ALA H 283 -25.93 17.58 -28.74
CA ALA H 283 -25.56 17.13 -27.40
C ALA H 283 -25.24 15.64 -27.31
N HIS H 284 -25.77 14.81 -28.21
CA HIS H 284 -25.66 13.36 -28.12
C HIS H 284 -24.77 12.79 -29.21
N HIS H 285 -23.73 13.54 -29.55
CA HIS H 285 -22.71 13.09 -30.49
C HIS H 285 -21.46 12.72 -29.70
N PRO H 286 -20.77 11.65 -30.09
CA PRO H 286 -19.59 11.22 -29.29
C PRO H 286 -18.55 12.31 -29.09
N ASN H 287 -18.28 13.13 -30.11
CA ASN H 287 -17.33 14.23 -30.00
C ASN H 287 -17.88 15.46 -29.27
N PHE H 288 -19.04 15.35 -28.63
CA PHE H 288 -19.69 16.50 -27.98
C PHE H 288 -18.71 17.31 -27.13
N ARG H 289 -17.93 16.63 -26.27
CA ARG H 289 -17.10 17.34 -25.31
C ARG H 289 -16.05 18.22 -25.96
N PRO H 290 -15.17 17.71 -26.83
CA PRO H 290 -14.21 18.61 -27.48
C PRO H 290 -14.86 19.62 -28.42
N VAL H 291 -16.00 19.28 -29.02
CA VAL H 291 -16.60 20.16 -30.05
C VAL H 291 -17.22 21.40 -29.39
N VAL H 292 -17.98 21.20 -28.31
CA VAL H 292 -18.69 22.31 -27.68
C VAL H 292 -17.71 23.34 -27.14
N VAL H 293 -16.56 22.86 -26.62
CA VAL H 293 -15.52 23.78 -26.18
C VAL H 293 -14.87 24.46 -27.36
N HIS H 294 -14.72 23.76 -28.49
CA HIS H 294 -14.20 24.40 -29.69
C HIS H 294 -15.13 25.51 -30.18
N GLU H 295 -16.44 25.23 -30.21
CA GLU H 295 -17.40 26.26 -30.64
C GLU H 295 -17.43 27.41 -29.65
N PHE H 296 -17.26 27.10 -28.36
CA PHE H 296 -17.21 28.17 -27.37
C PHE H 296 -15.94 28.98 -27.50
N GLY H 297 -14.89 28.39 -28.07
CA GLY H 297 -13.71 29.17 -28.42
C GLY H 297 -14.02 30.21 -29.48
N HIS H 298 -14.91 29.85 -30.43
CA HIS H 298 -15.44 30.81 -31.40
C HIS H 298 -16.31 31.85 -30.73
N SER H 299 -17.38 31.39 -30.06
CA SER H 299 -18.45 32.31 -29.67
C SER H 299 -18.04 33.20 -28.50
N PHE H 300 -17.29 32.65 -27.54
CA PHE H 300 -16.83 33.42 -26.39
C PHE H 300 -15.44 34.00 -26.62
N GLY H 301 -14.51 33.19 -27.12
CA GLY H 301 -13.13 33.59 -27.27
C GLY H 301 -12.75 34.24 -28.58
N GLY H 302 -13.68 34.33 -29.54
CA GLY H 302 -13.34 34.96 -30.80
C GLY H 302 -12.21 34.31 -31.58
N LEU H 303 -11.95 33.03 -31.36
CA LEU H 303 -10.84 32.35 -32.01
C LEU H 303 -11.24 31.83 -33.37
N ALA H 304 -10.30 31.90 -34.33
CA ALA H 304 -10.46 31.34 -35.66
C ALA H 304 -10.24 29.84 -35.66
N ASP H 305 -10.79 29.18 -36.68
CA ASP H 305 -10.44 27.79 -36.95
C ASP H 305 -8.97 27.69 -37.33
N GLU H 306 -8.28 26.71 -36.77
CA GLU H 306 -6.88 26.48 -37.09
C GLU H 306 -6.68 25.44 -38.20
N TYR H 307 -7.71 24.67 -38.57
CA TYR H 307 -7.55 23.63 -39.58
C TYR H 307 -7.54 24.24 -40.99
N PHE H 308 -7.29 23.39 -42.00
CA PHE H 308 -7.11 23.84 -43.38
C PHE H 308 -7.28 22.67 -44.34
N TYR H 309 -7.65 23.00 -45.61
CA TYR H 309 -7.81 22.06 -46.72
C TYR H 309 -6.72 22.30 -47.78
N ASP H 310 -6.92 21.75 -48.96
CA ASP H 310 -6.00 21.91 -50.09
C ASP H 310 -6.70 22.33 -51.38
N GLY H 316 -9.92 32.70 -50.07
CA GLY H 316 -10.92 32.55 -49.03
C GLY H 316 -11.27 33.86 -48.34
N LEU H 317 -11.98 33.77 -47.21
CA LEU H 317 -12.46 34.99 -46.54
C LEU H 317 -11.36 35.78 -45.85
N TYR H 318 -10.14 35.24 -45.73
CA TYR H 318 -9.03 36.00 -45.14
C TYR H 318 -8.09 36.47 -46.24
N PRO H 319 -8.07 37.75 -46.60
CA PRO H 319 -7.11 38.20 -47.62
C PRO H 319 -5.72 38.37 -47.03
N LEU H 320 -4.72 37.97 -47.81
CA LEU H 320 -3.35 37.89 -47.33
C LEU H 320 -2.73 39.26 -47.05
N ASN H 321 -3.26 40.33 -47.63
CA ASN H 321 -2.70 41.65 -47.36
C ASN H 321 -3.32 42.31 -46.14
N ILE H 322 -4.07 41.56 -45.35
CA ILE H 322 -4.68 42.07 -44.13
C ILE H 322 -4.36 41.10 -42.99
N GLU H 323 -3.94 41.64 -41.86
CA GLU H 323 -3.69 40.84 -40.67
C GLU H 323 -5.02 40.45 -40.03
N PRO H 324 -5.38 39.16 -40.02
CA PRO H 324 -6.66 38.77 -39.42
C PRO H 324 -6.81 39.36 -38.01
N TRP H 325 -8.04 39.63 -37.60
CA TRP H 325 -8.25 40.19 -36.27
C TRP H 325 -8.33 39.10 -35.21
N GLU H 326 -8.57 37.86 -35.61
CA GLU H 326 -8.57 36.77 -34.64
C GLU H 326 -7.16 36.55 -34.08
N GLN H 327 -7.10 36.18 -32.81
CA GLN H 327 -5.82 36.20 -32.09
C GLN H 327 -4.93 35.00 -32.40
N ASN H 328 -5.49 33.89 -32.87
CA ASN H 328 -4.73 32.65 -33.01
C ASN H 328 -4.41 32.28 -34.45
N ILE H 329 -4.43 33.23 -35.38
CA ILE H 329 -3.89 33.00 -36.72
C ILE H 329 -3.33 34.31 -37.24
N THR H 330 -2.46 34.22 -38.24
CA THR H 330 -1.79 35.40 -38.74
C THR H 330 -1.42 35.18 -40.19
N THR H 331 -1.29 36.28 -40.93
CA THR H 331 -0.71 36.32 -42.27
C THR H 331 0.65 37.01 -42.25
N ARG H 332 1.17 37.33 -41.07
CA ARG H 332 2.47 37.98 -40.89
C ARG H 332 2.50 39.40 -41.44
N ILE H 333 1.34 40.04 -41.61
CA ILE H 333 1.32 41.43 -42.03
C ILE H 333 1.56 42.34 -40.83
N ASN H 334 1.08 41.97 -39.64
CA ASN H 334 1.40 42.66 -38.39
C ASN H 334 1.41 41.61 -37.29
N PHE H 335 2.47 40.79 -37.29
CA PHE H 335 2.63 39.71 -36.33
C PHE H 335 2.93 40.21 -34.92
N ALA H 336 3.51 41.40 -34.79
CA ALA H 336 3.81 41.95 -33.47
C ALA H 336 2.58 42.04 -32.57
N SER H 337 1.38 42.14 -33.16
CA SER H 337 0.14 42.19 -32.40
C SER H 337 -0.39 40.82 -32.03
N LYS H 338 0.17 39.76 -32.61
CA LYS H 338 -0.29 38.42 -32.28
C LYS H 338 0.62 37.79 -31.22
N TRP H 339 1.32 36.70 -31.55
CA TRP H 339 2.00 35.92 -30.53
C TRP H 339 3.53 35.88 -30.74
N GLU H 340 4.07 36.80 -31.54
CA GLU H 340 5.52 36.83 -31.73
C GLU H 340 6.25 37.05 -30.40
N ASP H 341 5.62 37.71 -29.42
CA ASP H 341 6.23 37.80 -28.10
C ASP H 341 6.13 36.52 -27.29
N MET H 342 5.55 35.45 -27.85
CA MET H 342 5.49 34.15 -27.19
C MET H 342 6.49 33.16 -27.75
N LEU H 343 7.20 33.51 -28.82
CA LEU H 343 8.24 32.67 -29.39
C LEU H 343 9.54 32.79 -28.61
N THR H 344 10.36 31.74 -28.66
CA THR H 344 11.72 31.84 -28.17
C THR H 344 12.55 32.61 -29.20
N LYS H 345 13.63 33.25 -28.70
CA LYS H 345 14.48 34.09 -29.54
C LYS H 345 15.03 33.37 -30.76
N THR H 346 14.87 32.05 -30.85
CA THR H 346 15.44 31.28 -31.95
C THR H 346 14.39 30.57 -32.81
N THR H 347 13.13 30.57 -32.41
CA THR H 347 12.13 29.91 -33.24
C THR H 347 12.20 30.45 -34.67
N PRO H 348 12.36 29.59 -35.68
CA PRO H 348 12.38 30.06 -37.06
C PRO H 348 10.98 30.35 -37.57
N VAL H 349 10.93 31.12 -38.66
CA VAL H 349 9.66 31.57 -39.24
C VAL H 349 9.72 31.52 -40.76
N PRO H 350 8.92 30.66 -41.42
CA PRO H 350 7.95 29.69 -40.86
C PRO H 350 8.61 28.55 -40.08
N THR H 351 7.87 27.84 -39.23
CA THR H 351 8.40 26.74 -38.45
C THR H 351 8.16 25.41 -39.15
N PRO H 352 9.17 24.77 -39.74
CA PRO H 352 8.95 23.51 -40.47
C PRO H 352 8.36 22.41 -39.59
N VAL H 353 7.61 21.52 -40.24
CA VAL H 353 6.93 20.44 -39.54
C VAL H 353 7.92 19.49 -38.89
N ALA H 354 9.08 19.26 -39.54
CA ALA H 354 10.04 18.29 -39.01
C ALA H 354 10.54 18.68 -37.62
N ASP H 355 10.67 19.98 -37.35
CA ASP H 355 11.07 20.46 -36.03
C ASP H 355 9.89 20.66 -35.08
N LYS H 356 8.69 20.19 -35.45
CA LYS H 356 7.54 20.37 -34.58
C LYS H 356 7.87 19.98 -33.14
N ALA H 357 8.77 19.01 -32.96
CA ALA H 357 9.14 18.59 -31.61
C ALA H 357 9.80 19.73 -30.84
N LYS H 358 10.67 20.50 -31.49
CA LYS H 358 11.49 21.46 -30.76
C LYS H 358 10.71 22.68 -30.29
N TYR H 359 9.63 23.05 -31.02
CA TYR H 359 8.98 24.34 -30.85
C TYR H 359 7.50 24.18 -30.54
N PRO H 360 7.12 24.06 -29.26
CA PRO H 360 5.69 23.95 -28.94
C PRO H 360 4.87 25.16 -29.41
N ILE H 361 5.45 26.36 -29.39
CA ILE H 361 4.86 27.56 -29.97
C ILE H 361 5.73 27.98 -31.14
N GLY H 362 5.13 28.01 -32.33
CA GLY H 362 5.82 28.45 -33.52
C GLY H 362 4.90 29.13 -34.51
N VAL H 363 5.34 29.25 -35.75
CA VAL H 363 4.57 29.86 -36.82
C VAL H 363 4.39 28.78 -37.89
N TYR H 364 3.36 27.95 -37.73
CA TYR H 364 3.18 26.79 -38.60
C TYR H 364 2.23 27.15 -39.75
N GLU H 365 2.70 26.94 -40.97
CA GLU H 365 1.88 27.21 -42.15
C GLU H 365 0.66 26.30 -42.18
N GLY H 366 -0.45 26.84 -42.71
CA GLY H 366 -1.71 26.13 -42.68
C GLY H 366 -2.61 26.62 -41.56
N GLY H 367 -3.73 27.24 -41.91
CA GLY H 367 -4.69 27.71 -40.94
C GLY H 367 -5.78 28.56 -41.56
N GLY H 368 -6.92 28.69 -40.87
CA GLY H 368 -8.05 29.43 -41.43
C GLY H 368 -8.45 28.89 -42.79
N TYR H 369 -8.61 27.57 -42.91
CA TYR H 369 -9.05 26.88 -44.12
C TYR H 369 -8.08 27.00 -45.30
N SER H 370 -7.00 27.77 -45.15
CA SER H 370 -6.08 27.99 -46.25
C SER H 370 -4.75 27.26 -45.99
N ALA H 371 -4.38 26.39 -46.92
CA ALA H 371 -3.16 25.60 -46.76
C ALA H 371 -1.92 26.47 -46.71
N LYS H 372 -1.92 27.59 -47.43
CA LYS H 372 -0.77 28.48 -47.52
C LYS H 372 -1.19 29.90 -47.16
N GLY H 373 -0.21 30.73 -46.83
CA GLY H 373 -0.46 32.13 -46.56
C GLY H 373 -1.04 32.42 -45.20
N ILE H 374 -1.53 31.42 -44.49
CA ILE H 374 -2.07 31.61 -43.15
C ILE H 374 -1.33 30.68 -42.19
N TYR H 375 -0.97 31.21 -41.03
CA TYR H 375 -0.11 30.50 -40.09
C TYR H 375 -0.78 30.42 -38.73
N ARG H 376 -0.65 29.28 -38.07
CA ARG H 376 -1.19 29.05 -36.73
C ARG H 376 -0.08 28.91 -35.71
N PRO H 377 -0.37 29.05 -34.43
CA PRO H 377 0.71 29.16 -33.44
C PRO H 377 1.28 27.83 -32.94
N ALA H 378 0.54 26.73 -33.11
CA ALA H 378 1.00 25.43 -32.65
C ALA H 378 0.59 24.36 -33.65
N PHE H 379 1.33 23.24 -33.64
CA PHE H 379 1.06 22.19 -34.61
C PHE H 379 -0.35 21.60 -34.46
N ASP H 380 -0.87 21.56 -33.23
CA ASP H 380 -2.20 21.01 -32.96
C ASP H 380 -2.85 21.83 -31.84
N CYS H 381 -4.18 21.88 -31.84
CA CYS H 381 -4.93 22.71 -30.92
C CYS H 381 -6.38 22.25 -30.91
N ARG H 382 -7.10 22.62 -29.86
CA ARG H 382 -8.55 22.43 -29.81
C ARG H 382 -9.24 23.10 -31.01
N MET H 383 -8.63 24.13 -31.56
CA MET H 383 -9.20 24.84 -32.71
C MET H 383 -8.73 24.28 -34.04
N ARG H 384 -8.04 23.14 -34.05
CA ARG H 384 -7.66 22.49 -35.30
C ARG H 384 -8.23 21.09 -35.46
N THR H 385 -8.21 20.27 -34.41
CA THR H 385 -8.79 18.93 -34.45
C THR H 385 -9.47 18.67 -33.12
N ASN H 386 -10.20 17.57 -33.05
CA ASN H 386 -10.91 17.20 -31.83
C ASN H 386 -10.14 16.22 -30.95
N GLU H 387 -9.27 15.41 -31.55
CA GLU H 387 -8.51 14.44 -30.77
C GLU H 387 -7.57 15.13 -29.77
N TYR H 388 -6.88 16.19 -30.20
CA TYR H 388 -5.89 16.84 -29.37
C TYR H 388 -6.53 17.33 -28.06
N PRO H 389 -5.77 17.32 -26.95
CA PRO H 389 -6.40 17.48 -25.64
C PRO H 389 -6.65 18.92 -25.18
N THR H 390 -5.86 19.90 -25.62
CA THR H 390 -5.97 21.24 -25.06
C THR H 390 -6.01 22.31 -26.14
N PHE H 391 -6.38 23.51 -25.69
CA PHE H 391 -6.00 24.73 -26.39
C PHE H 391 -4.49 24.89 -26.34
N CYS H 392 -3.92 25.26 -27.49
CA CYS H 392 -2.51 25.64 -27.56
C CYS H 392 -2.23 26.83 -26.64
N PRO H 393 -0.96 27.17 -26.42
CA PRO H 393 -0.68 28.26 -25.46
C PRO H 393 -1.23 29.60 -25.89
N VAL H 394 -1.22 29.89 -27.19
CA VAL H 394 -1.71 31.20 -27.66
C VAL H 394 -3.20 31.34 -27.40
N CYS H 395 -3.99 30.34 -27.83
CA CYS H 395 -5.41 30.34 -27.51
C CYS H 395 -5.66 30.56 -26.03
N GLN H 396 -4.97 29.80 -25.18
CA GLN H 396 -5.13 29.99 -23.74
C GLN H 396 -4.89 31.44 -23.36
N ARG H 397 -3.82 32.05 -23.88
CA ARG H 397 -3.58 33.46 -23.58
C ARG H 397 -4.76 34.31 -24.05
N ALA H 398 -5.14 34.17 -25.33
CA ALA H 398 -6.31 34.87 -25.87
C ALA H 398 -7.50 34.71 -24.94
N ILE H 399 -7.88 33.46 -24.65
CA ILE H 399 -9.04 33.27 -23.77
C ILE H 399 -8.83 33.95 -22.43
N GLN H 400 -7.58 34.00 -21.95
CA GLN H 400 -7.29 34.63 -20.67
C GLN H 400 -7.49 36.14 -20.73
N ARG H 401 -6.86 36.80 -21.70
CA ARG H 401 -7.11 38.22 -21.93
C ARG H 401 -8.60 38.53 -21.99
N ILE H 402 -9.37 37.69 -22.70
CA ILE H 402 -10.81 37.89 -22.77
C ILE H 402 -11.41 37.79 -21.36
N ILE H 403 -11.11 36.69 -20.67
CA ILE H 403 -11.64 36.49 -19.32
C ILE H 403 -11.21 37.64 -18.41
N GLU H 404 -9.98 38.12 -18.56
CA GLU H 404 -9.47 39.25 -17.76
C GLU H 404 -9.93 40.60 -18.29
N PHE H 405 -10.61 40.64 -19.44
CA PHE H 405 -11.23 41.88 -19.88
C PHE H 405 -12.53 42.13 -19.10
N TYR H 406 -13.34 41.08 -18.91
CA TYR H 406 -14.65 41.25 -18.30
C TYR H 406 -14.58 41.35 -16.77
N THR H 407 -14.01 40.35 -16.11
CA THR H 407 -13.98 40.28 -14.65
C THR H 407 -12.75 40.95 -14.02
N GLY H 408 -12.03 41.78 -14.77
CA GLY H 408 -10.78 42.35 -14.32
C GLY H 408 -9.62 41.36 -14.27
N LYS H 409 -8.40 41.84 -14.53
CA LYS H 409 -7.21 41.00 -14.47
C LYS H 409 -7.21 40.07 -13.25
N SER I 1 19.27 -21.24 -19.71
CA SER I 1 20.00 -20.64 -18.61
C SER I 1 20.85 -19.46 -19.11
N PRO I 3 24.28 -16.00 -19.38
CA PRO I 3 25.72 -15.87 -19.13
C PRO I 3 25.98 -15.34 -17.73
N PRO I 4 27.27 -15.31 -17.29
CA PRO I 4 27.59 -14.76 -15.96
C PRO I 4 27.16 -13.28 -15.76
N SER J 1 34.58 23.75 -6.56
CA SER J 1 33.99 24.94 -6.02
C SER J 1 33.00 24.63 -4.89
N THR J 2 32.79 25.63 -4.02
CA THR J 2 32.20 25.57 -2.70
C THR J 2 30.67 25.71 -2.75
N PRO J 3 29.97 25.33 -1.67
CA PRO J 3 28.49 25.50 -1.60
C PRO J 3 28.08 26.94 -1.33
N PRO J 4 26.77 27.22 -1.25
CA PRO J 4 26.32 28.62 -1.18
C PRO J 4 26.63 29.35 0.15
N SER K 1 -16.79 23.00 21.20
CA SER K 1 -15.59 23.68 21.67
C SER K 1 -15.34 23.41 23.16
N THR K 2 -14.04 23.41 23.56
CA THR K 2 -13.54 23.00 24.87
C THR K 2 -13.47 24.17 25.87
N PRO K 3 -13.35 23.86 27.17
CA PRO K 3 -13.25 24.94 28.19
C PRO K 3 -11.91 25.63 28.11
N PRO K 4 -11.67 26.66 28.94
CA PRO K 4 -10.36 27.32 28.83
C PRO K 4 -9.25 26.36 29.28
N SER L 1 22.30 17.78 50.78
CA SER L 1 23.43 16.85 50.72
C SER L 1 24.14 17.01 49.38
N PRO L 3 27.59 16.42 45.36
CA PRO L 3 27.86 15.29 44.46
C PRO L 3 28.92 14.35 45.03
N PRO L 4 29.19 13.23 44.34
CA PRO L 4 30.25 12.30 44.75
C PRO L 4 31.60 13.00 44.96
K K M . -12.97 0.51 -37.63
ZN ZN N . -20.61 -22.41 -44.96
ZN ZN O . -30.41 -16.95 -44.86
C1 EDO P . -15.50 1.62 -36.24
O1 EDO P . -14.27 1.20 -35.74
C2 EDO P . -16.56 0.60 -35.90
O2 EDO P . -15.98 -0.67 -35.60
H11 EDO P . -15.48 1.74 -37.20
H12 EDO P . -15.77 2.48 -35.86
HO1 EDO P . -14.20 1.49 -34.95
H21 EDO P . -17.16 0.54 -36.66
H22 EDO P . -17.08 0.94 -35.16
HO2 EDO P . -15.53 -0.93 -36.28
O POL Q . -9.09 -12.62 -36.33
C1 POL Q . -9.40 -11.34 -36.85
C2 POL Q . -9.04 -10.26 -35.85
C3 POL Q . -7.85 -10.69 -34.98
HO POL Q . -9.01 -13.16 -36.99
H11 POL Q . -10.35 -11.27 -37.06
H12 POL Q . -8.92 -11.17 -37.67
H21 POL Q . -9.81 -10.06 -35.29
H22 POL Q . -8.83 -9.44 -36.32
H31 POL Q . -8.15 -11.14 -34.17
H32 POL Q . -7.31 -9.93 -34.72
H33 POL Q . -7.27 -11.31 -35.46
C1 EDO R . -18.12 -25.65 -30.92
O1 EDO R . -18.41 -24.93 -29.74
C2 EDO R . -19.28 -26.55 -31.29
O2 EDO R . -20.47 -25.78 -31.44
H11 EDO R . -17.33 -26.19 -30.81
H12 EDO R . -17.94 -25.04 -31.66
HO1 EDO R . -18.63 -25.50 -29.13
H21 EDO R . -19.36 -27.22 -30.60
H22 EDO R . -19.04 -27.01 -32.11
HO2 EDO R . -20.55 -25.27 -30.76
K K S . -13.18 -19.52 17.25
ZN ZN T . -33.87 -17.27 3.01
ZN ZN U . -29.52 -26.64 -1.29
C1 EDO V . -11.72 -21.37 14.04
O1 EDO V . -12.39 -20.20 13.60
C2 EDO V . -11.12 -21.21 15.41
O2 EDO V . -11.32 -19.89 15.87
H11 EDO V . -11.00 -21.61 13.43
H12 EDO V . -12.32 -22.13 14.07
HO1 EDO V . -12.46 -20.23 12.77
H21 EDO V . -10.18 -21.44 15.35
H22 EDO V . -11.52 -21.87 16.00
HO2 EDO V . -12.08 -19.63 15.60
K K W . 26.20 -35.34 -37.56
ZN ZN X . 25.05 -19.52 -17.86
ZN ZN Y . 33.37 -26.11 -14.71
C1 EDO Z . 27.45 -37.79 -36.20
O1 EDO Z . 26.29 -37.53 -36.93
C2 EDO Z . 27.12 -38.12 -34.79
O2 EDO Z . 26.30 -37.11 -34.23
H11 EDO Z . 28.05 -37.02 -36.20
H12 EDO Z . 27.95 -38.52 -36.59
HO1 EDO Z . 25.77 -37.06 -36.44
H21 EDO Z . 27.96 -38.23 -34.30
H22 EDO Z . 26.68 -38.98 -34.78
HO2 EDO Z . 26.01 -37.40 -33.48
C1 EDO AA . 19.49 -3.52 -28.79
O1 EDO AA . 20.72 -3.76 -28.16
C2 EDO AA . 19.70 -3.31 -30.28
O2 EDO AA . 20.50 -4.34 -30.80
H11 EDO AA . 19.05 -2.74 -28.42
H12 EDO AA . 18.89 -4.27 -28.67
HO1 EDO AA . 20.62 -4.38 -27.59
H21 EDO AA . 20.10 -2.43 -30.40
H22 EDO AA . 18.82 -3.27 -30.69
HO2 EDO AA . 20.31 -5.06 -30.38
O POL BA . 20.86 -26.84 -17.21
C1 POL BA . 21.75 -27.32 -18.19
C2 POL BA . 21.69 -26.43 -19.42
C3 POL BA . 20.24 -26.19 -19.94
HO POL BA . 20.51 -27.52 -16.81
H11 POL BA . 21.54 -28.22 -18.46
H12 POL BA . 22.67 -27.33 -17.86
H21 POL BA . 22.23 -26.82 -20.13
H22 POL BA . 22.10 -25.56 -19.21
H31 POL BA . 20.22 -25.57 -20.70
H32 POL BA . 19.66 -25.82 -19.25
H33 POL BA . 19.83 -27.02 -20.24
K K CA . 27.64 3.01 -15.99
ZN ZN DA . 28.77 25.84 -5.43
ZN ZN EA . 20.34 27.33 -12.31
C1 EDO FA . 26.84 3.75 -19.15
O1 EDO FA . 27.47 3.26 -18.02
C2 EDO FA . 26.28 5.10 -18.79
O2 EDO FA . 27.36 5.94 -18.44
H11 EDO FA . 26.12 3.18 -19.44
H12 EDO FA . 27.44 3.85 -19.89
HO1 EDO FA . 27.90 2.56 -18.25
H21 EDO FA . 25.64 5.00 -18.08
H22 EDO FA . 25.78 5.43 -19.56
HO2 EDO FA . 27.94 5.90 -19.07
C1 EDO GA . 59.63 -7.68 -18.04
O1 EDO GA . 60.52 -6.94 -17.23
C2 EDO GA . 58.51 -6.80 -18.57
O2 EDO GA . 58.65 -6.59 -19.96
H11 EDO GA . 59.23 -8.41 -17.54
H12 EDO GA . 60.10 -8.07 -18.79
HO1 EDO GA . 60.07 -6.59 -16.59
H21 EDO GA . 58.55 -5.96 -18.07
H22 EDO GA . 57.68 -7.22 -18.35
HO2 EDO GA . 59.39 -6.20 -20.10
C1 EDO HA . 32.66 22.51 -11.04
O1 EDO HA . 33.95 22.14 -11.44
C2 EDO HA . 31.79 22.96 -12.21
O2 EDO HA . 32.33 24.09 -12.89
H11 EDO HA . 32.20 21.77 -10.59
H12 EDO HA . 32.69 23.25 -10.41
HO1 EDO HA . 34.44 22.08 -10.75
H21 EDO HA . 30.91 23.12 -11.87
H22 EDO HA . 31.72 22.19 -12.81
HO2 EDO HA . 31.89 24.21 -13.61
C1 PEG IA . 34.76 10.10 -11.38
O1 PEG IA . 34.15 11.19 -12.08
C2 PEG IA . 36.10 10.45 -10.77
O2 PEG IA . 37.13 9.74 -11.44
C3 PEG IA . 37.49 10.30 -12.71
C4 PEG IA . 36.77 9.58 -13.84
O4 PEG IA . 37.33 9.69 -15.15
H11 PEG IA . 34.90 9.35 -11.97
H12 PEG IA . 34.19 9.81 -10.66
HO1 PEG IA . 34.68 11.45 -12.69
H21 PEG IA . 36.08 10.25 -9.82
H22 PEG IA . 36.24 11.42 -10.85
H31 PEG IA . 38.45 10.24 -12.85
H32 PEG IA . 37.27 11.25 -12.73
H41 PEG IA . 36.72 8.66 -13.56
H42 PEG IA . 35.87 9.93 -13.82
HO4 PEG IA . 37.36 10.51 -15.36
K K JA . -39.93 25.35 26.68
ZN ZN KA . -14.70 26.93 25.53
ZN ZN LA . -17.40 37.74 26.62
C1 EDO MA . -39.30 28.65 24.88
O1 EDO MA . -38.50 27.59 25.33
C2 EDO MA . -40.76 28.36 24.99
O2 EDO MA . -41.02 27.04 25.37
H11 EDO MA . -39.09 28.84 23.94
H12 EDO MA . -39.10 29.45 25.40
HO1 EDO MA . -38.72 26.88 24.93
H21 EDO MA . -41.18 28.53 24.12
H22 EDO MA . -41.14 28.97 25.65
HO2 EDO MA . -40.60 26.86 26.07
C1 EDO NA . -19.50 28.08 18.76
O1 EDO NA . -19.45 27.48 17.49
C2 EDO NA . -20.36 27.25 19.71
O2 EDO NA . -20.60 25.89 19.24
H11 EDO NA . -19.87 28.97 18.72
H12 EDO NA . -18.61 28.17 19.14
HO1 EDO NA . -20.25 27.34 17.23
H21 EDO NA . -21.19 27.74 19.82
H22 EDO NA . -19.91 27.25 20.57
HO2 EDO NA . -20.75 25.41 19.91
O POL OA . -13.53 9.43 35.92
C1 POL OA . -12.33 8.71 35.84
C2 POL OA . -11.46 9.33 34.76
C3 POL OA . -11.17 10.79 35.05
HO POL OA . -13.67 9.81 35.17
H11 POL OA . -12.49 7.78 35.63
H12 POL OA . -11.85 8.72 36.69
H21 POL OA . -11.90 9.23 33.90
H22 POL OA . -10.62 8.84 34.71
H31 POL OA . -11.56 11.08 35.89
H32 POL OA . -11.55 11.37 34.36
H33 POL OA . -10.22 10.97 35.09
C1 BU1 PA . -29.78 27.79 45.11
C2 BU1 PA . -30.18 27.88 43.65
C3 BU1 PA . -30.61 26.51 43.11
C4 BU1 PA . -31.73 26.65 42.08
O5 BU1 PA . -30.96 27.77 45.89
O6 BU1 PA . -31.35 27.59 41.08
H11 BU1 PA . -29.21 28.56 45.33
H12 BU1 PA . -29.23 27.00 45.26
H21 BU1 PA . -29.43 28.21 43.13
H22 BU1 PA . -30.90 28.51 43.56
H31 BU1 PA . -30.93 25.95 43.84
H32 BU1 PA . -29.86 26.06 42.70
H41 BU1 PA . -32.54 26.93 42.53
H42 BU1 PA . -31.91 25.78 41.70
HO5 BU1 PA . -31.55 27.37 45.45
HO6 BU1 PA . -30.50 27.53 40.98
K K QA . 1.76 18.34 38.72
ZN ZN RA . 25.00 13.45 46.91
ZN ZN SA . 21.47 3.10 44.69
C1 EDO TA . 1.84 15.01 40.29
O1 EDO TA . 1.27 14.64 39.05
C2 EDO TA . 0.97 16.13 40.80
O2 EDO TA . 0.36 16.75 39.68
H11 EDO TA . 2.76 15.32 40.20
H12 EDO TA . 1.85 14.28 40.93
HO1 EDO TA . 0.45 14.48 39.17
H21 EDO TA . 1.52 16.73 41.32
H22 EDO TA . 0.32 15.74 41.42
HO2 EDO TA . -0.13 17.39 39.96
O POL UA . 18.36 12.70 52.57
C1 POL UA . 18.33 12.68 51.15
C2 POL UA . 17.91 13.99 50.52
C3 POL UA . 17.75 15.23 51.41
HO POL UA . 18.42 11.89 52.85
H11 POL UA . 17.71 12.00 50.84
H12 POL UA . 19.20 12.44 50.79
H21 POL UA . 17.07 13.84 50.06
H22 POL UA . 18.57 14.21 49.83
H31 POL UA . 18.03 16.04 50.95
H32 POL UA . 18.29 15.15 52.22
H33 POL UA . 16.83 15.35 51.68
C1 EDO VA . 32.25 31.04 39.33
O1 EDO VA . 31.68 30.46 38.19
C2 EDO VA . 33.53 30.37 39.74
O2 EDO VA . 33.36 28.97 39.62
H11 EDO VA . 31.64 31.00 40.07
H12 EDO VA . 32.43 31.99 39.17
HO1 EDO VA . 30.87 30.73 38.12
H21 EDO VA . 33.75 30.66 40.64
H22 EDO VA . 34.25 30.70 39.15
HO2 EDO VA . 32.83 28.72 40.24
O1 HEZ WA . 14.14 -38.24 -4.50
C1 HEZ WA . 15.55 -38.24 -4.60
C2 HEZ WA . 16.16 -37.48 -3.43
C3 HEZ WA . 17.56 -37.95 -3.04
C4 HEZ WA . 17.55 -39.24 -2.21
C5 HEZ WA . 18.93 -39.86 -2.02
C6 HEZ WA . 19.38 -39.84 -0.56
O6 HEZ WA . 19.49 -38.50 -0.11
HO1 HEZ WA . 13.90 -37.54 -4.07
H11 HEZ WA . 15.84 -37.83 -5.42
H12 HEZ WA . 15.90 -39.14 -4.59
H21 HEZ WA . 15.57 -37.55 -2.66
H22 HEZ WA . 16.21 -36.53 -3.66
H31 HEZ WA . 18.02 -37.26 -2.55
H32 HEZ WA . 18.08 -38.11 -3.85
H41 HEZ WA . 16.96 -39.89 -2.64
H42 HEZ WA . 17.16 -39.05 -1.34
H51 HEZ WA . 19.58 -39.38 -2.55
H52 HEZ WA . 18.92 -40.78 -2.33
H61 HEZ WA . 20.23 -40.30 -0.48
H62 HEZ WA . 18.74 -40.33 -0.03
HO6 HEZ WA . 18.84 -38.06 -0.45
K K XA . 29.33 -33.71 21.50
ZN ZN YA . 5.21 -32.77 29.08
ZN ZN ZA . 9.39 -24.04 34.79
C1 EDO AB . 30.87 -32.78 24.76
O1 EDO AB . 30.34 -33.27 23.55
C2 EDO AB . 29.69 -32.79 25.70
O2 EDO AB . 28.60 -32.94 24.83
H11 EDO AB . 31.23 -31.88 24.67
H12 EDO AB . 31.59 -33.33 25.10
HO1 EDO AB . 30.60 -32.76 22.92
H21 EDO AB . 29.68 -31.98 26.21
H22 EDO AB . 29.79 -33.53 26.33
HO2 EDO AB . 28.08 -32.27 24.94
C1 EDO BB . 20.07 -22.13 10.53
O1 EDO BB . 21.16 -21.26 10.39
C2 EDO BB . 19.87 -22.50 11.99
O2 EDO BB . 19.15 -21.51 12.71
H11 EDO BB . 20.21 -22.95 10.03
H12 EDO BB . 19.25 -21.73 10.21
HO1 EDO BB . 21.76 -21.49 10.94
H21 EDO BB . 20.76 -22.64 12.36
H22 EDO BB . 19.42 -23.36 12.01
HO2 EDO BB . 18.33 -21.64 12.58
O POL CB . 16.46 -64.14 34.27
C1 POL CB . 15.33 -64.44 33.47
C2 POL CB . 15.04 -63.29 32.51
C3 POL CB . 14.09 -62.26 33.14
HO POL CB . 17.08 -63.89 33.76
H11 POL CB . 14.55 -64.61 34.02
H12 POL CB . 15.48 -65.26 32.95
H21 POL CB . 14.64 -63.64 31.69
H22 POL CB . 15.87 -62.86 32.26
H31 POL CB . 13.36 -62.69 33.61
H32 POL CB . 13.71 -61.67 32.47
H33 POL CB . 14.56 -61.71 33.79
K K DB . -22.17 39.16 -15.60
ZN ZN EB . -14.78 25.86 -35.97
ZN ZN FB . -4.89 27.49 -30.69
C1 EDO GB . -19.79 40.32 -15.00
O1 EDO GB . -21.02 40.98 -14.81
C2 EDO GB . -18.97 41.06 -16.01
O2 EDO GB . -19.15 40.44 -17.27
H11 EDO GB . -19.94 39.41 -15.31
H12 EDO GB . -19.30 40.25 -14.17
HO1 EDO GB . -21.34 41.17 -15.56
H21 EDO GB . -18.04 41.04 -15.71
H22 EDO GB . -19.24 41.99 -16.00
HO2 EDO GB . -19.99 40.40 -17.41
#